data_8Q05
#
_entry.id   8Q05
#
_cell.length_a   1.00
_cell.length_b   1.00
_cell.length_c   1.00
_cell.angle_alpha   90.00
_cell.angle_beta   90.00
_cell.angle_gamma   90.00
#
_symmetry.space_group_name_H-M   'P 1'
#
loop_
_entity.id
_entity.type
_entity.pdbx_description
1 polymer 'CsLinker (alpha3-alpha4)'
2 polymer 'Ribulose bisphosphate carboxylase large chain'
3 polymer 'Ribulose bisphosphate carboxylase small subunit, chloroplastic'
4 water water
#
loop_
_entity_poly.entity_id
_entity_poly.type
_entity_poly.pdbx_seq_one_letter_code
_entity_poly.pdbx_strand_id
1 'polypeptide(L)'
;STPAPASYSAPAASYTAPAAAPAGGLSAEQREFLERKARESRSPAPVETRGRSAPRPRSASPRPTSRTPAPASYSAPAAS
YSAPAAAPAGGLSAEQREFMERKARESRSFSAPVETRGRSASARPSARPSSRENLYFQ
;
Z
2 'polypeptide(L)'
;MAPQTETRAGAGFKAGVKDYRLTYYTPDYQPKDTDILAAFRMTPQPGVPPEEAGAAVAAESSTGTWTTVWTDGLTSLDRY
KGRCYDIEPVPGEENQYIAYIAYPLDLFEEGSVTNLFTSIVGNVFGFKALRALRLEDLRIPPAYVKTFQGPPHGIQVERD
KLNKYGRGLLGCTIKPKLGLSAKNYGRAVYECLRGGLDFTKDDENVNSQPFMRWRDRFLFVAEAIYKSQAETGEIKGHYL
NATAATAEEMLKRAECAKDLGVPIIMHDYLTGGFTANTSLAHYCRDNGLLLHIHRAMHAVIDRQRNHGIHFRVLAKALRL
SGGDHLHSGTVVGKLEGEREVTLGFVDLMRDDYIEKDRSRGIYFTQDWVSLPGTMPVASGGIHVWHMPALVEIFGDDACL
QFGGGTLGHPWGNAPGAAANRVALEACTQARNEGRDLAREGGDVIRAACKWSPELAAACEVWKEIKFEFETIDTL
;
A,C,F,I,L,O,S,W
3 'polypeptide(L)'
;MACTIAAVAPVAVRPVAATPLKQARNTFAARTVSNATIKKTTAMQVWTPLNNKFFETFSYLPPMTDAEISRQVDYIVSNG
WTPCLEFAGAESAYTSNENCVRMQNTTCLYYDNRYWTMWKLPMFGCTDGGQVLREVQACRRAFPDAYIRVVGFDPVRQVQ
VSGFLVNRPASVRDYQGPSTRSV
;
P,D,G,J,M,Q,T,X
#
# COMPACT_ATOMS: atom_id res chain seq x y z
N GLY A 24 -29.35 -56.75 18.32
CA GLY A 24 -28.78 -56.21 19.56
C GLY A 24 -29.79 -56.23 20.70
N GLY A 25 -29.31 -56.18 21.95
CA GLY A 25 -30.21 -56.22 23.11
C GLY A 25 -30.54 -54.82 23.61
N LEU A 26 -31.82 -54.50 23.73
CA LEU A 26 -32.25 -53.17 24.23
C LEU A 26 -32.75 -53.33 25.67
N SER A 27 -32.31 -52.43 26.57
CA SER A 27 -32.70 -52.53 28.00
C SER A 27 -34.18 -52.19 28.17
N ALA A 28 -34.77 -52.55 29.30
CA ALA A 28 -36.22 -52.31 29.52
C ALA A 28 -36.55 -50.85 29.21
N GLU A 29 -35.71 -49.92 29.69
CA GLU A 29 -35.94 -48.48 29.45
C GLU A 29 -35.98 -48.22 27.93
N GLN A 30 -34.95 -48.66 27.21
CA GLN A 30 -34.90 -48.47 25.73
C GLN A 30 -36.17 -49.07 25.12
N ARG A 31 -36.52 -50.29 25.54
CA ARG A 31 -37.73 -50.97 25.00
C ARG A 31 -38.97 -50.17 25.41
N GLU A 32 -39.02 -49.72 26.67
CA GLU A 32 -40.16 -48.90 27.13
C GLU A 32 -40.26 -47.66 26.24
N PHE A 33 -39.12 -46.99 26.03
CA PHE A 33 -39.12 -45.79 25.14
C PHE A 33 -39.70 -46.18 23.78
N LEU A 34 -39.26 -47.33 23.24
CA LEU A 34 -39.75 -47.78 21.91
C LEU A 34 -41.29 -47.81 21.94
N GLU A 35 -41.87 -48.39 22.98
CA GLU A 35 -43.34 -48.49 23.09
C GLU A 35 -43.95 -47.09 23.06
N ARG A 36 -43.35 -46.14 23.79
CA ARG A 36 -43.85 -44.74 23.80
C ARG A 36 -43.74 -44.18 22.37
N LYS A 37 -42.60 -44.40 21.72
CA LYS A 37 -42.40 -43.89 20.34
C LYS A 37 -43.43 -44.53 19.42
N ALA A 38 -43.78 -45.79 19.68
CA ALA A 38 -44.81 -46.48 18.87
C ALA A 38 -46.18 -45.82 19.12
N ARG A 39 -46.48 -45.51 20.39
CA ARG A 39 -47.79 -44.91 20.75
C ARG A 39 -47.94 -43.56 20.04
N LEU B 22 -42.92 -31.32 25.65
CA LEU B 22 -41.63 -30.86 25.18
C LEU B 22 -41.75 -30.11 23.86
N THR B 23 -41.44 -28.82 23.90
CA THR B 23 -41.51 -28.01 22.68
C THR B 23 -40.36 -28.30 21.73
N TYR B 24 -39.31 -28.97 22.20
CA TYR B 24 -38.10 -29.17 21.43
C TYR B 24 -37.92 -30.61 20.97
N TYR B 25 -38.81 -31.52 21.36
CA TYR B 25 -38.83 -32.88 20.85
C TYR B 25 -40.06 -33.01 19.95
N THR B 26 -39.83 -33.14 18.64
CA THR B 26 -40.90 -33.20 17.65
C THR B 26 -40.69 -34.44 16.79
N PRO B 27 -41.11 -35.61 17.27
CA PRO B 27 -40.88 -36.83 16.50
C PRO B 27 -41.60 -36.89 15.17
N ASP B 28 -42.60 -36.03 14.95
CA ASP B 28 -43.30 -35.98 13.67
C ASP B 28 -42.68 -34.98 12.70
N TYR B 29 -41.61 -34.31 13.09
CA TYR B 29 -41.00 -33.30 12.22
C TYR B 29 -40.22 -33.96 11.09
N GLN B 30 -40.38 -33.41 9.89
CA GLN B 30 -39.64 -33.88 8.73
C GLN B 30 -38.54 -32.88 8.42
N PRO B 31 -37.27 -33.26 8.54
CA PRO B 31 -36.19 -32.28 8.32
C PRO B 31 -36.22 -31.70 6.91
N LYS B 32 -35.92 -30.41 6.81
CA LYS B 32 -35.93 -29.71 5.55
C LYS B 32 -34.69 -30.04 4.73
N ASP B 33 -34.70 -29.65 3.46
CA ASP B 33 -33.54 -29.94 2.57
C ASP B 33 -32.37 -29.02 2.94
N THR B 34 -32.63 -27.97 3.73
CA THR B 34 -31.59 -27.03 4.09
C THR B 34 -31.18 -27.13 5.56
N ASP B 35 -31.78 -28.05 6.33
CA ASP B 35 -31.41 -28.20 7.72
C ASP B 35 -30.03 -28.82 7.87
N ILE B 36 -29.30 -28.39 8.89
CA ILE B 36 -28.08 -29.05 9.31
C ILE B 36 -28.48 -30.08 10.36
N LEU B 37 -28.11 -31.33 10.15
CA LEU B 37 -28.54 -32.42 11.01
C LEU B 37 -27.34 -32.97 11.77
N ALA B 38 -27.54 -33.24 13.05
CA ALA B 38 -26.53 -33.83 13.91
C ALA B 38 -27.08 -35.10 14.52
N ALA B 39 -26.23 -36.11 14.66
CA ALA B 39 -26.59 -37.37 15.29
C ALA B 39 -25.75 -37.51 16.55
N PHE B 40 -26.37 -37.29 17.70
CA PHE B 40 -25.69 -37.34 18.99
C PHE B 40 -25.90 -38.70 19.63
N ARG B 41 -24.82 -39.33 20.08
CA ARG B 41 -24.89 -40.52 20.91
C ARG B 41 -24.79 -40.06 22.36
N MET B 42 -25.92 -40.18 23.07
CA MET B 42 -25.95 -39.63 24.45
C MET B 42 -26.35 -40.69 25.48
N THR B 43 -25.74 -40.64 26.66
CA THR B 43 -26.11 -41.49 27.78
C THR B 43 -26.64 -40.61 28.91
N PRO B 44 -27.96 -40.51 29.07
CA PRO B 44 -28.49 -39.64 30.13
C PRO B 44 -28.31 -40.24 31.51
N GLN B 45 -28.35 -39.36 32.51
CA GLN B 45 -28.26 -39.79 33.89
C GLN B 45 -29.49 -40.64 34.23
N PRO B 46 -29.35 -41.59 35.15
CA PRO B 46 -30.51 -42.43 35.50
C PRO B 46 -31.65 -41.59 36.04
N GLY B 47 -32.86 -41.94 35.61
CA GLY B 47 -34.05 -41.18 35.93
C GLY B 47 -34.44 -40.17 34.87
N VAL B 48 -33.53 -39.79 33.99
CA VAL B 48 -33.81 -38.85 32.92
C VAL B 48 -34.26 -39.65 31.70
N PRO B 49 -35.49 -39.46 31.23
CA PRO B 49 -35.92 -40.17 30.03
C PRO B 49 -35.16 -39.70 28.81
N PRO B 50 -34.96 -40.56 27.81
CA PRO B 50 -34.21 -40.13 26.61
C PRO B 50 -34.85 -38.96 25.89
N GLU B 51 -36.18 -38.88 25.92
CA GLU B 51 -36.88 -37.78 25.19
C GLU B 51 -36.54 -36.45 25.84
N GLU B 52 -36.44 -36.40 27.17
CA GLU B 52 -36.08 -35.17 27.87
C GLU B 52 -34.64 -34.77 27.56
N ALA B 53 -33.73 -35.73 27.48
CA ALA B 53 -32.33 -35.41 27.19
C ALA B 53 -32.17 -34.90 25.76
N GLY B 54 -32.83 -35.56 24.80
CA GLY B 54 -32.79 -35.04 23.44
C GLY B 54 -33.40 -33.66 23.33
N ALA B 55 -34.47 -33.42 24.08
CA ALA B 55 -35.09 -32.07 24.07
C ALA B 55 -34.06 -31.04 24.56
N ALA B 56 -33.31 -31.38 25.61
CA ALA B 56 -32.31 -30.44 26.18
C ALA B 56 -31.22 -30.13 25.15
N VAL B 57 -30.67 -31.16 24.49
CA VAL B 57 -29.62 -30.96 23.45
C VAL B 57 -30.20 -30.08 22.35
N ALA B 58 -31.44 -30.36 21.92
CA ALA B 58 -32.09 -29.55 20.87
C ALA B 58 -32.21 -28.10 21.32
N ALA B 59 -32.59 -27.89 22.58
CA ALA B 59 -32.76 -26.51 23.10
C ALA B 59 -31.40 -25.82 23.19
N ARG B 79 -38.57 -20.80 15.41
CA ARG B 79 -38.12 -20.55 14.01
C ARG B 79 -36.61 -20.79 13.92
N TYR B 80 -35.86 -20.39 14.96
CA TYR B 80 -34.39 -20.60 14.97
C TYR B 80 -34.04 -21.61 16.07
N LYS B 81 -35.02 -22.40 16.49
CA LYS B 81 -34.78 -23.36 17.59
C LYS B 81 -34.33 -24.70 17.02
N GLY B 82 -33.31 -25.31 17.61
CA GLY B 82 -32.92 -26.66 17.19
C GLY B 82 -33.94 -27.63 17.76
N ARG B 83 -34.28 -28.70 17.03
CA ARG B 83 -35.32 -29.59 17.53
C ARG B 83 -34.88 -31.03 17.35
N CYS B 84 -35.24 -31.86 18.33
CA CYS B 84 -34.99 -33.28 18.28
C CYS B 84 -36.16 -33.93 17.54
N TYR B 85 -35.89 -34.50 16.36
CA TYR B 85 -36.98 -35.07 15.53
C TYR B 85 -36.96 -36.60 15.57
N ASP B 86 -35.85 -37.18 16.04
CA ASP B 86 -35.73 -38.66 16.00
C ASP B 86 -34.81 -39.16 17.13
N ILE B 87 -35.27 -40.16 17.88
CA ILE B 87 -34.47 -40.79 18.92
C ILE B 87 -34.55 -42.30 18.72
N GLU B 88 -33.38 -42.93 18.60
CA GLU B 88 -33.34 -44.40 18.48
C GLU B 88 -32.43 -44.95 19.57
N PRO B 89 -32.81 -46.02 20.32
CA PRO B 89 -31.91 -46.61 21.31
C PRO B 89 -30.80 -47.43 20.64
N VAL B 90 -29.62 -47.50 21.27
CA VAL B 90 -28.49 -48.28 20.71
C VAL B 90 -28.64 -49.74 21.18
N PRO B 91 -28.99 -50.70 20.28
CA PRO B 91 -29.20 -52.08 20.69
C PRO B 91 -27.86 -52.73 21.05
N GLY B 92 -27.69 -53.09 22.33
CA GLY B 92 -26.43 -53.73 22.77
C GLY B 92 -25.59 -52.79 23.62
N GLU B 93 -26.17 -51.67 24.06
CA GLU B 93 -25.43 -50.70 24.91
C GLU B 93 -26.28 -50.36 26.14
N GLU B 94 -25.67 -49.79 27.18
CA GLU B 94 -26.40 -49.49 28.43
C GLU B 94 -26.97 -48.07 28.39
N ASN B 95 -28.30 -47.94 28.30
CA ASN B 95 -28.95 -46.59 28.33
C ASN B 95 -28.24 -45.65 27.34
N GLN B 96 -27.95 -46.13 26.13
CA GLN B 96 -27.34 -45.27 25.09
C GLN B 96 -28.35 -45.03 23.98
N TYR B 97 -28.50 -43.78 23.55
CA TYR B 97 -29.51 -43.46 22.50
C TYR B 97 -28.88 -42.53 21.45
N ILE B 98 -29.39 -42.59 20.23
CA ILE B 98 -28.93 -41.68 19.19
C ILE B 98 -30.00 -40.61 19.00
N ALA B 99 -29.63 -39.35 19.23
CA ALA B 99 -30.59 -38.24 19.10
C ALA B 99 -30.31 -37.45 17.82
N TYR B 100 -31.31 -37.30 16.97
CA TYR B 100 -31.14 -36.57 15.68
C TYR B 100 -31.66 -35.14 15.85
N ILE B 101 -30.79 -34.14 15.64
CA ILE B 101 -31.19 -32.72 15.84
C ILE B 101 -31.21 -32.00 14.50
N ALA B 102 -32.21 -31.14 14.27
CA ALA B 102 -32.32 -30.38 13.04
C ALA B 102 -32.14 -28.90 13.36
N TYR B 103 -31.15 -28.28 12.72
CA TYR B 103 -30.90 -26.86 12.90
C TYR B 103 -31.26 -26.10 11.63
N PRO B 104 -31.96 -24.98 11.73
CA PRO B 104 -32.27 -24.20 10.54
C PRO B 104 -31.01 -23.61 9.92
N LEU B 105 -31.03 -23.47 8.60
CA LEU B 105 -29.87 -22.97 7.87
C LEU B 105 -29.51 -21.55 8.26
N ASP B 106 -30.50 -20.76 8.70
CA ASP B 106 -30.26 -19.32 9.03
C ASP B 106 -29.44 -19.17 10.30
N LEU B 107 -29.16 -20.25 11.02
CA LEU B 107 -28.47 -20.15 12.29
C LEU B 107 -26.97 -19.92 12.14
N PHE B 108 -26.40 -20.23 10.99
CA PHE B 108 -24.95 -20.29 10.83
C PHE B 108 -24.46 -19.21 9.87
N GLU B 109 -23.18 -18.86 10.05
CA GLU B 109 -22.53 -17.87 9.16
C GLU B 109 -22.00 -18.61 7.93
N GLU B 110 -22.21 -18.04 6.75
CA GLU B 110 -21.78 -18.66 5.50
C GLU B 110 -20.28 -18.90 5.50
N GLY B 111 -19.89 -20.11 5.13
CA GLY B 111 -18.48 -20.44 4.97
C GLY B 111 -17.66 -20.36 6.23
N SER B 112 -18.24 -20.66 7.38
CA SER B 112 -17.55 -20.52 8.67
C SER B 112 -17.66 -21.84 9.43
N VAL B 113 -16.60 -22.64 9.39
CA VAL B 113 -16.53 -23.84 10.22
C VAL B 113 -16.49 -23.47 11.69
N THR B 114 -15.81 -22.37 12.03
CA THR B 114 -15.74 -21.91 13.40
C THR B 114 -17.14 -21.71 13.97
N ASN B 115 -17.99 -21.01 13.22
CA ASN B 115 -19.38 -20.74 13.71
C ASN B 115 -20.15 -22.06 13.81
N LEU B 116 -20.00 -22.93 12.82
CA LEU B 116 -20.72 -24.20 12.85
C LEU B 116 -20.39 -24.97 14.12
N PHE B 117 -19.10 -25.06 14.46
CA PHE B 117 -18.72 -25.77 15.68
C PHE B 117 -19.15 -25.02 16.93
N THR B 118 -19.13 -23.69 16.89
CA THR B 118 -19.63 -22.93 18.03
C THR B 118 -21.11 -23.18 18.27
N SER B 119 -21.90 -23.27 17.19
CA SER B 119 -23.33 -23.46 17.35
C SER B 119 -23.65 -24.90 17.78
N ILE B 120 -23.04 -25.89 17.13
CA ILE B 120 -23.45 -27.27 17.37
C ILE B 120 -22.90 -27.79 18.68
N VAL B 121 -21.60 -27.61 18.90
CA VAL B 121 -20.96 -28.23 20.10
C VAL B 121 -20.35 -27.16 21.01
N GLY B 122 -20.83 -25.92 20.95
CA GLY B 122 -20.31 -24.85 21.82
C GLY B 122 -20.44 -25.19 23.29
N ASN B 123 -21.66 -25.20 23.82
CA ASN B 123 -21.86 -25.59 25.22
C ASN B 123 -22.99 -26.60 25.25
N VAL B 124 -22.68 -27.85 24.94
CA VAL B 124 -23.63 -28.95 25.11
C VAL B 124 -23.00 -30.17 25.77
N PHE B 125 -21.67 -30.22 25.79
CA PHE B 125 -20.96 -31.37 26.43
C PHE B 125 -20.87 -31.14 27.94
N GLY B 126 -21.24 -29.94 28.41
CA GLY B 126 -21.24 -29.63 29.82
C GLY B 126 -22.59 -29.76 30.49
N PHE B 127 -23.57 -30.39 29.86
CA PHE B 127 -24.87 -30.58 30.49
C PHE B 127 -24.79 -31.65 31.57
N LYS B 128 -25.27 -31.31 32.77
CA LYS B 128 -25.20 -32.27 33.91
C LYS B 128 -26.18 -33.43 33.66
N ALA B 129 -27.26 -33.19 32.90
CA ALA B 129 -28.25 -34.23 32.69
C ALA B 129 -27.74 -35.38 31.83
N LEU B 130 -26.58 -35.24 31.23
CA LEU B 130 -26.01 -36.26 30.36
C LEU B 130 -24.76 -36.84 31.01
N ARG B 131 -24.77 -38.15 31.25
CA ARG B 131 -23.57 -38.80 31.73
C ARG B 131 -22.46 -38.73 30.70
N ALA B 132 -22.78 -38.99 29.44
CA ALA B 132 -21.82 -38.89 28.35
C ALA B 132 -22.55 -38.44 27.10
N LEU B 133 -21.82 -37.73 26.23
CA LEU B 133 -22.38 -37.22 24.98
C LEU B 133 -21.31 -37.31 23.90
N ARG B 134 -21.71 -37.79 22.72
CA ARG B 134 -20.74 -37.95 21.60
C ARG B 134 -21.39 -37.57 20.27
N LEU B 135 -20.89 -36.53 19.60
CA LEU B 135 -21.36 -36.19 18.27
C LEU B 135 -20.81 -37.20 17.28
N GLU B 136 -21.70 -37.90 16.58
CA GLU B 136 -21.30 -38.97 15.69
C GLU B 136 -21.22 -38.54 14.23
N ASP B 137 -22.18 -37.73 13.77
CA ASP B 137 -22.22 -37.37 12.37
C ASP B 137 -22.88 -36.01 12.21
N LEU B 138 -22.64 -35.39 11.06
CA LEU B 138 -23.30 -34.16 10.66
C LEU B 138 -23.82 -34.32 9.23
N ARG B 139 -24.93 -33.65 8.95
CA ARG B 139 -25.44 -33.54 7.59
C ARG B 139 -25.34 -32.08 7.17
N ILE B 140 -24.41 -31.80 6.25
CA ILE B 140 -24.24 -30.46 5.72
C ILE B 140 -25.09 -30.34 4.46
N PRO B 141 -26.16 -29.55 4.47
CA PRO B 141 -26.99 -29.43 3.28
C PRO B 141 -26.21 -28.79 2.15
N PRO B 142 -26.47 -29.12 0.86
CA PRO B 142 -25.78 -28.47 -0.26
C PRO B 142 -25.81 -26.94 -0.15
N ALA B 143 -26.94 -26.36 0.27
CA ALA B 143 -27.06 -24.89 0.39
C ALA B 143 -25.91 -24.35 1.24
N TYR B 144 -25.60 -25.02 2.36
CA TYR B 144 -24.46 -24.60 3.21
C TYR B 144 -23.14 -24.95 2.51
N VAL B 145 -23.05 -26.14 1.91
CA VAL B 145 -21.78 -26.53 1.30
C VAL B 145 -21.34 -25.52 0.26
N LYS B 146 -22.29 -24.99 -0.51
CA LYS B 146 -21.94 -24.06 -1.58
C LYS B 146 -21.34 -22.76 -1.06
N THR B 147 -21.52 -22.45 0.22
CA THR B 147 -20.92 -21.23 0.78
C THR B 147 -19.46 -21.40 1.15
N PHE B 148 -18.92 -22.61 1.07
CA PHE B 148 -17.53 -22.88 1.41
C PHE B 148 -16.70 -23.02 0.14
N GLN B 149 -15.45 -22.55 0.19
CA GLN B 149 -14.54 -22.78 -0.91
C GLN B 149 -14.13 -24.25 -1.00
N GLY B 150 -13.88 -24.88 0.13
CA GLY B 150 -13.43 -26.25 0.15
C GLY B 150 -11.93 -26.36 0.00
N PRO B 151 -11.45 -27.57 -0.31
CA PRO B 151 -10.01 -27.75 -0.47
C PRO B 151 -9.50 -26.94 -1.64
N PRO B 152 -8.27 -26.43 -1.55
CA PRO B 152 -7.75 -25.56 -2.62
C PRO B 152 -7.72 -26.22 -3.99
N HIS B 153 -7.34 -27.48 -4.05
CA HIS B 153 -7.20 -28.11 -5.39
C HIS B 153 -8.07 -29.37 -5.42
N GLY B 154 -7.88 -30.25 -4.44
CA GLY B 154 -8.62 -31.52 -4.44
C GLY B 154 -7.74 -32.64 -4.95
N ILE B 155 -8.29 -33.84 -5.10
CA ILE B 155 -7.49 -35.00 -5.50
C ILE B 155 -7.17 -34.95 -7.00
N GLN B 156 -8.18 -34.71 -7.83
CA GLN B 156 -7.95 -34.77 -9.27
C GLN B 156 -7.02 -33.66 -9.74
N VAL B 157 -7.22 -32.45 -9.23
CA VAL B 157 -6.32 -31.32 -9.61
C VAL B 157 -4.92 -31.62 -9.08
N GLU B 158 -4.81 -32.23 -7.89
CA GLU B 158 -3.47 -32.58 -7.36
C GLU B 158 -2.80 -33.54 -8.34
N ARG B 159 -3.50 -34.61 -8.72
CA ARG B 159 -2.92 -35.62 -9.65
C ARG B 159 -2.49 -34.93 -10.95
N ASP B 160 -3.34 -34.04 -11.49
CA ASP B 160 -2.99 -33.38 -12.74
C ASP B 160 -1.76 -32.49 -12.59
N LYS B 161 -1.66 -31.78 -11.47
CA LYS B 161 -0.52 -30.86 -11.24
C LYS B 161 0.76 -31.68 -11.06
N LEU B 162 0.69 -32.79 -10.32
CA LEU B 162 1.86 -33.61 -10.06
C LEU B 162 2.12 -34.62 -11.17
N ASN B 163 1.16 -34.80 -12.09
CA ASN B 163 1.35 -35.72 -13.25
C ASN B 163 1.59 -37.16 -12.76
N LYS B 164 0.93 -37.56 -11.68
CA LYS B 164 1.04 -38.91 -11.15
C LYS B 164 -0.33 -39.56 -11.15
N TYR B 165 -0.45 -40.69 -11.84
CA TYR B 165 -1.73 -41.35 -12.02
C TYR B 165 -1.61 -42.85 -11.72
N GLY B 166 -2.72 -43.43 -11.29
CA GLY B 166 -2.83 -44.87 -11.20
C GLY B 166 -2.14 -45.52 -10.03
N ARG B 167 -1.73 -44.74 -9.04
CA ARG B 167 -1.01 -45.30 -7.90
C ARG B 167 -1.14 -44.36 -6.72
N GLY B 168 -0.96 -44.91 -5.53
CA GLY B 168 -0.92 -44.10 -4.34
C GLY B 168 0.36 -43.28 -4.27
N LEU B 169 0.31 -42.21 -3.49
CA LEU B 169 1.48 -41.38 -3.27
C LEU B 169 2.24 -41.86 -2.04
N LEU B 170 3.52 -41.53 -1.99
CA LEU B 170 4.41 -41.98 -0.94
C LEU B 170 5.07 -40.79 -0.26
N GLY B 171 5.19 -40.86 1.06
CA GLY B 171 5.81 -39.80 1.81
C GLY B 171 6.59 -40.35 2.99
N CYS B 172 7.52 -39.53 3.48
CA CYS B 172 8.33 -39.86 4.63
C CYS B 172 8.40 -38.69 5.58
N THR B 173 8.50 -38.98 6.88
CA THR B 173 8.67 -37.91 7.89
C THR B 173 10.16 -37.85 8.24
N ILE B 174 10.82 -36.72 7.95
CA ILE B 174 12.29 -36.63 8.17
C ILE B 174 12.60 -36.92 9.65
N LYS B 175 13.48 -37.88 9.92
CA LYS B 175 13.80 -38.28 11.31
C LYS B 175 15.32 -38.23 11.50
N PRO B 176 15.86 -37.58 12.56
CA PRO B 176 15.19 -37.50 13.87
C PRO B 176 14.12 -36.40 13.92
N LYS B 177 13.19 -36.52 14.87
CA LYS B 177 12.07 -35.54 14.98
C LYS B 177 12.63 -34.13 15.15
N LEU B 178 13.56 -33.93 16.08
CA LEU B 178 14.06 -32.55 16.37
C LEU B 178 15.58 -32.56 16.56
N GLY B 179 16.20 -31.38 16.65
CA GLY B 179 17.64 -31.28 16.87
C GLY B 179 18.43 -31.14 15.58
N LEU B 180 17.86 -31.57 14.46
CA LEU B 180 18.60 -31.55 13.18
C LEU B 180 18.73 -30.11 12.67
N SER B 181 19.89 -29.75 12.11
CA SER B 181 20.07 -28.40 11.52
C SER B 181 19.35 -28.32 10.18
N ALA B 182 19.02 -27.11 9.73
CA ALA B 182 18.32 -26.93 8.43
C ALA B 182 19.11 -27.61 7.31
N LYS B 183 20.45 -27.49 7.32
CA LYS B 183 21.29 -28.14 6.29
C LYS B 183 21.08 -29.65 6.34
N ASN B 184 21.19 -30.24 7.53
CA ASN B 184 21.05 -31.70 7.65
C ASN B 184 19.62 -32.14 7.36
N TYR B 185 18.65 -31.30 7.72
CA TYR B 185 17.25 -31.61 7.38
C TYR B 185 17.12 -31.65 5.85
N GLY B 186 17.67 -30.65 5.16
CA GLY B 186 17.61 -30.66 3.71
C GLY B 186 18.32 -31.84 3.10
N ARG B 187 19.45 -32.24 3.69
CA ARG B 187 20.21 -33.41 3.18
C ARG B 187 19.34 -34.65 3.30
N ALA B 188 18.68 -34.84 4.45
CA ALA B 188 17.80 -35.99 4.62
C ALA B 188 16.64 -35.95 3.63
N VAL B 189 16.08 -34.76 3.41
CA VAL B 189 14.98 -34.62 2.45
C VAL B 189 15.43 -35.04 1.06
N TYR B 190 16.60 -34.55 0.63
CA TYR B 190 17.09 -34.88 -0.70
C TYR B 190 17.38 -36.36 -0.83
N GLU B 191 17.98 -36.97 0.20
CA GLU B 191 18.30 -38.38 0.14
C GLU B 191 17.04 -39.23 0.04
N CYS B 192 16.01 -38.87 0.80
CA CYS B 192 14.76 -39.67 0.79
C CYS B 192 14.00 -39.45 -0.53
N LEU B 193 13.99 -38.22 -1.05
CA LEU B 193 13.20 -37.94 -2.27
C LEU B 193 13.86 -38.57 -3.51
N ARG B 194 15.19 -38.55 -3.59
CA ARG B 194 15.90 -39.06 -4.78
C ARG B 194 15.65 -40.56 -4.93
N GLY B 195 15.31 -41.25 -3.84
CA GLY B 195 15.08 -42.71 -3.87
C GLY B 195 13.84 -43.08 -4.68
N GLY B 196 12.85 -42.18 -4.74
CA GLY B 196 11.61 -42.46 -5.47
C GLY B 196 10.37 -42.02 -4.70
N LEU B 197 10.55 -41.50 -3.48
CA LEU B 197 9.41 -40.99 -2.69
C LEU B 197 8.84 -39.74 -3.37
N ASP B 198 7.53 -39.55 -3.31
CA ASP B 198 6.88 -38.38 -3.96
C ASP B 198 6.90 -37.20 -3.01
N PHE B 199 6.91 -37.45 -1.69
CA PHE B 199 6.84 -36.37 -0.73
C PHE B 199 7.73 -36.67 0.46
N THR B 200 8.15 -35.59 1.12
CA THR B 200 8.67 -35.64 2.48
C THR B 200 7.92 -34.60 3.29
N LYS B 201 8.06 -34.64 4.60
CA LYS B 201 7.27 -33.70 5.44
C LYS B 201 8.07 -33.27 6.68
N ASP B 202 7.79 -32.05 7.18
CA ASP B 202 8.44 -31.61 8.45
C ASP B 202 7.75 -32.36 9.59
N ASP B 203 8.44 -32.54 10.71
CA ASP B 203 7.78 -33.18 11.88
C ASP B 203 6.67 -32.26 12.38
N GLU B 204 5.64 -32.81 13.02
CA GLU B 204 4.49 -32.02 13.44
C GLU B 204 4.89 -30.89 14.38
N ASN B 205 5.91 -31.10 15.20
CA ASN B 205 6.33 -30.09 16.16
C ASN B 205 7.47 -29.21 15.65
N VAL B 206 7.84 -29.36 14.38
CA VAL B 206 8.89 -28.56 13.77
C VAL B 206 8.21 -27.37 13.10
N ASN B 207 8.29 -26.21 13.75
CA ASN B 207 7.73 -24.97 13.17
C ASN B 207 8.89 -23.98 13.00
N SER B 208 9.47 -23.52 14.11
CA SER B 208 10.58 -22.58 14.09
C SER B 208 11.22 -22.61 15.46
N GLN B 209 12.44 -23.12 15.54
CA GLN B 209 13.07 -23.30 16.87
C GLN B 209 14.50 -22.76 16.83
N PRO B 210 15.16 -22.50 17.99
CA PRO B 210 16.56 -22.05 17.98
C PRO B 210 17.45 -22.99 17.17
N PHE B 211 17.17 -24.30 17.21
CA PHE B 211 18.04 -25.29 16.51
C PHE B 211 17.85 -25.17 14.99
N MET B 212 16.64 -24.81 14.54
CA MET B 212 16.36 -24.75 13.09
C MET B 212 15.29 -23.71 12.82
N ARG B 213 15.69 -22.50 12.45
CA ARG B 213 14.73 -21.47 12.09
C ARG B 213 14.02 -21.86 10.80
N TRP B 214 12.83 -21.30 10.60
CA TRP B 214 11.95 -21.79 9.55
C TRP B 214 12.44 -21.38 8.16
N ARG B 215 13.02 -20.19 8.01
CA ARG B 215 13.43 -19.74 6.68
C ARG B 215 14.66 -20.50 6.19
N ASP B 216 15.60 -20.80 7.09
CA ASP B 216 16.72 -21.65 6.70
C ASP B 216 16.24 -23.01 6.23
N ARG B 217 15.30 -23.61 6.96
CA ARG B 217 14.75 -24.90 6.56
C ARG B 217 14.05 -24.81 5.22
N PHE B 218 13.29 -23.74 5.00
CA PHE B 218 12.58 -23.59 3.72
C PHE B 218 13.58 -23.52 2.57
N LEU B 219 14.65 -22.74 2.73
CA LEU B 219 15.64 -22.61 1.67
C LEU B 219 16.37 -23.92 1.39
N PHE B 220 16.82 -24.61 2.44
CA PHE B 220 17.56 -25.86 2.22
C PHE B 220 16.65 -26.94 1.66
N VAL B 221 15.39 -26.99 2.10
CA VAL B 221 14.44 -27.95 1.57
C VAL B 221 14.13 -27.65 0.11
N ALA B 222 14.06 -26.36 -0.25
CA ALA B 222 13.85 -26.00 -1.65
C ALA B 222 15.01 -26.47 -2.53
N GLU B 223 16.24 -26.27 -2.05
CA GLU B 223 17.40 -26.77 -2.79
C GLU B 223 17.35 -28.28 -2.94
N ALA B 224 17.00 -28.98 -1.86
CA ALA B 224 16.92 -30.43 -1.91
C ALA B 224 15.84 -30.91 -2.87
N ILE B 225 14.67 -30.26 -2.83
CA ILE B 225 13.57 -30.62 -3.72
C ILE B 225 14.00 -30.45 -5.17
N TYR B 226 14.65 -29.34 -5.49
CA TYR B 226 15.03 -29.10 -6.86
C TYR B 226 16.14 -30.04 -7.32
N LYS B 227 17.08 -30.37 -6.43
CA LYS B 227 18.11 -31.34 -6.77
C LYS B 227 17.50 -32.72 -7.07
N SER B 228 16.57 -33.16 -6.21
CA SER B 228 15.95 -34.46 -6.42
C SER B 228 15.10 -34.47 -7.69
N GLN B 229 14.43 -33.36 -7.98
CA GLN B 229 13.66 -33.26 -9.22
C GLN B 229 14.57 -33.39 -10.44
N ALA B 230 15.68 -32.65 -10.44
CA ALA B 230 16.60 -32.72 -11.57
C ALA B 230 17.18 -34.12 -11.71
N GLU B 231 17.48 -34.78 -10.60
CA GLU B 231 18.10 -36.10 -10.67
C GLU B 231 17.13 -37.16 -11.18
N THR B 232 15.92 -37.19 -10.64
CA THR B 232 15.00 -38.27 -11.01
C THR B 232 14.11 -37.94 -12.20
N GLY B 233 13.86 -36.65 -12.46
CA GLY B 233 12.97 -36.26 -13.52
C GLY B 233 11.50 -36.29 -13.16
N GLU B 234 11.15 -36.65 -11.93
CA GLU B 234 9.78 -36.61 -11.45
C GLU B 234 9.58 -35.40 -10.56
N ILE B 235 8.34 -34.89 -10.54
CA ILE B 235 8.02 -33.75 -9.69
C ILE B 235 8.03 -34.21 -8.24
N LYS B 236 8.76 -33.45 -7.43
CA LYS B 236 8.89 -33.81 -5.99
C LYS B 236 8.29 -32.71 -5.13
N GLY B 237 8.18 -32.94 -3.83
CA GLY B 237 7.60 -31.99 -2.91
C GLY B 237 7.94 -32.33 -1.47
N HIS B 238 7.76 -31.33 -0.61
CA HIS B 238 7.99 -31.48 0.82
C HIS B 238 6.93 -30.68 1.57
N TYR B 239 6.24 -31.32 2.51
CA TYR B 239 5.19 -30.64 3.31
C TYR B 239 5.86 -29.63 4.26
N LEU B 240 6.02 -28.38 3.82
CA LEU B 240 6.67 -27.35 4.67
C LEU B 240 5.67 -26.88 5.74
N ASN B 241 6.05 -26.95 7.01
CA ASN B 241 5.10 -26.60 8.11
C ASN B 241 4.92 -25.08 8.18
N ALA B 242 3.72 -24.58 7.89
CA ALA B 242 3.43 -23.16 8.02
C ALA B 242 2.79 -22.81 9.35
N THR B 243 2.53 -23.80 10.20
CA THR B 243 1.85 -23.57 11.47
C THR B 243 2.66 -22.61 12.33
N ALA B 244 2.01 -21.55 12.79
CA ALA B 244 2.73 -20.47 13.46
C ALA B 244 1.86 -19.89 14.57
N ALA B 245 2.43 -18.95 15.32
CA ALA B 245 1.72 -18.33 16.45
C ALA B 245 0.62 -17.38 15.96
N THR B 246 0.93 -16.53 14.98
CA THR B 246 -0.07 -15.53 14.50
C THR B 246 -0.40 -15.81 13.04
N ALA B 247 -1.61 -15.44 12.61
CA ALA B 247 -2.03 -15.66 11.21
C ALA B 247 -1.05 -14.93 10.29
N GLU B 248 -0.55 -13.78 10.73
CA GLU B 248 0.38 -13.02 9.91
C GLU B 248 1.65 -13.81 9.65
N GLU B 249 2.20 -14.44 10.69
CA GLU B 249 3.40 -15.25 10.54
C GLU B 249 3.13 -16.46 9.66
N MET B 250 1.97 -17.09 9.81
CA MET B 250 1.62 -18.24 8.98
C MET B 250 1.51 -17.86 7.52
N LEU B 251 0.87 -16.72 7.24
CA LEU B 251 0.80 -16.24 5.86
C LEU B 251 2.16 -15.86 5.33
N LYS B 252 3.05 -15.34 6.17
CA LYS B 252 4.41 -15.03 5.73
C LYS B 252 5.16 -16.30 5.33
N ARG B 253 5.00 -17.37 6.11
CA ARG B 253 5.66 -18.63 5.74
C ARG B 253 5.06 -19.21 4.46
N ALA B 254 3.75 -19.12 4.30
CA ALA B 254 3.14 -19.53 3.03
C ALA B 254 3.65 -18.70 1.87
N GLU B 255 3.85 -17.41 2.10
CA GLU B 255 4.37 -16.51 1.08
C GLU B 255 5.79 -16.87 0.69
N CYS B 256 6.62 -17.24 1.67
CA CYS B 256 7.97 -17.70 1.37
C CYS B 256 7.94 -18.96 0.53
N ALA B 257 7.06 -19.90 0.89
CA ALA B 257 6.94 -21.13 0.09
C ALA B 257 6.51 -20.81 -1.33
N LYS B 258 5.57 -19.87 -1.49
CA LYS B 258 5.15 -19.46 -2.81
C LYS B 258 6.28 -18.81 -3.60
N ASP B 259 7.12 -18.03 -2.91
CA ASP B 259 8.25 -17.31 -3.59
C ASP B 259 9.34 -18.30 -3.99
N LEU B 260 9.50 -19.41 -3.26
CA LEU B 260 10.45 -20.44 -3.65
C LEU B 260 9.95 -21.31 -4.80
N GLY B 261 8.66 -21.28 -5.11
CA GLY B 261 8.11 -22.12 -6.15
C GLY B 261 7.88 -23.56 -5.76
N VAL B 262 8.03 -23.89 -4.48
CA VAL B 262 7.86 -25.25 -3.99
C VAL B 262 6.37 -25.61 -4.06
N PRO B 263 6.02 -26.89 -4.14
CA PRO B 263 4.63 -27.25 -4.42
C PRO B 263 3.65 -27.19 -3.25
N ILE B 264 4.04 -27.52 -2.03
CA ILE B 264 3.08 -27.87 -0.99
C ILE B 264 3.56 -27.38 0.38
N ILE B 265 2.59 -27.05 1.24
CA ILE B 265 2.83 -26.70 2.64
C ILE B 265 1.94 -27.56 3.53
N MET B 266 2.11 -27.39 4.84
CA MET B 266 1.43 -28.19 5.85
C MET B 266 0.84 -27.29 6.91
N HIS B 267 -0.23 -27.76 7.57
CA HIS B 267 -0.86 -27.00 8.64
C HIS B 267 -1.45 -27.95 9.67
N ASP B 268 -1.44 -27.53 10.93
CA ASP B 268 -2.08 -28.24 12.04
C ASP B 268 -3.39 -27.55 12.35
N TYR B 269 -4.49 -28.06 11.81
CA TYR B 269 -5.74 -27.33 11.88
C TYR B 269 -6.42 -27.40 13.25
N LEU B 270 -6.23 -28.50 13.97
CA LEU B 270 -6.94 -28.66 15.26
C LEU B 270 -6.21 -27.87 16.36
N THR B 271 -4.94 -27.52 16.13
CA THR B 271 -4.18 -26.72 17.12
C THR B 271 -4.11 -25.25 16.64
N GLY B 272 -3.92 -25.04 15.34
CA GLY B 272 -3.90 -23.67 14.78
C GLY B 272 -5.29 -23.05 14.81
N GLY B 273 -6.32 -23.86 14.54
CA GLY B 273 -7.71 -23.37 14.56
C GLY B 273 -8.33 -23.33 13.18
N PHE B 274 -9.65 -23.42 13.11
CA PHE B 274 -10.37 -23.41 11.80
C PHE B 274 -10.20 -22.05 11.13
N THR B 275 -10.21 -20.98 11.92
CA THR B 275 -10.07 -19.60 11.36
C THR B 275 -8.72 -19.49 10.64
N ALA B 276 -7.64 -19.95 11.27
CA ALA B 276 -6.30 -19.91 10.64
C ALA B 276 -6.28 -20.85 9.43
N ASN B 277 -6.87 -22.04 9.56
CA ASN B 277 -6.89 -23.01 8.45
C ASN B 277 -7.61 -22.41 7.24
N THR B 278 -8.79 -21.81 7.47
CA THR B 278 -9.56 -21.27 6.35
C THR B 278 -8.79 -20.16 5.65
N SER B 279 -8.09 -19.32 6.42
CA SER B 279 -7.24 -18.31 5.79
C SER B 279 -6.16 -18.96 4.93
N LEU B 280 -5.51 -19.99 5.45
CA LEU B 280 -4.45 -20.65 4.70
C LEU B 280 -5.00 -21.33 3.45
N ALA B 281 -6.18 -21.94 3.54
CA ALA B 281 -6.77 -22.60 2.39
C ALA B 281 -7.16 -21.59 1.31
N HIS B 282 -7.70 -20.44 1.71
CA HIS B 282 -8.00 -19.40 0.73
C HIS B 282 -6.72 -18.90 0.07
N TYR B 283 -5.66 -18.71 0.86
CA TYR B 283 -4.39 -18.29 0.29
C TYR B 283 -3.86 -19.31 -0.70
N CYS B 284 -3.93 -20.60 -0.34
CA CYS B 284 -3.41 -21.65 -1.20
C CYS B 284 -4.18 -21.74 -2.50
N ARG B 285 -5.51 -21.56 -2.44
CA ARG B 285 -6.29 -21.50 -3.67
C ARG B 285 -5.88 -20.30 -4.52
N ASP B 286 -5.66 -19.15 -3.88
CA ASP B 286 -5.29 -17.94 -4.62
C ASP B 286 -3.93 -18.07 -5.29
N ASN B 287 -2.99 -18.77 -4.67
CA ASN B 287 -1.61 -18.75 -5.16
C ASN B 287 -1.16 -20.10 -5.71
N GLY B 288 -2.06 -21.05 -5.88
CA GLY B 288 -1.73 -22.34 -6.46
C GLY B 288 -0.80 -23.20 -5.64
N LEU B 289 -1.03 -23.30 -4.33
CA LEU B 289 -0.26 -24.15 -3.45
C LEU B 289 -1.12 -25.29 -2.94
N LEU B 290 -0.49 -26.46 -2.81
CA LEU B 290 -1.19 -27.62 -2.20
C LEU B 290 -1.12 -27.45 -0.69
N LEU B 291 -2.04 -28.07 0.05
CA LEU B 291 -2.14 -27.91 1.49
C LEU B 291 -2.34 -29.27 2.15
N HIS B 292 -1.33 -29.73 2.89
CA HIS B 292 -1.44 -30.96 3.67
C HIS B 292 -1.84 -30.61 5.08
N ILE B 293 -2.79 -31.37 5.62
CA ILE B 293 -3.37 -31.09 6.94
C ILE B 293 -3.02 -32.21 7.88
N HIS B 294 -2.43 -31.86 9.02
CA HIS B 294 -2.11 -32.81 10.07
C HIS B 294 -3.06 -32.61 11.24
N ARG B 295 -3.56 -33.71 11.79
CA ARG B 295 -4.58 -33.66 12.83
C ARG B 295 -3.94 -33.84 14.22
N ALA B 296 -3.13 -32.85 14.59
CA ALA B 296 -2.56 -32.84 15.92
C ALA B 296 -3.64 -32.59 16.96
N MET B 297 -3.54 -33.27 18.11
CA MET B 297 -4.49 -33.07 19.24
C MET B 297 -5.88 -33.66 18.92
N HIS B 298 -5.95 -34.56 17.93
CA HIS B 298 -7.27 -35.12 17.52
C HIS B 298 -7.75 -36.13 18.58
N ALA B 299 -6.86 -36.97 19.10
CA ALA B 299 -7.24 -38.02 20.06
C ALA B 299 -7.81 -37.39 21.34
N VAL B 300 -7.45 -36.14 21.62
CA VAL B 300 -8.01 -35.45 22.82
C VAL B 300 -9.52 -35.28 22.62
N ILE B 301 -10.01 -35.37 21.38
CA ILE B 301 -11.46 -35.12 21.12
C ILE B 301 -12.15 -36.36 20.51
N ASP B 302 -11.41 -37.20 19.78
CA ASP B 302 -12.08 -38.31 19.05
C ASP B 302 -11.64 -39.71 19.52
N ARG B 303 -11.10 -39.85 20.74
CA ARG B 303 -10.60 -41.18 21.13
C ARG B 303 -11.66 -41.94 21.93
N GLN B 304 -12.22 -41.34 22.97
CA GLN B 304 -13.18 -42.05 23.80
C GLN B 304 -14.51 -42.24 23.09
N ARG B 305 -15.04 -43.46 23.17
CA ARG B 305 -16.28 -43.81 22.48
C ARG B 305 -17.50 -43.10 23.07
N ASN B 306 -17.46 -42.74 24.35
CA ASN B 306 -18.68 -42.18 25.01
C ASN B 306 -18.71 -40.65 24.94
N HIS B 307 -17.56 -40.00 24.88
CA HIS B 307 -17.52 -38.55 24.93
C HIS B 307 -16.67 -38.01 23.79
N GLY B 308 -17.06 -36.85 23.28
CA GLY B 308 -16.26 -36.17 22.27
C GLY B 308 -16.92 -36.03 20.92
N ILE B 309 -16.11 -35.77 19.90
CA ILE B 309 -16.59 -35.64 18.52
C ILE B 309 -15.86 -36.68 17.69
N HIS B 310 -16.63 -37.49 16.95
CA HIS B 310 -16.04 -38.53 16.13
C HIS B 310 -15.18 -37.93 15.02
N PHE B 311 -14.08 -38.60 14.68
CA PHE B 311 -13.14 -38.04 13.67
C PHE B 311 -13.86 -37.71 12.35
N ARG B 312 -14.92 -38.46 12.02
CA ARG B 312 -15.60 -38.23 10.72
C ARG B 312 -16.13 -36.80 10.66
N VAL B 313 -16.62 -36.27 11.78
CA VAL B 313 -17.14 -34.87 11.83
C VAL B 313 -15.96 -33.92 11.64
N LEU B 314 -14.82 -34.22 12.27
CA LEU B 314 -13.61 -33.37 12.12
C LEU B 314 -13.12 -33.44 10.67
N ALA B 315 -13.21 -34.62 10.04
CA ALA B 315 -12.80 -34.78 8.62
C ALA B 315 -13.72 -33.94 7.72
N LYS B 316 -15.02 -33.93 8.01
CA LYS B 316 -15.99 -33.14 7.19
C LYS B 316 -15.73 -31.65 7.43
N ALA B 317 -15.43 -31.27 8.68
CA ALA B 317 -15.09 -29.87 8.95
C ALA B 317 -13.82 -29.46 8.24
N LEU B 318 -12.86 -30.38 8.14
CA LEU B 318 -11.60 -30.07 7.42
C LEU B 318 -11.90 -29.92 5.92
N ARG B 319 -12.70 -30.82 5.35
CA ARG B 319 -13.01 -30.73 3.94
C ARG B 319 -13.74 -29.44 3.62
N LEU B 320 -14.64 -29.01 4.50
CA LEU B 320 -15.30 -27.73 4.31
C LEU B 320 -14.30 -26.58 4.42
N SER B 321 -13.50 -26.56 5.48
CA SER B 321 -12.56 -25.47 5.68
C SER B 321 -11.49 -25.45 4.59
N GLY B 322 -11.00 -26.62 4.18
CA GLY B 322 -10.02 -26.69 3.14
C GLY B 322 -8.78 -27.49 3.50
N GLY B 323 -8.47 -28.49 2.69
CA GLY B 323 -7.23 -29.23 2.80
C GLY B 323 -7.11 -30.27 1.71
N ASP B 324 -5.96 -30.31 1.03
CA ASP B 324 -5.78 -31.27 -0.05
C ASP B 324 -5.48 -32.66 0.48
N HIS B 325 -4.70 -32.75 1.56
CA HIS B 325 -4.43 -33.99 2.24
C HIS B 325 -4.88 -33.86 3.68
N LEU B 326 -5.24 -35.01 4.28
CA LEU B 326 -5.63 -35.02 5.71
C LEU B 326 -5.16 -36.33 6.34
N HIS B 327 -4.15 -36.28 7.21
CA HIS B 327 -3.68 -37.46 7.91
C HIS B 327 -4.87 -38.15 8.56
N SER B 328 -5.20 -39.35 8.09
CA SER B 328 -6.47 -39.97 8.42
C SER B 328 -6.37 -41.27 9.20
N GLY B 329 -5.18 -41.82 9.38
CA GLY B 329 -5.08 -43.08 10.11
C GLY B 329 -3.65 -43.45 10.39
N THR B 330 -3.47 -44.37 11.34
CA THR B 330 -2.11 -44.87 11.67
C THR B 330 -2.05 -46.36 11.31
N VAL B 331 -0.86 -46.86 10.94
CA VAL B 331 -0.73 -48.28 10.48
C VAL B 331 0.17 -49.06 11.45
N VAL B 332 0.20 -48.67 12.74
CA VAL B 332 0.99 -49.43 13.75
C VAL B 332 0.67 -50.93 13.59
N GLY B 333 1.65 -51.73 13.19
CA GLY B 333 1.39 -53.13 12.94
C GLY B 333 0.53 -53.28 11.70
N LYS B 334 -0.73 -52.83 11.79
CA LYS B 334 -1.64 -52.84 10.62
C LYS B 334 -2.53 -51.59 10.71
N LEU B 335 -3.33 -51.31 9.68
CA LEU B 335 -4.27 -50.15 9.80
C LEU B 335 -5.10 -50.35 11.07
N GLU B 336 -5.01 -49.41 12.02
CA GLU B 336 -5.72 -49.55 13.31
C GLU B 336 -7.16 -49.03 13.19
N GLY B 337 -8.04 -49.45 14.10
CA GLY B 337 -9.44 -48.99 14.08
C GLY B 337 -10.31 -49.90 13.22
N GLU B 338 -11.62 -49.93 13.47
CA GLU B 338 -12.56 -50.74 12.65
C GLU B 338 -12.36 -50.35 11.17
N ARG B 339 -12.18 -51.35 10.30
CA ARG B 339 -11.99 -51.07 8.85
C ARG B 339 -13.21 -50.31 8.31
N GLU B 340 -14.42 -50.77 8.65
CA GLU B 340 -15.65 -50.16 8.09
C GLU B 340 -15.70 -48.67 8.47
N VAL B 341 -15.39 -48.35 9.73
CA VAL B 341 -15.39 -46.93 10.18
C VAL B 341 -14.37 -46.15 9.35
N THR B 342 -13.16 -46.70 9.20
CA THR B 342 -12.12 -46.02 8.39
C THR B 342 -12.64 -45.82 6.97
N LEU B 343 -13.15 -46.89 6.35
CA LEU B 343 -13.68 -46.81 4.96
C LEU B 343 -14.77 -45.74 4.91
N GLY B 344 -15.64 -45.71 5.93
CA GLY B 344 -16.73 -44.73 5.96
C GLY B 344 -16.22 -43.31 5.89
N PHE B 345 -15.27 -42.94 6.76
CA PHE B 345 -14.80 -41.53 6.80
C PHE B 345 -13.87 -41.28 5.61
N VAL B 346 -13.24 -42.32 5.06
CA VAL B 346 -12.41 -42.14 3.84
C VAL B 346 -13.37 -41.82 2.69
N ASP B 347 -14.47 -42.58 2.57
CA ASP B 347 -15.44 -42.27 1.54
C ASP B 347 -16.08 -40.90 1.77
N LEU B 348 -16.34 -40.56 3.03
CA LEU B 348 -16.94 -39.27 3.34
C LEU B 348 -16.02 -38.12 2.95
N MET B 349 -14.72 -38.30 3.10
CA MET B 349 -13.76 -37.26 2.76
C MET B 349 -13.28 -37.33 1.31
N ARG B 350 -13.64 -38.37 0.56
CA ARG B 350 -13.20 -38.54 -0.82
C ARG B 350 -14.32 -38.37 -1.83
N ASP B 351 -15.41 -39.11 -1.69
CA ASP B 351 -16.44 -39.18 -2.72
C ASP B 351 -17.29 -37.92 -2.75
N ASP B 352 -18.12 -37.79 -3.80
CA ASP B 352 -19.00 -36.61 -3.94
C ASP B 352 -20.37 -36.93 -3.32
N TYR B 353 -20.76 -38.19 -3.28
CA TYR B 353 -22.11 -38.55 -2.78
C TYR B 353 -22.02 -39.82 -1.94
N ILE B 354 -22.21 -39.70 -0.62
CA ILE B 354 -22.10 -40.88 0.29
C ILE B 354 -23.49 -41.15 0.87
N GLU B 355 -24.06 -42.31 0.53
CA GLU B 355 -25.42 -42.68 1.04
C GLU B 355 -25.31 -43.13 2.50
N LYS B 356 -26.41 -43.00 3.25
CA LYS B 356 -26.42 -43.40 4.68
C LYS B 356 -26.04 -44.87 4.82
N ASP B 357 -25.08 -45.18 5.69
CA ASP B 357 -24.67 -46.60 5.93
C ASP B 357 -24.27 -46.73 7.40
N ARG B 358 -25.19 -47.20 8.25
CA ARG B 358 -24.90 -47.26 9.72
C ARG B 358 -23.82 -48.30 9.99
N SER B 359 -23.65 -49.28 9.10
CA SER B 359 -22.57 -50.29 9.27
C SER B 359 -21.20 -49.61 9.28
N ARG B 360 -21.03 -48.58 8.43
CA ARG B 360 -19.72 -47.90 8.33
C ARG B 360 -19.74 -46.58 9.12
N GLY B 361 -20.85 -46.30 9.82
CA GLY B 361 -20.92 -45.10 10.69
C GLY B 361 -21.46 -43.89 9.96
N ILE B 362 -22.00 -44.07 8.75
CA ILE B 362 -22.62 -42.92 8.02
C ILE B 362 -24.07 -42.79 8.51
N TYR B 363 -24.36 -41.78 9.33
CA TYR B 363 -25.72 -41.63 9.91
C TYR B 363 -26.60 -40.82 8.95
N PHE B 364 -26.00 -40.18 7.94
CA PHE B 364 -26.79 -39.33 7.02
C PHE B 364 -26.21 -39.37 5.60
N THR B 365 -27.07 -39.25 4.59
CA THR B 365 -26.58 -39.13 3.22
C THR B 365 -25.92 -37.77 3.05
N GLN B 366 -24.69 -37.76 2.54
CA GLN B 366 -23.92 -36.53 2.41
C GLN B 366 -23.71 -36.22 0.93
N ASP B 367 -24.33 -35.15 0.46
CA ASP B 367 -24.11 -34.64 -0.88
C ASP B 367 -23.09 -33.51 -0.79
N TRP B 368 -22.02 -33.62 -1.55
CA TRP B 368 -20.94 -32.64 -1.51
C TRP B 368 -21.03 -31.61 -2.63
N VAL B 369 -22.04 -31.71 -3.50
CA VAL B 369 -22.27 -30.86 -4.66
C VAL B 369 -20.97 -30.36 -5.28
N SER B 370 -20.13 -31.30 -5.70
CA SER B 370 -18.93 -31.04 -6.50
C SER B 370 -17.84 -30.30 -5.74
N LEU B 371 -17.87 -30.33 -4.41
CA LEU B 371 -16.75 -29.85 -3.63
C LEU B 371 -15.55 -30.77 -3.83
N PRO B 372 -14.35 -30.21 -3.98
CA PRO B 372 -13.18 -31.07 -4.20
C PRO B 372 -12.95 -32.02 -3.05
N GLY B 373 -12.56 -33.25 -3.37
CA GLY B 373 -12.29 -34.23 -2.35
C GLY B 373 -10.93 -34.05 -1.70
N THR B 374 -10.80 -34.63 -0.51
CA THR B 374 -9.57 -34.59 0.27
C THR B 374 -8.90 -35.95 0.21
N MET B 375 -7.59 -35.96 -0.01
CA MET B 375 -6.86 -37.22 -0.11
C MET B 375 -6.49 -37.72 1.28
N PRO B 376 -6.92 -38.91 1.67
CA PRO B 376 -6.52 -39.43 2.98
C PRO B 376 -5.06 -39.85 2.99
N VAL B 377 -4.41 -39.57 4.12
CA VAL B 377 -2.96 -39.92 4.29
C VAL B 377 -2.83 -40.91 5.45
N ALA B 378 -2.48 -42.16 5.16
CA ALA B 378 -2.26 -43.17 6.18
C ALA B 378 -0.78 -43.20 6.53
N SER B 379 -0.46 -42.92 7.80
CA SER B 379 0.95 -42.81 8.21
C SER B 379 1.30 -43.88 9.24
N GLY B 380 2.55 -43.90 9.71
CA GLY B 380 2.95 -44.85 10.76
C GLY B 380 3.97 -45.85 10.26
N GLY B 381 3.98 -47.05 10.84
CA GLY B 381 4.94 -48.07 10.45
C GLY B 381 4.51 -48.89 9.25
N ILE B 382 4.61 -48.28 8.06
CA ILE B 382 4.22 -48.98 6.81
C ILE B 382 5.39 -49.89 6.39
N HIS B 383 5.39 -51.15 6.84
CA HIS B 383 6.45 -52.06 6.45
C HIS B 383 6.19 -52.58 5.04
N VAL B 384 7.24 -53.08 4.40
CA VAL B 384 7.19 -53.41 2.98
C VAL B 384 6.14 -54.50 2.73
N TRP B 385 6.15 -55.55 3.55
CA TRP B 385 5.18 -56.63 3.35
C TRP B 385 3.77 -56.25 3.75
N HIS B 386 3.56 -55.09 4.36
CA HIS B 386 2.22 -54.62 4.69
C HIS B 386 1.64 -53.70 3.63
N MET B 387 2.43 -53.37 2.59
CA MET B 387 1.91 -52.54 1.51
C MET B 387 0.71 -53.14 0.78
N PRO B 388 0.65 -54.44 0.46
CA PRO B 388 -0.53 -54.95 -0.26
C PRO B 388 -1.84 -54.71 0.47
N ALA B 389 -1.84 -54.87 1.80
CA ALA B 389 -3.07 -54.67 2.57
C ALA B 389 -3.56 -53.23 2.45
N LEU B 390 -2.66 -52.26 2.61
CA LEU B 390 -3.07 -50.87 2.54
C LEU B 390 -3.45 -50.46 1.13
N VAL B 391 -2.77 -51.01 0.12
CA VAL B 391 -3.15 -50.72 -1.26
C VAL B 391 -4.55 -51.25 -1.54
N GLU B 392 -4.87 -52.45 -1.02
CA GLU B 392 -6.21 -52.98 -1.20
C GLU B 392 -7.25 -52.14 -0.47
N ILE B 393 -6.94 -51.72 0.76
CA ILE B 393 -7.94 -50.98 1.59
C ILE B 393 -8.17 -49.57 1.04
N PHE B 394 -7.12 -48.87 0.63
CA PHE B 394 -7.26 -47.48 0.25
C PHE B 394 -7.40 -47.27 -1.25
N GLY B 395 -6.72 -48.08 -2.06
CA GLY B 395 -6.76 -47.89 -3.49
C GLY B 395 -5.67 -46.96 -3.97
N ASP B 396 -5.93 -46.21 -5.04
CA ASP B 396 -4.94 -45.31 -5.60
C ASP B 396 -5.02 -43.91 -5.01
N ASP B 397 -6.19 -43.48 -4.55
CA ASP B 397 -6.38 -42.10 -4.11
C ASP B 397 -6.05 -41.96 -2.62
N ALA B 398 -4.80 -42.22 -2.29
CA ALA B 398 -4.33 -42.06 -0.91
C ALA B 398 -2.83 -41.90 -0.93
N CYS B 399 -2.31 -41.32 0.15
CA CYS B 399 -0.87 -41.19 0.36
C CYS B 399 -0.47 -42.06 1.54
N LEU B 400 0.47 -42.97 1.27
CA LEU B 400 1.02 -43.83 2.34
C LEU B 400 2.24 -43.10 2.89
N GLN B 401 2.29 -42.88 4.21
CA GLN B 401 3.35 -42.10 4.82
C GLN B 401 4.21 -42.99 5.70
N PHE B 402 5.52 -42.92 5.50
CA PHE B 402 6.47 -43.65 6.34
C PHE B 402 6.96 -42.74 7.45
N GLY B 403 6.03 -42.47 8.39
CA GLY B 403 6.31 -41.58 9.50
C GLY B 403 7.36 -42.11 10.44
N GLY B 404 7.70 -43.39 10.34
CA GLY B 404 8.83 -43.91 11.09
C GLY B 404 10.17 -43.44 10.59
N GLY B 405 10.21 -42.71 9.48
CA GLY B 405 11.47 -42.25 8.94
C GLY B 405 12.26 -43.28 8.19
N THR B 406 11.61 -44.43 7.95
CA THR B 406 12.27 -45.59 7.28
C THR B 406 13.57 -45.93 8.03
N LEU B 407 14.72 -45.77 7.36
CA LEU B 407 16.05 -46.01 7.99
C LEU B 407 16.26 -47.49 8.33
N GLY B 408 15.22 -48.33 8.17
CA GLY B 408 15.38 -49.74 8.42
C GLY B 408 16.12 -50.47 7.32
N HIS B 409 16.31 -49.81 6.18
CA HIS B 409 17.05 -50.43 5.05
C HIS B 409 18.55 -50.31 5.34
N PRO B 410 19.31 -51.43 5.39
CA PRO B 410 20.74 -51.37 5.75
C PRO B 410 21.58 -50.54 4.81
N TRP B 411 21.11 -50.30 3.58
CA TRP B 411 21.94 -49.60 2.61
C TRP B 411 21.89 -48.08 2.80
N GLY B 412 20.71 -47.53 3.01
CA GLY B 412 20.58 -46.10 3.22
C GLY B 412 19.15 -45.64 3.05
N ASN B 413 18.99 -44.32 3.11
CA ASN B 413 17.66 -43.72 2.96
C ASN B 413 17.15 -43.86 1.53
N ALA B 414 17.99 -43.51 0.56
CA ALA B 414 17.59 -43.56 -0.87
C ALA B 414 17.20 -44.98 -1.30
N PRO B 415 18.00 -46.05 -1.11
CA PRO B 415 17.57 -47.40 -1.48
C PRO B 415 16.31 -47.85 -0.72
N GLY B 416 16.16 -47.45 0.54
CA GLY B 416 14.93 -47.77 1.29
C GLY B 416 13.72 -47.16 0.62
N ALA B 417 13.85 -45.90 0.18
CA ALA B 417 12.75 -45.22 -0.54
C ALA B 417 12.46 -45.99 -1.83
N ALA B 418 13.51 -46.39 -2.54
CA ALA B 418 13.34 -47.13 -3.81
C ALA B 418 12.60 -48.44 -3.54
N ALA B 419 13.04 -49.18 -2.51
CA ALA B 419 12.38 -50.46 -2.16
C ALA B 419 10.89 -50.20 -1.96
N ASN B 420 10.55 -49.19 -1.17
CA ASN B 420 9.13 -48.85 -0.90
C ASN B 420 8.43 -48.56 -2.24
N ARG B 421 9.05 -47.72 -3.09
CA ARG B 421 8.42 -47.40 -4.36
C ARG B 421 8.23 -48.64 -5.23
N VAL B 422 9.24 -49.50 -5.26
CA VAL B 422 9.14 -50.74 -6.04
C VAL B 422 8.02 -51.61 -5.50
N ALA B 423 7.92 -51.72 -4.17
CA ALA B 423 6.86 -52.55 -3.59
C ALA B 423 5.48 -51.98 -3.92
N LEU B 424 5.31 -50.67 -3.79
CA LEU B 424 4.02 -50.07 -4.09
C LEU B 424 3.65 -50.26 -5.55
N GLU B 425 4.60 -50.05 -6.46
CA GLU B 425 4.30 -50.21 -7.88
C GLU B 425 4.00 -51.66 -8.22
N ALA B 426 4.72 -52.61 -7.61
CA ALA B 426 4.44 -54.02 -7.87
C ALA B 426 3.06 -54.41 -7.36
N CYS B 427 2.68 -53.94 -6.17
CA CYS B 427 1.35 -54.23 -5.66
C CYS B 427 0.27 -53.62 -6.54
N THR B 428 0.48 -52.39 -7.01
CA THR B 428 -0.50 -51.76 -7.89
C THR B 428 -0.63 -52.53 -9.19
N GLN B 429 0.49 -52.95 -9.76
CA GLN B 429 0.45 -53.71 -11.01
C GLN B 429 -0.29 -55.04 -10.81
N ALA B 430 -0.01 -55.72 -9.70
CA ALA B 430 -0.71 -56.97 -9.42
C ALA B 430 -2.20 -56.75 -9.26
N ARG B 431 -2.59 -55.69 -8.56
CA ARG B 431 -4.02 -55.41 -8.38
C ARG B 431 -4.68 -55.10 -9.72
N ASN B 432 -3.98 -54.39 -10.60
CA ASN B 432 -4.56 -54.08 -11.91
C ASN B 432 -4.73 -55.32 -12.78
N GLU B 433 -3.96 -56.37 -12.53
CA GLU B 433 -4.06 -57.60 -13.31
C GLU B 433 -5.21 -58.49 -12.88
N GLY B 434 -5.91 -58.15 -11.80
CA GLY B 434 -6.97 -58.99 -11.29
C GLY B 434 -6.59 -59.85 -10.12
N ARG B 435 -5.39 -59.68 -9.57
CA ARG B 435 -4.96 -60.45 -8.41
C ARG B 435 -5.70 -60.00 -7.16
N ASP B 436 -5.84 -60.93 -6.22
CA ASP B 436 -6.45 -60.64 -4.92
C ASP B 436 -5.32 -60.33 -3.94
N LEU B 437 -5.14 -59.05 -3.63
CA LEU B 437 -3.99 -58.63 -2.85
C LEU B 437 -4.00 -59.23 -1.45
N ALA B 438 -5.19 -59.28 -0.82
CA ALA B 438 -5.29 -59.82 0.53
C ALA B 438 -4.86 -61.27 0.62
N ARG B 439 -4.83 -61.98 -0.51
CA ARG B 439 -4.42 -63.38 -0.52
C ARG B 439 -3.05 -63.62 -1.15
N GLU B 440 -2.59 -62.74 -2.03
CA GLU B 440 -1.33 -62.95 -2.75
C GLU B 440 -0.33 -61.81 -2.53
N GLY B 441 -0.49 -61.05 -1.44
CA GLY B 441 0.44 -59.96 -1.18
C GLY B 441 1.87 -60.43 -0.98
N GLY B 442 2.04 -61.52 -0.21
CA GLY B 442 3.38 -62.06 -0.01
C GLY B 442 4.00 -62.57 -1.30
N ASP B 443 3.20 -63.25 -2.13
CA ASP B 443 3.71 -63.72 -3.42
C ASP B 443 4.14 -62.56 -4.30
N VAL B 444 3.33 -61.50 -4.34
CA VAL B 444 3.68 -60.35 -5.17
C VAL B 444 4.94 -59.68 -4.64
N ILE B 445 5.06 -59.55 -3.32
CA ILE B 445 6.24 -58.92 -2.74
C ILE B 445 7.49 -59.75 -3.06
N ARG B 446 7.38 -61.07 -2.91
CA ARG B 446 8.54 -61.96 -3.21
C ARG B 446 8.90 -61.83 -4.69
N ALA B 447 7.91 -61.87 -5.59
CA ALA B 447 8.20 -61.80 -7.01
C ALA B 447 8.88 -60.49 -7.38
N ALA B 448 8.44 -59.40 -6.74
CA ALA B 448 9.10 -58.09 -6.98
C ALA B 448 10.53 -58.13 -6.42
N CYS B 449 10.71 -58.77 -5.26
CA CYS B 449 12.02 -58.85 -4.64
C CYS B 449 12.99 -59.69 -5.47
N LYS B 450 12.46 -60.62 -6.25
CA LYS B 450 13.33 -61.52 -7.06
C LYS B 450 14.19 -60.70 -8.03
N TRP B 451 13.71 -59.53 -8.45
CA TRP B 451 14.44 -58.73 -9.48
C TRP B 451 14.93 -57.39 -8.89
N SER B 452 14.52 -57.06 -7.65
CA SER B 452 14.90 -55.77 -7.09
C SER B 452 15.94 -55.97 -5.99
N PRO B 453 17.21 -55.65 -6.25
CA PRO B 453 18.22 -55.75 -5.17
C PRO B 453 17.89 -54.85 -3.99
N GLU B 454 17.32 -53.67 -4.24
CA GLU B 454 16.98 -52.76 -3.15
C GLU B 454 15.89 -53.35 -2.27
N LEU B 455 14.86 -53.95 -2.89
CA LEU B 455 13.81 -54.61 -2.12
C LEU B 455 14.31 -55.89 -1.45
N ALA B 456 15.34 -56.53 -2.00
CA ALA B 456 15.89 -57.73 -1.37
C ALA B 456 16.48 -57.41 0.00
N ALA B 457 17.20 -56.30 0.11
CA ALA B 457 17.72 -55.87 1.40
C ALA B 457 16.64 -55.32 2.31
N ALA B 458 15.48 -55.02 1.75
CA ALA B 458 14.36 -54.48 2.57
C ALA B 458 13.47 -55.62 3.04
N CYS B 459 13.25 -56.62 2.18
CA CYS B 459 12.37 -57.73 2.52
C CYS B 459 12.95 -58.63 3.61
N GLU B 460 14.25 -58.53 3.87
CA GLU B 460 14.87 -59.30 4.94
C GLU B 460 14.67 -58.62 6.29
N GLN C 45 24.68 -50.97 -0.84
CA GLN C 45 24.72 -50.45 -2.24
C GLN C 45 24.27 -48.99 -2.23
N VAL C 46 24.58 -48.25 -3.30
CA VAL C 46 24.25 -46.79 -3.33
C VAL C 46 23.37 -46.49 -4.55
N TRP C 47 22.18 -45.92 -4.33
CA TRP C 47 21.31 -45.50 -5.46
C TRP C 47 22.12 -44.60 -6.39
N THR C 48 22.22 -44.96 -7.66
CA THR C 48 23.08 -44.17 -8.61
C THR C 48 22.38 -42.86 -8.97
N PRO C 49 23.04 -41.68 -8.88
CA PRO C 49 22.43 -40.42 -9.30
C PRO C 49 22.81 -40.09 -10.74
N LEU C 50 23.45 -41.02 -11.44
CA LEU C 50 23.92 -40.75 -12.83
C LEU C 50 23.03 -41.49 -13.83
N ASN C 51 22.46 -40.78 -14.79
CA ASN C 51 21.62 -41.42 -15.84
C ASN C 51 20.60 -42.36 -15.20
N ASN C 52 19.86 -41.89 -14.19
CA ASN C 52 18.82 -42.71 -13.54
C ASN C 52 17.50 -41.94 -13.55
N LYS C 53 16.98 -41.64 -14.76
CA LYS C 53 15.71 -40.88 -14.88
C LYS C 53 14.52 -41.85 -14.75
N PHE C 54 13.37 -41.35 -14.31
CA PHE C 54 12.19 -42.19 -14.14
C PHE C 54 10.98 -41.46 -14.66
N PHE C 55 9.93 -42.22 -15.00
CA PHE C 55 8.73 -41.61 -15.62
C PHE C 55 7.46 -41.98 -14.85
N GLU C 56 7.42 -41.68 -13.55
CA GLU C 56 6.19 -41.87 -12.73
C GLU C 56 5.73 -43.34 -12.63
N THR C 57 4.46 -43.62 -12.93
CA THR C 57 3.87 -44.97 -12.69
C THR C 57 4.59 -46.12 -13.40
N PHE C 58 4.81 -47.22 -12.69
CA PHE C 58 5.39 -48.45 -13.23
C PHE C 58 6.78 -48.24 -13.81
N SER C 59 7.40 -47.09 -13.57
CA SER C 59 8.74 -46.83 -14.09
C SER C 59 9.82 -47.52 -13.28
N TYR C 60 9.52 -47.93 -12.04
CA TYR C 60 10.48 -48.62 -11.18
C TYR C 60 10.40 -50.13 -11.29
N LEU C 61 9.49 -50.66 -12.08
CA LEU C 61 9.45 -52.06 -12.41
C LEU C 61 10.31 -52.33 -13.63
N PRO C 62 10.74 -53.59 -13.90
CA PRO C 62 11.46 -53.89 -15.14
C PRO C 62 10.61 -53.54 -16.36
N PRO C 63 11.21 -53.27 -17.54
CA PRO C 63 10.44 -52.88 -18.73
C PRO C 63 9.30 -53.88 -18.97
N MET C 64 8.08 -53.38 -19.18
CA MET C 64 6.92 -54.29 -19.31
C MET C 64 6.92 -54.98 -20.69
N THR C 65 6.56 -56.27 -20.73
CA THR C 65 6.48 -56.99 -21.98
C THR C 65 5.15 -56.68 -22.68
N ASP C 66 4.97 -57.27 -23.85
CA ASP C 66 3.74 -57.05 -24.60
C ASP C 66 2.53 -57.58 -23.85
N ALA C 67 2.66 -58.75 -23.21
CA ALA C 67 1.56 -59.32 -22.44
C ALA C 67 1.22 -58.43 -21.24
N GLU C 68 2.23 -57.89 -20.55
CA GLU C 68 1.96 -57.04 -19.41
C GLU C 68 1.30 -55.73 -19.82
N ILE C 69 1.77 -55.14 -20.91
CA ILE C 69 1.13 -53.90 -21.42
C ILE C 69 -0.32 -54.26 -21.76
N SER C 70 -0.53 -55.38 -22.46
CA SER C 70 -1.87 -55.78 -22.84
C SER C 70 -2.78 -55.93 -21.62
N ARG C 71 -2.27 -56.54 -20.55
CA ARG C 71 -3.07 -56.70 -19.35
C ARG C 71 -3.40 -55.35 -18.70
N GLN C 72 -2.44 -54.42 -18.70
CA GLN C 72 -2.71 -53.11 -18.17
C GLN C 72 -3.76 -52.36 -18.99
N VAL C 73 -3.68 -52.48 -20.31
CA VAL C 73 -4.67 -51.83 -21.17
C VAL C 73 -6.04 -52.48 -20.99
N ASP C 74 -6.07 -53.80 -20.81
CA ASP C 74 -7.34 -54.48 -20.51
C ASP C 74 -7.91 -54.01 -19.18
N TYR C 75 -7.06 -53.76 -18.20
CA TYR C 75 -7.55 -53.21 -16.93
C TYR C 75 -8.15 -51.82 -17.13
N ILE C 76 -7.50 -51.00 -17.94
CA ILE C 76 -8.04 -49.66 -18.22
C ILE C 76 -9.38 -49.76 -18.92
N VAL C 77 -9.48 -50.65 -19.91
CA VAL C 77 -10.72 -50.80 -20.68
C VAL C 77 -11.83 -51.36 -19.80
N SER C 78 -11.48 -52.30 -18.91
CA SER C 78 -12.49 -52.94 -18.03
C SER C 78 -13.19 -51.87 -17.18
N ASN C 79 -12.43 -50.90 -16.66
CA ASN C 79 -13.02 -49.88 -15.80
C ASN C 79 -13.95 -48.95 -16.56
N GLY C 80 -13.99 -49.03 -17.88
CA GLY C 80 -14.78 -48.12 -18.68
C GLY C 80 -14.01 -46.93 -19.22
N TRP C 81 -12.69 -46.96 -19.13
CA TRP C 81 -11.85 -45.82 -19.51
C TRP C 81 -11.28 -46.00 -20.90
N THR C 82 -10.83 -44.89 -21.48
CA THR C 82 -10.29 -44.88 -22.84
C THR C 82 -8.78 -44.85 -22.79
N PRO C 83 -8.09 -45.80 -23.42
CA PRO C 83 -6.62 -45.72 -23.50
C PRO C 83 -6.14 -44.99 -24.75
N CYS C 84 -5.07 -44.22 -24.57
CA CYS C 84 -4.42 -43.52 -25.67
C CYS C 84 -2.91 -43.60 -25.46
N LEU C 85 -2.18 -43.08 -26.45
CA LEU C 85 -0.70 -43.18 -26.41
C LEU C 85 -0.07 -41.79 -26.46
N GLU C 86 0.89 -41.55 -25.56
CA GLU C 86 1.65 -40.28 -25.58
C GLU C 86 3.10 -40.63 -25.92
N PHE C 87 3.81 -39.73 -26.59
CA PHE C 87 5.21 -39.95 -26.92
C PHE C 87 5.96 -38.62 -26.88
N ALA C 88 7.24 -38.71 -26.54
CA ALA C 88 8.09 -37.53 -26.52
C ALA C 88 9.55 -37.97 -26.69
N GLY C 89 10.29 -37.18 -27.46
CA GLY C 89 11.72 -37.41 -27.57
C GLY C 89 12.44 -37.02 -26.31
N ALA C 90 13.75 -37.30 -26.28
CA ALA C 90 14.54 -37.08 -25.08
C ALA C 90 14.63 -35.61 -24.72
N GLU C 91 14.49 -34.71 -25.69
CA GLU C 91 14.59 -33.28 -25.41
C GLU C 91 13.36 -32.73 -24.72
N SER C 92 12.21 -33.40 -24.82
CA SER C 92 10.99 -32.91 -24.18
C SER C 92 10.30 -34.01 -23.38
N ALA C 93 11.09 -34.89 -22.77
CA ALA C 93 10.54 -35.98 -21.97
C ALA C 93 10.56 -35.70 -20.47
N TYR C 94 11.60 -35.05 -19.98
CA TYR C 94 11.75 -34.78 -18.55
C TYR C 94 11.21 -33.39 -18.22
N THR C 95 10.79 -33.24 -16.97
CA THR C 95 10.29 -31.95 -16.50
C THR C 95 11.41 -30.92 -16.51
N SER C 96 11.04 -29.66 -16.76
CA SER C 96 12.01 -28.59 -16.87
C SER C 96 11.35 -27.27 -16.50
N ASN C 97 12.18 -26.27 -16.26
CA ASN C 97 11.75 -24.92 -15.91
C ASN C 97 12.14 -23.92 -16.98
N GLU C 98 12.01 -24.30 -18.25
CA GLU C 98 12.52 -23.45 -19.32
C GLU C 98 11.67 -22.19 -19.49
N ASN C 99 10.36 -22.30 -19.28
CA ASN C 99 9.45 -21.17 -19.49
C ASN C 99 9.19 -20.37 -18.23
N CYS C 100 9.75 -20.78 -17.09
CA CYS C 100 9.57 -20.02 -15.86
C CYS C 100 10.20 -18.63 -15.95
N VAL C 101 11.10 -18.41 -16.92
CA VAL C 101 11.70 -17.10 -17.11
C VAL C 101 10.69 -16.06 -17.55
N ARG C 102 9.55 -16.47 -18.08
CA ARG C 102 8.53 -15.55 -18.56
C ARG C 102 7.50 -15.20 -17.49
N MET C 103 7.63 -15.71 -16.28
CA MET C 103 6.59 -15.61 -15.28
C MET C 103 7.03 -14.77 -14.08
N GLN C 104 6.03 -14.18 -13.45
CA GLN C 104 6.31 -13.38 -12.23
C GLN C 104 5.41 -13.93 -11.13
N ASN C 105 5.36 -13.23 -10.00
CA ASN C 105 4.53 -13.60 -8.86
C ASN C 105 4.91 -14.95 -8.29
N THR C 106 4.66 -16.03 -9.02
CA THR C 106 5.00 -17.36 -8.54
C THR C 106 5.08 -18.30 -9.74
N THR C 107 5.78 -19.42 -9.53
CA THR C 107 5.80 -20.54 -10.48
C THR C 107 5.37 -21.84 -9.82
N CYS C 108 4.66 -21.75 -8.70
CA CYS C 108 4.25 -22.94 -7.96
C CYS C 108 3.38 -23.84 -8.83
N LEU C 109 3.70 -25.14 -8.84
CA LEU C 109 2.88 -26.15 -9.58
C LEU C 109 2.98 -25.98 -11.10
N TYR C 110 3.93 -25.17 -11.59
CA TYR C 110 4.16 -25.08 -13.02
C TYR C 110 5.44 -25.82 -13.37
N TYR C 111 5.34 -26.75 -14.30
CA TYR C 111 6.49 -27.47 -14.81
C TYR C 111 6.29 -27.72 -16.30
N ASP C 112 7.38 -27.64 -17.04
CA ASP C 112 7.34 -27.89 -18.47
C ASP C 112 7.44 -29.37 -18.76
N ASN C 113 7.02 -29.75 -19.96
CA ASN C 113 7.06 -31.13 -20.46
C ASN C 113 6.14 -32.07 -19.69
N ARG C 114 5.21 -31.53 -18.89
CA ARG C 114 4.18 -32.40 -18.32
C ARG C 114 3.29 -32.96 -19.41
N TYR C 115 2.99 -32.14 -20.42
CA TYR C 115 2.27 -32.61 -21.60
C TYR C 115 3.21 -33.30 -22.57
N TRP C 116 2.83 -34.49 -23.01
CA TRP C 116 3.48 -35.14 -24.13
C TRP C 116 2.60 -34.94 -25.37
N THR C 117 2.96 -35.63 -26.46
CA THR C 117 2.19 -35.48 -27.73
C THR C 117 1.29 -36.70 -27.91
N MET C 118 0.02 -36.48 -28.22
CA MET C 118 -0.94 -37.61 -28.42
C MET C 118 -0.59 -38.37 -29.70
N TRP C 119 -0.74 -39.69 -29.67
CA TRP C 119 -0.40 -40.52 -30.86
C TRP C 119 -1.70 -40.95 -31.56
N CYS C 126 -8.73 -47.35 -29.87
CA CYS C 126 -8.89 -47.35 -28.42
C CYS C 126 -10.07 -48.21 -27.99
N THR C 127 -9.99 -49.51 -28.29
CA THR C 127 -11.07 -50.45 -27.97
C THR C 127 -10.63 -51.60 -27.07
N ASP C 128 -9.40 -52.07 -27.20
CA ASP C 128 -8.95 -53.26 -26.46
C ASP C 128 -7.43 -53.23 -26.38
N GLY C 129 -6.88 -54.24 -25.71
CA GLY C 129 -5.44 -54.31 -25.53
C GLY C 129 -4.68 -54.53 -26.82
N GLY C 130 -5.22 -55.37 -27.71
CA GLY C 130 -4.53 -55.67 -28.95
C GLY C 130 -4.35 -54.45 -29.84
N GLN C 131 -5.39 -53.62 -29.95
CA GLN C 131 -5.29 -52.42 -30.77
C GLN C 131 -4.26 -51.44 -30.22
N VAL C 132 -4.26 -51.25 -28.90
CA VAL C 132 -3.30 -50.35 -28.28
C VAL C 132 -1.88 -50.90 -28.43
N LEU C 133 -1.72 -52.22 -28.37
CA LEU C 133 -0.41 -52.81 -28.61
C LEU C 133 0.05 -52.59 -30.05
N ARG C 134 -0.86 -52.75 -31.01
CA ARG C 134 -0.52 -52.48 -32.40
C ARG C 134 -0.11 -51.01 -32.58
N GLU C 135 -0.84 -50.11 -31.94
CA GLU C 135 -0.46 -48.70 -31.99
C GLU C 135 0.87 -48.44 -31.32
N VAL C 136 1.20 -49.19 -30.27
CA VAL C 136 2.49 -49.05 -29.62
C VAL C 136 3.61 -49.44 -30.56
N GLN C 137 3.46 -50.56 -31.27
CA GLN C 137 4.44 -50.94 -32.28
C GLN C 137 4.53 -49.91 -33.41
N ALA C 138 3.39 -49.38 -33.83
CA ALA C 138 3.41 -48.35 -34.88
C ALA C 138 4.16 -47.10 -34.42
N CYS C 139 3.91 -46.67 -33.18
CA CYS C 139 4.62 -45.50 -32.65
C CYS C 139 6.10 -45.79 -32.50
N ARG C 140 6.45 -47.01 -32.08
CA ARG C 140 7.86 -47.40 -31.99
C ARG C 140 8.54 -47.30 -33.34
N ARG C 141 7.90 -47.81 -34.39
CA ARG C 141 8.50 -47.75 -35.72
C ARG C 141 8.62 -46.31 -36.19
N ALA C 142 7.58 -45.49 -35.98
CA ALA C 142 7.58 -44.13 -36.48
C ALA C 142 8.57 -43.25 -35.73
N PHE C 143 8.62 -43.41 -34.40
CA PHE C 143 9.53 -42.61 -33.55
C PHE C 143 10.36 -43.55 -32.67
N PRO C 144 11.47 -44.12 -33.18
CA PRO C 144 12.26 -45.10 -32.40
C PRO C 144 13.01 -44.47 -31.22
N ASP C 145 13.27 -43.17 -31.27
CA ASP C 145 14.06 -42.51 -30.20
C ASP C 145 13.13 -41.75 -29.26
N ALA C 146 11.88 -42.21 -29.12
CA ALA C 146 10.90 -41.48 -28.28
C ALA C 146 10.33 -42.38 -27.18
N TYR C 147 10.14 -41.84 -25.98
CA TYR C 147 9.49 -42.61 -24.90
C TYR C 147 7.99 -42.67 -25.20
N ILE C 148 7.38 -43.84 -25.01
CA ILE C 148 5.91 -43.97 -25.25
C ILE C 148 5.21 -44.14 -23.90
N ARG C 149 4.09 -43.44 -23.71
CA ARG C 149 3.34 -43.52 -22.42
C ARG C 149 1.87 -43.83 -22.68
N VAL C 150 1.32 -44.83 -21.99
CA VAL C 150 -0.09 -45.18 -22.13
C VAL C 150 -0.88 -44.35 -21.13
N VAL C 151 -1.87 -43.62 -21.61
CA VAL C 151 -2.70 -42.77 -20.77
C VAL C 151 -4.13 -43.31 -20.76
N GLY C 152 -4.83 -43.06 -19.66
CA GLY C 152 -6.21 -43.46 -19.53
C GLY C 152 -7.08 -42.24 -19.26
N PHE C 153 -8.28 -42.23 -19.85
CA PHE C 153 -9.19 -41.07 -19.67
C PHE C 153 -10.58 -41.57 -19.29
N ASP C 154 -11.09 -41.12 -18.13
CA ASP C 154 -12.48 -41.48 -17.74
C ASP C 154 -13.42 -40.67 -18.64
N PRO C 155 -14.28 -41.32 -19.47
CA PRO C 155 -15.12 -40.58 -20.42
C PRO C 155 -16.27 -39.81 -19.72
N VAL C 156 -16.64 -40.22 -18.52
CA VAL C 156 -17.78 -39.56 -17.80
C VAL C 156 -17.25 -38.32 -17.07
N ARG C 157 -16.24 -38.50 -16.21
CA ARG C 157 -15.68 -37.37 -15.43
C ARG C 157 -14.83 -36.49 -16.35
N GLN C 158 -14.43 -37.00 -17.52
CA GLN C 158 -13.57 -36.23 -18.45
C GLN C 158 -12.28 -35.83 -17.73
N VAL C 159 -11.66 -36.77 -17.01
CA VAL C 159 -10.38 -36.49 -16.30
C VAL C 159 -9.37 -37.59 -16.67
N GLN C 160 -8.06 -37.30 -16.60
CA GLN C 160 -7.08 -38.38 -16.86
C GLN C 160 -7.01 -39.27 -15.63
N VAL C 161 -7.12 -40.59 -15.81
CA VAL C 161 -7.12 -41.52 -14.69
C VAL C 161 -5.93 -42.46 -14.70
N SER C 162 -5.18 -42.49 -15.80
CA SER C 162 -4.04 -43.44 -15.91
C SER C 162 -2.88 -42.80 -16.69
N GLY C 163 -1.66 -43.28 -16.44
CA GLY C 163 -0.47 -42.74 -17.15
C GLY C 163 0.78 -43.52 -16.77
N PHE C 164 1.16 -44.50 -17.59
CA PHE C 164 2.37 -45.32 -17.31
C PHE C 164 3.23 -45.45 -18.57
N LEU C 165 4.56 -45.36 -18.40
CA LEU C 165 5.49 -45.49 -19.55
C LEU C 165 5.53 -46.95 -20.01
N VAL C 166 5.58 -47.18 -21.32
CA VAL C 166 5.58 -48.58 -21.87
C VAL C 166 6.77 -48.75 -22.81
N ASN C 167 7.53 -47.68 -23.05
CA ASN C 167 8.67 -47.78 -24.00
C ASN C 167 9.80 -46.83 -23.61
N ARG C 168 11.04 -47.31 -23.60
CA ARG C 168 12.22 -46.44 -23.32
C ARG C 168 13.17 -46.58 -24.52
N PRO C 169 13.48 -45.49 -25.27
CA PRO C 169 14.30 -45.62 -26.48
C PRO C 169 15.68 -46.20 -26.16
N ALA C 170 16.05 -47.29 -26.83
CA ALA C 170 17.36 -47.92 -26.61
C ALA C 170 18.47 -46.88 -26.89
N SER C 171 18.28 -46.04 -27.90
CA SER C 171 19.29 -45.02 -28.27
C SER C 171 19.60 -44.12 -27.06
N VAL C 172 18.56 -43.67 -26.35
CA VAL C 172 18.77 -42.74 -25.21
C VAL C 172 19.28 -43.54 -24.01
N ARG C 173 20.24 -42.98 -23.25
CA ARG C 173 20.83 -43.70 -22.09
C ARG C 173 20.71 -42.82 -20.85
N ASP C 174 19.56 -42.14 -20.68
CA ASP C 174 19.35 -41.26 -19.50
C ASP C 174 18.72 -42.07 -18.37
N TYR C 175 18.55 -43.37 -18.56
CA TYR C 175 17.87 -44.22 -17.54
C TYR C 175 18.73 -45.45 -17.23
N GLN C 176 18.54 -46.05 -16.06
CA GLN C 176 19.31 -47.27 -15.68
C GLN C 176 18.43 -48.50 -15.84
N GLY C 177 18.96 -49.68 -15.46
CA GLY C 177 18.16 -50.92 -15.51
C GLY C 177 17.91 -51.42 -14.10
N PRO C 178 16.96 -52.37 -13.87
CA PRO C 178 16.62 -52.81 -12.51
C PRO C 178 17.85 -53.16 -11.66
N SER C 179 18.90 -53.71 -12.27
CA SER C 179 20.11 -54.14 -11.50
C SER C 179 21.15 -53.02 -11.47
N THR C 180 21.09 -52.06 -12.39
CA THR C 180 22.12 -51.01 -12.48
C THR C 180 21.64 -49.75 -11.73
N ARG C 181 20.48 -49.82 -11.08
CA ARG C 181 19.93 -48.67 -10.32
C ARG C 181 20.75 -48.46 -9.04
N SER C 182 21.42 -49.52 -8.56
CA SER C 182 22.29 -49.38 -7.36
C SER C 182 23.72 -49.78 -7.70
N VAL C 183 24.72 -49.04 -7.21
CA VAL C 183 26.14 -49.33 -7.53
C VAL C 183 26.94 -49.40 -6.22
N LEU D 22 22.32 2.20 54.80
CA LEU D 22 22.19 2.25 53.35
C LEU D 22 21.09 1.30 52.88
N THR D 23 20.03 1.87 52.32
CA THR D 23 18.93 1.05 51.81
C THR D 23 19.29 0.35 50.51
N TYR D 24 20.36 0.77 49.85
CA TYR D 24 20.71 0.27 48.53
C TYR D 24 21.94 -0.63 48.53
N TYR D 25 22.58 -0.80 49.68
CA TYR D 25 23.67 -1.77 49.84
C TYR D 25 23.14 -2.90 50.71
N THR D 26 22.96 -4.08 50.11
CA THR D 26 22.39 -5.25 50.79
C THR D 26 23.34 -6.42 50.59
N PRO D 27 24.40 -6.50 51.38
CA PRO D 27 25.37 -7.59 51.20
C PRO D 27 24.81 -8.98 51.46
N ASP D 28 23.66 -9.10 52.11
CA ASP D 28 23.03 -10.39 52.33
C ASP D 28 22.04 -10.77 51.24
N TYR D 29 21.88 -9.92 50.21
CA TYR D 29 20.92 -10.20 49.15
C TYR D 29 21.43 -11.29 48.23
N GLN D 30 20.55 -12.21 47.87
CA GLN D 30 20.88 -13.26 46.91
C GLN D 30 20.23 -12.93 45.58
N PRO D 31 21.01 -12.67 44.53
CA PRO D 31 20.41 -12.26 43.25
C PRO D 31 19.48 -13.33 42.70
N LYS D 32 18.38 -12.89 42.10
CA LYS D 32 17.38 -13.79 41.56
C LYS D 32 17.84 -14.36 40.22
N ASP D 33 17.13 -15.37 39.74
CA ASP D 33 17.50 -16.01 38.45
C ASP D 33 17.14 -15.08 37.29
N THR D 34 16.33 -14.05 37.55
CA THR D 34 15.91 -13.13 36.50
C THR D 34 16.55 -11.75 36.61
N ASP D 35 17.41 -11.53 37.61
CA ASP D 35 18.06 -10.24 37.76
C ASP D 35 19.10 -10.02 36.67
N ILE D 36 19.23 -8.77 36.23
CA ILE D 36 20.34 -8.35 35.38
C ILE D 36 21.43 -7.86 36.32
N LEU D 37 22.62 -8.44 36.19
CA LEU D 37 23.72 -8.15 37.10
C LEU D 37 24.81 -7.38 36.36
N ALA D 38 25.35 -6.37 37.01
CA ALA D 38 26.45 -5.57 36.49
C ALA D 38 27.60 -5.61 37.47
N ALA D 39 28.83 -5.66 36.95
CA ALA D 39 30.03 -5.63 37.77
C ALA D 39 30.78 -4.34 37.43
N PHE D 40 30.71 -3.37 38.32
CA PHE D 40 31.34 -2.07 38.12
C PHE D 40 32.68 -2.04 38.83
N ARG D 41 33.72 -1.61 38.12
CA ARG D 41 35.02 -1.31 38.71
C ARG D 41 35.04 0.19 38.98
N MET D 42 34.99 0.53 40.27
CA MET D 42 34.88 1.97 40.63
C MET D 42 36.00 2.42 41.56
N THR D 43 36.48 3.65 41.37
CA THR D 43 37.46 4.28 42.25
C THR D 43 36.81 5.48 42.91
N PRO D 44 36.35 5.38 44.15
CA PRO D 44 35.69 6.52 44.79
C PRO D 44 36.68 7.60 45.19
N GLN D 45 36.15 8.81 45.36
CA GLN D 45 36.97 9.92 45.82
C GLN D 45 37.44 9.64 47.24
N PRO D 46 38.61 10.15 47.63
CA PRO D 46 39.10 9.91 48.99
C PRO D 46 38.13 10.44 50.02
N GLY D 47 37.94 9.65 51.08
CA GLY D 47 36.97 9.93 52.11
C GLY D 47 35.63 9.27 51.91
N VAL D 48 35.33 8.82 50.70
CA VAL D 48 34.08 8.12 50.41
C VAL D 48 34.32 6.63 50.60
N PRO D 49 33.62 5.98 51.55
CA PRO D 49 33.79 4.54 51.72
C PRO D 49 33.26 3.80 50.51
N PRO D 50 33.82 2.63 50.20
CA PRO D 50 33.33 1.87 49.03
C PRO D 50 31.86 1.50 49.13
N GLU D 51 31.38 1.25 50.35
CA GLU D 51 29.95 0.82 50.52
C GLU D 51 29.04 1.98 50.11
N GLU D 52 29.40 3.21 50.45
CA GLU D 52 28.61 4.38 50.06
C GLU D 52 28.61 4.57 48.55
N ALA D 53 29.75 4.36 47.89
CA ALA D 53 29.82 4.52 46.45
C ALA D 53 29.00 3.46 45.72
N GLY D 54 29.12 2.21 46.17
CA GLY D 54 28.27 1.16 45.59
C GLY D 54 26.80 1.43 45.80
N ALA D 55 26.46 1.95 46.98
CA ALA D 55 25.03 2.29 47.25
C ALA D 55 24.56 3.34 46.23
N ALA D 56 25.41 4.34 45.94
CA ALA D 56 25.04 5.42 45.01
C ALA D 56 24.81 4.84 43.60
N VAL D 57 25.73 4.00 43.11
CA VAL D 57 25.58 3.38 41.76
C VAL D 57 24.29 2.57 41.75
N ALA D 58 24.03 1.81 42.81
CA ALA D 58 22.79 0.99 42.90
C ALA D 58 21.57 1.91 42.83
N ALA D 59 21.61 3.03 43.54
CA ALA D 59 20.46 3.96 43.56
C ALA D 59 20.29 4.61 42.18
N ARG D 79 11.27 -2.24 45.18
CA ARG D 79 10.79 -3.31 44.25
C ARG D 79 11.46 -3.13 42.89
N TYR D 80 11.63 -1.89 42.45
CA TYR D 80 12.30 -1.61 41.14
C TYR D 80 13.63 -0.92 41.40
N LYS D 81 14.15 -1.04 42.61
CA LYS D 81 15.41 -0.33 42.95
C LYS D 81 16.60 -1.23 42.66
N GLY D 82 17.64 -0.68 42.03
CA GLY D 82 18.87 -1.48 41.85
C GLY D 82 19.59 -1.54 43.18
N ARG D 83 20.24 -2.65 43.49
CA ARG D 83 20.85 -2.77 44.81
C ARG D 83 22.25 -3.36 44.67
N CYS D 84 23.16 -2.85 45.49
CA CYS D 84 24.52 -3.37 45.57
C CYS D 84 24.53 -4.53 46.55
N TYR D 85 24.79 -5.73 46.04
CA TYR D 85 24.73 -6.94 46.91
C TYR D 85 26.13 -7.46 47.24
N ASP D 86 27.14 -6.99 46.50
CA ASP D 86 28.51 -7.53 46.71
C ASP D 86 29.57 -6.49 46.33
N ILE D 87 30.55 -6.28 47.21
CA ILE D 87 31.66 -5.39 46.95
C ILE D 87 32.95 -6.13 47.29
N GLU D 88 33.85 -6.20 46.33
CA GLU D 88 35.16 -6.84 46.57
C GLU D 88 36.26 -5.83 46.21
N PRO D 89 37.32 -5.63 47.03
CA PRO D 89 38.42 -4.75 46.65
C PRO D 89 39.32 -5.41 45.60
N VAL D 90 39.93 -4.59 44.73
CA VAL D 90 40.84 -5.12 43.68
C VAL D 90 42.25 -5.26 44.29
N PRO D 91 42.75 -6.49 44.54
CA PRO D 91 44.05 -6.68 45.17
C PRO D 91 45.17 -6.28 44.19
N GLY D 92 45.91 -5.22 44.52
CA GLY D 92 47.01 -4.76 43.65
C GLY D 92 46.67 -3.47 42.94
N GLU D 93 45.59 -2.80 43.36
CA GLU D 93 45.20 -1.51 42.74
C GLU D 93 44.96 -0.47 43.85
N GLU D 94 44.93 0.82 43.49
CA GLU D 94 44.79 1.89 44.50
C GLU D 94 43.31 2.24 44.69
N ASN D 95 42.75 1.91 45.86
CA ASN D 95 41.33 2.27 46.17
C ASN D 95 40.42 1.88 45.00
N GLN D 96 40.61 0.69 44.44
CA GLN D 96 39.72 0.20 43.35
C GLN D 96 38.88 -0.95 43.88
N TYR D 97 37.57 -0.93 43.61
CA TYR D 97 36.66 -1.98 44.12
C TYR D 97 35.73 -2.46 43.00
N ILE D 98 35.27 -3.70 43.09
CA ILE D 98 34.29 -4.21 42.13
C ILE D 98 32.94 -4.23 42.82
N ALA D 99 31.98 -3.48 42.28
CA ALA D 99 30.63 -3.42 42.88
C ALA D 99 29.64 -4.21 42.02
N TYR D 100 28.95 -5.17 42.65
CA TYR D 100 27.98 -6.01 41.91
C TYR D 100 26.57 -5.48 42.13
N ILE D 101 25.88 -5.10 41.04
CA ILE D 101 24.52 -4.49 41.15
C ILE D 101 23.48 -5.45 40.58
N ALA D 102 22.32 -5.57 41.25
CA ALA D 102 21.25 -6.44 40.78
C ALA D 102 20.06 -5.57 40.39
N TYR D 103 19.62 -5.70 39.14
CA TYR D 103 18.47 -4.96 38.64
C TYR D 103 17.32 -5.91 38.40
N PRO D 104 16.11 -5.58 38.84
CA PRO D 104 14.96 -6.43 38.56
C PRO D 104 14.66 -6.49 37.07
N LEU D 105 14.14 -7.65 36.64
CA LEU D 105 13.86 -7.86 35.22
C LEU D 105 12.79 -6.91 34.70
N ASP D 106 11.88 -6.46 35.58
CA ASP D 106 10.76 -5.58 35.15
C ASP D 106 11.24 -4.18 34.76
N LEU D 107 12.51 -3.87 34.99
CA LEU D 107 13.00 -2.53 34.73
C LEU D 107 13.22 -2.24 33.25
N PHE D 108 13.35 -3.26 32.42
CA PHE D 108 13.82 -3.10 31.06
C PHE D 108 12.73 -3.45 30.05
N GLU D 109 12.87 -2.88 28.86
CA GLU D 109 11.93 -3.18 27.76
C GLU D 109 12.41 -4.43 27.03
N GLU D 110 11.50 -5.35 26.73
CA GLU D 110 11.84 -6.60 26.07
C GLU D 110 12.53 -6.34 24.73
N GLY D 111 13.64 -7.03 24.52
CA GLY D 111 14.34 -6.97 23.25
C GLY D 111 14.89 -5.61 22.87
N SER D 112 15.30 -4.82 23.85
CA SER D 112 15.76 -3.45 23.60
C SER D 112 17.14 -3.25 24.23
N VAL D 113 18.19 -3.34 23.42
CA VAL D 113 19.52 -3.02 23.89
C VAL D 113 19.63 -1.54 24.24
N THR D 114 18.94 -0.68 23.48
CA THR D 114 18.93 0.73 23.76
C THR D 114 18.47 1.01 25.18
N ASN D 115 17.35 0.40 25.57
CA ASN D 115 16.81 0.62 26.95
C ASN D 115 17.79 0.05 27.98
N LEU D 116 18.35 -1.12 27.72
CA LEU D 116 19.28 -1.72 28.67
C LEU D 116 20.44 -0.78 28.95
N PHE D 117 21.02 -0.21 27.88
CA PHE D 117 22.13 0.72 28.09
C PHE D 117 21.67 2.02 28.72
N THR D 118 20.46 2.47 28.39
CA THR D 118 19.94 3.67 29.05
C THR D 118 19.76 3.45 30.55
N SER D 119 19.29 2.27 30.94
CA SER D 119 19.06 2.02 32.35
C SER D 119 20.37 1.81 33.11
N ILE D 120 21.29 1.00 32.55
CA ILE D 120 22.46 0.62 33.32
C ILE D 120 23.48 1.75 33.35
N VAL D 121 23.80 2.31 32.17
CA VAL D 121 24.90 3.32 32.11
C VAL D 121 24.39 4.67 31.60
N GLY D 122 23.09 4.95 31.76
CA GLY D 122 22.53 6.25 31.31
C GLY D 122 23.22 7.42 31.98
N ASN D 123 22.99 7.61 33.28
CA ASN D 123 23.68 8.69 33.99
C ASN D 123 24.25 8.10 35.27
N VAL D 124 25.39 7.44 35.16
CA VAL D 124 26.13 6.98 36.33
C VAL D 124 27.61 7.27 36.24
N PHE D 125 28.10 7.58 35.03
CA PHE D 125 29.53 7.89 34.84
C PHE D 125 29.78 9.36 35.19
N GLY D 126 28.72 10.15 35.41
CA GLY D 126 28.83 11.52 35.80
C GLY D 126 28.72 11.79 37.28
N PHE D 127 28.80 10.76 38.12
CA PHE D 127 28.74 10.96 39.56
C PHE D 127 30.03 11.56 40.08
N LYS D 128 29.92 12.67 40.82
CA LYS D 128 31.13 13.35 41.34
C LYS D 128 31.80 12.49 42.42
N ALA D 129 31.03 11.65 43.11
CA ALA D 129 31.59 10.85 44.20
C ALA D 129 32.55 9.78 43.70
N LEU D 130 32.62 9.56 42.40
CA LEU D 130 33.48 8.52 41.83
C LEU D 130 34.58 9.19 41.01
N ARG D 131 35.83 8.93 41.39
CA ARG D 131 36.94 9.40 40.59
C ARG D 131 36.94 8.75 39.21
N ALA D 132 36.71 7.44 39.16
CA ALA D 132 36.62 6.71 37.91
C ALA D 132 35.63 5.58 38.07
N LEU D 133 34.97 5.22 36.97
CA LEU D 133 33.98 4.14 36.97
C LEU D 133 34.09 3.38 35.66
N ARG D 134 34.06 2.05 35.75
CA ARG D 134 34.19 1.20 34.54
C ARG D 134 33.26 -0.02 34.63
N LEU D 135 32.30 -0.13 33.72
CA LEU D 135 31.46 -1.32 33.66
C LEU D 135 32.27 -2.46 33.06
N GLU D 136 32.42 -3.54 33.80
CA GLU D 136 33.26 -4.65 33.39
C GLU D 136 32.49 -5.79 32.75
N ASP D 137 31.32 -6.13 33.30
CA ASP D 137 30.58 -7.28 32.82
C ASP D 137 29.10 -7.08 33.07
N LEU D 138 28.29 -7.84 32.34
CA LEU D 138 26.85 -7.90 32.54
C LEU D 138 26.43 -9.36 32.60
N ARG D 139 25.39 -9.63 33.40
CA ARG D 139 24.74 -10.94 33.40
C ARG D 139 23.34 -10.76 32.84
N ILE D 140 23.12 -11.28 31.64
CA ILE D 140 21.80 -11.23 31.00
C ILE D 140 21.07 -12.53 31.37
N PRO D 141 20.02 -12.47 32.18
CA PRO D 141 19.31 -13.68 32.53
C PRO D 141 18.66 -14.30 31.30
N PRO D 142 18.51 -15.65 31.21
CA PRO D 142 17.82 -16.27 30.07
C PRO D 142 16.46 -15.61 29.78
N ALA D 143 15.70 -15.29 30.84
CA ALA D 143 14.35 -14.68 30.66
C ALA D 143 14.48 -13.44 29.75
N TYR D 144 15.49 -12.61 29.98
CA TYR D 144 15.72 -11.43 29.11
C TYR D 144 16.25 -11.89 27.75
N VAL D 145 17.19 -12.85 27.73
CA VAL D 145 17.78 -13.24 26.45
C VAL D 145 16.70 -13.72 25.49
N LYS D 146 15.70 -14.44 26.00
CA LYS D 146 14.67 -14.98 25.13
C LYS D 146 13.83 -13.90 24.46
N THR D 147 13.86 -12.67 24.96
CA THR D 147 13.10 -11.61 24.33
C THR D 147 13.82 -10.99 23.13
N PHE D 148 15.07 -11.38 22.88
CA PHE D 148 15.84 -10.86 21.77
C PHE D 148 15.88 -11.86 20.63
N GLN D 149 15.85 -11.37 19.39
CA GLN D 149 16.05 -12.24 18.25
C GLN D 149 17.47 -12.76 18.17
N GLY D 150 18.45 -11.90 18.44
CA GLY D 150 19.84 -12.28 18.34
C GLY D 150 20.37 -12.12 16.93
N PRO D 151 21.52 -12.73 16.65
CA PRO D 151 22.10 -12.61 15.32
C PRO D 151 21.19 -13.26 14.30
N PRO D 152 21.15 -12.71 13.07
CA PRO D 152 20.22 -13.24 12.06
C PRO D 152 20.44 -14.71 11.74
N HIS D 153 21.69 -15.14 11.65
CA HIS D 153 21.93 -16.54 11.23
C HIS D 153 22.78 -17.22 12.30
N GLY D 154 23.91 -16.61 12.63
CA GLY D 154 24.83 -17.25 13.60
C GLY D 154 25.98 -17.91 12.87
N ILE D 155 26.85 -18.60 13.59
CA ILE D 155 28.03 -19.22 13.00
C ILE D 155 27.66 -20.48 12.21
N GLN D 156 26.89 -21.37 12.81
CA GLN D 156 26.61 -22.64 12.15
C GLN D 156 25.77 -22.45 10.90
N VAL D 157 24.75 -21.59 10.98
CA VAL D 157 23.91 -21.32 9.78
C VAL D 157 24.78 -20.62 8.72
N GLU D 158 25.70 -19.74 9.14
CA GLU D 158 26.59 -19.09 8.15
C GLU D 158 27.39 -20.18 7.44
N ARG D 159 28.04 -21.07 8.19
CA ARG D 159 28.87 -22.15 7.59
C ARG D 159 28.01 -22.98 6.63
N ASP D 160 26.78 -23.33 7.03
CA ASP D 160 25.93 -24.14 6.16
C ASP D 160 25.57 -23.40 4.88
N LYS D 161 25.27 -22.11 5.00
CA LYS D 161 24.86 -21.30 3.81
C LYS D 161 26.07 -21.15 2.87
N LEU D 162 27.25 -20.89 3.42
CA LEU D 162 28.44 -20.70 2.61
C LEU D 162 29.12 -22.01 2.24
N ASN D 163 28.72 -23.12 2.87
CA ASN D 163 29.29 -24.46 2.52
C ASN D 163 30.80 -24.48 2.78
N LYS D 164 31.26 -23.81 3.82
CA LYS D 164 32.67 -23.79 4.18
C LYS D 164 32.83 -24.34 5.59
N TYR D 165 33.62 -25.39 5.73
CA TYR D 165 33.76 -26.09 7.00
C TYR D 165 35.24 -26.33 7.31
N GLY D 166 35.53 -26.41 8.60
CA GLY D 166 36.83 -26.88 9.05
C GLY D 166 37.96 -25.90 8.94
N ARG D 167 37.67 -24.62 8.70
CA ARG D 167 38.72 -23.64 8.53
C ARG D 167 38.17 -22.26 8.82
N GLY D 168 39.06 -21.35 9.17
CA GLY D 168 38.68 -19.96 9.32
C GLY D 168 38.37 -19.31 7.99
N LEU D 169 37.60 -18.23 8.05
CA LEU D 169 37.28 -17.47 6.86
C LEU D 169 38.30 -16.35 6.66
N LEU D 170 38.42 -15.90 5.42
CA LEU D 170 39.41 -14.91 5.03
C LEU D 170 38.74 -13.71 4.38
N GLY D 171 39.21 -12.52 4.72
CA GLY D 171 38.66 -11.31 4.15
C GLY D 171 39.74 -10.26 3.93
N CYS D 172 39.42 -9.32 3.06
CA CYS D 172 40.31 -8.22 2.75
C CYS D 172 39.54 -6.91 2.73
N THR D 173 40.21 -5.82 3.12
CA THR D 173 39.58 -4.49 3.05
C THR D 173 40.09 -3.81 1.78
N ILE D 174 39.20 -3.51 0.82
CA ILE D 174 39.65 -2.94 -0.48
C ILE D 174 40.42 -1.65 -0.22
N LYS D 175 41.65 -1.55 -0.73
CA LYS D 175 42.51 -0.36 -0.50
C LYS D 175 42.99 0.18 -1.85
N PRO D 176 42.88 1.49 -2.15
CA PRO D 176 42.96 2.55 -1.12
C PRO D 176 41.65 2.76 -0.37
N LYS D 177 41.73 3.36 0.82
CA LYS D 177 40.52 3.56 1.67
C LYS D 177 39.46 4.34 0.89
N LEU D 178 39.84 5.48 0.29
CA LEU D 178 38.83 6.35 -0.38
C LEU D 178 39.38 6.87 -1.71
N GLY D 179 38.53 7.51 -2.51
CA GLY D 179 38.97 8.08 -3.80
C GLY D 179 38.72 7.15 -4.97
N LEU D 180 38.61 5.84 -4.71
CA LEU D 180 38.46 4.86 -5.81
C LEU D 180 37.06 4.96 -6.41
N SER D 181 36.94 4.84 -7.74
CA SER D 181 35.61 4.85 -8.40
C SER D 181 34.92 3.49 -8.17
N ALA D 182 33.60 3.45 -8.28
CA ALA D 182 32.85 2.18 -8.09
C ALA D 182 33.40 1.10 -9.03
N LYS D 183 33.71 1.46 -10.28
CA LYS D 183 34.27 0.49 -11.25
C LYS D 183 35.59 -0.06 -10.70
N ASN D 184 36.50 0.82 -10.29
CA ASN D 184 37.81 0.37 -9.81
C ASN D 184 37.67 -0.38 -8.49
N TYR D 185 36.71 0.04 -7.67
CA TYR D 185 36.44 -0.71 -6.41
C TYR D 185 36.01 -2.13 -6.77
N GLY D 186 35.08 -2.27 -7.72
CA GLY D 186 34.66 -3.59 -8.13
C GLY D 186 35.78 -4.41 -8.72
N ARG D 187 36.67 -3.77 -9.48
CA ARG D 187 37.82 -4.47 -10.09
C ARG D 187 38.70 -5.03 -8.97
N ALA D 188 38.99 -4.20 -7.95
CA ALA D 188 39.80 -4.66 -6.84
C ALA D 188 39.12 -5.80 -6.10
N VAL D 189 37.80 -5.70 -5.91
CA VAL D 189 37.05 -6.77 -5.23
C VAL D 189 37.19 -8.07 -6.01
N TYR D 190 36.99 -8.02 -7.33
CA TYR D 190 37.07 -9.23 -8.14
C TYR D 190 38.46 -9.82 -8.12
N GLU D 191 39.49 -8.97 -8.21
CA GLU D 191 40.86 -9.46 -8.20
C GLU D 191 41.19 -10.15 -6.89
N CYS D 192 40.76 -9.57 -5.77
CA CYS D 192 41.09 -10.16 -4.44
C CYS D 192 40.27 -11.44 -4.22
N LEU D 193 39.01 -11.46 -4.65
CA LEU D 193 38.16 -12.65 -4.37
C LEU D 193 38.58 -13.84 -5.24
N ARG D 194 38.96 -13.60 -6.50
CA ARG D 194 39.32 -14.71 -7.42
C ARG D 194 40.55 -15.45 -6.91
N GLY D 195 41.37 -14.78 -6.09
CA GLY D 195 42.62 -15.40 -5.56
C GLY D 195 42.33 -16.53 -4.61
N GLY D 196 41.19 -16.49 -3.91
CA GLY D 196 40.84 -17.54 -2.94
C GLY D 196 40.26 -16.96 -1.65
N LEU D 197 40.20 -15.63 -1.54
CA LEU D 197 39.60 -14.99 -0.34
C LEU D 197 38.10 -15.28 -0.32
N ASP D 198 37.53 -15.46 0.87
CA ASP D 198 36.08 -15.77 1.00
C ASP D 198 35.29 -14.47 1.02
N PHE D 199 35.89 -13.37 1.49
CA PHE D 199 35.17 -12.13 1.62
C PHE D 199 36.05 -10.96 1.25
N THR D 200 35.40 -9.87 0.84
CA THR D 200 35.99 -8.55 0.81
C THR D 200 35.04 -7.61 1.52
N LYS D 201 35.50 -6.40 1.83
CA LYS D 201 34.63 -5.48 2.62
C LYS D 201 34.84 -4.04 2.19
N ASP D 202 33.79 -3.20 2.33
CA ASP D 202 33.96 -1.75 2.05
C ASP D 202 34.75 -1.14 3.21
N ASP D 203 35.45 -0.04 2.98
CA ASP D 203 36.15 0.64 4.10
C ASP D 203 35.10 1.16 5.08
N GLU D 204 35.46 1.31 6.36
CA GLU D 204 34.49 1.71 7.38
C GLU D 204 33.87 3.06 7.06
N ASN D 205 34.62 3.96 6.42
CA ASN D 205 34.11 5.30 6.12
C ASN D 205 33.52 5.40 4.72
N VAL D 206 33.42 4.30 4.00
CA VAL D 206 32.85 4.27 2.66
C VAL D 206 31.36 3.94 2.81
N ASN D 207 30.53 4.97 2.69
CA ASN D 207 29.06 4.76 2.74
C ASN D 207 28.49 5.24 1.40
N SER D 208 28.57 6.54 1.12
CA SER D 208 28.06 7.12 -0.12
C SER D 208 28.68 8.49 -0.26
N GLN D 209 29.55 8.65 -1.24
CA GLN D 209 30.30 9.94 -1.36
C GLN D 209 30.24 10.42 -2.81
N PRO D 210 30.54 11.71 -3.10
CA PRO D 210 30.58 12.18 -4.49
C PRO D 210 31.49 11.32 -5.36
N PHE D 211 32.59 10.81 -4.81
CA PHE D 211 33.56 10.01 -5.61
C PHE D 211 32.96 8.64 -5.94
N MET D 212 32.13 8.10 -5.06
CA MET D 212 31.58 6.74 -5.29
C MET D 212 30.21 6.62 -4.61
N ARG D 213 29.14 6.83 -5.36
CA ARG D 213 27.81 6.65 -4.82
C ARG D 213 27.57 5.18 -4.50
N TRP D 214 26.62 4.94 -3.59
CA TRP D 214 26.49 3.60 -3.01
C TRP D 214 25.89 2.61 -4.00
N ARG D 215 24.95 3.04 -4.85
CA ARG D 215 24.30 2.10 -5.75
C ARG D 215 25.23 1.65 -6.86
N ASP D 216 26.06 2.57 -7.37
CA ASP D 216 27.07 2.17 -8.35
C ASP D 216 28.02 1.14 -7.76
N ARG D 217 28.47 1.38 -6.52
CA ARG D 217 29.35 0.42 -5.86
C ARG D 217 28.66 -0.92 -5.66
N PHE D 218 27.39 -0.91 -5.26
CA PHE D 218 26.68 -2.16 -5.06
C PHE D 218 26.59 -2.96 -6.37
N LEU D 219 26.28 -2.28 -7.47
CA LEU D 219 26.17 -2.97 -8.75
C LEU D 219 27.51 -3.54 -9.22
N PHE D 220 28.57 -2.73 -9.15
CA PHE D 220 29.87 -3.21 -9.62
C PHE D 220 30.40 -4.32 -8.72
N VAL D 221 30.18 -4.22 -7.41
CA VAL D 221 30.59 -5.27 -6.50
C VAL D 221 29.81 -6.55 -6.75
N ALA D 222 28.52 -6.43 -7.09
CA ALA D 222 27.73 -7.61 -7.42
C ALA D 222 28.28 -8.30 -8.67
N GLU D 223 28.62 -7.52 -9.69
CA GLU D 223 29.22 -8.11 -10.88
C GLU D 223 30.54 -8.80 -10.55
N ALA D 224 31.36 -8.16 -9.73
CA ALA D 224 32.64 -8.75 -9.35
C ALA D 224 32.46 -10.04 -8.55
N ILE D 225 31.51 -10.03 -7.61
CA ILE D 225 31.24 -11.22 -6.80
C ILE D 225 30.81 -12.38 -7.70
N TYR D 226 29.92 -12.10 -8.65
CA TYR D 226 29.43 -13.17 -9.50
C TYR D 226 30.51 -13.68 -10.45
N LYS D 227 31.35 -12.77 -10.96
CA LYS D 227 32.46 -13.21 -11.80
C LYS D 227 33.43 -14.10 -11.03
N SER D 228 33.78 -13.70 -9.80
CA SER D 228 34.70 -14.50 -9.01
C SER D 228 34.09 -15.85 -8.63
N GLN D 229 32.78 -15.87 -8.35
CA GLN D 229 32.09 -17.13 -8.07
C GLN D 229 32.15 -18.06 -9.27
N ALA D 230 31.84 -17.54 -10.46
CA ALA D 230 31.88 -18.38 -11.65
C ALA D 230 33.28 -18.89 -11.91
N GLU D 231 34.29 -18.06 -11.69
CA GLU D 231 35.66 -18.45 -11.99
C GLU D 231 36.16 -19.52 -11.03
N THR D 232 35.97 -19.32 -9.72
CA THR D 232 36.55 -20.25 -8.76
C THR D 232 35.63 -21.41 -8.41
N GLY D 233 34.32 -21.23 -8.54
CA GLY D 233 33.37 -22.26 -8.14
C GLY D 233 33.04 -22.28 -6.67
N GLU D 234 33.60 -21.36 -5.88
CA GLU D 234 33.28 -21.23 -4.47
C GLU D 234 32.36 -20.04 -4.26
N ILE D 235 31.52 -20.12 -3.23
CA ILE D 235 30.63 -19.01 -2.92
C ILE D 235 31.45 -17.86 -2.36
N LYS D 236 31.23 -16.68 -2.94
CA LYS D 236 32.01 -15.49 -2.51
C LYS D 236 31.06 -14.46 -1.93
N GLY D 237 31.61 -13.38 -1.36
CA GLY D 237 30.82 -12.33 -0.75
C GLY D 237 31.64 -11.09 -0.51
N HIS D 238 30.93 -9.99 -0.29
CA HIS D 238 31.54 -8.70 -0.01
C HIS D 238 30.69 -7.97 1.02
N TYR D 239 31.32 -7.50 2.10
CA TYR D 239 30.60 -6.78 3.17
C TYR D 239 30.17 -5.40 2.64
N LEU D 240 28.97 -5.30 2.07
CA LEU D 240 28.48 -4.02 1.53
C LEU D 240 28.03 -3.12 2.68
N ASN D 241 28.58 -1.89 2.75
CA ASN D 241 28.27 -1.00 3.91
C ASN D 241 26.86 -0.42 3.75
N ALA D 242 25.95 -0.77 4.65
CA ALA D 242 24.61 -0.21 4.64
C ALA D 242 24.47 0.97 5.60
N THR D 243 25.52 1.33 6.32
CA THR D 243 25.45 2.40 7.30
C THR D 243 25.09 3.71 6.62
N ALA D 244 24.05 4.37 7.13
CA ALA D 244 23.49 5.52 6.45
C ALA D 244 23.01 6.54 7.48
N ALA D 245 22.55 7.69 6.97
CA ALA D 245 22.08 8.77 7.86
C ALA D 245 20.74 8.41 8.51
N THR D 246 19.78 7.92 7.72
CA THR D 246 18.43 7.62 8.26
C THR D 246 18.16 6.12 8.16
N ALA D 247 17.33 5.60 9.05
CA ALA D 247 17.00 4.16 9.04
C ALA D 247 16.38 3.81 7.68
N GLU D 248 15.62 4.74 7.11
CA GLU D 248 14.99 4.48 5.82
C GLU D 248 16.04 4.26 4.74
N GLU D 249 17.08 5.08 4.71
CA GLU D 249 18.15 4.93 3.73
C GLU D 249 18.91 3.63 3.96
N MET D 250 19.16 3.28 5.22
CA MET D 250 19.86 2.03 5.54
C MET D 250 19.06 0.83 5.08
N LEU D 251 17.74 0.84 5.33
CA LEU D 251 16.90 -0.25 4.85
C LEU D 251 16.83 -0.28 3.33
N LYS D 252 16.88 0.88 2.67
CA LYS D 252 16.91 0.89 1.21
C LYS D 252 18.18 0.24 0.68
N ARG D 253 19.32 0.52 1.31
CA ARG D 253 20.56 -0.12 0.87
C ARG D 253 20.54 -1.62 1.13
N ALA D 254 19.99 -2.04 2.27
CA ALA D 254 19.81 -3.46 2.51
C ALA D 254 18.90 -4.09 1.48
N GLU D 255 17.85 -3.38 1.09
CA GLU D 255 16.92 -3.86 0.09
C GLU D 255 17.58 -4.01 -1.27
N CYS D 256 18.45 -3.07 -1.64
CA CYS D 256 19.21 -3.21 -2.88
C CYS D 256 20.11 -4.43 -2.84
N ALA D 257 20.78 -4.65 -1.70
CA ALA D 257 21.63 -5.84 -1.57
C ALA D 257 20.80 -7.11 -1.70
N LYS D 258 19.61 -7.12 -1.11
CA LYS D 258 18.73 -8.27 -1.22
C LYS D 258 18.28 -8.48 -2.67
N ASP D 259 18.03 -7.38 -3.39
CA ASP D 259 17.54 -7.49 -4.80
C ASP D 259 18.68 -7.96 -5.72
N LEU D 260 19.93 -7.66 -5.38
CA LEU D 260 21.06 -8.17 -6.17
C LEU D 260 21.36 -9.63 -5.88
N GLY D 261 20.83 -10.19 -4.80
CA GLY D 261 21.13 -11.57 -4.44
C GLY D 261 22.47 -11.79 -3.79
N VAL D 262 23.18 -10.72 -3.44
CA VAL D 262 24.50 -10.82 -2.81
C VAL D 262 24.33 -11.34 -1.39
N PRO D 263 25.35 -11.97 -0.81
CA PRO D 263 25.15 -12.67 0.46
C PRO D 263 25.12 -11.81 1.73
N ILE D 264 25.90 -10.73 1.82
CA ILE D 264 26.21 -10.13 3.12
C ILE D 264 26.30 -8.62 3.02
N ILE D 265 25.94 -7.93 4.11
CA ILE D 265 26.09 -6.49 4.25
C ILE D 265 26.84 -6.21 5.56
N MET D 266 27.11 -4.93 5.79
CA MET D 266 27.91 -4.45 6.91
C MET D 266 27.21 -3.30 7.60
N HIS D 267 27.48 -3.11 8.89
CA HIS D 267 26.90 -2.02 9.66
C HIS D 267 27.86 -1.57 10.74
N ASP D 268 27.84 -0.28 11.04
CA ASP D 268 28.60 0.33 12.13
C ASP D 268 27.64 0.56 13.29
N TYR D 269 27.61 -0.37 14.24
CA TYR D 269 26.57 -0.33 15.26
C TYR D 269 26.81 0.73 16.34
N LEU D 270 28.07 1.03 16.64
CA LEU D 270 28.35 1.98 17.75
C LEU D 270 28.18 3.42 17.25
N THR D 271 28.20 3.63 15.93
CA THR D 271 28.00 4.99 15.37
C THR D 271 26.56 5.11 14.82
N GLY D 272 26.06 4.05 14.18
CA GLY D 272 24.67 4.05 13.68
C GLY D 272 23.67 3.98 14.83
N GLY D 273 24.00 3.21 15.88
CA GLY D 273 23.12 3.09 17.05
C GLY D 273 22.50 1.72 17.17
N PHE D 274 22.14 1.31 18.39
CA PHE D 274 21.54 -0.03 18.62
C PHE D 274 20.17 -0.10 17.95
N THR D 275 19.42 1.00 17.98
CA THR D 275 18.06 1.02 17.36
C THR D 275 18.18 0.72 15.87
N ALA D 276 19.12 1.38 15.18
CA ALA D 276 19.33 1.12 13.73
C ALA D 276 19.83 -0.31 13.54
N ASN D 277 20.76 -0.76 14.39
CA ASN D 277 21.33 -2.12 14.26
C ASN D 277 20.21 -3.16 14.41
N THR D 278 19.36 -3.00 15.43
CA THR D 278 18.31 -3.99 15.65
C THR D 278 17.35 -4.05 14.48
N SER D 279 17.03 -2.88 13.89
CA SER D 279 16.20 -2.89 12.69
C SER D 279 16.89 -3.66 11.56
N LEU D 280 18.18 -3.41 11.36
CA LEU D 280 18.89 -4.09 10.29
C LEU D 280 18.98 -5.60 10.55
N ALA D 281 19.19 -6.00 11.80
CA ALA D 281 19.27 -7.42 12.11
C ALA D 281 17.93 -8.12 11.90
N HIS D 282 16.83 -7.47 12.28
CA HIS D 282 15.52 -8.03 12.00
C HIS D 282 15.28 -8.16 10.50
N TYR D 283 15.67 -7.14 9.74
CA TYR D 283 15.53 -7.20 8.29
C TYR D 283 16.34 -8.35 7.71
N CYS D 284 17.59 -8.52 8.18
CA CYS D 284 18.46 -9.55 7.66
C CYS D 284 17.93 -10.94 7.97
N ARG D 285 17.36 -11.12 9.17
CA ARG D 285 16.71 -12.39 9.48
C ARG D 285 15.52 -12.62 8.57
N ASP D 286 14.72 -11.58 8.31
CA ASP D 286 13.54 -11.73 7.47
C ASP D 286 13.89 -12.07 6.03
N ASN D 287 15.00 -11.55 5.51
CA ASN D 287 15.29 -11.67 4.09
C ASN D 287 16.49 -12.56 3.79
N GLY D 288 17.02 -13.25 4.78
CA GLY D 288 18.12 -14.17 4.57
C GLY D 288 19.43 -13.53 4.17
N LEU D 289 19.82 -12.45 4.83
CA LEU D 289 21.08 -11.76 4.58
C LEU D 289 21.99 -11.92 5.79
N LEU D 290 23.28 -12.08 5.52
CA LEU D 290 24.28 -12.11 6.61
C LEU D 290 24.58 -10.67 7.00
N LEU D 291 25.06 -10.44 8.22
CA LEU D 291 25.29 -9.10 8.73
C LEU D 291 26.64 -9.04 9.44
N HIS D 292 27.59 -8.32 8.85
CA HIS D 292 28.89 -8.08 9.46
C HIS D 292 28.85 -6.76 10.21
N ILE D 293 29.39 -6.77 11.43
CA ILE D 293 29.32 -5.62 12.32
C ILE D 293 30.72 -5.08 12.54
N HIS D 294 30.91 -3.79 12.30
CA HIS D 294 32.17 -3.12 12.55
C HIS D 294 32.02 -2.20 13.75
N ARG D 295 33.01 -2.22 14.63
CA ARG D 295 32.95 -1.49 15.89
C ARG D 295 33.69 -0.17 15.79
N ALA D 296 33.16 0.71 14.95
CA ALA D 296 33.72 2.06 14.84
C ALA D 296 33.44 2.85 16.11
N MET D 297 34.42 3.65 16.55
CA MET D 297 34.25 4.53 17.74
C MET D 297 34.26 3.71 19.04
N HIS D 298 34.76 2.47 19.00
CA HIS D 298 34.74 1.60 20.20
C HIS D 298 35.80 2.08 21.21
N ALA D 299 36.99 2.45 20.74
CA ALA D 299 38.10 2.85 21.64
C ALA D 299 37.71 4.11 22.42
N VAL D 300 36.77 4.89 21.91
CA VAL D 300 36.31 6.11 22.65
C VAL D 300 35.62 5.65 23.94
N ILE D 301 35.19 4.37 24.02
CA ILE D 301 34.44 3.91 25.22
C ILE D 301 35.17 2.74 25.92
N ASP D 302 35.95 1.94 25.20
CA ASP D 302 36.54 0.72 25.83
C ASP D 302 38.08 0.75 25.88
N ARG D 303 38.72 1.93 25.80
CA ARG D 303 40.20 1.91 25.77
C ARG D 303 40.77 2.10 27.17
N GLN D 304 40.35 3.14 27.88
CA GLN D 304 40.93 3.42 29.19
C GLN D 304 40.48 2.40 30.23
N ARG D 305 41.44 1.91 31.02
CA ARG D 305 41.16 0.89 32.01
C ARG D 305 40.30 1.39 33.17
N ASN D 306 40.35 2.69 33.46
CA ASN D 306 39.64 3.21 34.67
C ASN D 306 38.23 3.70 34.34
N HIS D 307 37.99 4.15 33.11
CA HIS D 307 36.71 4.73 32.77
C HIS D 307 36.17 4.08 31.51
N GLY D 308 34.84 3.96 31.44
CA GLY D 308 34.19 3.47 30.23
C GLY D 308 33.47 2.15 30.38
N ILE D 309 33.21 1.50 29.25
CA ILE D 309 32.55 0.20 29.21
C ILE D 309 33.48 -0.77 28.51
N HIS D 310 33.77 -1.90 29.16
CA HIS D 310 34.66 -2.89 28.58
C HIS D 310 34.07 -3.48 27.31
N PHE D 311 34.93 -3.78 26.33
CA PHE D 311 34.43 -4.27 25.02
C PHE D 311 33.54 -5.51 25.18
N ARG D 312 33.78 -6.32 26.22
CA ARG D 312 33.00 -7.57 26.38
C ARG D 312 31.51 -7.22 26.53
N VAL D 313 31.20 -6.14 27.23
CA VAL D 313 29.78 -5.70 27.41
C VAL D 313 29.24 -5.25 26.04
N LEU D 314 30.04 -4.53 25.27
CA LEU D 314 29.62 -4.08 23.91
C LEU D 314 29.43 -5.31 23.01
N ALA D 315 30.28 -6.33 23.16
CA ALA D 315 30.16 -7.57 22.36
C ALA D 315 28.86 -8.29 22.74
N LYS D 316 28.51 -8.34 24.03
CA LYS D 316 27.26 -8.99 24.47
C LYS D 316 26.06 -8.19 23.99
N ALA D 317 26.17 -6.85 24.02
CA ALA D 317 25.08 -6.02 23.50
C ALA D 317 24.90 -6.23 22.00
N LEU D 318 26.01 -6.44 21.29
CA LEU D 318 25.93 -6.67 19.83
C LEU D 318 25.28 -8.04 19.59
N ARG D 319 25.68 -9.07 20.34
CA ARG D 319 25.10 -10.39 20.16
C ARG D 319 23.61 -10.37 20.44
N LEU D 320 23.19 -9.63 21.46
CA LEU D 320 21.76 -9.48 21.72
C LEU D 320 21.07 -8.74 20.58
N SER D 321 21.61 -7.59 20.18
CA SER D 321 20.98 -6.80 19.13
C SER D 321 20.98 -7.54 17.80
N GLY D 322 22.08 -8.22 17.48
CA GLY D 322 22.16 -8.96 16.25
C GLY D 322 23.38 -8.65 15.41
N GLY D 323 24.15 -9.67 15.08
CA GLY D 323 25.24 -9.56 14.14
C GLY D 323 25.91 -10.89 13.91
N ASP D 324 26.13 -11.26 12.64
CA ASP D 324 26.74 -12.55 12.34
C ASP D 324 28.25 -12.49 12.53
N HIS D 325 28.88 -11.38 12.18
CA HIS D 325 30.29 -11.14 12.43
C HIS D 325 30.43 -9.91 13.29
N LEU D 326 31.53 -9.86 14.06
CA LEU D 326 31.82 -8.65 14.87
C LEU D 326 33.33 -8.47 14.94
N HIS D 327 33.85 -7.43 14.28
CA HIS D 327 35.27 -7.12 14.33
C HIS D 327 35.70 -7.04 15.78
N SER D 328 36.55 -7.98 16.20
CA SER D 328 36.80 -8.19 17.62
C SER D 328 38.23 -7.94 18.06
N GLY D 329 39.16 -7.71 17.15
CA GLY D 329 40.54 -7.48 17.57
C GLY D 329 41.40 -7.04 16.42
N THR D 330 42.57 -6.47 16.76
CA THR D 330 43.54 -6.05 15.73
C THR D 330 44.81 -6.89 15.88
N VAL D 331 45.53 -7.15 14.79
CA VAL D 331 46.73 -8.04 14.83
C VAL D 331 48.00 -7.24 14.48
N VAL D 332 48.01 -5.94 14.79
CA VAL D 332 49.24 -5.11 14.55
C VAL D 332 50.45 -5.87 15.12
N GLY D 333 51.37 -6.30 14.27
CA GLY D 333 52.49 -7.10 14.75
C GLY D 333 52.00 -8.47 15.17
N LYS D 334 51.21 -8.51 16.25
CA LYS D 334 50.60 -9.79 16.72
C LYS D 334 49.22 -9.44 17.29
N LEU D 335 48.42 -10.45 17.64
CA LEU D 335 47.11 -10.14 18.29
C LEU D 335 47.38 -9.26 19.51
N GLU D 336 46.83 -8.03 19.52
CA GLU D 336 47.10 -7.08 20.62
C GLU D 336 46.14 -7.33 21.79
N GLY D 337 46.50 -6.86 22.99
CA GLY D 337 45.63 -7.04 24.17
C GLY D 337 45.94 -8.33 24.89
N GLU D 338 45.62 -8.41 26.19
CA GLU D 338 45.82 -9.67 26.96
C GLU D 338 45.11 -10.82 26.23
N ARG D 339 45.83 -11.93 26.00
CA ARG D 339 45.22 -13.10 25.29
C ARG D 339 44.00 -13.58 26.08
N GLU D 340 44.13 -13.73 27.40
CA GLU D 340 43.02 -14.28 28.22
C GLU D 340 41.77 -13.41 28.06
N VAL D 341 41.94 -12.08 28.11
CA VAL D 341 40.78 -11.16 27.94
C VAL D 341 40.16 -11.40 26.56
N THR D 342 40.99 -11.47 25.52
CA THR D 342 40.49 -11.71 24.14
C THR D 342 39.74 -13.04 24.13
N LEU D 343 40.37 -14.10 24.63
CA LEU D 343 39.74 -15.45 24.66
C LEU D 343 38.41 -15.36 25.41
N GLY D 344 38.39 -14.62 26.54
CA GLY D 344 37.16 -14.49 27.34
C GLY D 344 36.02 -13.91 26.52
N PHE D 345 36.24 -12.77 25.85
CA PHE D 345 35.12 -12.12 25.11
C PHE D 345 34.84 -12.91 23.82
N VAL D 346 35.84 -13.62 23.29
CA VAL D 346 35.59 -14.48 22.10
C VAL D 346 34.67 -15.62 22.54
N ASP D 347 34.98 -16.25 23.68
CA ASP D 347 34.10 -17.30 24.19
C ASP D 347 32.71 -16.74 24.54
N LEU D 348 32.69 -15.52 25.10
CA LEU D 348 31.42 -14.91 25.47
C LEU D 348 30.55 -14.65 24.24
N MET D 349 31.17 -14.27 23.13
CA MET D 349 30.44 -14.00 21.92
C MET D 349 30.24 -15.22 21.02
N ARG D 350 30.86 -16.35 21.34
CA ARG D 350 30.76 -17.56 20.53
C ARG D 350 29.96 -18.67 21.20
N ASP D 351 30.32 -19.06 22.41
CA ASP D 351 29.77 -20.25 23.05
C ASP D 351 28.36 -20.01 23.54
N ASP D 352 27.68 -21.10 23.94
CA ASP D 352 26.29 -21.00 24.45
C ASP D 352 26.32 -20.87 25.98
N TYR D 353 27.35 -21.38 26.63
CA TYR D 353 27.39 -21.36 28.11
C TYR D 353 28.81 -21.05 28.57
N ILE D 354 29.01 -19.85 29.15
CA ILE D 354 30.37 -19.43 29.60
C ILE D 354 30.34 -19.33 31.12
N GLU D 355 31.11 -20.18 31.81
CA GLU D 355 31.17 -20.17 33.30
C GLU D 355 32.02 -18.99 33.77
N LYS D 356 31.77 -18.51 34.99
CA LYS D 356 32.53 -17.36 35.55
C LYS D 356 34.02 -17.69 35.57
N ASP D 357 34.86 -16.79 35.04
CA ASP D 357 36.34 -16.99 35.04
C ASP D 357 37.00 -15.62 35.18
N ARG D 358 37.37 -15.24 36.40
CA ARG D 358 37.94 -13.87 36.63
C ARG D 358 39.30 -13.75 35.94
N SER D 359 39.99 -14.87 35.72
CA SER D 359 41.29 -14.85 35.01
C SER D 359 41.11 -14.28 33.59
N ARG D 360 40.00 -14.62 32.94
CA ARG D 360 39.76 -14.17 31.54
C ARG D 360 38.79 -12.99 31.53
N GLY D 361 38.38 -12.50 32.71
CA GLY D 361 37.52 -11.30 32.79
C GLY D 361 36.04 -11.64 32.78
N ILE D 362 35.70 -12.92 32.93
CA ILE D 362 34.25 -13.30 33.02
C ILE D 362 33.82 -13.14 34.48
N TYR D 363 33.03 -12.10 34.78
CA TYR D 363 32.63 -11.83 36.18
C TYR D 363 31.35 -12.61 36.51
N PHE D 364 30.68 -13.15 35.49
CA PHE D 364 29.40 -13.85 35.74
C PHE D 364 29.21 -15.02 34.76
N THR D 365 28.54 -16.09 35.20
CA THR D 365 28.21 -17.17 34.29
C THR D 365 27.13 -16.68 33.31
N GLN D 366 27.36 -16.86 32.02
CA GLN D 366 26.46 -16.36 30.99
C GLN D 366 25.83 -17.53 30.26
N ASP D 367 24.53 -17.72 30.44
CA ASP D 367 23.76 -18.69 29.70
C ASP D 367 23.09 -17.96 28.54
N TRP D 368 23.31 -18.44 27.33
CA TRP D 368 22.77 -17.81 26.14
C TRP D 368 21.49 -18.47 25.62
N VAL D 369 21.02 -19.51 26.30
CA VAL D 369 19.85 -20.32 25.96
C VAL D 369 19.63 -20.40 24.44
N SER D 370 20.63 -20.92 23.74
CA SER D 370 20.55 -21.28 22.33
C SER D 370 20.43 -20.07 21.40
N LEU D 371 20.83 -18.90 21.87
CA LEU D 371 20.97 -17.76 20.97
C LEU D 371 22.12 -18.00 20.01
N PRO D 372 21.96 -17.66 18.73
CA PRO D 372 23.04 -17.91 17.77
C PRO D 372 24.31 -17.16 18.15
N GLY D 373 25.45 -17.81 17.96
CA GLY D 373 26.71 -17.18 18.25
C GLY D 373 27.16 -16.22 17.17
N THR D 374 28.06 -15.32 17.56
CA THR D 374 28.64 -14.33 16.67
C THR D 374 30.07 -14.71 16.33
N MET D 375 30.43 -14.63 15.05
CA MET D 375 31.77 -14.99 14.63
C MET D 375 32.73 -13.84 14.84
N PRO D 376 33.79 -14.02 15.63
CA PRO D 376 34.75 -12.94 15.81
C PRO D 376 35.60 -12.75 14.55
N VAL D 377 35.88 -11.47 14.25
CA VAL D 377 36.70 -11.12 13.05
C VAL D 377 37.96 -10.40 13.52
N ALA D 378 39.12 -11.03 13.38
CA ALA D 378 40.40 -10.43 13.73
C ALA D 378 40.99 -9.79 12.49
N SER D 379 41.20 -8.47 12.54
CA SER D 379 41.66 -7.73 11.34
C SER D 379 43.04 -7.11 11.59
N GLY D 380 43.58 -6.40 10.60
CA GLY D 380 44.87 -5.71 10.77
C GLY D 380 45.95 -6.30 9.89
N GLY D 381 47.21 -6.21 10.34
CA GLY D 381 48.33 -6.70 9.56
C GLY D 381 48.59 -8.18 9.75
N ILE D 382 47.73 -9.01 9.14
CA ILE D 382 47.89 -10.48 9.25
C ILE D 382 48.96 -10.94 8.24
N HIS D 383 50.23 -10.98 8.67
CA HIS D 383 51.28 -11.43 7.77
C HIS D 383 51.26 -12.95 7.67
N VAL D 384 51.87 -13.46 6.60
CA VAL D 384 51.75 -14.88 6.28
C VAL D 384 52.33 -15.74 7.39
N TRP D 385 53.52 -15.38 7.89
CA TRP D 385 54.13 -16.16 8.95
C TRP D 385 53.46 -15.98 10.29
N HIS D 386 52.52 -15.06 10.42
CA HIS D 386 51.75 -14.91 11.66
C HIS D 386 50.44 -15.66 11.65
N MET D 387 50.10 -16.31 10.53
CA MET D 387 48.87 -17.09 10.47
C MET D 387 48.83 -18.25 11.47
N PRO D 388 49.90 -19.02 11.71
CA PRO D 388 49.78 -20.13 12.68
C PRO D 388 49.36 -19.67 14.06
N ALA D 389 49.88 -18.54 14.53
CA ALA D 389 49.52 -18.05 15.87
C ALA D 389 48.04 -17.75 15.96
N LEU D 390 47.49 -17.04 14.97
CA LEU D 390 46.08 -16.69 15.02
C LEU D 390 45.19 -17.90 14.82
N VAL D 391 45.61 -18.86 13.99
CA VAL D 391 44.84 -20.09 13.83
C VAL D 391 44.80 -20.86 15.16
N GLU D 392 45.93 -20.89 15.87
CA GLU D 392 45.94 -21.55 17.17
C GLU D 392 45.06 -20.82 18.18
N ILE D 393 45.12 -19.48 18.20
CA ILE D 393 44.37 -18.71 19.22
C ILE D 393 42.86 -18.74 18.94
N PHE D 394 42.45 -18.61 17.69
CA PHE D 394 41.03 -18.48 17.38
C PHE D 394 40.38 -19.80 16.98
N GLY D 395 41.09 -20.67 16.29
CA GLY D 395 40.51 -21.90 15.81
C GLY D 395 39.87 -21.74 14.45
N ASP D 396 38.81 -22.50 14.18
CA ASP D 396 38.15 -22.45 12.89
C ASP D 396 37.02 -21.43 12.84
N ASP D 397 36.39 -21.13 13.98
CA ASP D 397 35.21 -20.27 13.99
C ASP D 397 35.61 -18.81 14.14
N ALA D 398 36.33 -18.30 13.14
CA ALA D 398 36.72 -16.90 13.12
C ALA D 398 37.05 -16.51 11.69
N CYS D 399 37.00 -15.22 11.44
CA CYS D 399 37.39 -14.65 10.15
C CYS D 399 38.64 -13.80 10.35
N LEU D 400 39.68 -14.17 9.60
CA LEU D 400 40.94 -13.38 9.62
C LEU D 400 40.83 -12.34 8.51
N GLN D 401 41.02 -11.07 8.85
CA GLN D 401 40.81 -9.99 7.89
C GLN D 401 42.15 -9.31 7.57
N PHE D 402 42.44 -9.18 6.29
CA PHE D 402 43.64 -8.47 5.85
C PHE D 402 43.28 -7.01 5.55
N GLY D 403 43.01 -6.29 6.65
CA GLY D 403 42.61 -4.89 6.55
C GLY D 403 43.70 -3.99 6.00
N GLY D 404 44.93 -4.47 5.94
CA GLY D 404 45.97 -3.73 5.26
C GLY D 404 45.82 -3.70 3.76
N GLY D 405 44.87 -4.43 3.20
CA GLY D 405 44.69 -4.46 1.76
C GLY D 405 45.66 -5.35 1.03
N THR D 406 46.43 -6.12 1.80
CA THR D 406 47.50 -7.00 1.23
C THR D 406 48.43 -6.16 0.36
N LEU D 407 48.47 -6.43 -0.96
CA LEU D 407 49.28 -5.64 -1.92
C LEU D 407 50.78 -5.83 -1.68
N GLY D 408 51.16 -6.51 -0.59
CA GLY D 408 52.56 -6.77 -0.34
C GLY D 408 53.15 -7.86 -1.21
N HIS D 409 52.28 -8.60 -1.90
CA HIS D 409 52.76 -9.68 -2.81
C HIS D 409 53.20 -9.03 -4.13
N PRO D 410 54.48 -9.22 -4.56
CA PRO D 410 54.98 -8.56 -5.77
C PRO D 410 54.22 -8.91 -7.03
N TRP D 411 53.51 -10.03 -7.05
CA TRP D 411 52.87 -10.47 -8.28
C TRP D 411 51.53 -9.76 -8.51
N GLY D 412 50.71 -9.64 -7.47
CA GLY D 412 49.44 -8.96 -7.61
C GLY D 412 48.52 -9.27 -6.44
N ASN D 413 47.29 -8.78 -6.56
CA ASN D 413 46.29 -9.00 -5.52
C ASN D 413 45.85 -10.46 -5.49
N ALA D 414 45.52 -11.01 -6.65
CA ALA D 414 45.03 -12.42 -6.73
C ALA D 414 46.06 -13.42 -6.19
N PRO D 415 47.35 -13.44 -6.63
CA PRO D 415 48.33 -14.37 -6.05
C PRO D 415 48.55 -14.14 -4.54
N GLY D 416 48.50 -12.88 -4.09
CA GLY D 416 48.62 -12.60 -2.65
C GLY D 416 47.49 -13.25 -1.89
N ALA D 417 46.27 -13.16 -2.43
CA ALA D 417 45.10 -13.82 -1.79
C ALA D 417 45.33 -15.33 -1.77
N ALA D 418 45.83 -15.88 -2.88
CA ALA D 418 46.09 -17.34 -2.96
C ALA D 418 47.12 -17.73 -1.91
N ALA D 419 48.22 -16.98 -1.81
CA ALA D 419 49.27 -17.28 -0.81
C ALA D 419 48.61 -17.34 0.57
N ASN D 420 47.81 -16.33 0.91
CA ASN D 420 47.14 -16.30 2.23
C ASN D 420 46.27 -17.55 2.37
N ARG D 421 45.47 -17.87 1.35
CA ARG D 421 44.61 -19.05 1.45
C ARG D 421 45.43 -20.32 1.62
N VAL D 422 46.53 -20.44 0.87
CA VAL D 422 47.39 -21.61 0.98
C VAL D 422 47.98 -21.70 2.38
N ALA D 423 48.42 -20.57 2.93
CA ALA D 423 49.00 -20.58 4.27
C ALA D 423 47.96 -20.98 5.31
N LEU D 424 46.76 -20.43 5.22
CA LEU D 424 45.72 -20.78 6.18
C LEU D 424 45.36 -22.26 6.10
N GLU D 425 45.21 -22.78 4.88
CA GLU D 425 44.86 -24.19 4.74
C GLU D 425 45.98 -25.10 5.23
N ALA D 426 47.24 -24.73 4.97
CA ALA D 426 48.36 -25.53 5.46
C ALA D 426 48.41 -25.53 6.98
N CYS D 427 48.21 -24.37 7.60
CA CYS D 427 48.19 -24.31 9.06
C CYS D 427 47.05 -25.14 9.63
N THR D 428 45.87 -25.06 9.02
CA THR D 428 44.74 -25.85 9.50
C THR D 428 45.03 -27.34 9.37
N GLN D 429 45.60 -27.76 8.25
CA GLN D 429 45.92 -29.17 8.06
C GLN D 429 46.94 -29.63 9.08
N ALA D 430 47.97 -28.82 9.34
CA ALA D 430 48.96 -29.17 10.35
C ALA D 430 48.33 -29.30 11.73
N ARG D 431 47.45 -28.36 12.08
CA ARG D 431 46.79 -28.43 13.39
C ARG D 431 45.92 -29.68 13.50
N ASN D 432 45.25 -30.05 12.42
CA ASN D 432 44.41 -31.25 12.45
C ASN D 432 45.24 -32.52 12.61
N GLU D 433 46.51 -32.50 12.21
CA GLU D 433 47.36 -33.68 12.33
C GLU D 433 47.93 -33.87 13.72
N GLY D 434 47.70 -32.94 14.64
CA GLY D 434 48.27 -33.02 15.96
C GLY D 434 49.51 -32.18 16.17
N ARG D 435 49.89 -31.35 15.21
CA ARG D 435 51.05 -30.49 15.36
C ARG D 435 50.76 -29.37 16.35
N ASP D 436 51.82 -28.89 16.98
CA ASP D 436 51.74 -27.75 17.90
C ASP D 436 52.09 -26.49 17.11
N LEU D 437 51.08 -25.71 16.75
CA LEU D 437 51.29 -24.58 15.84
C LEU D 437 52.22 -23.54 16.44
N ALA D 438 52.07 -23.26 17.74
CA ALA D 438 52.91 -22.25 18.39
C ALA D 438 54.38 -22.61 18.35
N ARG D 439 54.72 -23.87 18.11
CA ARG D 439 56.11 -24.30 18.04
C ARG D 439 56.58 -24.65 16.64
N GLU D 440 55.68 -25.01 15.72
CA GLU D 440 56.07 -25.45 14.39
C GLU D 440 55.42 -24.61 13.29
N GLY D 441 54.99 -23.39 13.61
CA GLY D 441 54.36 -22.55 12.59
C GLY D 441 55.30 -22.21 11.45
N GLY D 442 56.56 -21.87 11.78
CA GLY D 442 57.53 -21.59 10.74
C GLY D 442 57.81 -22.80 9.86
N ASP D 443 57.94 -23.98 10.48
CA ASP D 443 58.17 -25.20 9.71
C ASP D 443 57.00 -25.47 8.77
N VAL D 444 55.77 -25.31 9.27
CA VAL D 444 54.61 -25.55 8.42
C VAL D 444 54.55 -24.55 7.28
N ILE D 445 54.84 -23.28 7.57
CA ILE D 445 54.82 -22.26 6.52
C ILE D 445 55.87 -22.57 5.46
N ARG D 446 57.07 -22.94 5.90
CA ARG D 446 58.16 -23.28 4.94
C ARG D 446 57.74 -24.47 4.09
N ALA D 447 57.21 -25.52 4.72
CA ALA D 447 56.83 -26.72 4.00
C ALA D 447 55.76 -26.42 2.96
N ALA D 448 54.81 -25.54 3.32
CA ALA D 448 53.77 -25.14 2.35
C ALA D 448 54.41 -24.33 1.22
N CYS D 449 55.38 -23.47 1.57
CA CYS D 449 56.04 -22.63 0.58
C CYS D 449 56.87 -23.46 -0.40
N LYS D 450 57.33 -24.64 0.05
CA LYS D 450 58.19 -25.50 -0.81
C LYS D 450 57.44 -25.88 -2.10
N TRP D 451 56.11 -25.95 -2.04
CA TRP D 451 55.33 -26.41 -3.23
C TRP D 451 54.44 -25.29 -3.79
N SER D 452 54.36 -24.14 -3.09
CA SER D 452 53.48 -23.08 -3.55
C SER D 452 54.29 -21.92 -4.10
N PRO D 453 54.34 -21.74 -5.43
CA PRO D 453 55.05 -20.58 -5.98
C PRO D 453 54.46 -19.26 -5.51
N GLU D 454 53.14 -19.19 -5.33
CA GLU D 454 52.52 -17.96 -4.85
C GLU D 454 52.96 -17.63 -3.44
N LEU D 455 53.01 -18.63 -2.56
CA LEU D 455 53.48 -18.41 -1.21
C LEU D 455 54.99 -18.16 -1.16
N ALA D 456 55.74 -18.66 -2.14
CA ALA D 456 57.18 -18.40 -2.18
C ALA D 456 57.47 -16.92 -2.35
N ALA D 457 56.72 -16.24 -3.23
CA ALA D 457 56.87 -14.80 -3.40
C ALA D 457 56.28 -14.02 -2.23
N ALA D 458 55.48 -14.68 -1.40
CA ALA D 458 54.87 -14.00 -0.23
C ALA D 458 55.75 -14.20 1.00
N CYS D 459 56.35 -15.39 1.14
CA CYS D 459 57.17 -15.69 2.31
C CYS D 459 58.47 -14.89 2.32
N GLU D 460 58.87 -14.32 1.19
CA GLU D 460 60.07 -13.50 1.13
C GLU D 460 59.77 -12.08 1.60
N GLN E 45 53.99 -13.47 -11.60
CA GLN E 45 53.14 -14.52 -12.21
C GLN E 45 51.67 -14.10 -12.11
N VAL E 46 50.80 -14.73 -12.90
CA VAL E 46 49.37 -14.30 -12.93
C VAL E 46 48.47 -15.49 -12.58
N TRP E 47 47.64 -15.35 -11.55
CA TRP E 47 46.67 -16.42 -11.19
C TRP E 47 45.84 -16.74 -12.44
N THR E 48 45.84 -18.01 -12.87
CA THR E 48 45.13 -18.38 -14.13
C THR E 48 43.62 -18.38 -13.89
N PRO E 49 42.78 -17.73 -14.73
CA PRO E 49 41.33 -17.80 -14.58
C PRO E 49 40.74 -18.90 -15.46
N LEU E 50 41.59 -19.72 -16.08
CA LEU E 50 41.10 -20.77 -17.01
C LEU E 50 41.21 -22.14 -16.35
N ASN E 51 40.10 -22.89 -16.29
CA ASN E 51 40.12 -24.26 -15.71
C ASN E 51 40.84 -24.24 -14.36
N ASN E 52 40.46 -23.33 -13.47
CA ASN E 52 41.06 -23.28 -12.11
C ASN E 52 39.94 -23.32 -11.07
N LYS E 53 39.17 -24.41 -11.05
CA LYS E 53 38.04 -24.54 -10.08
C LYS E 53 38.58 -25.03 -8.74
N PHE E 54 37.89 -24.71 -7.65
CA PHE E 54 38.33 -25.14 -6.32
C PHE E 54 37.12 -25.63 -5.52
N PHE E 55 37.39 -26.44 -4.50
CA PHE E 55 36.28 -27.06 -3.72
C PHE E 55 36.43 -26.78 -2.23
N GLU E 56 36.52 -25.51 -1.84
CA GLU E 56 36.54 -25.12 -0.40
C GLU E 56 37.75 -25.66 0.37
N THR E 57 37.51 -26.32 1.51
CA THR E 57 38.61 -26.73 2.42
C THR E 57 39.68 -27.63 1.79
N PHE E 58 40.95 -27.33 2.06
CA PHE E 58 42.09 -28.13 1.63
C PHE E 58 42.18 -28.27 0.11
N SER E 59 41.40 -27.49 -0.64
CA SER E 59 41.45 -27.56 -2.09
C SER E 59 42.64 -26.84 -2.67
N TYR E 60 43.26 -25.94 -1.91
CA TYR E 60 44.44 -25.19 -2.37
C TYR E 60 45.75 -25.86 -1.99
N LEU E 61 45.71 -26.97 -1.29
CA LEU E 61 46.88 -27.78 -1.05
C LEU E 61 47.05 -28.79 -2.17
N PRO E 62 48.25 -29.39 -2.38
CA PRO E 62 48.40 -30.45 -3.38
C PRO E 62 47.46 -31.63 -3.06
N PRO E 63 47.08 -32.46 -4.05
CA PRO E 63 46.14 -33.56 -3.81
C PRO E 63 46.62 -34.40 -2.62
N MET E 64 45.73 -34.69 -1.67
CA MET E 64 46.14 -35.41 -0.43
C MET E 64 46.37 -36.89 -0.73
N THR E 65 47.41 -37.48 -0.13
CA THR E 65 47.69 -38.90 -0.30
C THR E 65 46.79 -39.71 0.63
N ASP E 66 46.93 -41.04 0.56
CA ASP E 66 46.13 -41.92 1.41
C ASP E 66 46.44 -41.69 2.88
N ALA E 67 47.73 -41.51 3.21
CA ALA E 67 48.11 -41.27 4.60
C ALA E 67 47.54 -39.95 5.10
N GLU E 68 47.56 -38.90 4.28
CA GLU E 68 47.04 -37.61 4.70
C GLU E 68 45.52 -37.67 4.90
N ILE E 69 44.82 -38.33 3.97
CA ILE E 69 43.36 -38.49 4.13
C ILE E 69 43.12 -39.26 5.44
N SER E 70 43.88 -40.34 5.65
CA SER E 70 43.71 -41.14 6.86
C SER E 70 43.91 -40.29 8.11
N ARG E 71 44.92 -39.43 8.12
CA ARG E 71 45.15 -38.59 9.29
C ARG E 71 44.01 -37.59 9.49
N GLN E 72 43.47 -37.04 8.41
CA GLN E 72 42.35 -36.13 8.53
C GLN E 72 41.11 -36.85 9.07
N VAL E 73 40.86 -38.07 8.60
CA VAL E 73 39.72 -38.84 9.09
C VAL E 73 39.93 -39.21 10.55
N ASP E 74 41.16 -39.53 10.93
CA ASP E 74 41.46 -39.80 12.34
C ASP E 74 41.22 -38.57 13.20
N TYR E 75 41.55 -37.38 12.67
CA TYR E 75 41.26 -36.16 13.41
C TYR E 75 39.75 -35.98 13.59
N ILE E 76 38.99 -36.25 12.54
CA ILE E 76 37.53 -36.14 12.65
C ILE E 76 36.99 -37.12 13.70
N VAL E 77 37.49 -38.36 13.66
CA VAL E 77 37.01 -39.39 14.59
C VAL E 77 37.41 -39.05 16.02
N SER E 78 38.63 -38.50 16.18
CA SER E 78 39.13 -38.18 17.55
C SER E 78 38.20 -37.17 18.23
N ASN E 79 37.70 -36.19 17.48
CA ASN E 79 36.84 -35.18 18.07
C ASN E 79 35.48 -35.73 18.48
N GLY E 80 35.17 -36.97 18.11
CA GLY E 80 33.87 -37.53 18.37
C GLY E 80 32.88 -37.41 17.23
N TRP E 81 33.35 -37.05 16.05
CA TRP E 81 32.48 -36.79 14.91
C TRP E 81 32.43 -37.98 13.98
N THR E 82 31.40 -37.99 13.13
CA THR E 82 31.18 -39.10 12.20
C THR E 82 31.64 -38.69 10.81
N PRO E 83 32.54 -39.45 10.18
CA PRO E 83 32.91 -39.16 8.78
C PRO E 83 32.05 -39.91 7.78
N CYS E 84 31.74 -39.23 6.68
CA CYS E 84 31.00 -39.82 5.57
C CYS E 84 31.61 -39.32 4.27
N LEU E 85 31.09 -39.87 3.16
CA LEU E 85 31.66 -39.52 1.84
C LEU E 85 30.59 -38.92 0.93
N GLU E 86 30.93 -37.80 0.28
CA GLU E 86 30.01 -37.19 -0.71
C GLU E 86 30.70 -37.29 -2.07
N PHE E 87 29.91 -37.40 -3.14
CA PHE E 87 30.46 -37.47 -4.48
C PHE E 87 29.51 -36.78 -5.46
N ALA E 88 30.08 -36.22 -6.50
CA ALA E 88 29.29 -35.57 -7.55
C ALA E 88 30.10 -35.56 -8.84
N GLY E 89 29.41 -35.79 -9.95
CA GLY E 89 30.03 -35.65 -11.25
C GLY E 89 30.27 -34.20 -11.60
N ALA E 90 30.94 -33.99 -12.73
CA ALA E 90 31.34 -32.64 -13.12
C ALA E 90 30.14 -31.76 -13.41
N GLU E 91 29.00 -32.34 -13.80
CA GLU E 91 27.82 -31.55 -14.12
C GLU E 91 27.13 -31.00 -12.88
N SER E 92 27.34 -31.59 -11.71
CA SER E 92 26.69 -31.13 -10.48
C SER E 92 27.70 -30.95 -9.35
N ALA E 93 28.92 -30.54 -9.68
CA ALA E 93 29.96 -30.34 -8.69
C ALA E 93 30.13 -28.89 -8.28
N TYR E 94 30.01 -27.96 -9.22
CA TYR E 94 30.22 -26.55 -8.97
C TYR E 94 28.89 -25.86 -8.67
N THR E 95 28.97 -24.78 -7.91
CA THR E 95 27.78 -24.00 -7.59
C THR E 95 27.19 -23.38 -8.85
N SER E 96 25.87 -23.24 -8.86
CA SER E 96 25.17 -22.72 -10.03
C SER E 96 23.88 -22.06 -9.60
N ASN E 97 23.31 -21.29 -10.51
CA ASN E 97 22.05 -20.57 -10.30
C ASN E 97 20.96 -21.09 -11.22
N GLU E 98 20.90 -22.41 -11.43
CA GLU E 98 19.99 -22.95 -12.43
C GLU E 98 18.54 -22.84 -11.98
N ASN E 99 18.28 -22.99 -10.68
CA ASN E 99 16.91 -22.98 -10.17
C ASN E 99 16.46 -21.61 -9.69
N CYS E 100 17.33 -20.60 -9.75
CA CYS E 100 16.94 -19.25 -9.37
C CYS E 100 15.85 -18.69 -10.28
N VAL E 101 15.67 -19.28 -11.47
CA VAL E 101 14.62 -18.84 -12.38
C VAL E 101 13.23 -19.08 -11.82
N ARG E 102 13.09 -19.98 -10.85
CA ARG E 102 11.80 -20.31 -10.26
C ARG E 102 11.45 -19.45 -9.04
N MET E 103 12.30 -18.51 -8.67
CA MET E 103 12.16 -17.80 -7.40
C MET E 103 11.89 -16.32 -7.61
N GLN E 104 11.21 -15.77 -6.62
CA GLN E 104 10.92 -14.32 -6.66
C GLN E 104 11.45 -13.72 -5.36
N ASN E 105 11.12 -12.46 -5.10
CA ASN E 105 11.51 -11.75 -3.90
C ASN E 105 13.02 -11.63 -3.77
N THR E 106 13.71 -12.74 -3.53
CA THR E 106 15.15 -12.72 -3.40
C THR E 106 15.69 -14.12 -3.64
N THR E 107 16.99 -14.18 -3.98
CA THR E 107 17.74 -15.43 -4.05
C THR E 107 18.96 -15.41 -3.16
N CYS E 108 18.98 -14.52 -2.16
CA CYS E 108 20.14 -14.38 -1.29
C CYS E 108 20.42 -15.69 -0.56
N LEU E 109 21.69 -16.11 -0.57
CA LEU E 109 22.15 -17.32 0.16
C LEU E 109 21.59 -18.61 -0.45
N TYR E 110 21.02 -18.55 -1.66
CA TYR E 110 20.60 -19.76 -2.34
C TYR E 110 21.58 -20.04 -3.47
N TYR E 111 22.13 -21.25 -3.48
CA TYR E 111 23.01 -21.70 -4.55
C TYR E 111 22.74 -23.19 -4.78
N ASP E 112 22.80 -23.59 -6.03
CA ASP E 112 22.61 -24.98 -6.40
C ASP E 112 23.91 -25.75 -6.26
N ASN E 113 23.78 -27.06 -6.18
CA ASN E 113 24.89 -28.01 -6.06
C ASN E 113 25.67 -27.86 -4.76
N ARG E 114 25.11 -27.16 -3.77
CA ARG E 114 25.74 -27.19 -2.45
C ARG E 114 25.66 -28.58 -1.86
N TYR E 115 24.54 -29.27 -2.08
CA TYR E 115 24.40 -30.66 -1.69
C TYR E 115 25.05 -31.58 -2.72
N TRP E 116 25.88 -32.49 -2.25
CA TRP E 116 26.35 -33.60 -3.06
C TRP E 116 25.54 -34.85 -2.69
N THR E 117 25.97 -36.00 -3.22
CA THR E 117 25.23 -37.26 -2.95
C THR E 117 26.00 -38.07 -1.92
N MET E 118 25.31 -38.57 -0.88
CA MET E 118 25.97 -39.37 0.18
C MET E 118 26.40 -40.73 -0.38
N TRP E 119 27.56 -41.21 0.05
CA TRP E 119 28.09 -42.52 -0.45
C TRP E 119 27.86 -43.60 0.62
N CYS E 126 31.91 -45.99 9.05
CA CYS E 126 32.27 -44.72 9.66
C CYS E 126 32.80 -44.92 11.08
N THR E 127 33.92 -45.63 11.19
CA THR E 127 34.52 -45.92 12.49
C THR E 127 35.95 -45.43 12.63
N ASP E 128 36.73 -45.45 11.57
CA ASP E 128 38.15 -45.10 11.65
C ASP E 128 38.64 -44.67 10.27
N GLY E 129 39.91 -44.31 10.20
CA GLY E 129 40.48 -43.85 8.95
C GLY E 129 40.56 -44.92 7.89
N GLY E 130 40.90 -46.15 8.28
CA GLY E 130 41.04 -47.22 7.31
C GLY E 130 39.74 -47.54 6.59
N GLN E 131 38.63 -47.58 7.33
CA GLN E 131 37.33 -47.87 6.71
C GLN E 131 36.93 -46.78 5.73
N VAL E 132 37.14 -45.51 6.11
CA VAL E 132 36.80 -44.41 5.22
C VAL E 132 37.69 -44.43 3.99
N LEU E 133 38.96 -44.81 4.16
CA LEU E 133 39.84 -44.94 2.99
C LEU E 133 39.38 -46.05 2.06
N ARG E 134 38.96 -47.19 2.63
CA ARG E 134 38.44 -48.26 1.80
C ARG E 134 37.19 -47.81 1.05
N GLU E 135 36.32 -47.06 1.72
CA GLU E 135 35.14 -46.52 1.05
C GLU E 135 35.53 -45.50 -0.02
N VAL E 136 36.61 -44.76 0.18
CA VAL E 136 37.08 -43.82 -0.83
C VAL E 136 37.51 -44.56 -2.08
N GLN E 137 38.28 -45.65 -1.92
CA GLN E 137 38.64 -46.47 -3.06
C GLN E 137 37.42 -47.10 -3.73
N ALA E 138 36.45 -47.55 -2.94
CA ALA E 138 35.24 -48.12 -3.52
C ALA E 138 34.48 -47.08 -4.34
N CYS E 139 34.36 -45.85 -3.81
CA CYS E 139 33.68 -44.79 -4.55
C CYS E 139 34.45 -44.42 -5.81
N ARG E 140 35.79 -44.41 -5.72
CA ARG E 140 36.61 -44.15 -6.90
C ARG E 140 36.35 -45.17 -7.99
N ARG E 141 36.31 -46.45 -7.62
CA ARG E 141 36.06 -47.50 -8.61
C ARG E 141 34.66 -47.38 -9.18
N ALA E 142 33.66 -47.13 -8.34
CA ALA E 142 32.28 -47.08 -8.81
C ALA E 142 32.02 -45.85 -9.68
N PHE E 143 32.55 -44.71 -9.26
CA PHE E 143 32.35 -43.44 -10.01
C PHE E 143 33.72 -42.79 -10.27
N PRO E 144 34.45 -43.21 -11.34
CA PRO E 144 35.80 -42.69 -11.59
C PRO E 144 35.81 -41.22 -12.05
N ASP E 145 34.70 -40.73 -12.59
CA ASP E 145 34.65 -39.34 -13.12
C ASP E 145 33.93 -38.43 -12.13
N ALA E 146 33.99 -38.75 -10.83
CA ALA E 146 33.26 -37.96 -9.81
C ALA E 146 34.20 -37.42 -8.74
N TYR E 147 34.00 -36.18 -8.31
CA TYR E 147 34.80 -35.63 -7.19
C TYR E 147 34.29 -36.27 -5.89
N ILE E 148 35.20 -36.66 -5.00
CA ILE E 148 34.80 -37.26 -3.70
C ILE E 148 35.11 -36.26 -2.58
N ARG E 149 34.18 -36.09 -1.64
CA ARG E 149 34.38 -35.12 -0.53
C ARG E 149 34.12 -35.81 0.81
N VAL E 150 35.05 -35.67 1.76
CA VAL E 150 34.88 -36.24 3.09
C VAL E 150 34.16 -35.22 3.95
N VAL E 151 33.04 -35.62 4.56
CA VAL E 151 32.25 -34.73 5.40
C VAL E 151 32.29 -35.25 6.84
N GLY E 152 32.16 -34.33 7.78
CA GLY E 152 32.12 -34.67 9.19
C GLY E 152 30.82 -34.17 9.80
N PHE E 153 30.26 -34.97 10.71
CA PHE E 153 28.97 -34.61 11.35
C PHE E 153 29.09 -34.75 12.86
N ASP E 154 28.86 -33.66 13.61
CA ASP E 154 28.85 -33.75 15.09
C ASP E 154 27.57 -34.48 15.49
N PRO E 155 27.65 -35.66 16.15
CA PRO E 155 26.45 -36.45 16.47
C PRO E 155 25.58 -35.80 17.57
N VAL E 156 26.17 -34.95 18.39
CA VAL E 156 25.42 -34.32 19.52
C VAL E 156 24.67 -33.09 18.99
N ARG E 157 25.40 -32.16 18.38
CA ARG E 157 24.78 -30.91 17.87
C ARG E 157 23.98 -31.22 16.60
N GLN E 158 24.24 -32.38 15.97
CA GLN E 158 23.55 -32.74 14.71
C GLN E 158 23.80 -31.66 13.66
N VAL E 159 25.06 -31.20 13.53
CA VAL E 159 25.41 -30.17 12.52
C VAL E 159 26.61 -30.68 11.71
N GLN E 160 26.78 -30.21 10.47
CA GLN E 160 28.00 -30.61 9.72
C GLN E 160 29.18 -29.80 10.24
N VAL E 161 30.29 -30.47 10.58
CA VAL E 161 31.45 -29.79 11.14
C VAL E 161 32.67 -29.86 10.25
N SER E 162 32.62 -30.71 9.21
CA SER E 162 33.81 -30.89 8.34
C SER E 162 33.39 -31.10 6.88
N GLY E 163 34.27 -30.78 5.94
CA GLY E 163 33.96 -30.94 4.50
C GLY E 163 35.17 -30.60 3.64
N PHE E 164 35.95 -31.61 3.25
CA PHE E 164 37.15 -31.37 2.41
C PHE E 164 37.18 -32.36 1.23
N LEU E 165 37.57 -31.88 0.05
CA LEU E 165 37.66 -32.75 -1.16
C LEU E 165 38.86 -33.69 -1.00
N VAL E 166 38.71 -34.95 -1.42
CA VAL E 166 39.82 -35.95 -1.29
C VAL E 166 40.09 -36.59 -2.65
N ASN E 167 39.29 -36.24 -3.67
CA ASN E 167 39.47 -36.88 -5.00
C ASN E 167 39.07 -35.93 -6.12
N ARG E 168 39.91 -35.81 -7.16
CA ARG E 168 39.57 -34.98 -8.34
C ARG E 168 39.66 -35.89 -9.58
N PRO E 169 38.56 -36.11 -10.34
CA PRO E 169 38.59 -37.06 -11.46
C PRO E 169 39.64 -36.67 -12.49
N ALA E 170 40.56 -37.59 -12.81
CA ALA E 170 41.61 -37.31 -13.81
C ALA E 170 40.94 -36.94 -15.15
N SER E 171 39.83 -37.59 -15.49
CA SER E 171 39.13 -37.31 -16.76
C SER E 171 38.75 -35.84 -16.85
N VAL E 172 38.22 -35.26 -15.77
CA VAL E 172 37.76 -33.84 -15.81
C VAL E 172 38.99 -32.93 -15.72
N ARG E 173 38.99 -31.84 -16.47
CA ARG E 173 40.16 -30.92 -16.48
C ARG E 173 39.68 -29.49 -16.18
N ASP E 174 38.76 -29.35 -15.21
CA ASP E 174 38.22 -28.02 -14.83
C ASP E 174 39.08 -27.43 -13.71
N TYR E 175 40.15 -28.12 -13.33
CA TYR E 175 40.99 -27.65 -12.19
C TYR E 175 42.47 -27.63 -12.61
N GLN E 176 43.28 -26.84 -11.91
CA GLN E 176 44.74 -26.75 -12.24
C GLN E 176 45.53 -27.55 -11.20
N GLY E 177 46.86 -27.52 -11.31
CA GLY E 177 47.73 -28.19 -10.32
C GLY E 177 48.50 -27.15 -9.52
N PRO E 178 49.13 -27.50 -8.37
CA PRO E 178 49.79 -26.51 -7.52
C PRO E 178 50.75 -25.58 -8.30
N SER E 179 51.40 -26.10 -9.35
CA SER E 179 52.39 -25.29 -10.11
C SER E 179 51.72 -24.61 -11.31
N THR E 180 50.57 -25.12 -11.76
CA THR E 180 49.92 -24.57 -12.98
C THR E 180 48.84 -23.55 -12.57
N ARG E 181 48.71 -23.26 -11.28
CA ARG E 181 47.72 -22.28 -10.78
C ARG E 181 48.15 -20.86 -11.17
N SER E 182 49.45 -20.66 -11.40
CA SER E 182 49.95 -19.32 -11.85
C SER E 182 50.67 -19.45 -13.19
N VAL E 183 50.45 -18.51 -14.10
CA VAL E 183 51.07 -18.58 -15.46
C VAL E 183 51.76 -17.24 -15.76
N LEU F 22 20.89 55.56 -3.35
CA LEU F 22 20.40 54.24 -3.71
C LEU F 22 20.77 53.22 -2.64
N THR F 23 19.77 52.68 -1.96
CA THR F 23 20.01 51.68 -0.93
C THR F 23 20.40 50.33 -1.52
N TYR F 24 20.16 50.12 -2.82
CA TYR F 24 20.35 48.83 -3.45
C TYR F 24 21.55 48.78 -4.38
N TYR F 25 22.24 49.90 -4.57
CA TYR F 25 23.50 49.94 -5.30
C TYR F 25 24.61 50.20 -4.28
N THR F 26 25.44 49.19 -4.05
CA THR F 26 26.52 49.25 -3.05
C THR F 26 27.82 48.86 -3.72
N PRO F 27 28.46 49.79 -4.43
CA PRO F 27 29.70 49.46 -5.15
C PRO F 27 30.85 49.05 -4.24
N ASP F 28 30.77 49.33 -2.94
CA ASP F 28 31.81 48.93 -2.01
C ASP F 28 31.53 47.57 -1.36
N TYR F 29 30.42 46.92 -1.73
CA TYR F 29 30.08 45.65 -1.12
C TYR F 29 30.96 44.53 -1.66
N GLN F 30 31.41 43.67 -0.75
CA GLN F 30 32.19 42.50 -1.13
C GLN F 30 31.31 41.27 -1.04
N PRO F 31 31.02 40.58 -2.15
CA PRO F 31 30.10 39.44 -2.09
C PRO F 31 30.62 38.35 -1.18
N LYS F 32 29.70 37.72 -0.45
CA LYS F 32 30.05 36.68 0.49
C LYS F 32 30.33 35.37 -0.24
N ASP F 33 30.88 34.40 0.49
CA ASP F 33 31.21 33.08 -0.12
C ASP F 33 29.93 32.29 -0.36
N THR F 34 28.82 32.72 0.23
CA THR F 34 27.55 32.01 0.07
C THR F 34 26.54 32.76 -0.78
N ASP F 35 26.88 33.93 -1.30
CA ASP F 35 25.98 34.68 -2.14
C ASP F 35 25.79 34.01 -3.49
N ILE F 36 24.58 34.09 -4.03
CA ILE F 36 24.31 33.73 -5.42
C ILE F 36 24.48 35.01 -6.23
N LEU F 37 25.34 34.95 -7.24
CA LEU F 37 25.68 36.13 -8.03
C LEU F 37 25.13 35.99 -9.44
N ALA F 38 24.56 37.08 -9.95
CA ALA F 38 24.04 37.14 -11.31
C ALA F 38 24.72 38.28 -12.05
N ALA F 39 25.00 38.07 -13.33
CA ALA F 39 25.59 39.09 -14.18
C ALA F 39 24.57 39.42 -15.26
N PHE F 40 23.91 40.56 -15.13
CA PHE F 40 22.88 41.00 -16.06
C PHE F 40 23.48 41.96 -17.08
N ARG F 41 23.22 41.69 -18.35
CA ARG F 41 23.52 42.64 -19.42
C ARG F 41 22.25 43.44 -19.70
N MET F 42 22.29 44.72 -19.31
CA MET F 42 21.05 45.53 -19.41
C MET F 42 21.26 46.80 -20.24
N THR F 43 20.25 47.17 -21.01
CA THR F 43 20.24 48.42 -21.77
C THR F 43 19.13 49.30 -21.23
N PRO F 44 19.43 50.28 -20.39
CA PRO F 44 18.37 51.13 -19.83
C PRO F 44 17.82 52.10 -20.85
N GLN F 45 16.60 52.57 -20.58
CA GLN F 45 15.99 53.58 -21.43
C GLN F 45 16.80 54.87 -21.35
N PRO F 46 16.82 55.68 -22.41
CA PRO F 46 17.57 56.93 -22.38
C PRO F 46 17.08 57.84 -21.27
N GLY F 47 18.04 58.47 -20.58
CA GLY F 47 17.76 59.27 -19.42
C GLY F 47 17.88 58.54 -18.10
N VAL F 48 17.85 57.21 -18.11
CA VAL F 48 18.00 56.41 -16.90
C VAL F 48 19.49 56.11 -16.73
N PRO F 49 20.12 56.57 -15.64
CA PRO F 49 21.53 56.24 -15.43
C PRO F 49 21.69 54.76 -15.15
N PRO F 50 22.84 54.18 -15.51
CA PRO F 50 23.04 52.74 -15.26
C PRO F 50 22.94 52.36 -13.79
N GLU F 51 23.36 53.25 -12.90
CA GLU F 51 23.34 52.94 -11.45
C GLU F 51 21.89 52.77 -10.99
N GLU F 52 20.98 53.61 -11.49
CA GLU F 52 19.56 53.51 -11.15
C GLU F 52 18.96 52.20 -11.66
N ALA F 53 19.33 51.80 -12.89
CA ALA F 53 18.79 50.57 -13.45
C ALA F 53 19.29 49.34 -12.70
N GLY F 54 20.58 49.31 -12.38
CA GLY F 54 21.10 48.22 -11.56
C GLY F 54 20.46 48.17 -10.19
N ALA F 55 20.21 49.34 -9.61
CA ALA F 55 19.53 49.39 -8.29
C ALA F 55 18.14 48.75 -8.42
N ALA F 56 17.42 49.04 -9.51
CA ALA F 56 16.06 48.49 -9.70
C ALA F 56 16.11 46.96 -9.81
N VAL F 57 17.02 46.44 -10.64
CA VAL F 57 17.16 44.96 -10.80
C VAL F 57 17.48 44.35 -9.43
N ALA F 58 18.39 44.98 -8.69
CA ALA F 58 18.76 44.48 -7.34
C ALA F 58 17.53 44.47 -6.44
N ALA F 59 16.72 45.52 -6.49
CA ALA F 59 15.52 45.62 -5.63
C ALA F 59 14.49 44.57 -6.07
N ARG F 79 18.69 42.74 4.73
CA ARG F 79 19.24 41.40 5.10
C ARG F 79 18.91 40.40 4.01
N TYR F 80 17.71 40.49 3.43
CA TYR F 80 17.29 39.56 2.35
C TYR F 80 17.16 40.34 1.05
N LYS F 81 17.78 41.51 0.98
CA LYS F 81 17.63 42.36 -0.23
C LYS F 81 18.75 42.04 -1.22
N GLY F 82 18.40 41.91 -2.50
CA GLY F 82 19.45 41.74 -3.52
C GLY F 82 20.12 43.09 -3.74
N ARG F 83 21.42 43.11 -3.99
CA ARG F 83 22.10 44.39 -4.10
C ARG F 83 23.03 44.38 -5.31
N CYS F 84 23.09 45.51 -6.00
CA CYS F 84 24.01 45.70 -7.11
C CYS F 84 25.35 46.17 -6.54
N TYR F 85 26.37 45.34 -6.68
CA TYR F 85 27.69 45.66 -6.07
C TYR F 85 28.69 46.09 -7.14
N ASP F 86 28.38 45.83 -8.42
CA ASP F 86 29.36 46.13 -9.50
C ASP F 86 28.66 46.41 -10.82
N ILE F 87 29.01 47.50 -11.48
CA ILE F 87 28.49 47.84 -12.79
C ILE F 87 29.66 48.17 -13.70
N GLU F 88 29.74 47.48 -14.83
CA GLU F 88 30.80 47.78 -15.82
C GLU F 88 30.14 48.05 -17.16
N PRO F 89 30.53 49.11 -17.92
CA PRO F 89 29.96 49.34 -19.25
C PRO F 89 30.55 48.36 -20.28
N VAL F 90 29.76 48.02 -21.30
CA VAL F 90 30.23 47.08 -22.35
C VAL F 90 30.97 47.89 -23.42
N PRO F 91 32.31 47.78 -23.53
CA PRO F 91 33.08 48.58 -24.48
C PRO F 91 32.79 48.10 -25.91
N GLY F 92 32.16 48.96 -26.73
CA GLY F 92 31.84 48.58 -28.12
C GLY F 92 30.36 48.33 -28.32
N GLU F 93 29.54 48.72 -27.34
CA GLU F 93 28.06 48.53 -27.46
C GLU F 93 27.37 49.86 -27.12
N GLU F 94 26.09 49.98 -27.49
CA GLU F 94 25.36 51.26 -27.28
C GLU F 94 24.63 51.23 -25.94
N ASN F 95 25.08 52.03 -24.96
CA ASN F 95 24.39 52.12 -23.64
C ASN F 95 24.13 50.71 -23.09
N GLN F 96 25.11 49.82 -23.18
CA GLN F 96 24.96 48.46 -22.61
C GLN F 96 25.89 48.32 -21.40
N TYR F 97 25.37 47.79 -20.29
CA TYR F 97 26.19 47.66 -19.06
C TYR F 97 26.01 46.27 -18.45
N ILE F 98 27.01 45.79 -17.72
CA ILE F 98 26.89 44.51 -17.02
C ILE F 98 26.67 44.82 -15.54
N ALA F 99 25.54 44.38 -15.00
CA ALA F 99 25.22 44.65 -13.58
C ALA F 99 25.39 43.36 -12.78
N TYR F 100 26.21 43.42 -11.72
CA TYR F 100 26.46 42.23 -10.88
C TYR F 100 25.59 42.29 -9.62
N ILE F 101 24.72 41.30 -9.42
CA ILE F 101 23.78 41.31 -8.28
C ILE F 101 24.15 40.21 -7.29
N ALA F 102 24.09 40.50 -5.98
CA ALA F 102 24.39 39.52 -4.95
C ALA F 102 23.12 39.20 -4.17
N TYR F 103 22.75 37.94 -4.14
CA TYR F 103 21.57 37.49 -3.41
C TYR F 103 22.00 36.67 -2.21
N PRO F 104 21.44 36.91 -1.03
CA PRO F 104 21.77 36.08 0.13
C PRO F 104 21.31 34.65 -0.06
N LEU F 105 22.07 33.72 0.54
CA LEU F 105 21.77 32.30 0.39
C LEU F 105 20.42 31.93 0.99
N ASP F 106 19.98 32.68 2.01
CA ASP F 106 18.70 32.35 2.72
C ASP F 106 17.48 32.61 1.84
N LEU F 107 17.66 33.22 0.67
CA LEU F 107 16.53 33.59 -0.16
C LEU F 107 15.92 32.40 -0.90
N PHE F 108 16.65 31.32 -1.06
CA PHE F 108 16.26 30.25 -1.97
C PHE F 108 15.96 28.97 -1.21
N GLU F 109 15.15 28.13 -1.85
CA GLU F 109 14.80 26.81 -1.27
C GLU F 109 15.88 25.81 -1.67
N GLU F 110 16.33 24.99 -0.72
CA GLU F 110 17.39 24.02 -0.97
C GLU F 110 17.00 23.06 -2.09
N GLY F 111 17.92 22.87 -3.03
CA GLY F 111 17.73 21.91 -4.10
C GLY F 111 16.55 22.18 -5.02
N SER F 112 16.24 23.45 -5.26
CA SER F 112 15.08 23.82 -6.07
C SER F 112 15.52 24.77 -7.18
N VAL F 113 15.69 24.25 -8.39
CA VAL F 113 15.97 25.11 -9.54
C VAL F 113 14.75 25.98 -9.85
N THR F 114 13.55 25.44 -9.65
CA THR F 114 12.34 26.21 -9.86
C THR F 114 12.35 27.49 -9.05
N ASN F 115 12.66 27.37 -7.76
CA ASN F 115 12.67 28.56 -6.86
C ASN F 115 13.80 29.52 -7.31
N LEU F 116 14.96 28.97 -7.64
CA LEU F 116 16.06 29.83 -8.06
C LEU F 116 15.66 30.70 -9.25
N PHE F 117 15.03 30.07 -10.26
CA PHE F 117 14.60 30.84 -11.41
C PHE F 117 13.45 31.77 -11.08
N THR F 118 12.57 31.38 -10.17
CA THR F 118 11.50 32.28 -9.74
C THR F 118 12.08 33.52 -9.06
N SER F 119 13.10 33.34 -8.23
CA SER F 119 13.66 34.47 -7.51
C SER F 119 14.48 35.37 -8.43
N ILE F 120 15.34 34.79 -9.27
CA ILE F 120 16.27 35.61 -10.03
C ILE F 120 15.58 36.28 -11.21
N VAL F 121 14.84 35.50 -12.00
CA VAL F 121 14.26 36.06 -13.26
C VAL F 121 12.73 35.96 -13.24
N GLY F 122 12.11 35.92 -12.06
CA GLY F 122 10.63 35.85 -11.97
C GLY F 122 9.98 37.04 -12.66
N ASN F 123 10.10 38.23 -12.07
CA ASN F 123 9.54 39.43 -12.71
C ASN F 123 10.62 40.50 -12.70
N VAL F 124 11.55 40.41 -13.64
CA VAL F 124 12.54 41.47 -13.84
C VAL F 124 12.71 41.83 -15.30
N PHE F 125 12.24 40.96 -16.20
CA PHE F 125 12.36 41.23 -17.66
C PHE F 125 11.21 42.13 -18.10
N GLY F 126 10.23 42.38 -17.23
CA GLY F 126 9.13 43.26 -17.51
C GLY F 126 9.27 44.67 -16.99
N PHE F 127 10.47 45.07 -16.56
CA PHE F 127 10.67 46.43 -16.09
C PHE F 127 10.68 47.42 -17.25
N LYS F 128 9.86 48.46 -17.15
CA LYS F 128 9.77 49.46 -18.25
C LYS F 128 11.07 50.27 -18.33
N ALA F 129 11.78 50.42 -17.21
CA ALA F 129 12.99 51.23 -17.21
C ALA F 129 14.12 50.62 -18.01
N LEU F 130 13.98 49.38 -18.44
CA LEU F 130 15.02 48.67 -19.19
C LEU F 130 14.53 48.43 -20.61
N ARG F 131 15.28 48.96 -21.58
CA ARG F 131 14.97 48.66 -22.97
C ARG F 131 15.17 47.18 -23.26
N ALA F 132 16.27 46.61 -22.78
CA ALA F 132 16.55 45.19 -22.94
C ALA F 132 17.30 44.70 -21.72
N LEU F 133 17.11 43.43 -21.39
CA LEU F 133 17.76 42.81 -20.24
C LEU F 133 18.12 41.37 -20.58
N ARG F 134 19.34 40.96 -20.24
CA ARG F 134 19.80 39.59 -20.56
C ARG F 134 20.64 39.02 -19.41
N LEU F 135 20.18 37.94 -18.78
CA LEU F 135 20.98 37.26 -17.77
C LEU F 135 22.09 36.49 -18.46
N GLU F 136 23.33 36.81 -18.12
CA GLU F 136 24.49 36.22 -18.78
C GLU F 136 25.09 35.05 -18.01
N ASP F 137 25.19 35.17 -16.69
CA ASP F 137 25.85 34.13 -15.91
C ASP F 137 25.27 34.10 -14.51
N LEU F 138 25.50 32.98 -13.83
CA LEU F 138 25.16 32.82 -12.42
C LEU F 138 26.36 32.24 -11.69
N ARG F 139 26.50 32.62 -10.42
CA ARG F 139 27.48 32.01 -9.54
C ARG F 139 26.72 31.25 -8.47
N ILE F 140 26.78 29.92 -8.53
CA ILE F 140 26.14 29.07 -7.54
C ILE F 140 27.18 28.77 -6.46
N PRO F 141 27.03 29.27 -5.24
CA PRO F 141 28.00 28.99 -4.20
C PRO F 141 28.00 27.50 -3.86
N PRO F 142 29.15 26.90 -3.46
CA PRO F 142 29.17 25.49 -3.04
C PRO F 142 28.07 25.17 -2.03
N ALA F 143 27.84 26.06 -1.06
CA ALA F 143 26.81 25.82 -0.02
C ALA F 143 25.47 25.47 -0.71
N TYR F 144 25.11 26.21 -1.75
CA TYR F 144 23.85 25.89 -2.49
C TYR F 144 24.06 24.63 -3.33
N VAL F 145 25.21 24.47 -3.98
CA VAL F 145 25.39 23.32 -4.85
C VAL F 145 25.22 22.03 -4.05
N LYS F 146 25.69 22.00 -2.81
CA LYS F 146 25.61 20.78 -2.02
C LYS F 146 24.18 20.38 -1.70
N THR F 147 23.22 21.27 -1.83
CA THR F 147 21.83 20.91 -1.58
C THR F 147 21.16 20.23 -2.76
N PHE F 148 21.83 20.14 -3.90
CA PHE F 148 21.30 19.51 -5.09
C PHE F 148 21.89 18.11 -5.26
N GLN F 149 21.09 17.18 -5.76
CA GLN F 149 21.61 15.87 -6.10
C GLN F 149 22.51 15.94 -7.33
N GLY F 150 22.12 16.72 -8.33
CA GLY F 150 22.87 16.79 -9.56
C GLY F 150 22.50 15.70 -10.53
N PRO F 151 23.34 15.50 -11.55
CA PRO F 151 23.04 14.46 -12.53
C PRO F 151 23.04 13.09 -11.88
N PRO F 152 22.19 12.18 -12.37
CA PRO F 152 22.09 10.87 -11.72
C PRO F 152 23.39 10.09 -11.69
N HIS F 153 24.15 10.14 -12.78
CA HIS F 153 25.38 9.30 -12.82
C HIS F 153 26.56 10.21 -13.11
N GLY F 154 26.47 11.00 -14.18
CA GLY F 154 27.60 11.85 -14.57
C GLY F 154 28.36 11.21 -15.71
N ILE F 155 29.47 11.81 -16.13
CA ILE F 155 30.23 11.32 -17.28
C ILE F 155 31.03 10.07 -16.92
N GLN F 156 31.77 10.11 -15.81
CA GLN F 156 32.64 8.99 -15.48
C GLN F 156 31.85 7.74 -15.15
N VAL F 157 30.77 7.89 -14.39
CA VAL F 157 29.92 6.72 -14.06
C VAL F 157 29.26 6.21 -15.34
N GLU F 158 28.88 7.11 -16.25
CA GLU F 158 28.29 6.66 -17.54
C GLU F 158 29.32 5.80 -18.27
N ARG F 159 30.55 6.31 -18.42
CA ARG F 159 31.62 5.56 -19.14
C ARG F 159 31.82 4.19 -18.47
N ASP F 160 31.87 4.16 -17.13
CA ASP F 160 32.09 2.88 -16.45
C ASP F 160 30.94 1.91 -16.69
N LYS F 161 29.71 2.42 -16.66
CA LYS F 161 28.51 1.54 -16.85
C LYS F 161 28.49 1.01 -18.29
N LEU F 162 28.79 1.87 -19.26
CA LEU F 162 28.76 1.49 -20.66
C LEU F 162 30.06 0.83 -21.12
N ASN F 163 31.11 0.91 -20.30
CA ASN F 163 32.41 0.23 -20.63
C ASN F 163 32.98 0.80 -21.94
N LYS F 164 32.81 2.10 -22.18
CA LYS F 164 33.34 2.75 -23.37
C LYS F 164 34.29 3.86 -22.94
N TYR F 165 35.53 3.79 -23.39
CA TYR F 165 36.57 4.72 -22.96
C TYR F 165 37.34 5.24 -24.16
N GLY F 166 37.87 6.45 -24.00
CA GLY F 166 38.84 6.97 -24.95
C GLY F 166 38.27 7.49 -26.25
N ARG F 167 36.95 7.67 -26.34
CA ARG F 167 36.36 8.12 -27.58
C ARG F 167 35.01 8.75 -27.28
N GLY F 168 34.57 9.60 -28.20
CA GLY F 168 33.23 10.15 -28.09
C GLY F 168 32.16 9.11 -28.38
N LEU F 169 30.96 9.39 -27.90
CA LEU F 169 29.84 8.52 -28.16
C LEU F 169 29.09 8.97 -29.40
N LEU F 170 28.37 8.04 -30.01
CA LEU F 170 27.68 8.28 -31.27
C LEU F 170 26.20 7.97 -31.12
N GLY F 171 25.36 8.82 -31.72
CA GLY F 171 23.93 8.61 -31.66
C GLY F 171 23.26 9.04 -32.95
N CYS F 172 22.06 8.52 -33.15
CA CYS F 172 21.26 8.85 -34.32
C CYS F 172 19.82 9.12 -33.90
N THR F 173 19.16 10.02 -34.63
CA THR F 173 17.73 10.30 -34.36
C THR F 173 16.92 9.51 -35.40
N ILE F 174 16.10 8.56 -34.95
CA ILE F 174 15.35 7.69 -35.91
C ILE F 174 14.50 8.57 -36.83
N LYS F 175 14.66 8.42 -38.14
CA LYS F 175 13.91 9.26 -39.11
C LYS F 175 13.20 8.34 -40.12
N PRO F 176 11.89 8.53 -40.40
CA PRO F 176 11.25 9.85 -40.38
C PRO F 176 10.86 10.32 -38.98
N LYS F 177 10.68 11.63 -38.81
CA LYS F 177 10.35 12.19 -37.46
C LYS F 177 9.09 11.53 -36.90
N LEU F 178 8.01 11.48 -37.70
CA LEU F 178 6.71 10.97 -37.19
C LEU F 178 6.04 10.07 -38.23
N GLY F 179 4.96 9.39 -37.85
CA GLY F 179 4.21 8.52 -38.78
C GLY F 179 4.65 7.08 -38.72
N LEU F 180 5.88 6.82 -38.25
CA LEU F 180 6.41 5.44 -38.25
C LEU F 180 5.70 4.60 -37.17
N SER F 181 5.40 3.34 -37.46
CA SER F 181 4.78 2.44 -36.45
C SER F 181 5.85 2.00 -35.45
N ALA F 182 5.45 1.58 -34.26
CA ALA F 182 6.40 1.11 -33.22
C ALA F 182 7.29 0.01 -33.79
N LYS F 183 6.71 -0.93 -34.55
CA LYS F 183 7.49 -2.03 -35.17
C LYS F 183 8.56 -1.43 -36.09
N ASN F 184 8.17 -0.53 -36.99
CA ASN F 184 9.13 0.05 -37.94
C ASN F 184 10.14 0.93 -37.22
N TYR F 185 9.69 1.60 -36.16
CA TYR F 185 10.64 2.41 -35.35
C TYR F 185 11.69 1.47 -34.76
N GLY F 186 11.25 0.35 -34.17
CA GLY F 186 12.20 -0.60 -33.62
C GLY F 186 13.13 -1.17 -34.67
N ARG F 187 12.61 -1.42 -35.87
CA ARG F 187 13.44 -1.97 -36.97
C ARG F 187 14.54 -0.95 -37.30
N ALA F 188 14.17 0.33 -37.42
CA ALA F 188 15.15 1.36 -37.71
C ALA F 188 16.19 1.46 -36.59
N VAL F 189 15.73 1.36 -35.34
CA VAL F 189 16.65 1.42 -34.20
C VAL F 189 17.66 0.27 -34.28
N TYR F 190 17.17 -0.94 -34.53
CA TYR F 190 18.06 -2.10 -34.60
C TYR F 190 19.04 -1.97 -35.74
N GLU F 191 18.57 -1.52 -36.90
CA GLU F 191 19.45 -1.38 -38.05
C GLU F 191 20.55 -0.36 -37.79
N CYS F 192 20.21 0.76 -37.16
CA CYS F 192 21.22 1.82 -36.91
C CYS F 192 22.19 1.37 -35.80
N LEU F 193 21.68 0.69 -34.77
CA LEU F 193 22.57 0.31 -33.63
C LEU F 193 23.54 -0.80 -34.04
N ARG F 194 23.07 -1.77 -34.84
CA ARG F 194 23.93 -2.93 -35.22
C ARG F 194 25.14 -2.44 -36.04
N GLY F 195 25.03 -1.28 -36.68
CA GLY F 195 26.13 -0.75 -37.51
C GLY F 195 27.34 -0.36 -36.69
N GLY F 196 27.13 0.02 -35.42
CA GLY F 196 28.25 0.45 -34.56
C GLY F 196 27.91 1.69 -33.75
N LEU F 197 26.71 2.25 -33.94
CA LEU F 197 26.29 3.43 -33.15
C LEU F 197 26.08 3.01 -31.70
N ASP F 198 26.40 3.89 -30.75
CA ASP F 198 26.26 3.56 -29.31
C ASP F 198 24.84 3.87 -28.86
N PHE F 199 24.17 4.84 -29.50
CA PHE F 199 22.85 5.24 -29.07
C PHE F 199 21.96 5.53 -30.27
N THR F 200 20.66 5.40 -30.04
CA THR F 200 19.64 5.99 -30.89
C THR F 200 18.69 6.75 -29.98
N LYS F 201 17.83 7.58 -30.58
CA LYS F 201 16.94 8.42 -29.72
C LYS F 201 15.58 8.61 -30.38
N ASP F 202 14.53 8.80 -29.56
CA ASP F 202 13.19 9.11 -30.12
C ASP F 202 13.22 10.56 -30.61
N ASP F 203 12.37 10.91 -31.57
CA ASP F 203 12.30 12.33 -32.01
C ASP F 203 11.78 13.17 -30.84
N GLU F 204 12.12 14.46 -30.80
CA GLU F 204 11.74 15.30 -29.67
C GLU F 204 10.23 15.37 -29.49
N ASN F 205 9.47 15.28 -30.58
CA ASN F 205 8.02 15.39 -30.51
C ASN F 205 7.34 14.03 -30.44
N VAL F 206 8.10 12.95 -30.34
CA VAL F 206 7.56 11.59 -30.23
C VAL F 206 7.43 11.28 -28.75
N ASN F 207 6.20 11.34 -28.24
CA ASN F 207 5.94 10.98 -26.82
C ASN F 207 4.95 9.81 -26.83
N SER F 208 3.72 10.05 -27.29
CA SER F 208 2.69 9.02 -27.35
C SER F 208 1.59 9.53 -28.27
N GLN F 209 1.45 8.91 -29.42
CA GLN F 209 0.48 9.43 -30.43
C GLN F 209 -0.38 8.29 -30.95
N PRO F 210 -1.54 8.55 -31.61
CA PRO F 210 -2.34 7.49 -32.19
C PRO F 210 -1.52 6.58 -33.11
N PHE F 211 -0.56 7.15 -33.84
CA PHE F 211 0.25 6.37 -34.82
C PHE F 211 1.20 5.43 -34.07
N MET F 212 1.69 5.84 -32.90
CA MET F 212 2.67 5.02 -32.16
C MET F 212 2.54 5.28 -30.66
N ARG F 213 1.80 4.42 -29.96
CA ARG F 213 1.69 4.54 -28.52
C ARG F 213 3.04 4.25 -27.87
N TRP F 214 3.22 4.78 -26.66
CA TRP F 214 4.55 4.78 -26.05
C TRP F 214 4.97 3.38 -25.59
N ARG F 215 4.04 2.57 -25.10
CA ARG F 215 4.44 1.27 -24.58
C ARG F 215 4.82 0.30 -25.69
N ASP F 216 4.11 0.36 -26.82
CA ASP F 216 4.52 -0.43 -27.98
C ASP F 216 5.92 -0.05 -28.44
N ARG F 217 6.19 1.25 -28.50
CA ARG F 217 7.52 1.70 -28.90
C ARG F 217 8.58 1.23 -27.90
N PHE F 218 8.28 1.31 -26.60
CA PHE F 218 9.25 0.88 -25.61
C PHE F 218 9.57 -0.61 -25.77
N LEU F 219 8.54 -1.43 -25.99
CA LEU F 219 8.77 -2.87 -26.14
C LEU F 219 9.58 -3.19 -27.40
N PHE F 220 9.20 -2.59 -28.53
CA PHE F 220 9.91 -2.90 -29.78
C PHE F 220 11.34 -2.37 -29.73
N VAL F 221 11.55 -1.19 -29.13
CA VAL F 221 12.89 -0.66 -28.98
C VAL F 221 13.72 -1.53 -28.06
N ALA F 222 13.12 -2.08 -27.01
CA ALA F 222 13.85 -2.99 -26.13
C ALA F 222 14.29 -4.24 -26.88
N GLU F 223 13.40 -4.81 -27.69
CA GLU F 223 13.79 -5.96 -28.49
C GLU F 223 14.91 -5.62 -29.46
N ALA F 224 14.84 -4.44 -30.09
CA ALA F 224 15.88 -4.03 -31.02
C ALA F 224 17.21 -3.81 -30.30
N ILE F 225 17.18 -3.17 -29.14
CA ILE F 225 18.40 -2.94 -28.36
C ILE F 225 19.05 -4.27 -28.00
N TYR F 226 18.25 -5.23 -27.54
CA TYR F 226 18.82 -6.50 -27.12
C TYR F 226 19.35 -7.29 -28.31
N LYS F 227 18.66 -7.23 -29.46
CA LYS F 227 19.16 -7.90 -30.64
C LYS F 227 20.50 -7.31 -31.09
N SER F 228 20.59 -5.98 -31.11
CA SER F 228 21.83 -5.34 -31.52
C SER F 228 22.96 -5.63 -30.54
N GLN F 229 22.66 -5.67 -29.25
CA GLN F 229 23.65 -6.03 -28.24
C GLN F 229 24.18 -7.44 -28.48
N ALA F 230 23.27 -8.39 -28.69
CA ALA F 230 23.70 -9.77 -28.92
C ALA F 230 24.54 -9.88 -30.18
N GLU F 231 24.17 -9.14 -31.23
CA GLU F 231 24.87 -9.25 -32.49
C GLU F 231 26.27 -8.65 -32.41
N THR F 232 26.39 -7.45 -31.86
CA THR F 232 27.69 -6.78 -31.88
C THR F 232 28.55 -7.09 -30.66
N GLY F 233 27.94 -7.44 -29.54
CA GLY F 233 28.68 -7.66 -28.31
C GLY F 233 29.01 -6.42 -27.52
N GLU F 234 28.59 -5.25 -27.99
CA GLU F 234 28.76 -4.00 -27.27
C GLU F 234 27.46 -3.59 -26.62
N ILE F 235 27.56 -2.87 -25.50
CA ILE F 235 26.35 -2.39 -24.83
C ILE F 235 25.73 -1.29 -25.66
N LYS F 236 24.43 -1.43 -25.90
CA LYS F 236 23.72 -0.44 -26.74
C LYS F 236 22.65 0.25 -25.91
N GLY F 237 22.01 1.28 -26.47
CA GLY F 237 20.99 2.03 -25.78
C GLY F 237 20.18 2.88 -26.74
N HIS F 238 19.03 3.31 -26.25
CA HIS F 238 18.14 4.18 -27.01
C HIS F 238 17.49 5.18 -26.06
N TYR F 239 17.58 6.47 -26.40
CA TYR F 239 17.00 7.53 -25.55
C TYR F 239 15.46 7.46 -25.63
N LEU F 240 14.84 6.70 -24.73
CA LEU F 240 13.36 6.56 -24.73
C LEU F 240 12.74 7.84 -24.16
N ASN F 241 11.82 8.47 -24.90
CA ASN F 241 11.24 9.76 -24.45
C ASN F 241 10.23 9.52 -23.33
N ALA F 242 10.51 10.00 -22.13
CA ALA F 242 9.57 9.89 -21.02
C ALA F 242 8.73 11.15 -20.84
N THR F 243 8.95 12.17 -21.67
CA THR F 243 8.24 13.43 -21.52
C THR F 243 6.74 13.21 -21.70
N ALA F 244 5.96 13.67 -20.72
CA ALA F 244 4.54 13.34 -20.68
C ALA F 244 3.76 14.53 -20.13
N ALA F 245 2.44 14.38 -20.12
CA ALA F 245 1.56 15.48 -19.65
C ALA F 245 1.64 15.63 -18.12
N THR F 246 1.56 14.52 -17.39
CA THR F 246 1.56 14.58 -15.90
C THR F 246 2.80 13.88 -15.35
N ALA F 247 3.26 14.32 -14.18
CA ALA F 247 4.46 13.71 -13.57
C ALA F 247 4.20 12.22 -13.35
N GLU F 248 2.95 11.86 -13.04
CA GLU F 248 2.62 10.46 -12.82
C GLU F 248 2.85 9.64 -14.09
N GLU F 249 2.42 10.15 -15.23
CA GLU F 249 2.62 9.46 -16.50
C GLU F 249 4.10 9.37 -16.85
N MET F 250 4.86 10.43 -16.59
CA MET F 250 6.29 10.43 -16.85
C MET F 250 7.01 9.39 -16.00
N LEU F 251 6.65 9.32 -14.71
CA LEU F 251 7.23 8.31 -13.85
C LEU F 251 6.80 6.90 -14.25
N LYS F 252 5.59 6.74 -14.78
CA LYS F 252 5.17 5.43 -15.27
C LYS F 252 6.01 5.00 -16.47
N ARG F 253 6.30 5.93 -17.38
CA ARG F 253 7.15 5.59 -18.52
C ARG F 253 8.56 5.26 -18.08
N ALA F 254 9.10 6.03 -17.12
CA ALA F 254 10.40 5.69 -16.57
C ALA F 254 10.39 4.32 -15.92
N GLU F 255 9.30 3.99 -15.24
CA GLU F 255 9.15 2.69 -14.58
C GLU F 255 9.12 1.57 -15.61
N CYS F 256 8.43 1.77 -16.74
CA CYS F 256 8.45 0.77 -17.79
C CYS F 256 9.85 0.57 -18.34
N ALA F 257 10.59 1.67 -18.55
CA ALA F 257 11.97 1.54 -19.02
C ALA F 257 12.82 0.78 -18.02
N LYS F 258 12.62 1.05 -16.73
CA LYS F 258 13.34 0.32 -15.70
C LYS F 258 12.98 -1.16 -15.70
N ASP F 259 11.71 -1.48 -15.94
CA ASP F 259 11.25 -2.89 -15.93
C ASP F 259 11.77 -3.64 -17.17
N LEU F 260 12.00 -2.94 -18.28
CA LEU F 260 12.59 -3.58 -19.45
C LEU F 260 14.09 -3.78 -19.32
N GLY F 261 14.74 -3.13 -18.36
CA GLY F 261 16.18 -3.23 -18.22
C GLY F 261 16.99 -2.42 -19.19
N VAL F 262 16.34 -1.55 -19.97
CA VAL F 262 17.03 -0.72 -20.96
C VAL F 262 17.85 0.33 -20.24
N PRO F 263 18.91 0.86 -20.85
CA PRO F 263 19.84 1.71 -20.11
C PRO F 263 19.42 3.16 -19.86
N ILE F 264 18.71 3.82 -20.78
CA ILE F 264 18.63 5.27 -20.78
C ILE F 264 17.26 5.75 -21.24
N ILE F 265 16.84 6.90 -20.71
CA ILE F 265 15.62 7.59 -21.12
C ILE F 265 15.97 9.05 -21.45
N MET F 266 14.96 9.78 -21.91
CA MET F 266 15.10 11.15 -22.40
C MET F 266 14.03 12.02 -21.77
N HIS F 267 14.32 13.32 -21.65
CA HIS F 267 13.36 14.28 -21.12
C HIS F 267 13.57 15.64 -21.76
N ASP F 268 12.47 16.37 -21.92
CA ASP F 268 12.47 17.76 -22.41
C ASP F 268 12.29 18.67 -21.21
N TYR F 269 13.39 19.19 -20.67
CA TYR F 269 13.31 19.88 -19.39
C TYR F 269 12.74 21.29 -19.50
N LEU F 270 12.95 21.96 -20.64
CA LEU F 270 12.50 23.37 -20.75
C LEU F 270 11.00 23.40 -21.07
N THR F 271 10.43 22.29 -21.56
CA THR F 271 8.97 22.23 -21.84
C THR F 271 8.26 21.46 -20.73
N GLY F 272 8.88 20.38 -20.24
CA GLY F 272 8.30 19.62 -19.12
C GLY F 272 8.37 20.40 -17.82
N GLY F 273 9.48 21.13 -17.61
CA GLY F 273 9.64 21.96 -16.40
C GLY F 273 10.72 21.43 -15.49
N PHE F 274 11.32 22.30 -14.67
CA PHE F 274 12.40 21.89 -13.75
C PHE F 274 11.84 20.94 -12.69
N THR F 275 10.61 21.19 -12.23
CA THR F 275 9.99 20.34 -11.18
C THR F 275 9.88 18.90 -11.70
N ALA F 276 9.38 18.72 -12.93
CA ALA F 276 9.28 17.38 -13.53
C ALA F 276 10.68 16.80 -13.75
N ASN F 277 11.62 17.61 -14.22
CA ASN F 277 12.99 17.13 -14.48
C ASN F 277 13.62 16.64 -13.18
N THR F 278 13.50 17.42 -12.10
CA THR F 278 14.13 17.03 -10.85
C THR F 278 13.54 15.73 -10.33
N SER F 279 12.22 15.54 -10.48
CA SER F 279 11.62 14.27 -10.10
C SER F 279 12.21 13.12 -10.93
N LEU F 280 12.34 13.33 -12.24
CA LEU F 280 12.88 12.28 -13.09
C LEU F 280 14.35 11.98 -12.74
N ALA F 281 15.13 13.01 -12.45
CA ALA F 281 16.53 12.80 -12.10
C ALA F 281 16.67 12.05 -10.79
N HIS F 282 15.85 12.38 -9.80
CA HIS F 282 15.86 11.63 -8.55
C HIS F 282 15.48 10.18 -8.79
N TYR F 283 14.46 9.94 -9.61
CA TYR F 283 14.06 8.57 -9.94
C TYR F 283 15.20 7.82 -10.62
N CYS F 284 15.87 8.46 -11.57
CA CYS F 284 16.94 7.82 -12.31
C CYS F 284 18.12 7.48 -11.42
N ARG F 285 18.44 8.37 -10.47
CA ARG F 285 19.47 8.05 -9.50
C ARG F 285 19.04 6.85 -8.64
N ASP F 286 17.78 6.82 -8.22
CA ASP F 286 17.30 5.74 -7.37
C ASP F 286 17.32 4.40 -8.08
N ASN F 287 17.04 4.37 -9.38
CA ASN F 287 16.84 3.11 -10.08
C ASN F 287 17.94 2.79 -11.08
N GLY F 288 19.02 3.55 -11.10
CA GLY F 288 20.14 3.28 -11.98
C GLY F 288 19.86 3.45 -13.46
N LEU F 289 19.19 4.52 -13.83
CA LEU F 289 18.90 4.84 -15.23
C LEU F 289 19.67 6.08 -15.65
N LEU F 290 20.15 6.07 -16.89
CA LEU F 290 20.80 7.27 -17.44
C LEU F 290 19.70 8.21 -17.92
N LEU F 291 19.99 9.50 -18.01
CA LEU F 291 19.00 10.52 -18.37
C LEU F 291 19.58 11.48 -19.39
N HIS F 292 19.05 11.42 -20.61
CA HIS F 292 19.41 12.35 -21.67
C HIS F 292 18.43 13.51 -21.69
N ILE F 293 18.95 14.73 -21.79
CA ILE F 293 18.14 15.94 -21.70
C ILE F 293 18.16 16.65 -23.03
N HIS F 294 16.98 16.94 -23.57
CA HIS F 294 16.84 17.70 -24.81
C HIS F 294 16.30 19.08 -24.48
N ARG F 295 16.89 20.10 -25.11
CA ARG F 295 16.56 21.49 -24.80
C ARG F 295 15.57 22.04 -25.81
N ALA F 296 14.37 21.48 -25.79
CA ALA F 296 13.29 22.00 -26.64
C ALA F 296 12.85 23.37 -26.15
N MET F 297 12.56 24.28 -27.09
CA MET F 297 12.05 25.64 -26.74
C MET F 297 13.16 26.51 -26.15
N HIS F 298 14.43 26.13 -26.35
CA HIS F 298 15.56 26.91 -25.76
C HIS F 298 15.74 28.23 -26.51
N ALA F 299 15.65 28.21 -27.84
CA ALA F 299 15.89 29.42 -28.66
C ALA F 299 14.85 30.50 -28.33
N VAL F 300 13.70 30.10 -27.80
CA VAL F 300 12.66 31.10 -27.41
C VAL F 300 13.23 31.95 -26.26
N ILE F 301 14.27 31.47 -25.56
CA ILE F 301 14.80 32.21 -24.38
C ILE F 301 16.28 32.59 -24.57
N ASP F 302 17.05 31.83 -25.34
CA ASP F 302 18.51 32.09 -25.42
C ASP F 302 18.99 32.49 -26.82
N ARG F 303 18.10 32.99 -27.69
CA ARG F 303 18.57 33.29 -29.07
C ARG F 303 18.98 34.76 -29.18
N GLN F 304 18.11 35.69 -28.80
CA GLN F 304 18.41 37.10 -28.97
C GLN F 304 19.48 37.56 -27.99
N ARG F 305 20.46 38.32 -28.52
CA ARG F 305 21.58 38.78 -27.72
C ARG F 305 21.18 39.81 -26.67
N ASN F 306 20.10 40.57 -26.91
CA ASN F 306 19.75 41.69 -25.98
C ASN F 306 18.77 41.24 -24.90
N HIS F 307 17.94 40.24 -25.17
CA HIS F 307 16.91 39.85 -24.23
C HIS F 307 16.96 38.35 -23.99
N GLY F 308 16.64 37.94 -22.76
CA GLY F 308 16.53 36.53 -22.44
C GLY F 308 17.54 36.01 -21.44
N ILE F 309 17.72 34.69 -21.42
CA ILE F 309 18.68 34.04 -20.53
C ILE F 309 19.66 33.27 -21.41
N HIS F 310 20.95 33.51 -21.20
CA HIS F 310 21.96 32.83 -22.00
C HIS F 310 21.95 31.33 -21.73
N PHE F 311 22.22 30.53 -22.77
CA PHE F 311 22.13 29.06 -22.62
C PHE F 311 23.02 28.56 -21.48
N ARG F 312 24.12 29.26 -21.19
CA ARG F 312 25.05 28.76 -20.13
C ARG F 312 24.31 28.69 -18.80
N VAL F 313 23.43 29.64 -18.52
CA VAL F 313 22.63 29.64 -17.25
C VAL F 313 21.67 28.44 -17.29
N LEU F 314 21.06 28.19 -18.45
CA LEU F 314 20.13 27.04 -18.59
C LEU F 314 20.93 25.73 -18.43
N ALA F 315 22.17 25.70 -18.95
CA ALA F 315 23.02 24.49 -18.81
C ALA F 315 23.37 24.27 -17.34
N LYS F 316 23.66 25.35 -16.59
CA LYS F 316 23.99 25.23 -15.15
C LYS F 316 22.74 24.81 -14.38
N ALA F 317 21.57 25.34 -14.76
CA ALA F 317 20.33 24.92 -14.12
C ALA F 317 20.04 23.45 -14.38
N LEU F 318 20.37 22.99 -15.59
CA LEU F 318 20.15 21.56 -15.94
C LEU F 318 21.11 20.70 -15.10
N ARG F 319 22.39 21.10 -15.01
CA ARG F 319 23.35 20.32 -14.23
C ARG F 319 22.94 20.25 -12.78
N LEU F 320 22.42 21.34 -12.23
CA LEU F 320 21.90 21.31 -10.87
C LEU F 320 20.69 20.39 -10.76
N SER F 321 19.71 20.56 -11.64
CA SER F 321 18.50 19.76 -11.57
C SER F 321 18.79 18.30 -11.83
N GLY F 322 19.67 18.01 -12.80
CA GLY F 322 20.01 16.64 -13.10
C GLY F 322 19.87 16.27 -14.56
N GLY F 323 20.95 15.77 -15.15
CA GLY F 323 20.93 15.22 -16.49
C GLY F 323 22.29 14.68 -16.88
N ASP F 324 22.33 13.45 -17.40
CA ASP F 324 23.60 12.86 -17.78
C ASP F 324 24.09 13.39 -19.12
N HIS F 325 23.18 13.62 -20.05
CA HIS F 325 23.48 14.25 -21.33
C HIS F 325 22.65 15.51 -21.46
N LEU F 326 23.17 16.47 -22.23
CA LEU F 326 22.40 17.70 -22.50
C LEU F 326 22.73 18.18 -23.92
N HIS F 327 21.77 18.08 -24.84
CA HIS F 327 21.95 18.56 -26.19
C HIS F 327 22.43 20.00 -26.15
N SER F 328 23.66 20.24 -26.59
CA SER F 328 24.34 21.49 -26.32
C SER F 328 24.68 22.31 -27.55
N GLY F 329 24.52 21.78 -28.75
CA GLY F 329 24.86 22.55 -29.93
C GLY F 329 24.41 21.87 -31.19
N THR F 330 24.36 22.66 -32.28
CA THR F 330 23.99 22.10 -33.61
C THR F 330 25.20 22.22 -34.53
N VAL F 331 25.35 21.31 -35.50
CA VAL F 331 26.55 21.29 -36.39
C VAL F 331 26.13 21.56 -37.85
N VAL F 332 25.05 22.31 -38.05
CA VAL F 332 24.62 22.67 -39.44
C VAL F 332 25.85 23.18 -40.19
N GLY F 333 26.29 22.48 -41.23
CA GLY F 333 27.50 22.87 -41.92
C GLY F 333 28.71 22.64 -41.03
N LYS F 334 28.80 23.43 -39.96
CA LYS F 334 29.89 23.24 -38.96
C LYS F 334 29.31 23.57 -37.58
N LEU F 335 30.07 23.34 -36.51
CA LEU F 335 29.56 23.74 -35.16
C LEU F 335 29.19 25.22 -35.22
N GLU F 336 27.90 25.54 -34.97
CA GLU F 336 27.44 26.96 -35.09
C GLU F 336 27.70 27.70 -33.77
N GLY F 337 27.73 29.04 -33.82
CA GLY F 337 27.95 29.85 -32.60
C GLY F 337 29.42 30.09 -32.36
N GLU F 338 29.76 31.17 -31.64
CA GLU F 338 31.18 31.45 -31.29
C GLU F 338 31.79 30.21 -30.63
N ARG F 339 32.95 29.76 -31.11
CA ARG F 339 33.62 28.57 -30.52
C ARG F 339 33.89 28.83 -29.04
N GLU F 340 34.44 29.99 -28.69
CA GLU F 340 34.83 30.28 -27.29
C GLU F 340 33.59 30.17 -26.39
N VAL F 341 32.46 30.72 -26.82
CA VAL F 341 31.22 30.65 -26.01
C VAL F 341 30.84 29.18 -25.83
N THR F 342 30.87 28.40 -26.91
CA THR F 342 30.54 26.96 -26.84
C THR F 342 31.50 26.28 -25.85
N LEU F 343 32.81 26.50 -26.04
CA LEU F 343 33.83 25.89 -25.15
C LEU F 343 33.54 26.31 -23.71
N GLY F 344 33.19 27.58 -23.49
CA GLY F 344 32.91 28.07 -22.13
C GLY F 344 31.79 27.28 -21.47
N PHE F 345 30.64 27.13 -22.14
CA PHE F 345 29.49 26.46 -21.49
C PHE F 345 29.74 24.94 -21.47
N VAL F 346 30.56 24.43 -22.41
CA VAL F 346 30.92 22.98 -22.36
C VAL F 346 31.78 22.76 -21.13
N ASP F 347 32.77 23.63 -20.91
CA ASP F 347 33.59 23.50 -19.70
C ASP F 347 32.74 23.73 -18.44
N LEU F 348 31.80 24.66 -18.51
CA LEU F 348 30.95 24.92 -17.35
C LEU F 348 30.09 23.72 -17.01
N MET F 349 29.63 22.99 -18.02
CA MET F 349 28.80 21.82 -17.79
C MET F 349 29.59 20.53 -17.63
N ARG F 350 30.90 20.55 -17.84
CA ARG F 350 31.73 19.35 -17.74
C ARG F 350 32.67 19.37 -16.55
N ASP F 351 33.48 20.41 -16.41
CA ASP F 351 34.57 20.43 -15.43
C ASP F 351 34.04 20.63 -14.02
N ASP F 352 34.93 20.45 -13.04
CA ASP F 352 34.54 20.63 -11.61
C ASP F 352 34.86 22.06 -11.17
N TYR F 353 35.84 22.70 -11.81
CA TYR F 353 36.26 24.06 -11.37
C TYR F 353 36.55 24.91 -12.60
N ILE F 354 35.70 25.90 -12.86
CA ILE F 354 35.87 26.78 -14.05
C ILE F 354 36.20 28.19 -13.57
N GLU F 355 37.42 28.67 -13.87
CA GLU F 355 37.84 30.03 -13.44
C GLU F 355 37.18 31.08 -14.34
N LYS F 356 37.01 32.30 -13.82
CA LYS F 356 36.37 33.40 -14.60
C LYS F 356 37.15 33.64 -15.90
N ASP F 357 36.45 33.66 -17.03
CA ASP F 357 37.10 33.94 -18.35
C ASP F 357 36.11 34.71 -19.22
N ARG F 358 36.22 36.04 -19.25
CA ARG F 358 35.23 36.87 -20.00
C ARG F 358 35.35 36.60 -21.51
N SER F 359 36.53 36.15 -21.96
CA SER F 359 36.71 35.82 -23.40
C SER F 359 35.74 34.70 -23.81
N ARG F 360 35.52 33.73 -22.92
CA ARG F 360 34.63 32.57 -23.25
C ARG F 360 33.25 32.78 -22.62
N GLY F 361 33.01 33.92 -21.96
CA GLY F 361 31.68 34.23 -21.42
C GLY F 361 31.52 33.76 -19.99
N ILE F 362 32.61 33.36 -19.33
CA ILE F 362 32.53 32.98 -17.90
C ILE F 362 32.66 34.25 -17.06
N TYR F 363 31.55 34.73 -16.48
CA TYR F 363 31.58 35.99 -15.71
C TYR F 363 31.97 35.73 -14.26
N PHE F 364 31.96 34.46 -13.84
CA PHE F 364 32.26 34.12 -12.43
C PHE F 364 32.98 32.78 -12.32
N THR F 365 33.86 32.63 -11.32
CA THR F 365 34.47 31.33 -11.06
C THR F 365 33.41 30.40 -10.50
N GLN F 366 33.29 29.22 -11.08
CA GLN F 366 32.25 28.27 -10.69
C GLN F 366 32.90 27.03 -10.09
N ASP F 367 32.72 26.83 -8.80
CA ASP F 367 33.14 25.63 -8.10
C ASP F 367 31.94 24.69 -8.01
N TRP F 368 32.10 23.47 -8.50
CA TRP F 368 31.02 22.50 -8.53
C TRP F 368 31.07 21.52 -7.38
N VAL F 369 32.06 21.64 -6.49
CA VAL F 369 32.31 20.76 -5.34
C VAL F 369 31.89 19.33 -5.61
N SER F 370 32.48 18.72 -6.64
CA SER F 370 32.38 17.30 -6.94
C SER F 370 30.99 16.88 -7.40
N LEU F 371 30.18 17.82 -7.87
CA LEU F 371 28.94 17.45 -8.54
C LEU F 371 29.25 16.75 -9.86
N PRO F 372 28.53 15.68 -10.19
CA PRO F 372 28.82 14.97 -11.44
C PRO F 372 28.65 15.88 -12.66
N GLY F 373 29.55 15.72 -13.62
CA GLY F 373 29.46 16.51 -14.83
C GLY F 373 28.43 15.99 -15.81
N THR F 374 28.01 16.87 -16.71
CA THR F 374 27.04 16.55 -17.75
C THR F 374 27.75 16.43 -19.09
N MET F 375 27.42 15.39 -19.85
CA MET F 375 28.06 15.17 -21.13
C MET F 375 27.38 16.01 -22.21
N PRO F 376 28.10 16.90 -22.89
CA PRO F 376 27.47 17.67 -23.96
C PRO F 376 27.21 16.80 -25.19
N VAL F 377 26.05 17.04 -25.82
CA VAL F 377 25.66 16.28 -27.03
C VAL F 377 25.54 17.25 -28.21
N ALA F 378 26.44 17.17 -29.18
CA ALA F 378 26.40 17.99 -30.38
C ALA F 378 25.65 17.23 -31.46
N SER F 379 24.54 17.80 -31.93
CA SER F 379 23.68 17.10 -32.91
C SER F 379 23.63 17.86 -34.23
N GLY F 380 22.87 17.33 -35.20
CA GLY F 380 22.70 18.04 -36.49
C GLY F 380 23.33 17.28 -37.64
N GLY F 381 23.77 18.00 -38.67
CA GLY F 381 24.35 17.37 -39.85
C GLY F 381 25.82 17.06 -39.70
N ILE F 382 26.13 16.02 -38.92
CA ILE F 382 27.55 15.62 -38.71
C ILE F 382 28.01 14.79 -39.91
N HIS F 383 28.57 15.44 -40.93
CA HIS F 383 29.06 14.71 -42.09
C HIS F 383 30.40 14.06 -41.76
N VAL F 384 30.75 13.05 -42.56
CA VAL F 384 31.91 12.22 -42.24
C VAL F 384 33.18 13.05 -42.23
N TRP F 385 33.38 13.90 -43.24
CA TRP F 385 34.58 14.71 -43.30
C TRP F 385 34.59 15.84 -42.28
N HIS F 386 33.49 16.07 -41.57
CA HIS F 386 33.46 17.08 -40.51
C HIS F 386 33.72 16.49 -39.13
N MET F 387 33.88 15.17 -39.04
CA MET F 387 34.19 14.55 -37.76
C MET F 387 35.50 15.02 -37.13
N PRO F 388 36.61 15.21 -37.87
CA PRO F 388 37.85 15.66 -37.21
C PRO F 388 37.70 16.98 -36.48
N ALA F 389 36.96 17.93 -37.06
CA ALA F 389 36.79 19.23 -36.41
C ALA F 389 36.08 19.09 -35.08
N LEU F 390 34.98 18.32 -35.05
CA LEU F 390 34.23 18.17 -33.81
C LEU F 390 34.99 17.34 -32.78
N VAL F 391 35.75 16.36 -33.23
CA VAL F 391 36.58 15.59 -32.30
C VAL F 391 37.64 16.50 -31.67
N GLU F 392 38.22 17.38 -32.47
CA GLU F 392 39.20 18.32 -31.92
C GLU F 392 38.54 19.29 -30.94
N ILE F 393 37.36 19.82 -31.29
CA ILE F 393 36.71 20.85 -30.44
C ILE F 393 36.18 20.24 -29.14
N PHE F 394 35.57 19.06 -29.19
CA PHE F 394 34.92 18.50 -28.01
C PHE F 394 35.80 17.52 -27.25
N GLY F 395 36.62 16.75 -27.93
CA GLY F 395 37.41 15.73 -27.27
C GLY F 395 36.67 14.41 -27.15
N ASP F 396 36.95 13.65 -26.10
CA ASP F 396 36.33 12.35 -25.92
C ASP F 396 35.03 12.41 -25.11
N ASP F 397 34.88 13.41 -24.24
CA ASP F 397 33.74 13.47 -23.34
C ASP F 397 32.58 14.23 -23.98
N ALA F 398 32.07 13.67 -25.08
CA ALA F 398 30.92 14.25 -25.76
C ALA F 398 30.27 13.17 -26.61
N CYS F 399 29.01 13.40 -26.92
CA CYS F 399 28.25 12.53 -27.82
C CYS F 399 27.93 13.30 -29.10
N LEU F 400 28.39 12.74 -30.22
CA LEU F 400 28.08 13.33 -31.55
C LEU F 400 26.79 12.68 -32.03
N GLN F 401 25.79 13.48 -32.37
CA GLN F 401 24.48 12.97 -32.73
C GLN F 401 24.20 13.23 -34.21
N PHE F 402 23.80 12.18 -34.92
CA PHE F 402 23.42 12.31 -36.33
C PHE F 402 21.90 12.49 -36.42
N GLY F 403 21.47 13.68 -35.97
CA GLY F 403 20.05 14.01 -35.95
C GLY F 403 19.42 14.08 -37.32
N GLY F 404 20.23 14.13 -38.37
CA GLY F 404 19.69 14.03 -39.71
C GLY F 404 19.20 12.65 -40.07
N GLY F 405 19.40 11.65 -39.20
CA GLY F 405 18.96 10.31 -39.49
C GLY F 405 19.86 9.56 -40.42
N THR F 406 21.03 10.15 -40.72
CA THR F 406 21.99 9.55 -41.69
C THR F 406 21.28 9.27 -43.01
N LEU F 407 21.16 8.00 -43.40
CA LEU F 407 20.44 7.60 -44.64
C LEU F 407 21.15 8.10 -45.90
N GLY F 408 22.20 8.92 -45.76
CA GLY F 408 22.95 9.37 -46.90
C GLY F 408 23.87 8.32 -47.49
N HIS F 409 24.08 7.23 -46.74
CA HIS F 409 24.94 6.12 -47.23
C HIS F 409 24.13 5.27 -48.21
N PRO F 410 24.57 5.11 -49.48
CA PRO F 410 23.79 4.37 -50.48
C PRO F 410 23.51 2.92 -50.10
N TRP F 411 24.30 2.33 -49.21
CA TRP F 411 24.14 0.91 -48.91
C TRP F 411 23.01 0.67 -47.92
N GLY F 412 22.94 1.46 -46.86
CA GLY F 412 21.88 1.29 -45.88
C GLY F 412 22.20 2.03 -44.59
N ASN F 413 21.33 1.82 -43.60
CA ASN F 413 21.51 2.44 -42.29
C ASN F 413 22.70 1.85 -41.56
N ALA F 414 22.77 0.52 -41.51
CA ALA F 414 23.86 -0.16 -40.77
C ALA F 414 25.25 0.20 -41.33
N PRO F 415 25.55 0.08 -42.65
CA PRO F 415 26.87 0.49 -43.16
C PRO F 415 27.15 1.99 -42.93
N GLY F 416 26.12 2.83 -43.01
CA GLY F 416 26.32 4.27 -42.73
C GLY F 416 26.77 4.45 -41.29
N ALA F 417 26.15 3.73 -40.36
CA ALA F 417 26.55 3.80 -38.94
C ALA F 417 28.00 3.33 -38.82
N ALA F 418 28.35 2.23 -39.50
CA ALA F 418 29.72 1.69 -39.44
C ALA F 418 30.70 2.74 -39.97
N ALA F 419 30.40 3.35 -41.12
CA ALA F 419 31.28 4.38 -41.69
C ALA F 419 31.52 5.46 -40.64
N ASN F 420 30.45 5.95 -40.02
CA ASN F 420 30.58 7.00 -38.98
C ASN F 420 31.49 6.47 -37.85
N ARG F 421 31.23 5.25 -37.38
CA ARG F 421 32.06 4.73 -36.29
C ARG F 421 33.51 4.59 -36.71
N VAL F 422 33.75 4.13 -37.93
CA VAL F 422 35.12 4.01 -38.44
C VAL F 422 35.78 5.37 -38.51
N ALA F 423 35.06 6.38 -38.99
CA ALA F 423 35.63 7.72 -39.09
C ALA F 423 35.96 8.28 -37.71
N LEU F 424 35.04 8.11 -36.75
CA LEU F 424 35.31 8.63 -35.41
C LEU F 424 36.51 7.93 -34.78
N GLU F 425 36.59 6.61 -34.92
CA GLU F 425 37.71 5.89 -34.33
C GLU F 425 39.04 6.26 -35.00
N ALA F 426 39.03 6.45 -36.32
CA ALA F 426 40.25 6.85 -37.02
C ALA F 426 40.69 8.24 -36.59
N CYS F 427 39.75 9.17 -36.45
CA CYS F 427 40.10 10.51 -35.99
C CYS F 427 40.66 10.47 -34.56
N THR F 428 40.04 9.67 -33.69
CA THR F 428 40.54 9.56 -32.33
C THR F 428 41.94 8.97 -32.30
N GLN F 429 42.18 7.93 -33.09
CA GLN F 429 43.51 7.32 -33.14
C GLN F 429 44.53 8.31 -33.64
N ALA F 430 44.20 9.08 -34.68
CA ALA F 430 45.12 10.09 -35.20
C ALA F 430 45.42 11.15 -34.15
N ARG F 431 44.40 11.60 -33.43
CA ARG F 431 44.62 12.61 -32.39
C ARG F 431 45.51 12.06 -31.28
N ASN F 432 45.33 10.79 -30.92
CA ASN F 432 46.15 10.20 -29.88
C ASN F 432 47.61 10.06 -30.30
N GLU F 433 47.88 10.00 -31.61
CA GLU F 433 49.25 9.87 -32.09
C GLU F 433 50.00 11.19 -32.13
N GLY F 434 49.35 12.31 -31.83
CA GLY F 434 49.97 13.60 -31.91
C GLY F 434 49.67 14.38 -33.17
N ARG F 435 48.76 13.89 -34.00
CA ARG F 435 48.39 14.60 -35.21
C ARG F 435 47.57 15.85 -34.89
N ASP F 436 47.65 16.83 -35.77
CA ASP F 436 46.85 18.06 -35.65
C ASP F 436 45.60 17.88 -36.51
N LEU F 437 44.47 17.60 -35.86
CA LEU F 437 43.25 17.24 -36.59
C LEU F 437 42.77 18.38 -37.50
N ALA F 438 42.84 19.61 -37.00
CA ALA F 438 42.38 20.75 -37.78
C ALA F 438 43.16 20.93 -39.08
N ARG F 439 44.34 20.33 -39.19
CA ARG F 439 45.15 20.43 -40.40
C ARG F 439 45.22 19.14 -41.20
N GLU F 440 45.00 17.97 -40.58
CA GLU F 440 45.14 16.69 -41.27
C GLU F 440 43.87 15.87 -41.21
N GLY F 441 42.71 16.50 -40.98
CA GLY F 441 41.47 15.75 -40.92
C GLY F 441 41.14 15.05 -42.23
N GLY F 442 41.32 15.74 -43.35
CA GLY F 442 41.07 15.13 -44.64
C GLY F 442 42.01 13.97 -44.92
N ASP F 443 43.29 14.13 -44.58
CA ASP F 443 44.25 13.04 -44.77
C ASP F 443 43.87 11.83 -43.93
N VAL F 444 43.47 12.05 -42.67
CA VAL F 444 43.08 10.94 -41.82
C VAL F 444 41.83 10.25 -42.35
N ILE F 445 40.86 11.05 -42.82
CA ILE F 445 39.63 10.47 -43.36
C ILE F 445 39.94 9.63 -44.60
N ARG F 446 40.78 10.17 -45.47
CA ARG F 446 41.16 9.43 -46.72
C ARG F 446 41.86 8.13 -46.33
N ALA F 447 42.83 8.20 -45.41
CA ALA F 447 43.59 7.03 -45.03
C ALA F 447 42.68 5.95 -44.44
N ALA F 448 41.69 6.37 -43.64
CA ALA F 448 40.72 5.41 -43.09
C ALA F 448 39.87 4.84 -44.22
N CYS F 449 39.50 5.68 -45.18
CA CYS F 449 38.66 5.24 -46.31
C CYS F 449 39.41 4.25 -47.20
N LYS F 450 40.74 4.32 -47.21
CA LYS F 450 41.55 3.43 -48.09
C LYS F 450 41.30 1.96 -47.73
N TRP F 451 40.95 1.68 -46.47
CA TRP F 451 40.78 0.26 -46.03
C TRP F 451 39.33 -0.03 -45.64
N SER F 452 38.46 0.99 -45.60
CA SER F 452 37.09 0.77 -45.17
C SER F 452 36.14 0.87 -46.35
N PRO F 453 35.62 -0.25 -46.86
CA PRO F 453 34.64 -0.18 -47.94
C PRO F 453 33.39 0.60 -47.55
N GLU F 454 32.96 0.49 -46.29
CA GLU F 454 31.78 1.22 -45.84
C GLU F 454 32.03 2.72 -45.87
N LEU F 455 33.19 3.16 -45.40
CA LEU F 455 33.53 4.58 -45.46
C LEU F 455 33.79 5.05 -46.89
N ALA F 456 34.21 4.15 -47.78
CA ALA F 456 34.41 4.54 -49.17
C ALA F 456 33.11 4.99 -49.82
N ALA F 457 32.01 4.26 -49.56
CA ALA F 457 30.71 4.67 -50.07
C ALA F 457 30.15 5.88 -49.33
N ALA F 458 30.73 6.20 -48.18
CA ALA F 458 30.25 7.36 -47.39
C ALA F 458 31.06 8.61 -47.77
N CYS F 459 32.37 8.45 -48.01
CA CYS F 459 33.23 9.58 -48.32
C CYS F 459 32.92 10.17 -49.70
N GLU F 460 32.21 9.44 -50.55
CA GLU F 460 31.83 9.97 -51.86
C GLU F 460 30.58 10.83 -51.74
N GLN G 45 26.27 -2.91 -50.35
CA GLN G 45 26.78 -4.04 -49.53
C GLN G 45 25.96 -4.13 -48.24
N VAL G 46 26.03 -5.28 -47.55
CA VAL G 46 25.19 -5.47 -46.34
C VAL G 46 26.07 -5.79 -45.13
N TRP G 47 25.98 -4.99 -44.07
CA TRP G 47 26.74 -5.28 -42.83
C TRP G 47 26.42 -6.72 -42.39
N THR G 48 27.44 -7.56 -42.24
CA THR G 48 27.20 -8.99 -41.91
C THR G 48 26.79 -9.13 -40.44
N PRO G 49 25.69 -9.83 -40.09
CA PRO G 49 25.34 -10.05 -38.69
C PRO G 49 25.89 -11.39 -38.18
N LEU G 50 26.74 -12.05 -38.98
CA LEU G 50 27.27 -13.38 -38.61
C LEU G 50 28.73 -13.26 -38.19
N ASN G 51 29.07 -13.72 -36.98
CA ASN G 51 30.48 -13.70 -36.51
C ASN G 51 31.08 -12.30 -36.74
N ASN G 52 30.38 -11.26 -36.30
CA ASN G 52 30.91 -9.87 -36.44
C ASN G 52 30.88 -9.21 -35.06
N LYS G 53 31.63 -9.76 -34.10
CA LYS G 53 31.67 -9.18 -32.73
C LYS G 53 32.67 -8.03 -32.68
N PHE G 54 32.48 -7.08 -31.77
CA PHE G 54 33.37 -5.94 -31.64
C PHE G 54 33.66 -5.67 -30.18
N PHE G 55 34.77 -4.98 -29.92
CA PHE G 55 35.21 -4.76 -28.51
C PHE G 55 35.42 -3.27 -28.23
N GLU G 56 34.41 -2.44 -28.46
CA GLU G 56 34.47 -0.99 -28.11
C GLU G 56 35.56 -0.22 -28.85
N THR G 57 36.41 0.52 -28.12
CA THR G 57 37.39 1.45 -28.76
C THR G 57 38.36 0.79 -29.74
N PHE G 58 38.56 1.44 -30.89
CA PHE G 58 39.53 1.02 -31.91
C PHE G 58 39.25 -0.38 -32.44
N SER G 59 38.09 -0.96 -32.13
CA SER G 59 37.75 -2.29 -32.63
C SER G 59 37.32 -2.28 -34.08
N TYR G 60 36.91 -1.11 -34.60
CA TYR G 60 36.47 -1.00 -35.99
C TYR G 60 37.60 -0.60 -36.94
N LEU G 61 38.79 -0.38 -36.43
CA LEU G 61 39.97 -0.18 -37.25
C LEU G 61 40.62 -1.53 -37.54
N PRO G 62 41.48 -1.65 -38.58
CA PRO G 62 42.20 -2.91 -38.81
C PRO G 62 43.06 -3.26 -37.58
N PRO G 63 43.42 -4.55 -37.36
CA PRO G 63 44.18 -4.95 -36.18
C PRO G 63 45.44 -4.06 -36.05
N MET G 64 45.68 -3.51 -34.86
CA MET G 64 46.82 -2.56 -34.68
C MET G 64 48.15 -3.31 -34.67
N THR G 65 49.18 -2.75 -35.30
CA THR G 65 50.50 -3.36 -35.28
C THR G 65 51.22 -3.01 -33.99
N ASP G 66 52.44 -3.53 -33.84
CA ASP G 66 53.22 -3.26 -32.65
C ASP G 66 53.54 -1.78 -32.51
N ALA G 67 53.87 -1.12 -33.62
CA ALA G 67 54.17 0.30 -33.58
C ALA G 67 52.93 1.12 -33.19
N GLU G 68 51.76 0.75 -33.70
CA GLU G 68 50.55 1.48 -33.37
C GLU G 68 50.17 1.30 -31.90
N ILE G 69 50.29 0.06 -31.41
CA ILE G 69 50.02 -0.19 -29.96
C ILE G 69 51.00 0.65 -29.16
N SER G 70 52.28 0.63 -29.56
CA SER G 70 53.30 1.39 -28.84
C SER G 70 52.94 2.87 -28.80
N ARG G 71 52.49 3.43 -29.93
CA ARG G 71 52.13 4.84 -29.95
C ARG G 71 50.93 5.13 -29.05
N GLN G 72 49.95 4.23 -29.03
CA GLN G 72 48.80 4.40 -28.15
C GLN G 72 49.22 4.36 -26.68
N VAL G 73 50.11 3.43 -26.32
CA VAL G 73 50.58 3.34 -24.95
C VAL G 73 51.41 4.57 -24.59
N ASP G 74 52.19 5.08 -25.54
CA ASP G 74 52.92 6.32 -25.30
C ASP G 74 51.98 7.49 -25.08
N TYR G 75 50.86 7.52 -25.81
CA TYR G 75 49.87 8.56 -25.58
C TYR G 75 49.28 8.45 -24.18
N ILE G 76 48.99 7.22 -23.74
CA ILE G 76 48.46 7.03 -22.39
C ILE G 76 49.48 7.49 -21.34
N VAL G 77 50.74 7.14 -21.54
CA VAL G 77 51.78 7.49 -20.58
C VAL G 77 52.01 8.99 -20.55
N SER G 78 51.94 9.62 -21.74
CA SER G 78 52.20 11.08 -21.84
C SER G 78 51.19 11.85 -20.99
N ASN G 79 49.93 11.43 -20.99
CA ASN G 79 48.91 12.13 -20.23
C ASN G 79 49.09 11.98 -18.73
N GLY G 80 50.01 11.13 -18.28
CA GLY G 80 50.19 10.87 -16.88
C GLY G 80 49.44 9.66 -16.37
N TRP G 81 48.92 8.82 -17.24
CA TRP G 81 48.09 7.69 -16.87
C TRP G 81 48.89 6.40 -16.86
N THR G 82 48.33 5.40 -16.18
CA THR G 82 49.00 4.11 -16.03
C THR G 82 48.38 3.10 -16.99
N PRO G 83 49.17 2.46 -17.85
CA PRO G 83 48.63 1.40 -18.71
C PRO G 83 48.76 0.02 -18.08
N CYS G 84 47.73 -0.80 -18.30
CA CYS G 84 47.72 -2.19 -17.84
C CYS G 84 47.08 -3.05 -18.92
N LEU G 85 47.11 -4.36 -18.68
CA LEU G 85 46.60 -5.30 -19.71
C LEU G 85 45.46 -6.14 -19.15
N GLU G 86 44.37 -6.26 -19.91
CA GLU G 86 43.24 -7.13 -19.53
C GLU G 86 43.16 -8.25 -20.57
N PHE G 87 42.71 -9.43 -20.16
CA PHE G 87 42.57 -10.55 -21.08
C PHE G 87 41.36 -11.38 -20.68
N ALA G 88 40.74 -12.00 -21.66
CA ALA G 88 39.61 -12.89 -21.42
C ALA G 88 39.49 -13.87 -22.57
N GLY G 89 39.17 -15.11 -22.25
CA GLY G 89 38.87 -16.09 -23.27
C GLY G 89 37.53 -15.84 -23.92
N ALA G 90 37.23 -16.63 -24.94
CA ALA G 90 36.03 -16.39 -25.73
C ALA G 90 34.76 -16.62 -24.92
N GLU G 91 34.82 -17.43 -23.87
CA GLU G 91 33.64 -17.70 -23.06
C GLU G 91 33.28 -16.55 -22.14
N SER G 92 34.21 -15.65 -21.83
CA SER G 92 33.94 -14.52 -20.94
C SER G 92 34.41 -13.21 -21.54
N ALA G 93 34.34 -13.08 -22.87
CA ALA G 93 34.77 -11.87 -23.55
C ALA G 93 33.62 -10.93 -23.90
N TYR G 94 32.48 -11.48 -24.30
CA TYR G 94 31.34 -10.68 -24.73
C TYR G 94 30.37 -10.47 -23.56
N THR G 95 29.63 -9.37 -23.62
CA THR G 95 28.65 -9.07 -22.60
C THR G 95 27.54 -10.12 -22.60
N SER G 96 26.99 -10.38 -21.42
CA SER G 96 25.97 -11.42 -21.26
C SER G 96 25.09 -11.08 -20.08
N ASN G 97 23.94 -11.76 -20.02
CA ASN G 97 22.96 -11.58 -18.95
C ASN G 97 22.83 -12.86 -18.12
N GLU G 98 23.94 -13.53 -17.85
CA GLU G 98 23.86 -14.84 -17.21
C GLU G 98 23.42 -14.73 -15.75
N ASN G 99 23.84 -13.67 -15.06
CA ASN G 99 23.55 -13.50 -13.64
C ASN G 99 22.31 -12.69 -13.38
N CYS G 100 21.65 -12.17 -14.42
CA CYS G 100 20.41 -11.43 -14.23
C CYS G 100 19.30 -12.29 -13.66
N VAL G 101 19.44 -13.62 -13.73
CA VAL G 101 18.45 -14.52 -13.16
C VAL G 101 18.39 -14.42 -11.64
N ARG G 102 19.43 -13.90 -11.00
CA ARG G 102 19.49 -13.78 -9.56
C ARG G 102 18.95 -12.45 -9.03
N MET G 103 18.47 -11.58 -9.91
CA MET G 103 18.14 -10.22 -9.53
C MET G 103 16.66 -9.93 -9.67
N GLN G 104 16.22 -8.98 -8.85
CA GLN G 104 14.81 -8.57 -8.91
C GLN G 104 14.80 -7.06 -9.11
N ASN G 105 13.63 -6.44 -9.01
CA ASN G 105 13.45 -5.00 -9.14
C ASN G 105 13.86 -4.49 -10.51
N THR G 106 15.15 -4.53 -10.82
CA THR G 106 15.63 -4.07 -12.12
C THR G 106 17.00 -4.68 -12.39
N THR G 107 17.37 -4.70 -13.68
CA THR G 107 18.71 -5.06 -14.11
C THR G 107 19.34 -3.96 -14.96
N CYS G 108 18.82 -2.74 -14.85
CA CYS G 108 19.31 -1.63 -15.67
C CYS G 108 20.79 -1.38 -15.41
N LEU G 109 21.57 -1.25 -16.49
CA LEU G 109 23.02 -0.92 -16.40
C LEU G 109 23.83 -2.08 -15.80
N TYR G 110 23.26 -3.28 -15.68
CA TYR G 110 24.02 -4.43 -15.25
C TYR G 110 24.27 -5.33 -16.44
N TYR G 111 25.54 -5.64 -16.69
CA TYR G 111 25.92 -6.58 -17.73
C TYR G 111 27.11 -7.39 -17.24
N ASP G 112 27.13 -8.66 -17.60
CA ASP G 112 28.23 -9.54 -17.23
C ASP G 112 29.38 -9.38 -18.22
N ASN G 113 30.55 -9.82 -17.78
CA ASN G 113 31.80 -9.81 -18.56
C ASN G 113 32.27 -8.41 -18.89
N ARG G 114 31.75 -7.37 -18.22
CA ARG G 114 32.35 -6.05 -18.36
C ARG G 114 33.75 -6.04 -17.78
N TYR G 115 33.95 -6.75 -16.68
CA TYR G 115 35.28 -6.94 -16.11
C TYR G 115 36.02 -8.04 -16.84
N TRP G 116 37.24 -7.77 -17.25
CA TRP G 116 38.17 -8.79 -17.69
C TRP G 116 39.15 -9.09 -16.56
N THR G 117 40.17 -9.89 -16.86
CA THR G 117 41.16 -10.27 -15.83
C THR G 117 42.43 -9.45 -16.02
N MET G 118 42.96 -8.86 -14.94
CA MET G 118 44.19 -8.04 -15.03
C MET G 118 45.40 -8.94 -15.32
N TRP G 119 46.33 -8.46 -16.14
CA TRP G 119 47.53 -9.26 -16.49
C TRP G 119 48.74 -8.75 -15.70
N CYS G 126 54.58 -1.07 -16.19
CA CYS G 126 53.71 0.03 -16.61
C CYS G 126 54.46 1.35 -16.60
N THR G 127 55.49 1.45 -17.43
CA THR G 127 56.32 2.65 -17.50
C THR G 127 56.37 3.28 -18.88
N ASP G 128 56.33 2.50 -19.94
CA ASP G 128 56.48 3.01 -21.30
C ASP G 128 55.85 2.04 -22.28
N GLY G 129 55.92 2.40 -23.57
CA GLY G 129 55.32 1.57 -24.59
C GLY G 129 56.02 0.23 -24.76
N GLY G 130 57.34 0.22 -24.68
CA GLY G 130 58.08 -1.02 -24.88
C GLY G 130 57.76 -2.07 -23.85
N GLN G 131 57.65 -1.67 -22.58
CA GLN G 131 57.33 -2.63 -21.52
C GLN G 131 55.94 -3.21 -21.71
N VAL G 132 54.96 -2.37 -22.06
CA VAL G 132 53.60 -2.85 -22.27
C VAL G 132 53.56 -3.76 -23.49
N LEU G 133 54.35 -3.47 -24.52
CA LEU G 133 54.42 -4.35 -25.67
C LEU G 133 55.01 -5.71 -25.30
N ARG G 134 56.07 -5.70 -24.49
CA ARG G 134 56.65 -6.97 -24.02
C ARG G 134 55.63 -7.76 -23.22
N GLU G 135 54.86 -7.08 -22.36
CA GLU G 135 53.81 -7.75 -21.62
C GLU G 135 52.71 -8.27 -22.53
N VAL G 136 52.44 -7.57 -23.64
CA VAL G 136 51.45 -8.03 -24.60
C VAL G 136 51.90 -9.34 -25.24
N GLN G 137 53.17 -9.40 -25.65
CA GLN G 137 53.71 -10.66 -26.17
C GLN G 137 53.70 -11.77 -25.13
N ALA G 138 54.03 -11.44 -23.87
CA ALA G 138 53.99 -12.45 -22.82
C ALA G 138 52.58 -12.98 -22.62
N CYS G 139 51.58 -12.09 -22.60
CA CYS G 139 50.20 -12.52 -22.45
C CYS G 139 49.74 -13.35 -23.64
N ARG G 140 50.18 -12.97 -24.85
CA ARG G 140 49.87 -13.75 -26.04
C ARG G 140 50.41 -15.16 -25.93
N ARG G 141 51.67 -15.30 -25.49
CA ARG G 141 52.26 -16.63 -25.35
C ARG G 141 51.54 -17.43 -24.27
N ALA G 142 51.23 -16.80 -23.13
CA ALA G 142 50.61 -17.52 -22.02
C ALA G 142 49.18 -17.93 -22.33
N PHE G 143 48.43 -17.00 -22.94
CA PHE G 143 47.00 -17.27 -23.28
C PHE G 143 46.78 -16.96 -24.77
N PRO G 144 47.08 -17.90 -25.69
CA PRO G 144 46.96 -17.64 -27.12
C PRO G 144 45.51 -17.52 -27.61
N ASP G 145 44.56 -18.09 -26.86
CA ASP G 145 43.13 -18.08 -27.30
C ASP G 145 42.37 -17.00 -26.53
N ALA G 146 43.05 -15.94 -26.10
CA ALA G 146 42.38 -14.91 -25.26
C ALA G 146 42.50 -13.52 -25.91
N TYR G 147 41.43 -12.72 -25.86
CA TYR G 147 41.51 -11.33 -26.36
C TYR G 147 42.30 -10.50 -25.33
N ILE G 148 43.19 -9.64 -25.80
CA ILE G 148 43.98 -8.77 -24.87
C ILE G 148 43.48 -7.33 -25.02
N ARG G 149 43.30 -6.62 -23.90
CA ARG G 149 42.80 -5.23 -23.95
C ARG G 149 43.72 -4.33 -23.12
N VAL G 150 44.16 -3.21 -23.70
CA VAL G 150 45.00 -2.25 -23.00
C VAL G 150 44.09 -1.26 -22.28
N VAL G 151 44.27 -1.11 -20.97
CA VAL G 151 43.46 -0.20 -20.17
C VAL G 151 44.35 0.91 -19.63
N GLY G 152 43.74 2.06 -19.41
CA GLY G 152 44.43 3.20 -18.84
C GLY G 152 43.75 3.64 -17.57
N PHE G 153 44.55 4.04 -16.58
CA PHE G 153 43.99 4.46 -15.26
C PHE G 153 44.59 5.81 -14.86
N ASP G 154 43.74 6.82 -14.65
CA ASP G 154 44.24 8.13 -14.15
C ASP G 154 44.61 7.94 -12.67
N PRO G 155 45.89 8.12 -12.27
CA PRO G 155 46.31 7.85 -10.89
C PRO G 155 45.77 8.88 -9.88
N VAL G 156 45.42 10.07 -10.35
CA VAL G 156 44.93 11.15 -9.44
C VAL G 156 43.42 10.94 -9.19
N ARG G 157 42.64 10.89 -10.26
CA ARG G 157 41.17 10.74 -10.13
C ARG G 157 40.83 9.29 -9.74
N GLN G 158 41.79 8.37 -9.92
CA GLN G 158 41.55 6.94 -9.62
C GLN G 158 40.35 6.45 -10.42
N VAL G 159 40.29 6.78 -11.71
CA VAL G 159 39.18 6.32 -12.60
C VAL G 159 39.79 5.68 -13.84
N GLN G 160 39.07 4.77 -14.51
CA GLN G 160 39.61 4.22 -15.78
C GLN G 160 39.40 5.26 -16.88
N VAL G 161 40.45 5.57 -17.65
CA VAL G 161 40.36 6.59 -18.68
C VAL G 161 40.56 6.04 -20.08
N SER G 162 41.02 4.78 -20.18
CA SER G 162 41.31 4.19 -21.51
C SER G 162 40.95 2.71 -21.54
N GLY G 163 40.67 2.17 -22.73
CA GLY G 163 40.31 0.75 -22.88
C GLY G 163 40.14 0.36 -24.33
N PHE G 164 41.19 -0.19 -24.95
CA PHE G 164 41.12 -0.58 -26.39
C PHE G 164 41.69 -1.99 -26.58
N LEU G 165 41.05 -2.80 -27.42
CA LEU G 165 41.51 -4.18 -27.69
C LEU G 165 42.79 -4.11 -28.54
N VAL G 166 43.77 -4.98 -28.25
CA VAL G 166 45.06 -4.97 -29.01
C VAL G 166 45.34 -6.38 -29.56
N ASN G 167 44.48 -7.35 -29.23
CA ASN G 167 44.74 -8.74 -29.68
C ASN G 167 43.43 -9.51 -29.88
N ARG G 168 43.30 -10.20 -31.01
CA ARG G 168 42.10 -11.05 -31.26
C ARG G 168 42.60 -12.48 -31.54
N PRO G 169 42.24 -13.50 -30.73
CA PRO G 169 42.79 -14.85 -30.90
C PRO G 169 42.48 -15.40 -32.29
N ALA G 170 43.51 -15.81 -33.03
CA ALA G 170 43.30 -16.38 -34.38
C ALA G 170 42.38 -17.60 -34.28
N SER G 171 42.52 -18.39 -33.22
CA SER G 171 41.69 -19.61 -33.04
C SER G 171 40.21 -19.25 -33.04
N VAL G 172 39.83 -18.17 -32.34
CA VAL G 172 38.38 -17.80 -32.25
C VAL G 172 37.97 -17.10 -33.55
N ARG G 173 36.77 -17.39 -34.04
CA ARG G 173 36.30 -16.80 -35.32
C ARG G 173 34.95 -16.12 -35.10
N ASP G 174 34.80 -15.40 -33.97
CA ASP G 174 33.54 -14.70 -33.65
C ASP G 174 33.59 -13.27 -34.20
N TYR G 175 34.66 -12.93 -34.92
CA TYR G 175 34.83 -11.55 -35.43
C TYR G 175 35.15 -11.58 -36.92
N GLN G 176 34.89 -10.49 -37.63
CA GLN G 176 35.18 -10.42 -39.09
C GLN G 176 36.45 -9.58 -39.32
N GLY G 177 36.81 -9.36 -40.58
CA GLY G 177 37.98 -8.51 -40.91
C GLY G 177 37.51 -7.24 -41.60
N PRO G 178 38.35 -6.19 -41.72
CA PRO G 178 37.90 -4.92 -42.29
C PRO G 178 37.15 -5.06 -43.62
N SER G 179 37.53 -6.04 -44.45
CA SER G 179 36.89 -6.22 -45.78
C SER G 179 35.72 -7.22 -45.70
N THR G 180 35.69 -8.06 -44.67
CA THR G 180 34.64 -9.11 -44.58
C THR G 180 33.49 -8.62 -43.69
N ARG G 181 33.55 -7.37 -43.22
CA ARG G 181 32.49 -6.80 -42.36
C ARG G 181 31.23 -6.54 -43.19
N SER G 182 31.39 -6.38 -44.52
CA SER G 182 30.22 -6.18 -45.41
C SER G 182 30.19 -7.28 -46.47
N VAL G 183 29.00 -7.81 -46.78
CA VAL G 183 28.87 -8.93 -47.77
C VAL G 183 27.80 -8.55 -48.80
N LEU H 22 -44.36 22.04 -32.50
CA LEU H 22 -43.42 21.13 -31.88
C LEU H 22 -42.07 21.81 -31.65
N THR H 23 -41.71 21.99 -30.38
CA THR H 23 -40.43 22.62 -30.07
C THR H 23 -39.26 21.68 -30.31
N TYR H 24 -39.50 20.38 -30.46
CA TYR H 24 -38.46 19.38 -30.55
C TYR H 24 -38.30 18.80 -31.94
N TYR H 25 -39.15 19.20 -32.89
CA TYR H 25 -38.99 18.83 -34.29
C TYR H 25 -38.59 20.10 -35.04
N THR H 26 -37.34 20.14 -35.52
CA THR H 26 -36.78 21.30 -36.19
C THR H 26 -36.20 20.85 -37.53
N PRO H 27 -37.04 20.69 -38.55
CA PRO H 27 -36.55 20.21 -39.84
C PRO H 27 -35.57 21.14 -40.52
N ASP H 28 -35.47 22.41 -40.10
CA ASP H 28 -34.51 23.34 -40.67
C ASP H 28 -33.19 23.36 -39.89
N TYR H 29 -33.06 22.54 -38.85
CA TYR H 29 -31.84 22.55 -38.06
C TYR H 29 -30.71 21.86 -38.79
N GLN H 30 -29.52 22.47 -38.72
CA GLN H 30 -28.33 21.88 -39.32
C GLN H 30 -27.47 21.32 -38.20
N PRO H 31 -27.25 20.00 -38.14
CA PRO H 31 -26.49 19.43 -37.02
C PRO H 31 -25.08 19.98 -36.96
N LYS H 32 -24.60 20.20 -35.74
CA LYS H 32 -23.27 20.74 -35.52
C LYS H 32 -22.21 19.68 -35.73
N ASP H 33 -20.95 20.11 -35.79
CA ASP H 33 -19.82 19.16 -36.00
C ASP H 33 -19.58 18.35 -34.72
N THR H 34 -20.16 18.79 -33.60
CA THR H 34 -19.95 18.11 -32.33
C THR H 34 -21.19 17.38 -31.84
N ASP H 35 -22.29 17.42 -32.58
CA ASP H 35 -23.50 16.72 -32.18
C ASP H 35 -23.34 15.21 -32.29
N ILE H 36 -23.94 14.48 -31.37
CA ILE H 36 -24.10 13.04 -31.48
C ILE H 36 -25.43 12.80 -32.19
N LEU H 37 -25.40 12.06 -33.29
CA LEU H 37 -26.57 11.86 -34.12
C LEU H 37 -27.03 10.41 -34.03
N ALA H 38 -28.33 10.21 -33.92
CA ALA H 38 -28.94 8.88 -33.89
C ALA H 38 -29.96 8.79 -35.00
N ALA H 39 -30.05 7.62 -35.62
CA ALA H 39 -31.03 7.35 -36.67
C ALA H 39 -31.95 6.26 -36.14
N PHE H 40 -33.16 6.65 -35.75
CA PHE H 40 -34.15 5.73 -35.20
C PHE H 40 -35.11 5.29 -36.28
N ARG H 41 -35.32 3.98 -36.39
CA ARG H 41 -36.38 3.43 -37.22
C ARG H 41 -37.58 3.18 -36.32
N MET H 42 -38.63 4.00 -36.51
CA MET H 42 -39.78 3.92 -35.59
C MET H 42 -41.09 3.68 -36.33
N THR H 43 -41.97 2.88 -35.72
CA THR H 43 -43.32 2.66 -36.24
C THR H 43 -44.32 3.21 -35.23
N PRO H 44 -44.87 4.40 -35.46
CA PRO H 44 -45.81 4.96 -34.49
C PRO H 44 -47.16 4.28 -34.53
N GLN H 45 -47.89 4.41 -33.43
CA GLN H 45 -49.24 3.87 -33.36
C GLN H 45 -50.13 4.60 -34.36
N PRO H 46 -51.16 3.92 -34.89
CA PRO H 46 -52.04 4.59 -35.86
C PRO H 46 -52.70 5.81 -35.26
N GLY H 47 -52.77 6.87 -36.05
CA GLY H 47 -53.26 8.15 -35.60
C GLY H 47 -52.18 9.11 -35.13
N VAL H 48 -51.00 8.61 -34.81
CA VAL H 48 -49.88 9.44 -34.38
C VAL H 48 -49.09 9.83 -35.63
N PRO H 49 -49.00 11.12 -35.96
CA PRO H 49 -48.20 11.51 -37.11
C PRO H 49 -46.72 11.27 -36.85
N PRO H 50 -45.94 11.00 -37.90
CA PRO H 50 -44.50 10.74 -37.69
C PRO H 50 -43.77 11.91 -37.04
N GLU H 51 -44.19 13.14 -37.33
CA GLU H 51 -43.50 14.32 -36.78
C GLU H 51 -43.68 14.36 -35.26
N GLU H 52 -44.87 13.99 -34.77
CA GLU H 52 -45.12 13.95 -33.33
C GLU H 52 -44.28 12.87 -32.66
N ALA H 53 -44.15 11.70 -33.30
CA ALA H 53 -43.36 10.62 -32.71
C ALA H 53 -41.88 10.98 -32.66
N GLY H 54 -41.35 11.55 -33.74
CA GLY H 54 -39.97 12.01 -33.71
C GLY H 54 -39.75 13.08 -32.66
N ALA H 55 -40.71 13.98 -32.51
CA ALA H 55 -40.60 15.02 -31.46
C ALA H 55 -40.49 14.36 -30.09
N ALA H 56 -41.29 13.32 -29.85
CA ALA H 56 -41.29 12.63 -28.53
C ALA H 56 -39.92 11.99 -28.27
N VAL H 57 -39.39 11.26 -29.26
CA VAL H 57 -38.05 10.61 -29.11
C VAL H 57 -37.01 11.71 -28.84
N ALA H 58 -37.08 12.81 -29.58
CA ALA H 58 -36.13 13.93 -29.37
C ALA H 58 -36.25 14.46 -27.95
N ALA H 59 -37.48 14.61 -27.45
CA ALA H 59 -37.70 15.15 -26.09
C ALA H 59 -37.20 14.15 -25.05
N ARG H 79 -31.16 24.18 -25.04
CA ARG H 79 -29.66 24.17 -25.14
C ARG H 79 -29.17 22.74 -24.96
N TYR H 80 -29.79 21.97 -24.06
CA TYR H 80 -29.39 20.57 -23.82
C TYR H 80 -30.51 19.64 -24.28
N LYS H 81 -31.40 20.15 -25.14
CA LYS H 81 -32.55 19.33 -25.58
C LYS H 81 -32.20 18.57 -26.85
N GLY H 82 -32.54 17.29 -26.92
CA GLY H 82 -32.35 16.55 -28.18
C GLY H 82 -33.42 16.99 -29.16
N ARG H 83 -33.10 17.07 -30.45
CA ARG H 83 -34.08 17.58 -31.38
C ARG H 83 -34.11 16.70 -32.63
N CYS H 84 -35.31 16.51 -33.16
CA CYS H 84 -35.51 15.78 -34.40
C CYS H 84 -35.35 16.76 -35.55
N TYR H 85 -34.31 16.57 -36.36
CA TYR H 85 -34.01 17.54 -37.45
C TYR H 85 -34.39 16.96 -38.81
N ASP H 86 -34.61 15.64 -38.88
CA ASP H 86 -34.88 15.00 -40.20
C ASP H 86 -35.73 13.74 -40.02
N ILE H 87 -36.79 13.63 -40.81
CA ILE H 87 -37.64 12.44 -40.82
C ILE H 87 -37.82 12.01 -42.27
N GLU H 88 -37.49 10.75 -42.55
CA GLU H 88 -37.71 10.21 -43.91
C GLU H 88 -38.55 8.94 -43.79
N PRO H 89 -39.60 8.73 -44.63
CA PRO H 89 -40.36 7.49 -44.59
C PRO H 89 -39.58 6.33 -45.23
N VAL H 90 -39.81 5.10 -44.76
CA VAL H 90 -39.11 3.91 -45.33
C VAL H 90 -39.91 3.42 -46.53
N PRO H 91 -39.42 3.59 -47.78
CA PRO H 91 -40.18 3.18 -48.96
C PRO H 91 -40.23 1.66 -49.05
N GLY H 92 -41.44 1.09 -48.92
CA GLY H 92 -41.60 -0.38 -49.00
C GLY H 92 -41.89 -0.99 -47.64
N GLU H 93 -42.23 -0.16 -46.65
CA GLU H 93 -42.55 -0.66 -45.29
C GLU H 93 -43.88 -0.04 -44.84
N GLU H 94 -44.51 -0.62 -43.80
CA GLU H 94 -45.83 -0.12 -43.35
C GLU H 94 -45.65 0.91 -42.24
N ASN H 95 -45.96 2.19 -42.52
CA ASN H 95 -45.89 3.25 -41.49
C ASN H 95 -44.54 3.17 -40.75
N GLN H 96 -43.44 3.00 -41.49
CA GLN H 96 -42.09 2.99 -40.87
C GLN H 96 -41.34 4.24 -41.30
N TYR H 97 -40.71 4.93 -40.35
CA TYR H 97 -39.98 6.19 -40.68
C TYR H 97 -38.61 6.18 -40.00
N ILE H 98 -37.65 6.90 -40.58
CA ILE H 98 -36.33 7.04 -39.96
C ILE H 98 -36.26 8.44 -39.36
N ALA H 99 -36.07 8.52 -38.05
CA ALA H 99 -36.01 9.82 -37.36
C ALA H 99 -34.56 10.13 -36.98
N TYR H 100 -34.05 11.28 -37.40
CA TYR H 100 -32.65 11.68 -37.10
C TYR H 100 -32.64 12.62 -35.91
N ILE H 101 -31.95 12.25 -34.82
CA ILE H 101 -31.94 13.08 -33.59
C ILE H 101 -30.54 13.66 -33.37
N ALA H 102 -30.46 14.93 -32.96
CA ALA H 102 -29.18 15.57 -32.69
C ALA H 102 -29.07 15.88 -31.20
N TYR H 103 -28.04 15.35 -30.57
CA TYR H 103 -27.80 15.59 -29.16
C TYR H 103 -26.57 16.47 -28.98
N PRO H 104 -26.64 17.49 -28.14
CA PRO H 104 -25.45 18.32 -27.89
C PRO H 104 -24.35 17.53 -27.21
N LEU H 105 -23.11 17.89 -27.51
CA LEU H 105 -21.96 17.18 -26.97
C LEU H 105 -21.88 17.29 -25.45
N ASP H 106 -22.41 18.37 -24.88
CA ASP H 106 -22.31 18.61 -23.40
C ASP H 106 -23.19 17.64 -22.62
N LEU H 107 -24.02 16.83 -23.29
CA LEU H 107 -24.95 15.96 -22.60
C LEU H 107 -24.27 14.72 -22.01
N PHE H 108 -23.11 14.35 -22.50
CA PHE H 108 -22.52 13.05 -22.20
C PHE H 108 -21.24 13.21 -21.39
N GLU H 109 -20.92 12.14 -20.66
CA GLU H 109 -19.67 12.11 -19.86
C GLU H 109 -18.53 11.63 -20.77
N GLU H 110 -17.38 12.29 -20.69
CA GLU H 110 -16.23 11.95 -21.53
C GLU H 110 -15.81 10.51 -21.32
N GLY H 111 -15.62 9.80 -22.42
CA GLY H 111 -15.11 8.44 -22.38
C GLY H 111 -15.98 7.44 -21.66
N SER H 112 -17.30 7.60 -21.73
CA SER H 112 -18.23 6.74 -21.00
C SER H 112 -19.27 6.20 -21.98
N VAL H 113 -19.08 4.95 -22.41
CA VAL H 113 -20.10 4.28 -23.22
C VAL H 113 -21.36 4.04 -22.40
N THR H 114 -21.19 3.76 -21.10
CA THR H 114 -22.34 3.56 -20.22
C THR H 114 -23.26 4.77 -20.26
N ASN H 115 -22.68 5.96 -20.10
CA ASN H 115 -23.51 7.21 -20.09
C ASN H 115 -24.15 7.40 -21.48
N LEU H 116 -23.38 7.17 -22.54
CA LEU H 116 -23.93 7.36 -23.88
C LEU H 116 -25.18 6.49 -24.08
N PHE H 117 -25.09 5.22 -23.69
CA PHE H 117 -26.25 4.35 -23.82
C PHE H 117 -27.37 4.73 -22.87
N THR H 118 -27.03 5.21 -21.68
CA THR H 118 -28.06 5.69 -20.76
C THR H 118 -28.81 6.88 -21.34
N SER H 119 -28.08 7.80 -21.98
CA SER H 119 -28.73 8.99 -22.51
C SER H 119 -29.55 8.66 -23.75
N ILE H 120 -28.98 7.90 -24.69
CA ILE H 120 -29.65 7.72 -25.98
C ILE H 120 -30.81 6.73 -25.87
N VAL H 121 -30.56 5.58 -25.27
CA VAL H 121 -31.60 4.51 -25.26
C VAL H 121 -31.99 4.14 -23.83
N GLY H 122 -31.82 5.04 -22.87
CA GLY H 122 -32.20 4.76 -21.47
C GLY H 122 -33.68 4.43 -21.34
N ASN H 123 -34.55 5.41 -21.53
CA ASN H 123 -35.99 5.14 -21.49
C ASN H 123 -36.62 5.80 -22.72
N VAL H 124 -36.51 5.13 -23.85
CA VAL H 124 -37.22 5.55 -25.06
C VAL H 124 -37.90 4.40 -25.77
N PHE H 125 -37.52 3.17 -25.44
CA PHE H 125 -38.14 1.97 -26.07
C PHE H 125 -39.44 1.63 -25.35
N GLY H 126 -39.73 2.30 -24.22
CA GLY H 126 -40.96 2.10 -23.49
C GLY H 126 -42.04 3.13 -23.77
N PHE H 127 -41.90 3.92 -24.83
CA PHE H 127 -42.94 4.89 -25.17
C PHE H 127 -44.16 4.20 -25.76
N LYS H 128 -45.33 4.48 -25.20
CA LYS H 128 -46.58 3.82 -25.69
C LYS H 128 -46.92 4.34 -27.09
N ALA H 129 -46.51 5.58 -27.43
CA ALA H 129 -46.87 6.15 -28.71
C ALA H 129 -46.18 5.45 -29.88
N LEU H 130 -45.22 4.59 -29.62
CA LEU H 130 -44.46 3.90 -30.66
C LEU H 130 -44.80 2.41 -30.62
N ARG H 131 -45.32 1.89 -31.73
CA ARG H 131 -45.55 0.46 -31.82
C ARG H 131 -44.23 -0.29 -31.78
N ALA H 132 -43.23 0.19 -32.51
CA ALA H 132 -41.90 -0.41 -32.49
C ALA H 132 -40.86 0.69 -32.69
N LEU H 133 -39.68 0.48 -32.13
CA LEU H 133 -38.59 1.44 -32.23
C LEU H 133 -37.27 0.69 -32.34
N ARG H 134 -36.42 1.13 -33.27
CA ARG H 134 -35.12 0.45 -33.50
C ARG H 134 -34.02 1.47 -33.77
N LEU H 135 -33.00 1.54 -32.90
CA LEU H 135 -31.85 2.39 -33.16
C LEU H 135 -30.99 1.74 -34.23
N GLU H 136 -30.80 2.45 -35.34
CA GLU H 136 -30.09 1.90 -36.48
C GLU H 136 -28.62 2.30 -36.53
N ASP H 137 -28.32 3.56 -36.23
CA ASP H 137 -26.95 4.05 -36.36
C ASP H 137 -26.71 5.17 -35.36
N LEU H 138 -25.43 5.43 -35.11
CA LEU H 138 -24.99 6.56 -34.31
C LEU H 138 -23.88 7.29 -35.06
N ARG H 139 -23.82 8.60 -34.86
CA ARG H 139 -22.70 9.41 -35.35
C ARG H 139 -21.96 9.93 -34.14
N ILE H 140 -20.75 9.40 -33.91
CA ILE H 140 -19.90 9.85 -32.82
C ILE H 140 -18.99 10.94 -33.36
N PRO H 141 -19.15 12.19 -32.94
CA PRO H 141 -18.29 13.25 -33.45
C PRO H 141 -16.85 13.03 -33.01
N PRO H 142 -15.83 13.43 -33.80
CA PRO H 142 -14.42 13.29 -33.38
C PRO H 142 -14.19 13.84 -31.97
N ALA H 143 -14.80 14.99 -31.63
CA ALA H 143 -14.61 15.60 -30.30
C ALA H 143 -14.92 14.56 -29.21
N TYR H 144 -16.00 13.80 -29.37
CA TYR H 144 -16.32 12.73 -28.39
C TYR H 144 -15.34 11.56 -28.57
N VAL H 145 -15.02 11.18 -29.80
CA VAL H 145 -14.16 10.02 -30.00
C VAL H 145 -12.83 10.22 -29.29
N LYS H 146 -12.30 11.45 -29.33
CA LYS H 146 -11.00 11.71 -28.73
C LYS H 146 -10.99 11.52 -27.22
N THR H 147 -12.15 11.51 -26.57
CA THR H 147 -12.19 11.29 -25.13
C THR H 147 -12.12 9.82 -24.75
N PHE H 148 -12.14 8.91 -25.71
CA PHE H 148 -12.08 7.48 -25.45
C PHE H 148 -10.68 6.96 -25.75
N GLN H 149 -10.23 5.99 -24.96
CA GLN H 149 -8.98 5.32 -25.26
C GLN H 149 -9.10 4.44 -26.50
N GLY H 150 -10.21 3.73 -26.64
CA GLY H 150 -10.39 2.82 -27.74
C GLY H 150 -9.80 1.46 -27.47
N PRO H 151 -9.64 0.65 -28.52
CA PRO H 151 -9.08 -0.68 -28.33
C PRO H 151 -7.65 -0.59 -27.82
N PRO H 152 -7.23 -1.54 -26.99
CA PRO H 152 -5.89 -1.45 -26.40
C PRO H 152 -4.77 -1.42 -27.42
N HIS H 153 -4.88 -2.21 -28.48
CA HIS H 153 -3.74 -2.27 -29.44
C HIS H 153 -4.27 -1.93 -30.82
N GLY H 154 -5.32 -2.63 -31.26
CA GLY H 154 -5.85 -2.43 -32.61
C GLY H 154 -5.35 -3.52 -33.53
N ILE H 155 -5.65 -3.42 -34.82
CA ILE H 155 -5.30 -4.47 -35.78
C ILE H 155 -3.81 -4.41 -36.13
N GLN H 156 -3.30 -3.23 -36.45
CA GLN H 156 -1.92 -3.14 -36.91
C GLN H 156 -0.95 -3.48 -35.79
N VAL H 157 -1.20 -2.97 -34.59
CA VAL H 157 -0.32 -3.29 -33.44
C VAL H 157 -0.43 -4.79 -33.14
N GLU H 158 -1.62 -5.37 -33.27
CA GLU H 158 -1.77 -6.83 -33.05
C GLU H 158 -0.88 -7.57 -34.04
N ARG H 159 -0.99 -7.24 -35.33
CA ARG H 159 -0.18 -7.92 -36.38
C ARG H 159 1.32 -7.77 -36.05
N ASP H 160 1.74 -6.56 -35.65
CA ASP H 160 3.16 -6.36 -35.36
C ASP H 160 3.61 -7.18 -34.16
N LYS H 161 2.77 -7.26 -33.13
CA LYS H 161 3.13 -8.01 -31.90
C LYS H 161 3.19 -9.51 -32.22
N LEU H 162 2.23 -10.01 -33.00
CA LEU H 162 2.18 -11.43 -33.33
C LEU H 162 3.05 -11.78 -34.53
N ASN H 163 3.54 -10.78 -35.26
CA ASN H 163 4.48 -11.02 -36.41
C ASN H 163 3.77 -11.86 -37.48
N LYS H 164 2.47 -11.66 -37.69
CA LYS H 164 1.71 -12.37 -38.71
C LYS H 164 1.13 -11.36 -39.68
N TYR H 165 1.46 -11.51 -40.96
CA TYR H 165 1.07 -10.55 -41.98
C TYR H 165 0.51 -11.27 -43.19
N GLY H 166 -0.38 -10.56 -43.90
CA GLY H 166 -0.82 -11.01 -45.20
C GLY H 166 -1.83 -12.13 -45.21
N ARG H 167 -2.44 -12.44 -44.07
CA ARG H 167 -3.39 -13.54 -44.02
C ARG H 167 -4.30 -13.35 -42.82
N GLY H 168 -5.47 -13.97 -42.90
CA GLY H 168 -6.36 -13.98 -41.76
C GLY H 168 -5.83 -14.86 -40.64
N LEU H 169 -6.33 -14.59 -39.44
CA LEU H 169 -5.97 -15.40 -38.29
C LEU H 169 -6.97 -16.53 -38.10
N LEU H 170 -6.53 -17.59 -37.42
CA LEU H 170 -7.32 -18.79 -37.25
C LEU H 170 -7.46 -19.10 -35.77
N GLY H 171 -8.67 -19.54 -35.38
CA GLY H 171 -8.92 -19.87 -34.00
C GLY H 171 -9.88 -21.04 -33.89
N CYS H 172 -9.85 -21.69 -32.72
CA CYS H 172 -10.74 -22.81 -32.44
C CYS H 172 -11.31 -22.65 -31.04
N THR H 173 -12.55 -23.13 -30.87
CA THR H 173 -13.17 -23.13 -29.52
C THR H 173 -13.02 -24.53 -28.93
N ILE H 174 -12.29 -24.66 -27.82
CA ILE H 174 -12.01 -26.00 -27.26
C ILE H 174 -13.33 -26.71 -26.96
N LYS H 175 -13.52 -27.92 -27.49
CA LYS H 175 -14.79 -28.66 -27.31
C LYS H 175 -14.46 -30.06 -26.77
N PRO H 176 -15.14 -30.55 -25.69
CA PRO H 176 -16.53 -30.20 -25.38
C PRO H 176 -16.67 -28.85 -24.69
N LYS H 177 -17.87 -28.26 -24.76
CA LYS H 177 -18.10 -26.91 -24.15
C LYS H 177 -17.74 -26.94 -22.65
N LEU H 178 -18.27 -27.92 -21.91
CA LEU H 178 -18.06 -27.93 -20.44
C LEU H 178 -17.77 -29.36 -19.96
N GLY H 179 -17.38 -29.51 -18.68
CA GLY H 179 -17.10 -30.83 -18.11
C GLY H 179 -15.63 -31.20 -18.17
N LEU H 180 -14.88 -30.60 -19.09
CA LEU H 180 -13.46 -30.98 -19.27
C LEU H 180 -12.62 -30.46 -18.09
N SER H 181 -11.66 -31.26 -17.62
CA SER H 181 -10.75 -30.80 -16.53
C SER H 181 -9.73 -29.82 -17.10
N ALA H 182 -9.14 -28.99 -16.25
CA ALA H 182 -8.12 -28.00 -16.69
C ALA H 182 -7.00 -28.71 -17.45
N LYS H 183 -6.55 -29.88 -16.95
CA LYS H 183 -5.48 -30.65 -17.63
C LYS H 183 -5.95 -31.02 -19.04
N ASN H 184 -7.15 -31.60 -19.17
CA ASN H 184 -7.63 -32.03 -20.48
C ASN H 184 -7.90 -30.83 -21.38
N TYR H 185 -8.35 -29.73 -20.77
CA TYR H 185 -8.56 -28.49 -21.56
C TYR H 185 -7.21 -28.05 -22.14
N GLY H 186 -6.17 -28.04 -21.30
CA GLY H 186 -4.85 -27.66 -21.78
C GLY H 186 -4.33 -28.60 -22.85
N ARG H 187 -4.61 -29.90 -22.70
CA ARG H 187 -4.17 -30.90 -23.70
C ARG H 187 -4.84 -30.58 -25.03
N ALA H 188 -6.15 -30.31 -25.02
CA ALA H 188 -6.85 -29.97 -26.25
C ALA H 188 -6.29 -28.69 -26.87
N VAL H 189 -5.99 -27.70 -26.02
CA VAL H 189 -5.43 -26.44 -26.51
C VAL H 189 -4.10 -26.70 -27.21
N TYR H 190 -3.22 -27.47 -26.58
CA TYR H 190 -1.92 -27.75 -27.16
C TYR H 190 -2.04 -28.52 -28.46
N GLU H 191 -2.93 -29.51 -28.50
CA GLU H 191 -3.10 -30.29 -29.71
C GLU H 191 -3.60 -29.44 -30.86
N CYS H 192 -4.55 -28.54 -30.59
CA CYS H 192 -5.12 -27.70 -31.68
C CYS H 192 -4.09 -26.65 -32.11
N LEU H 193 -3.34 -26.07 -31.17
CA LEU H 193 -2.39 -24.98 -31.53
C LEU H 193 -1.20 -25.54 -32.31
N ARG H 194 -0.69 -26.71 -31.93
CA ARG H 194 0.52 -27.28 -32.58
C ARG H 194 0.23 -27.57 -34.06
N GLY H 195 -1.04 -27.75 -34.43
CA GLY H 195 -1.41 -28.06 -35.82
C GLY H 195 -1.15 -26.90 -36.76
N GLY H 196 -1.20 -25.66 -36.25
CA GLY H 196 -0.98 -24.47 -37.09
C GLY H 196 -1.99 -23.37 -36.80
N LEU H 197 -2.93 -23.61 -35.88
CA LEU H 197 -3.91 -22.57 -35.49
C LEU H 197 -3.17 -21.45 -34.75
N ASP H 198 -3.60 -20.20 -34.93
CA ASP H 198 -2.94 -19.05 -34.27
C ASP H 198 -3.55 -18.86 -32.88
N PHE H 199 -4.81 -19.24 -32.69
CA PHE H 199 -5.47 -19.00 -31.43
C PHE H 199 -6.36 -20.18 -31.06
N THR H 200 -6.59 -20.32 -29.76
CA THR H 200 -7.68 -21.11 -29.22
C THR H 200 -8.42 -20.22 -28.22
N LYS H 201 -9.61 -20.66 -27.80
CA LYS H 201 -10.41 -19.78 -26.90
C LYS H 201 -11.19 -20.63 -25.89
N ASP H 202 -11.47 -20.05 -24.71
CA ASP H 202 -12.33 -20.75 -23.72
C ASP H 202 -13.77 -20.66 -24.23
N ASP H 203 -14.63 -21.59 -23.84
CA ASP H 203 -16.06 -21.49 -24.23
C ASP H 203 -16.66 -20.26 -23.55
N GLU H 204 -17.71 -19.67 -24.14
CA GLU H 204 -18.26 -18.43 -23.61
C GLU H 204 -18.76 -18.59 -22.18
N ASN H 205 -19.23 -19.78 -21.81
CA ASN H 205 -19.76 -20.00 -20.47
C ASN H 205 -18.73 -20.60 -19.52
N VAL H 206 -17.48 -20.71 -19.96
CA VAL H 206 -16.39 -21.23 -19.13
C VAL H 206 -15.72 -20.03 -18.46
N ASN H 207 -16.03 -19.83 -17.18
CA ASN H 207 -15.38 -18.75 -16.40
C ASN H 207 -14.64 -19.40 -15.24
N SER H 208 -15.38 -20.00 -14.30
CA SER H 208 -14.79 -20.66 -13.14
C SER H 208 -15.86 -21.56 -12.54
N GLN H 209 -15.67 -22.87 -12.64
CA GLN H 209 -16.73 -23.80 -12.19
C GLN H 209 -16.12 -24.88 -11.31
N PRO H 210 -16.91 -25.65 -10.51
CA PRO H 210 -16.37 -26.75 -9.72
C PRO H 210 -15.55 -27.72 -10.58
N PHE H 211 -15.97 -27.95 -11.83
CA PHE H 211 -15.28 -28.94 -12.70
C PHE H 211 -13.92 -28.39 -13.14
N MET H 212 -13.80 -27.06 -13.30
CA MET H 212 -12.54 -26.47 -13.79
C MET H 212 -12.39 -25.06 -13.24
N ARG H 213 -11.65 -24.90 -12.14
CA ARG H 213 -11.38 -23.57 -11.61
C ARG H 213 -10.51 -22.80 -12.58
N TRP H 214 -10.58 -21.47 -12.47
CA TRP H 214 -9.99 -20.62 -13.49
C TRP H 214 -8.46 -20.60 -13.43
N ARG H 215 -7.88 -20.66 -12.24
CA ARG H 215 -6.43 -20.58 -12.15
C ARG H 215 -5.75 -21.85 -12.64
N ASP H 216 -6.35 -23.01 -12.36
CA ASP H 216 -5.84 -24.25 -12.93
C ASP H 216 -5.86 -24.21 -14.46
N ARG H 217 -6.97 -23.73 -15.02
CA ARG H 217 -7.07 -23.62 -16.47
C ARG H 217 -6.03 -22.65 -17.02
N PHE H 218 -5.83 -21.52 -16.34
CA PHE H 218 -4.85 -20.55 -16.82
C PHE H 218 -3.45 -21.17 -16.84
N LEU H 219 -3.09 -21.89 -15.78
CA LEU H 219 -1.76 -22.51 -15.72
C LEU H 219 -1.58 -23.58 -16.79
N PHE H 220 -2.55 -24.47 -16.94
CA PHE H 220 -2.40 -25.54 -17.93
C PHE H 220 -2.42 -24.99 -19.35
N VAL H 221 -3.24 -23.96 -19.61
CA VAL H 221 -3.26 -23.34 -20.92
C VAL H 221 -1.94 -22.62 -21.20
N ALA H 222 -1.35 -22.02 -20.17
CA ALA H 222 -0.05 -21.39 -20.36
C ALA H 222 1.02 -22.41 -20.74
N GLU H 223 1.02 -23.56 -20.05
CA GLU H 223 1.96 -24.62 -20.41
C GLU H 223 1.73 -25.09 -21.84
N ALA H 224 0.47 -25.27 -22.22
CA ALA H 224 0.16 -25.71 -23.58
C ALA H 224 0.59 -24.69 -24.62
N ILE H 225 0.33 -23.40 -24.36
CA ILE H 225 0.72 -22.35 -25.28
C ILE H 225 2.23 -22.35 -25.47
N TYR H 226 2.98 -22.47 -24.38
CA TYR H 226 4.43 -22.42 -24.49
C TYR H 226 4.98 -23.67 -25.18
N LYS H 227 4.38 -24.83 -24.92
CA LYS H 227 4.81 -26.04 -25.62
C LYS H 227 4.57 -25.92 -27.13
N SER H 228 3.39 -25.43 -27.52
CA SER H 228 3.09 -25.29 -28.93
C SER H 228 3.99 -24.25 -29.59
N GLN H 229 4.29 -23.17 -28.88
CA GLN H 229 5.21 -22.17 -29.40
C GLN H 229 6.59 -22.77 -29.65
N ALA H 230 7.11 -23.51 -28.67
CA ALA H 230 8.43 -24.12 -28.84
C ALA H 230 8.43 -25.11 -29.98
N GLU H 231 7.35 -25.87 -30.14
CA GLU H 231 7.31 -26.89 -31.17
C GLU H 231 7.24 -26.29 -32.56
N THR H 232 6.34 -25.32 -32.77
CA THR H 232 6.14 -24.80 -34.12
C THR H 232 7.04 -23.61 -34.45
N GLY H 233 7.48 -22.86 -33.45
CA GLY H 233 8.26 -21.68 -33.69
C GLY H 233 7.47 -20.44 -34.01
N GLU H 234 6.15 -20.52 -34.04
CA GLU H 234 5.27 -19.38 -34.25
C GLU H 234 4.67 -18.95 -32.92
N ILE H 235 4.37 -17.66 -32.81
CA ILE H 235 3.75 -17.14 -31.60
C ILE H 235 2.31 -17.63 -31.54
N LYS H 236 1.96 -18.20 -30.39
CA LYS H 236 0.60 -18.77 -30.22
C LYS H 236 -0.13 -18.01 -29.12
N GLY H 237 -1.42 -18.28 -28.94
CA GLY H 237 -2.23 -17.62 -27.94
C GLY H 237 -3.52 -18.36 -27.69
N HIS H 238 -4.14 -18.03 -26.57
CA HIS H 238 -5.43 -18.61 -26.19
C HIS H 238 -6.26 -17.53 -25.51
N TYR H 239 -7.50 -17.34 -25.99
CA TYR H 239 -8.40 -16.33 -25.41
C TYR H 239 -8.85 -16.77 -24.01
N LEU H 240 -8.11 -16.37 -22.98
CA LEU H 240 -8.44 -16.77 -21.59
C LEU H 240 -9.64 -15.93 -21.11
N ASN H 241 -10.70 -16.58 -20.64
CA ASN H 241 -11.93 -15.84 -20.25
C ASN H 241 -11.72 -15.15 -18.90
N ALA H 242 -11.72 -13.81 -18.89
CA ALA H 242 -11.60 -13.07 -17.65
C ALA H 242 -12.96 -12.65 -17.09
N THR H 243 -14.05 -12.96 -17.78
CA THR H 243 -15.37 -12.55 -17.35
C THR H 243 -15.70 -13.12 -15.99
N ALA H 244 -16.08 -12.25 -15.06
CA ALA H 244 -16.22 -12.65 -13.67
C ALA H 244 -17.39 -11.90 -13.04
N ALA H 245 -17.67 -12.25 -11.78
CA ALA H 245 -18.81 -11.63 -11.06
C ALA H 245 -18.49 -10.18 -10.68
N THR H 246 -17.30 -9.93 -10.13
CA THR H 246 -16.94 -8.56 -9.66
C THR H 246 -15.75 -8.04 -10.47
N ALA H 247 -15.67 -6.72 -10.62
CA ALA H 247 -14.57 -6.11 -11.39
C ALA H 247 -13.24 -6.53 -10.74
N GLU H 248 -13.22 -6.65 -9.42
CA GLU H 248 -12.00 -7.04 -8.73
C GLU H 248 -11.54 -8.42 -9.17
N GLU H 249 -12.47 -9.38 -9.25
CA GLU H 249 -12.13 -10.72 -9.70
C GLU H 249 -11.68 -10.73 -11.15
N MET H 250 -12.33 -9.94 -12.00
CA MET H 250 -11.95 -9.85 -13.41
C MET H 250 -10.54 -9.29 -13.56
N LEU H 251 -10.23 -8.24 -12.80
CA LEU H 251 -8.88 -7.69 -12.83
C LEU H 251 -7.85 -8.67 -12.26
N LYS H 252 -8.24 -9.48 -11.28
CA LYS H 252 -7.33 -10.49 -10.76
C LYS H 252 -7.02 -11.54 -11.82
N ARG H 253 -8.02 -11.96 -12.58
CA ARG H 253 -7.77 -12.93 -13.65
C ARG H 253 -6.90 -12.32 -14.75
N ALA H 254 -7.15 -11.06 -15.10
CA ALA H 254 -6.28 -10.37 -16.05
C ALA H 254 -4.86 -10.29 -15.52
N GLU H 255 -4.71 -10.05 -14.22
CA GLU H 255 -3.40 -9.96 -13.59
C GLU H 255 -2.67 -11.29 -13.65
N CYS H 256 -3.40 -12.40 -13.42
CA CYS H 256 -2.79 -13.71 -13.55
C CYS H 256 -2.32 -13.96 -14.98
N ALA H 257 -3.14 -13.59 -15.96
CA ALA H 257 -2.72 -13.75 -17.35
C ALA H 257 -1.48 -12.93 -17.65
N LYS H 258 -1.42 -11.70 -17.12
CA LYS H 258 -0.23 -10.87 -17.28
C LYS H 258 0.99 -11.49 -16.63
N ASP H 259 0.80 -12.12 -15.46
CA ASP H 259 1.94 -12.73 -14.72
C ASP H 259 2.43 -14.00 -15.43
N LEU H 260 1.55 -14.70 -16.15
CA LEU H 260 2.00 -15.85 -16.93
C LEU H 260 2.69 -15.46 -18.23
N GLY H 261 2.57 -14.21 -18.67
CA GLY H 261 3.16 -13.79 -19.92
C GLY H 261 2.40 -14.19 -21.17
N VAL H 262 1.19 -14.72 -21.01
CA VAL H 262 0.38 -15.17 -22.14
C VAL H 262 -0.11 -13.94 -22.90
N PRO H 263 -0.43 -14.07 -24.18
CA PRO H 263 -0.70 -12.88 -24.99
C PRO H 263 -2.07 -12.22 -24.84
N ILE H 264 -3.15 -12.97 -24.64
CA ILE H 264 -4.48 -12.46 -24.88
C ILE H 264 -5.49 -13.02 -23.88
N ILE H 265 -6.50 -12.21 -23.57
CA ILE H 265 -7.64 -12.61 -22.74
C ILE H 265 -8.94 -12.31 -23.48
N MET H 266 -10.05 -12.69 -22.86
CA MET H 266 -11.38 -12.59 -23.46
C MET H 266 -12.34 -11.97 -22.46
N HIS H 267 -13.39 -11.31 -22.98
CA HIS H 267 -14.41 -10.71 -22.13
C HIS H 267 -15.76 -10.74 -22.83
N ASP H 268 -16.81 -10.88 -22.04
CA ASP H 268 -18.20 -10.81 -22.51
C ASP H 268 -18.74 -9.43 -22.15
N TYR H 269 -18.71 -8.51 -23.11
CA TYR H 269 -19.00 -7.12 -22.77
C TYR H 269 -20.49 -6.84 -22.59
N LEU H 270 -21.35 -7.57 -23.31
CA LEU H 270 -22.81 -7.27 -23.23
C LEU H 270 -23.40 -7.89 -21.96
N THR H 271 -22.70 -8.86 -21.35
CA THR H 271 -23.19 -9.47 -20.09
C THR H 271 -22.41 -8.91 -18.91
N GLY H 272 -21.09 -8.71 -19.08
CA GLY H 272 -20.27 -8.11 -18.02
C GLY H 272 -20.59 -6.63 -17.84
N GLY H 273 -20.85 -5.93 -18.94
CA GLY H 273 -21.20 -4.50 -18.89
C GLY H 273 -20.11 -3.62 -19.48
N PHE H 274 -20.49 -2.44 -19.96
CA PHE H 274 -19.50 -1.50 -20.58
C PHE H 274 -18.52 -1.01 -19.51
N THR H 275 -19.01 -0.79 -18.28
CA THR H 275 -18.14 -0.29 -17.19
C THR H 275 -17.02 -1.31 -16.93
N ALA H 276 -17.36 -2.59 -16.83
CA ALA H 276 -16.36 -3.66 -16.62
C ALA H 276 -15.45 -3.74 -17.85
N ASN H 277 -16.02 -3.67 -19.05
CA ASN H 277 -15.22 -3.76 -20.30
C ASN H 277 -14.21 -2.62 -20.34
N THR H 278 -14.65 -1.38 -20.06
CA THR H 278 -13.74 -0.25 -20.16
C THR H 278 -12.60 -0.39 -19.16
N SER H 279 -12.89 -0.88 -17.95
CA SER H 279 -11.82 -1.14 -17.00
C SER H 279 -10.83 -2.17 -17.55
N LEU H 280 -11.35 -3.25 -18.14
CA LEU H 280 -10.46 -4.28 -18.68
C LEU H 280 -9.64 -3.75 -19.84
N ALA H 281 -10.24 -2.92 -20.70
CA ALA H 281 -9.51 -2.38 -21.83
C ALA H 281 -8.41 -1.42 -21.38
N HIS H 282 -8.69 -0.60 -20.37
CA HIS H 282 -7.65 0.26 -19.82
C HIS H 282 -6.53 -0.56 -19.22
N TYR H 283 -6.86 -1.63 -18.50
CA TYR H 283 -5.84 -2.50 -17.93
C TYR H 283 -5.00 -3.14 -19.03
N CYS H 284 -5.64 -3.62 -20.09
CA CYS H 284 -4.93 -4.28 -21.17
C CYS H 284 -3.99 -3.32 -21.89
N ARG H 285 -4.43 -2.07 -22.09
CA ARG H 285 -3.53 -1.07 -22.65
C ARG H 285 -2.35 -0.82 -21.72
N ASP H 286 -2.60 -0.74 -20.41
CA ASP H 286 -1.53 -0.48 -19.46
C ASP H 286 -0.51 -1.60 -19.40
N ASN H 287 -0.94 -2.85 -19.57
CA ASN H 287 -0.06 -3.98 -19.32
C ASN H 287 0.29 -4.76 -20.58
N GLY H 288 -0.06 -4.25 -21.76
CA GLY H 288 0.29 -4.89 -23.01
C GLY H 288 -0.38 -6.23 -23.26
N LEU H 289 -1.66 -6.34 -23.00
CA LEU H 289 -2.44 -7.54 -23.26
C LEU H 289 -3.44 -7.29 -24.38
N LEU H 290 -3.62 -8.31 -25.21
CA LEU H 290 -4.66 -8.23 -26.26
C LEU H 290 -6.00 -8.57 -25.61
N LEU H 291 -7.10 -8.13 -26.18
CA LEU H 291 -8.44 -8.30 -25.61
C LEU H 291 -9.41 -8.75 -26.68
N HIS H 292 -9.87 -9.99 -26.57
CA HIS H 292 -10.90 -10.52 -27.46
C HIS H 292 -12.26 -10.34 -26.81
N ILE H 293 -13.23 -9.88 -27.60
CA ILE H 293 -14.56 -9.54 -27.08
C ILE H 293 -15.58 -10.48 -27.70
N HIS H 294 -16.36 -11.13 -26.85
CA HIS H 294 -17.44 -12.00 -27.28
C HIS H 294 -18.77 -11.32 -26.99
N ARG H 295 -19.69 -11.39 -27.95
CA ARG H 295 -20.96 -10.69 -27.86
C ARG H 295 -22.06 -11.63 -27.39
N ALA H 296 -21.93 -12.09 -26.15
CA ALA H 296 -22.98 -12.90 -25.56
C ALA H 296 -24.22 -12.06 -25.30
N MET H 297 -25.41 -12.66 -25.52
CA MET H 297 -26.70 -11.97 -25.24
C MET H 297 -26.97 -10.85 -26.27
N HIS H 298 -26.28 -10.89 -27.42
CA HIS H 298 -26.46 -9.82 -28.44
C HIS H 298 -27.81 -9.98 -29.14
N ALA H 299 -28.20 -11.21 -29.48
CA ALA H 299 -29.45 -11.45 -30.23
C ALA H 299 -30.66 -11.00 -29.42
N VAL H 300 -30.52 -10.93 -28.09
CA VAL H 300 -31.64 -10.44 -27.24
C VAL H 300 -31.90 -8.97 -27.58
N ILE H 301 -30.94 -8.28 -28.20
CA ILE H 301 -31.11 -6.82 -28.48
C ILE H 301 -31.04 -6.51 -29.98
N ASP H 302 -30.33 -7.32 -30.77
CA ASP H 302 -30.12 -6.96 -32.20
C ASP H 302 -30.73 -7.97 -33.18
N ARG H 303 -31.70 -8.78 -32.76
CA ARG H 303 -32.22 -9.80 -33.70
C ARG H 303 -33.45 -9.29 -34.43
N GLN H 304 -34.46 -8.79 -33.71
CA GLN H 304 -35.69 -8.37 -34.36
C GLN H 304 -35.49 -7.07 -35.14
N ARG H 305 -36.02 -7.06 -36.36
CA ARG H 305 -35.86 -5.91 -37.25
C ARG H 305 -36.62 -4.68 -36.77
N ASN H 306 -37.71 -4.87 -36.03
CA ASN H 306 -38.57 -3.71 -35.65
C ASN H 306 -38.17 -3.11 -34.30
N HIS H 307 -37.61 -3.91 -33.40
CA HIS H 307 -37.31 -3.43 -32.06
C HIS H 307 -35.87 -3.75 -31.71
N GLY H 308 -35.25 -2.86 -30.92
CA GLY H 308 -33.92 -3.11 -30.41
C GLY H 308 -32.85 -2.16 -30.90
N ILE H 309 -31.59 -2.57 -30.77
CA ILE H 309 -30.44 -1.79 -31.22
C ILE H 309 -29.69 -2.64 -32.23
N HIS H 310 -29.44 -2.07 -33.41
CA HIS H 310 -28.72 -2.81 -34.45
C HIS H 310 -27.30 -3.12 -34.01
N PHE H 311 -26.79 -4.29 -34.41
CA PHE H 311 -25.43 -4.70 -33.97
C PHE H 311 -24.38 -3.64 -34.31
N ARG H 312 -24.58 -2.88 -35.39
CA ARG H 312 -23.54 -1.90 -35.79
C ARG H 312 -23.32 -0.88 -34.66
N VAL H 313 -24.39 -0.50 -33.97
CA VAL H 313 -24.28 0.47 -32.83
C VAL H 313 -23.51 -0.21 -31.70
N LEU H 314 -23.81 -1.49 -31.45
CA LEU H 314 -23.09 -2.25 -30.39
C LEU H 314 -21.62 -2.40 -30.78
N ALA H 315 -21.34 -2.60 -32.07
CA ALA H 315 -19.94 -2.71 -32.56
C ALA H 315 -19.21 -1.38 -32.35
N LYS H 316 -19.88 -0.26 -32.62
CA LYS H 316 -19.26 1.08 -32.43
C LYS H 316 -19.06 1.34 -30.94
N ALA H 317 -20.01 0.93 -30.10
CA ALA H 317 -19.85 1.07 -28.66
C ALA H 317 -18.69 0.23 -28.15
N LEU H 318 -18.50 -0.95 -28.74
CA LEU H 318 -17.38 -1.83 -28.34
C LEU H 318 -16.05 -1.17 -28.77
N ARG H 319 -15.99 -0.65 -30.00
CA ARG H 319 -14.76 -0.02 -30.46
C ARG H 319 -14.41 1.18 -29.60
N LEU H 320 -15.42 1.95 -29.19
CA LEU H 320 -15.16 3.06 -28.27
C LEU H 320 -14.67 2.55 -26.92
N SER H 321 -15.40 1.59 -26.34
CA SER H 321 -15.04 1.09 -25.02
C SER H 321 -13.69 0.38 -25.05
N GLY H 322 -13.43 -0.40 -26.09
CA GLY H 322 -12.17 -1.08 -26.21
C GLY H 322 -12.29 -2.57 -26.46
N GLY H 323 -11.66 -3.04 -27.54
CA GLY H 323 -11.55 -4.46 -27.83
C GLY H 323 -10.75 -4.70 -29.08
N ASP H 324 -9.77 -5.61 -29.01
CA ASP H 324 -8.94 -5.88 -30.18
C ASP H 324 -9.64 -6.78 -31.18
N HIS H 325 -10.40 -7.75 -30.68
CA HIS H 325 -11.24 -8.60 -31.51
C HIS H 325 -12.68 -8.46 -31.06
N LEU H 326 -13.60 -8.68 -32.01
CA LEU H 326 -15.04 -8.65 -31.66
C LEU H 326 -15.77 -9.69 -32.52
N HIS H 327 -16.24 -10.78 -31.91
CA HIS H 327 -17.00 -11.79 -32.61
C HIS H 327 -18.14 -11.11 -33.37
N SER H 328 -18.09 -11.14 -34.70
CA SER H 328 -18.93 -10.28 -35.51
C SER H 328 -19.91 -11.02 -36.41
N GLY H 329 -19.83 -12.34 -36.51
CA GLY H 329 -20.75 -13.04 -37.38
C GLY H 329 -20.64 -14.54 -37.22
N THR H 330 -21.67 -15.24 -37.70
CA THR H 330 -21.66 -16.73 -37.67
C THR H 330 -21.65 -17.25 -39.11
N VAL H 331 -21.05 -18.42 -39.34
CA VAL H 331 -20.91 -18.95 -40.74
C VAL H 331 -21.69 -20.27 -40.88
N VAL H 332 -22.78 -20.43 -40.10
CA VAL H 332 -23.63 -21.65 -40.24
C VAL H 332 -23.92 -21.86 -41.73
N GLY H 333 -23.44 -22.96 -42.31
CA GLY H 333 -23.61 -23.17 -43.73
C GLY H 333 -22.77 -22.17 -44.51
N LYS H 334 -23.14 -20.89 -44.42
CA LYS H 334 -22.35 -19.81 -45.06
C LYS H 334 -22.44 -18.57 -44.16
N LEU H 335 -21.68 -17.51 -44.47
CA LEU H 335 -21.83 -16.28 -43.65
C LEU H 335 -23.30 -15.87 -43.65
N GLU H 336 -23.93 -15.82 -42.47
CA GLU H 336 -25.38 -15.52 -42.39
C GLU H 336 -25.61 -14.00 -42.36
N GLY H 337 -26.82 -13.56 -42.70
CA GLY H 337 -27.14 -12.12 -42.70
C GLY H 337 -26.82 -11.47 -44.03
N GLU H 338 -27.49 -10.35 -44.36
CA GLU H 338 -27.19 -9.61 -45.61
C GLU H 338 -25.70 -9.32 -45.68
N ARG H 339 -25.05 -9.66 -46.80
CA ARG H 339 -23.60 -9.41 -46.97
C ARG H 339 -23.32 -7.91 -46.81
N GLU H 340 -24.11 -7.06 -47.45
CA GLU H 340 -23.85 -5.59 -47.42
C GLU H 340 -23.88 -5.09 -45.98
N VAL H 341 -24.86 -5.54 -45.19
CA VAL H 341 -24.96 -5.13 -43.77
C VAL H 341 -23.70 -5.58 -43.04
N THR H 342 -23.29 -6.83 -43.24
CA THR H 342 -22.07 -7.36 -42.60
C THR H 342 -20.87 -6.50 -43.02
N LEU H 343 -20.71 -6.29 -44.33
CA LEU H 343 -19.58 -5.47 -44.85
C LEU H 343 -19.64 -4.09 -44.21
N GLY H 344 -20.85 -3.51 -44.10
CA GLY H 344 -20.99 -2.17 -43.52
C GLY H 344 -20.44 -2.11 -42.10
N PHE H 345 -20.86 -3.03 -41.22
CA PHE H 345 -20.43 -2.95 -39.80
C PHE H 345 -18.97 -3.43 -39.69
N VAL H 346 -18.52 -4.26 -40.63
CA VAL H 346 -17.08 -4.68 -40.62
C VAL H 346 -16.26 -3.43 -40.98
N ASP H 347 -16.67 -2.70 -42.01
CA ASP H 347 -15.95 -1.47 -42.34
C ASP H 347 -16.06 -0.45 -41.21
N LEU H 348 -17.23 -0.37 -40.58
CA LEU H 348 -17.40 0.57 -39.48
C LEU H 348 -16.49 0.24 -38.31
N MET H 349 -16.27 -1.04 -38.05
CA MET H 349 -15.40 -1.45 -36.94
C MET H 349 -13.94 -1.59 -37.34
N ARG H 350 -13.60 -1.47 -38.63
CA ARG H 350 -12.23 -1.63 -39.10
C ARG H 350 -11.61 -0.32 -39.58
N ASP H 351 -12.25 0.36 -40.51
CA ASP H 351 -11.65 1.49 -41.20
C ASP H 351 -11.59 2.73 -40.31
N ASP H 352 -10.87 3.76 -40.77
CA ASP H 352 -10.75 5.02 -40.00
C ASP H 352 -11.82 6.01 -40.47
N TYR H 353 -12.28 5.89 -41.72
CA TYR H 353 -13.25 6.87 -42.26
C TYR H 353 -14.28 6.14 -43.12
N ILE H 354 -15.51 6.07 -42.63
CA ILE H 354 -16.59 5.34 -43.37
C ILE H 354 -17.63 6.37 -43.83
N GLU H 355 -17.77 6.54 -45.14
CA GLU H 355 -18.74 7.52 -45.70
C GLU H 355 -20.16 6.94 -45.61
N LYS H 356 -21.17 7.81 -45.56
CA LYS H 356 -22.59 7.36 -45.47
C LYS H 356 -22.92 6.45 -46.65
N ASP H 357 -23.49 5.27 -46.37
CA ASP H 357 -23.90 4.34 -47.46
C ASP H 357 -25.17 3.60 -47.00
N ARG H 358 -26.35 4.08 -47.41
CA ARG H 358 -27.62 3.47 -46.92
C ARG H 358 -27.76 2.05 -47.45
N SER H 359 -27.11 1.74 -48.57
CA SER H 359 -27.16 0.36 -49.14
C SER H 359 -26.57 -0.64 -48.13
N ARG H 360 -25.52 -0.23 -47.42
CA ARG H 360 -24.84 -1.15 -46.46
C ARG H 360 -25.29 -0.82 -45.03
N GLY H 361 -26.20 0.13 -44.85
CA GLY H 361 -26.75 0.44 -43.52
C GLY H 361 -25.98 1.52 -42.81
N ILE H 362 -25.08 2.21 -43.51
CA ILE H 362 -24.35 3.36 -42.89
C ILE H 362 -25.23 4.60 -43.03
N TYR H 363 -25.84 5.06 -41.93
CA TYR H 363 -26.76 6.21 -41.98
C TYR H 363 -25.98 7.52 -41.82
N PHE H 364 -24.72 7.43 -41.39
CA PHE H 364 -23.92 8.65 -41.14
C PHE H 364 -22.45 8.43 -41.47
N THR H 365 -21.75 9.47 -41.93
CA THR H 365 -20.31 9.38 -42.12
C THR H 365 -19.64 9.31 -40.76
N GLN H 366 -18.78 8.32 -40.57
CA GLN H 366 -18.13 8.09 -39.28
C GLN H 366 -16.64 8.34 -39.42
N ASP H 367 -16.15 9.39 -38.78
CA ASP H 367 -14.73 9.67 -38.68
C ASP H 367 -14.23 9.15 -37.34
N TRP H 368 -13.22 8.30 -37.38
CA TRP H 368 -12.69 7.67 -36.17
C TRP H 368 -11.46 8.37 -35.63
N VAL H 369 -11.01 9.45 -36.29
CA VAL H 369 -9.81 10.22 -35.95
C VAL H 369 -8.72 9.36 -35.33
N SER H 370 -8.27 8.35 -36.08
CA SER H 370 -7.10 7.53 -35.76
C SER H 370 -7.29 6.66 -34.54
N LEU H 371 -8.53 6.38 -34.16
CA LEU H 371 -8.78 5.36 -33.15
C LEU H 371 -8.42 3.99 -33.70
N PRO H 372 -7.78 3.14 -32.91
CA PRO H 372 -7.40 1.81 -33.42
C PRO H 372 -8.61 1.00 -33.85
N GLY H 373 -8.46 0.28 -34.95
CA GLY H 373 -9.55 -0.55 -35.43
C GLY H 373 -9.68 -1.86 -34.68
N THR H 374 -10.86 -2.45 -34.78
CA THR H 374 -11.18 -3.72 -34.15
C THR H 374 -11.22 -4.81 -35.21
N MET H 375 -10.61 -5.95 -34.92
CA MET H 375 -10.57 -7.04 -35.87
C MET H 375 -11.85 -7.86 -35.78
N PRO H 376 -12.61 -8.00 -36.85
CA PRO H 376 -13.82 -8.84 -36.79
C PRO H 376 -13.46 -10.31 -36.75
N VAL H 377 -14.22 -11.05 -35.94
CA VAL H 377 -14.00 -12.53 -35.80
C VAL H 377 -15.25 -13.26 -36.27
N ALA H 378 -15.17 -13.97 -37.40
CA ALA H 378 -16.26 -14.76 -37.93
C ALA H 378 -16.12 -16.19 -37.42
N SER H 379 -17.12 -16.65 -36.67
CA SER H 379 -17.03 -17.99 -36.04
C SER H 379 -18.12 -18.92 -36.58
N GLY H 380 -18.15 -20.15 -36.09
CA GLY H 380 -19.21 -21.10 -36.50
C GLY H 380 -18.65 -22.28 -37.27
N GLY H 381 -19.46 -22.85 -38.17
CA GLY H 381 -19.04 -24.00 -38.95
C GLY H 381 -18.25 -23.64 -40.19
N ILE H 382 -16.99 -23.25 -40.00
CA ILE H 382 -16.12 -22.88 -41.15
C ILE H 382 -15.57 -24.17 -41.77
N HIS H 383 -16.27 -24.72 -42.75
CA HIS H 383 -15.78 -25.93 -43.41
C HIS H 383 -14.68 -25.56 -44.40
N VAL H 384 -13.87 -26.56 -44.76
CA VAL H 384 -12.66 -26.32 -45.53
C VAL H 384 -13.01 -25.71 -46.89
N TRP H 385 -14.00 -26.28 -47.58
CA TRP H 385 -14.37 -25.75 -48.89
C TRP H 385 -15.10 -24.42 -48.82
N HIS H 386 -15.46 -23.95 -47.63
CA HIS H 386 -16.08 -22.64 -47.48
C HIS H 386 -15.07 -21.55 -47.15
N MET H 387 -13.80 -21.91 -46.97
CA MET H 387 -12.78 -20.90 -46.72
C MET H 387 -12.61 -19.86 -47.82
N PRO H 388 -12.64 -20.22 -49.12
CA PRO H 388 -12.47 -19.17 -50.15
C PRO H 388 -13.51 -18.06 -50.08
N ALA H 389 -14.76 -18.41 -49.79
CA ALA H 389 -15.81 -17.39 -49.71
C ALA H 389 -15.53 -16.40 -48.59
N LEU H 390 -15.18 -16.90 -47.41
CA LEU H 390 -14.92 -16.01 -46.28
C LEU H 390 -13.64 -15.21 -46.47
N VAL H 391 -12.63 -15.79 -47.10
CA VAL H 391 -11.41 -15.04 -47.40
C VAL H 391 -11.72 -13.91 -48.36
N GLU H 392 -12.56 -14.17 -49.36
CA GLU H 392 -12.95 -13.11 -50.29
C GLU H 392 -13.76 -12.02 -49.58
N ILE H 393 -14.71 -12.42 -48.72
CA ILE H 393 -15.61 -11.44 -48.08
C ILE H 393 -14.86 -10.59 -47.04
N PHE H 394 -13.99 -11.20 -46.24
CA PHE H 394 -13.36 -10.48 -45.14
C PHE H 394 -11.98 -9.95 -45.48
N GLY H 395 -11.21 -10.68 -46.28
CA GLY H 395 -9.85 -10.26 -46.57
C GLY H 395 -8.85 -10.80 -45.57
N ASP H 396 -7.79 -10.05 -45.32
CA ASP H 396 -6.76 -10.50 -44.40
C ASP H 396 -6.99 -10.05 -42.96
N ASP H 397 -7.69 -8.93 -42.76
CA ASP H 397 -7.85 -8.36 -41.43
C ASP H 397 -9.09 -8.94 -40.74
N ALA H 398 -9.06 -10.24 -40.51
CA ALA H 398 -10.14 -10.91 -39.79
C ALA H 398 -9.61 -12.21 -39.23
N CYS H 399 -10.30 -12.71 -38.20
CA CYS H 399 -10.02 -14.01 -37.61
C CYS H 399 -11.17 -14.95 -37.90
N LEU H 400 -10.84 -16.07 -38.55
CA LEU H 400 -11.85 -17.12 -38.83
C LEU H 400 -11.80 -18.08 -37.65
N GLN H 401 -12.94 -18.33 -37.01
CA GLN H 401 -12.99 -19.15 -35.81
C GLN H 401 -13.73 -20.45 -36.08
N PHE H 402 -13.12 -21.56 -35.71
CA PHE H 402 -13.76 -22.87 -35.84
C PHE H 402 -14.42 -23.23 -34.52
N GLY H 403 -15.51 -22.50 -34.23
CA GLY H 403 -16.25 -22.68 -33.00
C GLY H 403 -16.90 -24.03 -32.87
N GLY H 404 -16.99 -24.78 -33.97
CA GLY H 404 -17.45 -26.15 -33.88
C GLY H 404 -16.46 -27.09 -33.23
N GLY H 405 -15.24 -26.61 -32.92
CA GLY H 405 -14.25 -27.47 -32.31
C GLY H 405 -13.55 -28.38 -33.27
N THR H 406 -13.79 -28.17 -34.57
CA THR H 406 -13.22 -29.04 -35.64
C THR H 406 -13.58 -30.50 -35.34
N LEU H 407 -12.57 -31.34 -35.08
CA LEU H 407 -12.79 -32.77 -34.72
C LEU H 407 -13.37 -33.56 -35.90
N GLY H 408 -13.74 -32.90 -36.99
CA GLY H 408 -14.24 -33.61 -38.15
C GLY H 408 -13.16 -34.30 -38.95
N HIS H 409 -11.90 -33.98 -38.66
CA HIS H 409 -10.76 -34.62 -39.37
C HIS H 409 -10.53 -36.00 -38.75
N PRO H 410 -10.60 -37.11 -39.53
CA PRO H 410 -10.46 -38.46 -38.96
C PRO H 410 -9.13 -38.70 -38.27
N TRP H 411 -8.09 -37.92 -38.58
CA TRP H 411 -6.78 -38.21 -38.02
C TRP H 411 -6.63 -37.66 -36.61
N GLY H 412 -7.07 -36.43 -36.38
CA GLY H 412 -6.97 -35.85 -35.05
C GLY H 412 -7.17 -34.34 -35.10
N ASN H 413 -6.98 -33.73 -33.93
CA ASN H 413 -7.12 -32.28 -33.81
C ASN H 413 -6.00 -31.55 -34.55
N ALA H 414 -4.76 -31.97 -34.30
CA ALA H 414 -3.58 -31.30 -34.92
C ALA H 414 -3.63 -31.37 -36.45
N PRO H 415 -3.80 -32.53 -37.13
CA PRO H 415 -3.90 -32.55 -38.59
C PRO H 415 -5.10 -31.74 -39.11
N GLY H 416 -6.21 -31.73 -38.38
CA GLY H 416 -7.37 -30.91 -38.79
C GLY H 416 -6.99 -29.44 -38.78
N ALA H 417 -6.26 -29.00 -37.75
CA ALA H 417 -5.80 -27.60 -37.69
C ALA H 417 -4.87 -27.33 -38.87
N ALA H 418 -3.97 -28.27 -39.17
CA ALA H 418 -3.03 -28.11 -40.29
C ALA H 418 -3.81 -27.97 -41.60
N ALA H 419 -4.79 -28.87 -41.82
CA ALA H 419 -5.61 -28.81 -43.04
C ALA H 419 -6.21 -27.41 -43.17
N ASN H 420 -6.82 -26.92 -42.09
CA ASN H 420 -7.43 -25.56 -42.11
C ASN H 420 -6.35 -24.53 -42.47
N ARG H 421 -5.19 -24.60 -41.81
CA ARG H 421 -4.14 -23.63 -42.10
C ARG H 421 -3.68 -23.71 -43.55
N VAL H 422 -3.53 -24.93 -44.06
CA VAL H 422 -3.13 -25.12 -45.46
C VAL H 422 -4.18 -24.54 -46.39
N ALA H 423 -5.46 -24.78 -46.10
CA ALA H 423 -6.52 -24.25 -46.96
C ALA H 423 -6.53 -22.73 -46.94
N LEU H 424 -6.39 -22.12 -45.75
CA LEU H 424 -6.40 -20.67 -45.68
C LEU H 424 -5.21 -20.09 -46.43
N GLU H 425 -4.02 -20.66 -46.26
CA GLU H 425 -2.85 -20.14 -46.94
C GLU H 425 -2.96 -20.32 -48.45
N ALA H 426 -3.50 -21.44 -48.91
CA ALA H 426 -3.68 -21.65 -50.35
C ALA H 426 -4.67 -20.65 -50.93
N CYS H 427 -5.77 -20.40 -50.22
CA CYS H 427 -6.74 -19.41 -50.70
C CYS H 427 -6.13 -18.02 -50.74
N THR H 428 -5.36 -17.66 -49.72
CA THR H 428 -4.71 -16.35 -49.71
C THR H 428 -3.73 -16.23 -50.86
N GLN H 429 -2.93 -17.27 -51.10
CA GLN H 429 -1.98 -17.23 -52.21
C GLN H 429 -2.69 -17.09 -53.54
N ALA H 430 -3.78 -17.83 -53.73
CA ALA H 430 -4.55 -17.71 -54.97
C ALA H 430 -5.12 -16.32 -55.15
N ARG H 431 -5.65 -15.74 -54.07
CA ARG H 431 -6.20 -14.38 -54.16
C ARG H 431 -5.11 -13.38 -54.50
N ASN H 432 -3.91 -13.55 -53.94
CA ASN H 432 -2.82 -12.63 -54.24
C ASN H 432 -2.35 -12.73 -55.69
N GLU H 433 -2.58 -13.87 -56.35
CA GLU H 433 -2.17 -14.04 -57.73
C GLU H 433 -3.13 -13.43 -58.72
N GLY H 434 -4.27 -12.90 -58.27
CA GLY H 434 -5.26 -12.36 -59.16
C GLY H 434 -6.43 -13.28 -59.46
N ARG H 435 -6.50 -14.42 -58.79
CA ARG H 435 -7.61 -15.35 -58.99
C ARG H 435 -8.90 -14.79 -58.39
N ASP H 436 -10.03 -15.21 -58.97
CA ASP H 436 -11.35 -14.85 -58.47
C ASP H 436 -11.82 -15.97 -57.55
N LEU H 437 -11.75 -15.74 -56.24
CA LEU H 437 -12.01 -16.80 -55.28
C LEU H 437 -13.45 -17.32 -55.39
N ALA H 438 -14.41 -16.40 -55.56
CA ALA H 438 -15.80 -16.80 -55.64
C ALA H 438 -16.09 -17.74 -56.81
N ARG H 439 -15.21 -17.78 -57.80
CA ARG H 439 -15.38 -18.65 -58.95
C ARG H 439 -14.42 -19.83 -58.99
N GLU H 440 -13.25 -19.74 -58.34
CA GLU H 440 -12.25 -20.80 -58.40
C GLU H 440 -11.89 -21.34 -57.03
N GLY H 441 -12.76 -21.16 -56.03
CA GLY H 441 -12.45 -21.66 -54.70
C GLY H 441 -12.30 -23.17 -54.66
N GLY H 442 -13.19 -23.89 -55.34
CA GLY H 442 -13.08 -25.34 -55.38
C GLY H 442 -11.81 -25.80 -56.09
N ASP H 443 -11.45 -25.15 -57.19
CA ASP H 443 -10.22 -25.49 -57.89
C ASP H 443 -9.01 -25.26 -57.00
N VAL H 444 -8.98 -24.13 -56.28
CA VAL H 444 -7.84 -23.85 -55.41
C VAL H 444 -7.77 -24.87 -54.28
N ILE H 445 -8.93 -25.22 -53.71
CA ILE H 445 -8.95 -26.20 -52.62
C ILE H 445 -8.44 -27.55 -53.12
N ARG H 446 -8.91 -27.96 -54.29
CA ARG H 446 -8.48 -29.27 -54.87
C ARG H 446 -6.97 -29.22 -55.11
N ALA H 447 -6.46 -28.15 -55.72
CA ALA H 447 -5.05 -28.06 -56.03
C ALA H 447 -4.20 -28.12 -54.77
N ALA H 448 -4.67 -27.47 -53.70
CA ALA H 448 -3.95 -27.54 -52.42
C ALA H 448 -4.02 -28.97 -51.87
N CYS H 449 -5.17 -29.62 -52.02
CA CYS H 449 -5.35 -30.98 -51.52
C CYS H 449 -4.48 -31.98 -52.27
N LYS H 450 -4.12 -31.66 -53.51
CA LYS H 450 -3.32 -32.60 -54.34
C LYS H 450 -1.96 -32.86 -53.67
N TRP H 451 -1.46 -31.91 -52.88
CA TRP H 451 -0.11 -32.06 -52.28
C TRP H 451 -0.19 -32.14 -50.75
N SER H 452 -1.37 -31.93 -50.16
CA SER H 452 -1.48 -31.93 -48.71
C SER H 452 -2.21 -33.18 -48.25
N PRO H 453 -1.50 -34.16 -47.68
CA PRO H 453 -2.19 -35.34 -47.13
C PRO H 453 -3.17 -34.98 -46.03
N GLU H 454 -2.86 -33.98 -45.21
CA GLU H 454 -3.77 -33.59 -44.13
C GLU H 454 -5.06 -33.01 -44.70
N LEU H 455 -4.95 -32.16 -45.73
CA LEU H 455 -6.14 -31.62 -46.37
C LEU H 455 -6.89 -32.68 -47.18
N ALA H 456 -6.20 -33.73 -47.64
CA ALA H 456 -6.88 -34.79 -48.36
C ALA H 456 -7.88 -35.52 -47.47
N ALA H 457 -7.50 -35.79 -46.22
CA ALA H 457 -8.43 -36.40 -45.28
C ALA H 457 -9.48 -35.42 -44.79
N ALA H 458 -9.26 -34.13 -45.03
CA ALA H 458 -10.25 -33.10 -44.59
C ALA H 458 -11.23 -32.81 -45.73
N CYS H 459 -10.74 -32.79 -46.98
CA CYS H 459 -11.58 -32.47 -48.12
C CYS H 459 -12.60 -33.56 -48.41
N GLU H 460 -12.41 -34.76 -47.86
CA GLU H 460 -13.38 -35.84 -48.05
C GLU H 460 -14.52 -35.71 -47.05
N GLN I 45 -3.05 -40.42 -39.60
CA GLN I 45 -1.63 -39.96 -39.56
C GLN I 45 -1.44 -39.02 -38.36
N VAL I 46 -0.19 -38.80 -37.95
CA VAL I 46 0.06 -37.96 -36.74
C VAL I 46 0.98 -36.78 -37.10
N TRP I 47 0.53 -35.56 -36.86
CA TRP I 47 1.38 -34.36 -37.09
C TRP I 47 2.70 -34.56 -36.34
N THR I 48 3.83 -34.50 -37.04
CA THR I 48 5.14 -34.79 -36.39
C THR I 48 5.56 -33.60 -35.52
N PRO I 49 5.95 -33.78 -34.24
CA PRO I 49 6.43 -32.69 -33.41
C PRO I 49 7.96 -32.59 -33.46
N LEU I 50 8.59 -33.35 -34.35
CA LEU I 50 10.07 -33.38 -34.42
C LEU I 50 10.54 -32.62 -35.67
N ASN I 51 11.41 -31.62 -35.49
CA ASN I 51 11.98 -30.86 -36.64
C ASN I 51 10.84 -30.43 -37.58
N ASN I 52 9.80 -29.81 -37.03
CA ASN I 52 8.67 -29.31 -37.87
C ASN I 52 8.45 -27.83 -37.54
N LYS I 53 9.46 -26.98 -37.81
CA LYS I 53 9.34 -25.53 -37.53
C LYS I 53 8.62 -24.84 -38.69
N PHE I 54 7.96 -23.72 -38.43
CA PHE I 54 7.25 -22.99 -39.46
C PHE I 54 7.51 -21.51 -39.32
N PHE I 55 7.31 -20.76 -40.41
CA PHE I 55 7.64 -19.31 -40.40
C PHE I 55 6.45 -18.47 -40.85
N GLU I 56 5.30 -18.61 -40.17
CA GLU I 56 4.11 -17.75 -40.43
C GLU I 56 3.55 -17.89 -41.85
N THR I 57 3.35 -16.78 -42.56
CA THR I 57 2.65 -16.78 -43.87
C THR I 57 3.27 -17.70 -44.93
N PHE I 58 2.42 -18.45 -45.64
CA PHE I 58 2.82 -19.30 -46.76
C PHE I 58 3.85 -20.35 -46.37
N SER I 59 4.09 -20.55 -45.07
CA SER I 59 5.05 -21.55 -44.62
C SER I 59 4.48 -22.97 -44.68
N TYR I 60 3.16 -23.11 -44.74
CA TYR I 60 2.52 -24.42 -44.81
C TYR I 60 2.25 -24.87 -46.24
N LEU I 61 2.57 -24.06 -47.22
CA LEU I 61 2.53 -24.47 -48.61
C LEU I 61 3.87 -25.08 -49.00
N PRO I 62 3.97 -25.86 -50.11
CA PRO I 62 5.27 -26.35 -50.57
C PRO I 62 6.20 -25.18 -50.88
N PRO I 63 7.54 -25.37 -50.86
CA PRO I 63 8.48 -24.26 -51.10
C PRO I 63 8.11 -23.54 -52.41
N MET I 64 8.03 -22.21 -52.37
CA MET I 64 7.58 -21.46 -53.56
C MET I 64 8.69 -21.40 -54.62
N THR I 65 8.33 -21.53 -55.90
CA THR I 65 9.30 -21.45 -56.97
C THR I 65 9.58 -19.98 -57.30
N ASP I 66 10.47 -19.77 -58.26
CA ASP I 66 10.82 -18.41 -58.65
C ASP I 66 9.62 -17.67 -59.23
N ALA I 67 8.81 -18.36 -60.05
CA ALA I 67 7.63 -17.73 -60.62
C ALA I 67 6.61 -17.37 -59.54
N GLU I 68 6.43 -18.24 -58.53
CA GLU I 68 5.48 -17.94 -57.48
C GLU I 68 5.94 -16.78 -56.62
N ILE I 69 7.23 -16.75 -56.30
CA ILE I 69 7.79 -15.60 -55.52
C ILE I 69 7.56 -14.35 -56.36
N SER I 70 7.87 -14.42 -57.67
CA SER I 70 7.71 -13.26 -58.53
C SER I 70 6.27 -12.76 -58.53
N ARG I 71 5.30 -13.68 -58.60
CA ARG I 71 3.90 -13.28 -58.58
C ARG I 71 3.52 -12.64 -57.25
N GLN I 72 4.03 -13.17 -56.14
CA GLN I 72 3.76 -12.56 -54.84
C GLN I 72 4.35 -11.16 -54.74
N VAL I 73 5.57 -10.98 -55.24
CA VAL I 73 6.19 -9.66 -55.22
C VAL I 73 5.44 -8.70 -56.14
N ASP I 74 4.96 -9.19 -57.28
CA ASP I 74 4.14 -8.35 -58.15
C ASP I 74 2.83 -7.96 -57.47
N TYR I 75 2.25 -8.85 -56.68
CA TYR I 75 1.06 -8.49 -55.92
C TYR I 75 1.37 -7.40 -54.90
N ILE I 76 2.52 -7.52 -54.22
CA ILE I 76 2.90 -6.48 -53.26
C ILE I 76 3.10 -5.14 -53.96
N VAL I 77 3.77 -5.16 -55.11
CA VAL I 77 4.06 -3.92 -55.84
C VAL I 77 2.77 -3.31 -56.38
N SER I 78 1.85 -4.17 -56.84
CA SER I 78 0.58 -3.68 -57.42
C SER I 78 -0.20 -2.85 -56.39
N ASN I 79 -0.22 -3.30 -55.13
CA ASN I 79 -0.96 -2.59 -54.10
C ASN I 79 -0.34 -1.23 -53.76
N GLY I 80 0.85 -0.94 -54.27
CA GLY I 80 1.54 0.28 -53.93
C GLY I 80 2.55 0.13 -52.81
N TRP I 81 2.89 -1.09 -52.42
CA TRP I 81 3.75 -1.35 -51.29
C TRP I 81 5.18 -1.62 -51.73
N THR I 82 6.10 -1.50 -50.79
CA THR I 82 7.52 -1.69 -51.07
C THR I 82 7.97 -3.05 -50.59
N PRO I 83 8.56 -3.88 -51.45
CA PRO I 83 9.10 -5.17 -50.99
C PRO I 83 10.57 -5.06 -50.60
N CYS I 84 10.92 -5.79 -49.55
CA CYS I 84 12.31 -5.88 -49.08
C CYS I 84 12.57 -7.32 -48.65
N LEU I 85 13.83 -7.58 -48.30
CA LEU I 85 14.24 -8.96 -47.95
C LEU I 85 14.80 -9.02 -46.54
N GLU I 86 14.34 -10.00 -45.76
CA GLU I 86 14.88 -10.22 -44.40
C GLU I 86 15.58 -11.58 -44.41
N PHE I 87 16.61 -11.75 -43.61
CA PHE I 87 17.32 -13.02 -43.52
C PHE I 87 17.81 -13.23 -42.10
N ALA I 88 17.90 -14.50 -41.70
CA ALA I 88 18.41 -14.84 -40.39
C ALA I 88 18.93 -16.28 -40.43
N GLY I 89 20.05 -16.50 -39.76
CA GLY I 89 20.55 -17.85 -39.59
C GLY I 89 19.71 -18.65 -38.62
N ALA I 90 20.04 -19.94 -38.50
CA ALA I 90 19.22 -20.84 -37.70
C ALA I 90 19.26 -20.47 -36.22
N GLU I 91 20.31 -19.80 -35.77
CA GLU I 91 20.41 -19.43 -34.36
C GLU I 91 19.51 -18.27 -33.98
N SER I 92 19.08 -17.45 -34.94
CA SER I 92 18.22 -16.31 -34.65
C SER I 92 17.02 -16.26 -35.57
N ALA I 93 16.50 -17.43 -35.95
CA ALA I 93 15.35 -17.51 -36.84
C ALA I 93 14.04 -17.75 -36.10
N TYR I 94 14.06 -18.57 -35.06
CA TYR I 94 12.86 -18.93 -34.31
C TYR I 94 12.69 -18.01 -33.11
N THR I 95 11.44 -17.84 -32.68
CA THR I 95 11.15 -17.03 -31.51
C THR I 95 11.74 -17.67 -30.26
N SER I 96 12.15 -16.82 -29.32
CA SER I 96 12.80 -17.28 -28.10
C SER I 96 12.55 -16.29 -26.98
N ASN I 97 12.83 -16.74 -25.76
CA ASN I 97 12.66 -15.93 -24.56
C ASN I 97 14.01 -15.68 -23.88
N GLU I 98 15.05 -15.43 -24.67
CA GLU I 98 16.38 -15.34 -24.10
C GLU I 98 16.56 -14.07 -23.26
N ASN I 99 15.93 -12.97 -23.66
CA ASN I 99 16.09 -11.70 -22.97
C ASN I 99 15.03 -11.45 -21.92
N CYS I 100 14.06 -12.36 -21.76
CA CYS I 100 13.06 -12.19 -20.72
C CYS I 100 13.65 -12.24 -19.33
N VAL I 101 14.87 -12.76 -19.18
CA VAL I 101 15.54 -12.79 -17.89
C VAL I 101 15.86 -11.40 -17.37
N ARG I 102 15.90 -10.40 -18.24
CA ARG I 102 16.22 -9.03 -17.86
C ARG I 102 14.99 -8.21 -17.48
N MET I 103 13.80 -8.78 -17.52
CA MET I 103 12.57 -8.02 -17.40
C MET I 103 11.80 -8.38 -16.14
N GLN I 104 11.04 -7.40 -15.68
CA GLN I 104 10.19 -7.63 -14.49
C GLN I 104 8.77 -7.26 -14.88
N ASN I 105 7.87 -7.22 -13.90
CA ASN I 105 6.47 -6.85 -14.10
C ASN I 105 5.75 -7.81 -15.04
N THR I 106 6.10 -7.81 -16.31
CA THR I 106 5.48 -8.71 -17.27
C THR I 106 6.38 -8.87 -18.48
N THR I 107 6.15 -9.95 -19.23
CA THR I 107 6.79 -10.16 -20.53
C THR I 107 5.74 -10.39 -21.62
N CYS I 108 4.51 -9.96 -21.38
CA CYS I 108 3.43 -10.19 -22.34
C CYS I 108 3.74 -9.53 -23.68
N LEU I 109 3.56 -10.29 -24.77
CA LEU I 109 3.75 -9.75 -26.15
C LEU I 109 5.23 -9.44 -26.45
N TYR I 110 6.16 -9.90 -25.61
CA TYR I 110 7.57 -9.76 -25.92
C TYR I 110 8.12 -11.10 -26.34
N TYR I 111 8.74 -11.15 -27.52
CA TYR I 111 9.41 -12.34 -28.00
C TYR I 111 10.66 -11.92 -28.76
N ASP I 112 11.71 -12.71 -28.61
CA ASP I 112 12.96 -12.45 -29.30
C ASP I 112 12.91 -13.01 -30.72
N ASN I 113 13.80 -12.51 -31.56
CA ASN I 113 13.95 -12.93 -32.96
C ASN I 113 12.75 -12.61 -33.81
N ARG I 114 11.83 -11.75 -33.34
CA ARG I 114 10.78 -11.26 -34.23
C ARG I 114 11.39 -10.41 -35.34
N TYR I 115 12.40 -9.62 -35.02
CA TYR I 115 13.16 -8.87 -36.01
C TYR I 115 14.19 -9.77 -36.69
N TRP I 116 14.21 -9.76 -38.01
CA TRP I 116 15.30 -10.33 -38.77
C TRP I 116 16.20 -9.19 -39.25
N THR I 117 17.17 -9.52 -40.10
CA THR I 117 18.12 -8.49 -40.60
C THR I 117 17.72 -8.08 -42.02
N MET I 118 17.66 -6.78 -42.28
CA MET I 118 17.28 -6.28 -43.63
C MET I 118 18.40 -6.59 -44.63
N TRP I 119 18.03 -6.94 -45.86
CA TRP I 119 19.03 -7.28 -46.90
C TRP I 119 19.17 -6.11 -47.87
N CYS I 126 13.93 -2.43 -55.11
CA CYS I 126 12.54 -2.61 -54.69
C CYS I 126 11.58 -1.95 -55.67
N THR I 127 11.58 -2.43 -56.91
CA THR I 127 10.74 -1.87 -57.96
C THR I 127 9.79 -2.87 -58.59
N ASP I 128 10.18 -4.13 -58.71
CA ASP I 128 9.39 -5.13 -59.41
C ASP I 128 9.79 -6.52 -58.93
N GLY I 129 9.12 -7.53 -59.48
CA GLY I 129 9.39 -8.90 -59.07
C GLY I 129 10.78 -9.38 -59.47
N GLY I 130 11.23 -9.00 -60.67
CA GLY I 130 12.53 -9.46 -61.14
C GLY I 130 13.67 -8.99 -60.28
N GLN I 131 13.64 -7.72 -59.86
CA GLN I 131 14.70 -7.19 -59.01
C GLN I 131 14.73 -7.89 -57.65
N VAL I 132 13.56 -8.11 -57.06
CA VAL I 132 13.51 -8.80 -55.77
C VAL I 132 13.97 -10.24 -55.91
N LEU I 133 13.66 -10.88 -57.04
CA LEU I 133 14.16 -12.23 -57.28
C LEU I 133 15.69 -12.24 -57.41
N ARG I 134 16.24 -11.26 -58.13
CA ARG I 134 17.70 -11.17 -58.22
C ARG I 134 18.32 -10.97 -56.85
N GLU I 135 17.72 -10.12 -56.03
CA GLU I 135 18.20 -9.94 -54.67
C GLU I 135 18.06 -11.20 -53.83
N VAL I 136 17.03 -12.00 -54.09
CA VAL I 136 16.86 -13.27 -53.39
C VAL I 136 18.00 -14.21 -53.72
N GLN I 137 18.35 -14.32 -55.01
CA GLN I 137 19.51 -15.13 -55.38
C GLN I 137 20.80 -14.58 -54.80
N ALA I 138 20.97 -13.26 -54.77
CA ALA I 138 22.16 -12.68 -54.18
C ALA I 138 22.26 -13.01 -52.69
N CYS I 139 21.14 -12.90 -51.96
CA CYS I 139 21.14 -13.23 -50.55
C CYS I 139 21.41 -14.72 -50.33
N ARG I 140 20.86 -15.57 -51.21
CA ARG I 140 21.13 -17.00 -51.13
C ARG I 140 22.61 -17.29 -51.28
N ARG I 141 23.25 -16.66 -52.27
CA ARG I 141 24.68 -16.88 -52.46
C ARG I 141 25.49 -16.36 -51.28
N ALA I 142 25.14 -15.17 -50.77
CA ALA I 142 25.92 -14.56 -49.69
C ALA I 142 25.74 -15.32 -48.38
N PHE I 143 24.49 -15.71 -48.08
CA PHE I 143 24.19 -16.43 -46.82
C PHE I 143 23.42 -17.72 -47.16
N PRO I 144 24.10 -18.82 -47.53
CA PRO I 144 23.42 -20.06 -47.93
C PRO I 144 22.71 -20.77 -46.78
N ASP I 145 23.14 -20.53 -45.54
CA ASP I 145 22.56 -21.24 -44.37
C ASP I 145 21.56 -20.33 -43.66
N ALA I 146 20.93 -19.40 -44.38
CA ALA I 146 20.02 -18.43 -43.72
C ALA I 146 18.62 -18.48 -44.35
N TYR I 147 17.58 -18.38 -43.53
CA TYR I 147 16.20 -18.32 -44.07
C TYR I 147 15.99 -16.91 -44.64
N ILE I 148 15.36 -16.82 -45.81
CA ILE I 148 15.08 -15.49 -46.43
C ILE I 148 13.58 -15.21 -46.34
N ARG I 149 13.20 -13.99 -45.97
CA ARG I 149 11.77 -13.63 -45.83
C ARG I 149 11.48 -12.34 -46.62
N VAL I 150 10.44 -12.37 -47.45
CA VAL I 150 10.04 -11.19 -48.22
C VAL I 150 9.06 -10.39 -47.37
N VAL I 151 9.35 -9.12 -47.14
CA VAL I 151 8.50 -8.25 -46.34
C VAL I 151 7.93 -7.15 -47.22
N GLY I 152 6.75 -6.67 -46.85
CA GLY I 152 6.10 -5.59 -47.56
C GLY I 152 5.85 -4.43 -46.62
N PHE I 153 6.02 -3.21 -47.13
CA PHE I 153 5.84 -2.00 -46.29
C PHE I 153 4.92 -1.01 -47.01
N ASP I 154 3.79 -0.64 -46.39
CA ASP I 154 2.91 0.40 -46.98
C ASP I 154 3.62 1.75 -46.80
N PRO I 155 3.98 2.47 -47.89
CA PRO I 155 4.74 3.71 -47.78
C PRO I 155 3.93 4.87 -47.18
N VAL I 156 2.60 4.80 -47.26
CA VAL I 156 1.73 5.91 -46.76
C VAL I 156 1.52 5.71 -45.25
N ARG I 157 1.00 4.54 -44.86
CA ARG I 157 0.71 4.27 -43.42
C ARG I 157 2.03 4.03 -42.68
N GLN I 158 3.11 3.74 -43.41
CA GLN I 158 4.42 3.45 -42.78
C GLN I 158 4.26 2.26 -41.82
N VAL I 159 3.58 1.21 -42.25
CA VAL I 159 3.38 -0.01 -41.41
C VAL I 159 3.81 -1.23 -42.23
N GLN I 160 4.21 -2.33 -41.58
CA GLN I 160 4.52 -3.56 -42.36
C GLN I 160 3.20 -4.22 -42.76
N VAL I 161 3.03 -4.56 -44.04
CA VAL I 161 1.79 -5.14 -44.52
C VAL I 161 1.96 -6.56 -45.03
N SER I 162 3.21 -7.01 -45.20
CA SER I 162 3.46 -8.35 -45.76
C SER I 162 4.68 -9.00 -45.12
N GLY I 163 4.74 -10.34 -45.11
CA GLY I 163 5.88 -11.06 -44.52
C GLY I 163 5.76 -12.55 -44.75
N PHE I 164 6.41 -13.08 -45.79
CA PHE I 164 6.34 -14.53 -46.10
C PHE I 164 7.74 -15.08 -46.37
N LEU I 165 8.03 -16.29 -45.87
CA LEU I 165 9.35 -16.92 -46.08
C LEU I 165 9.45 -17.38 -47.54
N VAL I 166 10.63 -17.22 -48.16
CA VAL I 166 10.81 -17.60 -49.60
C VAL I 166 12.02 -18.54 -49.72
N ASN I 167 12.72 -18.79 -48.61
CA ASN I 167 13.94 -19.64 -48.68
C ASN I 167 14.16 -20.41 -47.37
N ARG I 168 14.42 -21.71 -47.45
CA ARG I 168 14.74 -22.52 -46.24
C ARG I 168 16.12 -23.16 -46.48
N PRO I 169 17.15 -22.89 -45.66
CA PRO I 169 18.50 -23.40 -45.92
C PRO I 169 18.50 -24.93 -45.96
N ALA I 170 18.99 -25.52 -47.06
CA ALA I 170 19.07 -26.98 -47.17
C ALA I 170 19.90 -27.56 -46.02
N SER I 171 20.97 -26.85 -45.64
CA SER I 171 21.86 -27.31 -44.54
C SER I 171 21.06 -27.53 -43.26
N VAL I 172 20.17 -26.58 -42.92
CA VAL I 172 19.40 -26.69 -41.65
C VAL I 172 18.27 -27.71 -41.84
N ARG I 173 18.00 -28.54 -40.82
CA ARG I 173 16.96 -29.59 -40.93
C ARG I 173 15.98 -29.44 -39.77
N ASP I 174 15.61 -28.20 -39.44
CA ASP I 174 14.66 -27.94 -38.32
C ASP I 174 13.23 -27.92 -38.86
N TYR I 175 13.06 -28.19 -40.15
CA TYR I 175 11.72 -28.11 -40.78
C TYR I 175 11.42 -29.40 -41.55
N GLN I 176 10.14 -29.71 -41.77
CA GLN I 176 9.76 -30.93 -42.53
C GLN I 176 9.34 -30.55 -43.95
N GLY I 177 8.90 -31.53 -44.74
CA GLY I 177 8.40 -31.26 -46.11
C GLY I 177 6.91 -31.52 -46.18
N PRO I 178 6.19 -31.06 -47.23
CA PRO I 178 4.74 -31.20 -47.28
C PRO I 178 4.25 -32.63 -46.98
N SER I 179 5.02 -33.65 -47.38
CA SER I 179 4.60 -35.07 -47.17
C SER I 179 5.16 -35.62 -45.86
N THR I 180 6.20 -35.01 -45.31
CA THR I 180 6.85 -35.54 -44.08
C THR I 180 6.30 -34.82 -42.84
N ARG I 181 5.31 -33.93 -43.03
CA ARG I 181 4.71 -33.19 -41.90
C ARG I 181 3.84 -34.14 -41.06
N SER I 182 3.37 -35.23 -41.68
CA SER I 182 2.56 -36.24 -40.93
C SER I 182 3.24 -37.60 -40.99
N VAL I 183 3.26 -38.34 -39.88
CA VAL I 183 3.95 -39.67 -39.84
C VAL I 183 2.98 -40.71 -39.25
N LEU J 22 15.03 -48.03 30.95
CA LEU J 22 14.26 -46.96 30.32
C LEU J 22 15.11 -45.69 30.20
N THR J 23 15.40 -45.30 28.96
CA THR J 23 16.18 -44.09 28.73
C THR J 23 15.37 -42.82 29.00
N TYR J 24 14.05 -42.94 29.08
CA TYR J 24 13.17 -41.77 29.18
C TYR J 24 12.53 -41.62 30.55
N TYR J 25 12.78 -42.55 31.47
CA TYR J 25 12.37 -42.42 32.86
C TYR J 25 13.63 -42.20 33.69
N THR J 26 13.79 -40.99 34.22
CA THR J 26 14.97 -40.60 34.98
C THR J 26 14.52 -40.04 36.32
N PRO J 27 14.22 -40.90 37.29
CA PRO J 27 13.72 -40.41 38.58
C PRO J 27 14.74 -39.58 39.36
N ASP J 28 16.01 -39.61 39.00
CA ASP J 28 17.01 -38.79 39.66
C ASP J 28 17.23 -37.46 38.96
N TYR J 29 16.49 -37.18 37.89
CA TYR J 29 16.68 -35.93 37.15
C TYR J 29 16.09 -34.75 37.92
N GLN J 30 16.83 -33.65 37.95
CA GLN J 30 16.36 -32.43 38.56
C GLN J 30 15.95 -31.45 37.47
N PRO J 31 14.67 -31.09 37.36
CA PRO J 31 14.25 -30.21 36.26
C PRO J 31 14.96 -28.87 36.30
N LYS J 32 15.30 -28.36 35.11
CA LYS J 32 16.01 -27.10 34.99
C LYS J 32 15.06 -25.93 35.20
N ASP J 33 15.63 -24.73 35.35
CA ASP J 33 14.80 -23.52 35.58
C ASP J 33 14.10 -23.13 34.28
N THR J 34 14.52 -23.69 33.15
CA THR J 34 13.93 -23.35 31.86
C THR J 34 13.09 -24.47 31.27
N ASP J 35 12.96 -25.60 31.96
CA ASP J 35 12.16 -26.70 31.46
C ASP J 35 10.67 -26.36 31.52
N ILE J 36 9.93 -26.84 30.53
CA ILE J 36 8.47 -26.84 30.56
C ILE J 36 8.05 -28.16 31.19
N LEU J 37 7.26 -28.09 32.26
CA LEU J 37 6.88 -29.27 33.01
C LEU J 37 5.39 -29.54 32.83
N ALA J 38 5.05 -30.81 32.64
CA ALA J 38 3.67 -31.25 32.51
C ALA J 38 3.40 -32.31 33.56
N ALA J 39 2.20 -32.29 34.13
CA ALA J 39 1.77 -33.29 35.10
C ALA J 39 0.60 -34.05 34.49
N PHE J 40 0.87 -35.28 34.05
CA PHE J 40 -0.12 -36.11 33.40
C PHE J 40 -0.73 -37.07 34.42
N ARG J 41 -2.05 -37.13 34.46
CA ARG J 41 -2.77 -38.17 35.20
C ARG J 41 -3.11 -39.28 34.22
N MET J 42 -2.42 -40.41 34.41
CA MET J 42 -2.58 -41.51 33.41
C MET J 42 -3.00 -42.82 34.07
N THR J 43 -3.86 -43.58 33.39
CA THR J 43 -4.28 -44.91 33.82
C THR J 43 -3.79 -45.91 32.80
N PRO J 44 -2.69 -46.61 33.05
CA PRO J 44 -2.17 -47.57 32.05
C PRO J 44 -3.03 -48.83 31.99
N GLN J 45 -2.92 -49.52 30.86
CA GLN J 45 -3.60 -50.78 30.70
C GLN J 45 -3.03 -51.81 31.68
N PRO J 46 -3.84 -52.76 32.13
CA PRO J 46 -3.34 -53.76 33.08
C PRO J 46 -2.17 -54.54 32.49
N GLY J 47 -1.16 -54.77 33.33
CA GLY J 47 0.08 -55.38 32.92
C GLY J 47 1.16 -54.41 32.55
N VAL J 48 0.82 -53.15 32.28
CA VAL J 48 1.80 -52.12 31.95
C VAL J 48 2.22 -51.44 33.24
N PRO J 49 3.49 -51.51 33.64
CA PRO J 49 3.91 -50.81 34.85
C PRO J 49 3.84 -49.32 34.66
N PRO J 50 3.61 -48.55 35.73
CA PRO J 50 3.54 -47.09 35.57
C PRO J 50 4.80 -46.47 35.02
N GLU J 51 5.96 -47.05 35.36
CA GLU J 51 7.26 -46.48 34.89
C GLU J 51 7.34 -46.59 33.37
N GLU J 52 6.88 -47.70 32.80
CA GLU J 52 6.87 -47.88 31.35
C GLU J 52 5.93 -46.89 30.67
N ALA J 53 4.76 -46.65 31.25
CA ALA J 53 3.81 -45.72 30.66
C ALA J 53 4.33 -44.28 30.70
N GLY J 54 4.90 -43.88 31.84
CA GLY J 54 5.52 -42.56 31.91
C GLY J 54 6.66 -42.41 30.93
N ALA J 55 7.45 -43.48 30.76
CA ALA J 55 8.56 -43.43 29.78
C ALA J 55 7.98 -43.18 28.38
N ALA J 56 6.86 -43.84 28.04
CA ALA J 56 6.26 -43.70 26.71
C ALA J 56 5.79 -42.26 26.49
N VAL J 57 5.08 -41.68 27.47
CA VAL J 57 4.59 -40.27 27.35
C VAL J 57 5.80 -39.36 27.19
N ALA J 58 6.86 -39.59 27.97
CA ALA J 58 8.09 -38.76 27.87
C ALA J 58 8.67 -38.89 26.46
N ALA J 59 8.72 -40.11 25.92
CA ALA J 59 9.30 -40.33 24.57
C ALA J 59 8.41 -39.65 23.51
N ARG J 79 19.06 -34.84 24.30
CA ARG J 79 19.21 -33.37 24.46
C ARG J 79 17.86 -32.69 24.24
N TYR J 80 17.08 -33.18 23.28
CA TYR J 80 15.73 -32.61 23.00
C TYR J 80 14.66 -33.63 23.36
N LYS J 81 15.03 -34.60 24.19
CA LYS J 81 14.06 -35.68 24.52
C LYS J 81 13.29 -35.30 25.78
N GLY J 82 11.96 -35.50 25.77
CA GLY J 82 11.19 -35.27 27.00
C GLY J 82 11.44 -36.43 27.94
N ARG J 83 11.49 -36.18 29.24
CA ARG J 83 11.85 -37.26 30.16
C ARG J 83 10.91 -37.25 31.35
N CYS J 84 10.55 -38.44 31.80
CA CYS J 84 9.73 -38.60 33.00
C CYS J 84 10.67 -38.61 34.21
N TYR J 85 10.55 -37.60 35.06
CA TYR J 85 11.49 -37.48 36.21
C TYR J 85 10.80 -37.84 37.52
N ASP J 86 9.46 -37.90 37.51
CA ASP J 86 8.72 -38.16 38.78
C ASP J 86 7.40 -38.85 38.51
N ILE J 87 7.11 -39.94 39.23
CA ILE J 87 5.84 -40.63 39.15
C ILE J 87 5.31 -40.84 40.56
N GLU J 88 4.09 -40.37 40.80
CA GLU J 88 3.45 -40.57 42.12
C GLU J 88 2.11 -41.27 41.89
N PRO J 89 1.73 -42.32 42.67
CA PRO J 89 0.42 -42.93 42.52
C PRO J 89 -0.67 -42.04 43.16
N VAL J 90 -1.89 -42.10 42.62
CA VAL J 90 -3.02 -41.29 43.17
C VAL J 90 -3.67 -42.09 44.31
N PRO J 91 -3.51 -41.69 45.58
CA PRO J 91 -4.06 -42.44 46.71
C PRO J 91 -5.59 -42.33 46.71
N GLY J 92 -6.28 -43.44 46.50
CA GLY J 92 -7.76 -43.44 46.49
C GLY J 92 -8.33 -43.59 45.11
N GLU J 93 -7.48 -43.97 44.14
CA GLU J 93 -7.96 -44.18 42.74
C GLU J 93 -7.46 -45.54 42.24
N GLU J 94 -8.06 -46.05 41.16
CA GLU J 94 -7.70 -47.40 40.65
C GLU J 94 -6.59 -47.29 39.59
N ASN J 95 -5.37 -47.77 39.92
CA ASN J 95 -4.25 -47.76 38.94
C ASN J 95 -4.13 -46.38 38.29
N GLN J 96 -4.23 -45.31 39.07
CA GLN J 96 -4.05 -43.94 38.51
C GLN J 96 -2.74 -43.36 39.04
N TYR J 97 -1.93 -42.76 38.16
CA TYR J 97 -0.63 -42.21 38.59
C TYR J 97 -0.42 -40.82 37.98
N ILE J 98 0.36 -39.98 38.66
CA ILE J 98 0.68 -38.66 38.11
C ILE J 98 2.11 -38.73 37.58
N ALA J 99 2.27 -38.48 36.28
CA ALA J 99 3.62 -38.54 35.65
C ALA J 99 4.10 -37.12 35.35
N TYR J 100 5.29 -36.78 35.87
CA TYR J 100 5.85 -35.42 35.66
C TYR J 100 6.86 -35.47 34.51
N ILE J 101 6.62 -34.68 33.45
CA ILE J 101 7.51 -34.71 32.25
C ILE J 101 8.25 -33.38 32.14
N ALA J 102 9.55 -33.42 31.79
CA ALA J 102 10.34 -32.22 31.63
C ALA J 102 10.73 -32.09 30.16
N TYR J 103 10.37 -30.96 29.55
CA TYR J 103 10.70 -30.69 28.17
C TYR J 103 11.73 -29.57 28.09
N PRO J 104 12.79 -29.72 27.30
CA PRO J 104 13.75 -28.63 27.15
C PRO J 104 13.12 -27.41 26.49
N LEU J 105 13.62 -26.24 26.88
CA LEU J 105 13.07 -24.98 26.36
C LEU J 105 13.26 -24.85 24.85
N ASP J 106 14.32 -25.48 24.31
CA ASP J 106 14.62 -25.34 22.86
C ASP J 106 13.60 -26.06 21.98
N LEU J 107 12.68 -26.81 22.58
CA LEU J 107 11.74 -27.60 21.80
C LEU J 107 10.63 -26.77 21.19
N PHE J 108 10.36 -25.58 21.72
CA PHE J 108 9.16 -24.83 21.38
C PHE J 108 9.49 -23.54 20.65
N GLU J 109 8.52 -23.06 19.89
CA GLU J 109 8.67 -21.78 19.16
C GLU J 109 8.28 -20.65 20.10
N GLU J 110 9.07 -19.57 20.13
CA GLU J 110 8.83 -18.44 21.00
C GLU J 110 7.45 -17.85 20.74
N GLY J 111 6.71 -17.62 21.83
CA GLY J 111 5.42 -16.94 21.74
C GLY J 111 4.36 -17.67 20.93
N SER J 112 4.38 -18.99 20.94
CA SER J 112 3.45 -19.79 20.12
C SER J 112 2.74 -20.81 21.01
N VAL J 113 1.50 -20.49 21.39
CA VAL J 113 0.68 -21.45 22.12
C VAL J 113 0.34 -22.63 21.22
N THR J 114 0.14 -22.38 19.93
CA THR J 114 -0.13 -23.45 18.98
C THR J 114 0.96 -24.51 19.01
N ASN J 115 2.21 -24.07 18.95
CA ASN J 115 3.35 -25.04 18.96
C ASN J 115 3.40 -25.75 20.32
N LEU J 116 3.20 -25.02 21.41
CA LEU J 116 3.25 -25.64 22.72
C LEU J 116 2.25 -26.78 22.82
N PHE J 117 1.01 -26.54 22.37
CA PHE J 117 0.01 -27.60 22.41
C PHE J 117 0.31 -28.70 21.42
N THR J 118 0.89 -28.37 20.26
CA THR J 118 1.28 -29.41 19.32
C THR J 118 2.36 -30.31 19.91
N SER J 119 3.31 -29.72 20.63
CA SER J 119 4.39 -30.53 21.18
C SER J 119 3.92 -31.37 22.37
N ILE J 120 3.17 -30.77 23.29
CA ILE J 120 2.85 -31.46 24.54
C ILE J 120 1.76 -32.49 24.32
N VAL J 121 0.65 -32.07 23.68
CA VAL J 121 -0.52 -32.99 23.56
C VAL J 121 -0.87 -33.27 22.10
N GLY J 122 0.11 -33.15 21.19
CA GLY J 122 -0.14 -33.44 19.76
C GLY J 122 -0.63 -34.86 19.54
N ASN J 123 0.24 -35.86 19.74
CA ASN J 123 -0.20 -37.24 19.60
C ASN J 123 0.32 -38.00 20.82
N VAL J 124 -0.40 -37.87 21.94
CA VAL J 124 -0.13 -38.67 23.12
C VAL J 124 -1.38 -39.25 23.75
N PHE J 125 -2.55 -38.71 23.37
CA PHE J 125 -3.83 -39.21 23.92
C PHE J 125 -4.27 -40.43 23.12
N GLY J 126 -3.60 -40.74 22.00
CA GLY J 126 -3.88 -41.91 21.20
C GLY J 126 -3.01 -43.11 21.46
N PHE J 127 -2.26 -43.12 22.56
CA PHE J 127 -1.43 -44.27 22.89
C PHE J 127 -2.29 -45.42 23.40
N LYS J 128 -2.12 -46.59 22.79
CA LYS J 128 -2.93 -47.78 23.18
C LYS J 128 -2.53 -48.25 24.58
N ALA J 129 -1.28 -48.00 24.99
CA ALA J 129 -0.82 -48.48 26.29
C ALA J 129 -1.49 -47.77 27.46
N LEU J 130 -2.24 -46.70 27.20
CA LEU J 130 -2.89 -45.94 28.25
C LEU J 130 -4.40 -46.09 28.12
N ARG J 131 -5.03 -46.60 29.17
CA ARG J 131 -6.48 -46.65 29.19
C ARG J 131 -7.08 -45.25 29.18
N ALA J 132 -6.52 -44.34 29.99
CA ALA J 132 -6.95 -42.96 30.01
C ALA J 132 -5.76 -42.08 30.31
N LEU J 133 -5.80 -40.84 29.80
CA LEU J 133 -4.73 -39.88 30.01
C LEU J 133 -5.33 -38.50 30.16
N ARG J 134 -4.85 -37.75 31.15
CA ARG J 134 -5.38 -36.39 31.41
C ARG J 134 -4.26 -35.42 31.79
N LEU J 135 -4.03 -34.39 30.98
CA LEU J 135 -3.06 -33.36 31.33
C LEU J 135 -3.67 -32.48 32.43
N GLU J 136 -3.00 -32.41 33.56
CA GLU J 136 -3.52 -31.70 34.72
C GLU J 136 -2.95 -30.30 34.87
N ASP J 137 -1.65 -30.12 34.64
CA ASP J 137 -1.03 -28.84 34.87
C ASP J 137 0.17 -28.68 33.94
N LEU J 138 0.59 -27.43 33.76
CA LEU J 138 1.80 -27.09 33.04
C LEU J 138 2.61 -26.11 33.87
N ARG J 139 3.93 -26.20 33.75
CA ARG J 139 4.83 -25.20 34.32
C ARG J 139 5.49 -24.46 33.18
N ILE J 140 5.13 -23.20 32.99
CA ILE J 140 5.72 -22.35 31.97
C ILE J 140 6.89 -21.60 32.61
N PRO J 141 8.13 -21.90 32.24
CA PRO J 141 9.24 -21.19 32.84
C PRO J 141 9.21 -19.72 32.46
N PRO J 142 9.69 -18.78 33.33
CA PRO J 142 9.74 -17.36 32.97
C PRO J 142 10.39 -17.12 31.59
N ALA J 143 11.47 -17.84 31.30
CA ALA J 143 12.17 -17.66 30.00
C ALA J 143 11.16 -17.79 28.85
N TYR J 144 10.28 -18.79 28.91
CA TYR J 144 9.22 -18.94 27.88
C TYR J 144 8.18 -17.84 28.04
N VAL J 145 7.76 -17.53 29.28
CA VAL J 145 6.70 -16.55 29.46
C VAL J 145 7.10 -15.22 28.83
N LYS J 146 8.36 -14.84 28.95
CA LYS J 146 8.80 -13.55 28.44
C LYS J 146 8.69 -13.45 26.92
N THR J 147 8.58 -14.58 26.22
CA THR J 147 8.44 -14.53 24.77
C THR J 147 7.00 -14.25 24.32
N PHE J 148 6.05 -14.23 25.24
CA PHE J 148 4.66 -13.97 24.92
C PHE J 148 4.28 -12.55 25.27
N GLN J 149 3.42 -11.94 24.45
CA GLN J 149 2.88 -10.64 24.79
C GLN J 149 1.93 -10.71 25.98
N GLY J 150 1.09 -11.74 26.02
CA GLY J 150 0.10 -11.87 27.07
C GLY J 150 -1.16 -11.10 26.77
N PRO J 151 -2.00 -10.90 27.79
CA PRO J 151 -3.24 -10.18 27.57
C PRO J 151 -2.96 -8.76 27.14
N PRO J 152 -3.82 -8.18 26.28
CA PRO J 152 -3.55 -6.83 25.77
C PRO J 152 -3.44 -5.77 26.84
N HIS J 153 -4.29 -5.83 27.86
CA HIS J 153 -4.27 -4.75 28.87
C HIS J 153 -4.07 -5.38 30.25
N GLY J 154 -4.91 -6.36 30.58
CA GLY J 154 -4.83 -6.96 31.93
C GLY J 154 -5.91 -6.39 32.83
N ILE J 155 -5.92 -6.77 34.10
CA ILE J 155 -6.96 -6.33 35.02
C ILE J 155 -6.75 -4.88 35.44
N GLN J 156 -5.53 -4.53 35.85
CA GLN J 156 -5.32 -3.19 36.39
C GLN J 156 -5.48 -2.13 35.31
N VAL J 157 -4.95 -2.38 34.12
CA VAL J 157 -5.10 -1.42 32.99
C VAL J 157 -6.59 -1.33 32.62
N GLU J 158 -7.30 -2.47 32.66
CA GLU J 158 -8.75 -2.43 32.36
C GLU J 158 -9.43 -1.49 33.37
N ARG J 159 -9.19 -1.70 34.67
CA ARG J 159 -9.82 -0.87 35.72
C ARG J 159 -9.49 0.60 35.48
N ASP J 160 -8.22 0.91 35.16
CA ASP J 160 -7.84 2.31 34.96
C ASP J 160 -8.55 2.90 33.74
N LYS J 161 -8.66 2.12 32.66
CA LYS J 161 -9.31 2.63 31.42
C LYS J 161 -10.81 2.84 31.67
N LEU J 162 -11.45 1.91 32.38
CA LEU J 162 -12.88 2.02 32.65
C LEU J 162 -13.19 2.87 33.87
N ASN J 163 -12.18 3.21 34.67
CA ASN J 163 -12.37 4.09 35.85
C ASN J 163 -13.35 3.45 36.85
N LYS J 164 -13.30 2.13 37.00
CA LYS J 164 -14.15 1.42 37.93
C LYS J 164 -13.26 0.67 38.93
N TYR J 165 -13.45 0.96 40.21
CA TYR J 165 -12.59 0.42 41.25
C TYR J 165 -13.43 -0.13 42.40
N GLY J 166 -12.87 -1.11 43.09
CA GLY J 166 -13.43 -1.56 44.35
C GLY J 166 -14.65 -2.44 44.25
N ARG J 167 -14.98 -2.95 43.07
CA ARG J 167 -16.17 -3.75 42.92
C ARG J 167 -16.02 -4.63 41.69
N GLY J 168 -16.78 -5.71 41.67
CA GLY J 168 -16.84 -6.55 40.49
C GLY J 168 -17.59 -5.88 39.35
N LEU J 169 -17.32 -6.34 38.14
CA LEU J 169 -18.01 -5.84 36.97
C LEU J 169 -19.25 -6.69 36.69
N LEU J 170 -20.20 -6.09 35.99
CA LEU J 170 -21.48 -6.72 35.71
C LEU J 170 -21.73 -6.77 34.21
N GLY J 171 -22.27 -7.89 33.74
CA GLY J 171 -22.56 -8.05 32.33
C GLY J 171 -23.83 -8.86 32.12
N CYS J 172 -24.40 -8.70 30.93
CA CYS J 172 -25.60 -9.42 30.55
C CYS J 172 -25.44 -9.96 29.13
N THR J 173 -26.05 -11.12 28.87
CA THR J 173 -26.04 -11.68 27.50
C THR J 173 -27.38 -11.33 26.85
N ILE J 174 -27.37 -10.53 25.78
CA ILE J 174 -28.65 -10.07 25.16
C ILE J 174 -29.48 -11.29 24.76
N LYS J 175 -30.73 -11.35 25.23
CA LYS J 175 -31.61 -12.52 24.95
C LYS J 175 -32.93 -12.02 24.35
N PRO J 176 -33.43 -12.56 23.23
CA PRO J 176 -33.23 -13.98 22.87
C PRO J 176 -31.87 -14.25 22.22
N LYS J 177 -31.42 -15.50 22.25
CA LYS J 177 -30.09 -15.85 21.70
C LYS J 177 -30.00 -15.44 20.24
N LEU J 178 -30.98 -15.81 19.41
CA LEU J 178 -30.91 -15.53 17.95
C LEU J 178 -32.26 -15.05 17.42
N GLY J 179 -32.29 -14.58 16.17
CA GLY J 179 -33.55 -14.14 15.54
C GLY J 179 -33.75 -12.64 15.67
N LEU J 180 -33.11 -12.00 16.65
CA LEU J 180 -33.33 -10.55 16.89
C LEU J 180 -32.67 -9.73 15.78
N SER J 181 -33.31 -8.66 15.32
CA SER J 181 -32.71 -7.77 14.30
C SER J 181 -31.64 -6.89 14.98
N ALA J 182 -30.70 -6.36 14.19
CA ALA J 182 -29.63 -5.49 14.74
C ALA J 182 -30.25 -4.32 15.52
N LYS J 183 -31.32 -3.73 14.99
CA LYS J 183 -32.01 -2.61 15.69
C LYS J 183 -32.50 -3.09 17.05
N ASN J 184 -33.22 -4.21 17.09
CA ASN J 184 -33.77 -4.70 18.35
C ASN J 184 -32.66 -5.16 19.29
N TYR J 185 -31.59 -5.71 18.71
CA TYR J 185 -30.42 -6.10 19.55
C TYR J 185 -29.86 -4.83 20.20
N GLY J 186 -29.67 -3.76 19.43
CA GLY J 186 -29.19 -2.52 20.00
C GLY J 186 -30.12 -1.94 21.04
N ARG J 187 -31.42 -2.07 20.81
CA ARG J 187 -32.43 -1.55 21.79
C ARG J 187 -32.25 -2.31 23.11
N ALA J 188 -32.13 -3.64 23.04
CA ALA J 188 -31.94 -4.43 24.24
C ALA J 188 -30.64 -4.07 24.94
N VAL J 189 -29.58 -3.84 24.17
CA VAL J 189 -28.29 -3.45 24.75
C VAL J 189 -28.43 -2.14 25.50
N TYR J 190 -29.07 -1.14 24.87
CA TYR J 190 -29.22 0.16 25.51
C TYR J 190 -30.07 0.06 26.77
N GLU J 191 -31.15 -0.72 26.71
CA GLU J 191 -32.02 -0.85 27.88
C GLU J 191 -31.28 -1.49 29.04
N CYS J 192 -30.48 -2.52 28.76
CA CYS J 192 -29.77 -3.23 29.86
C CYS J 192 -28.63 -2.36 30.39
N LEU J 193 -27.93 -1.64 29.52
CA LEU J 193 -26.75 -0.86 29.98
C LEU J 193 -27.20 0.36 30.79
N ARG J 194 -28.30 1.01 30.38
CA ARG J 194 -28.76 2.26 31.08
C ARG J 194 -29.15 1.94 32.52
N GLY J 195 -29.49 0.68 32.80
CA GLY J 195 -29.92 0.28 34.16
C GLY J 195 -28.79 0.36 35.16
N GLY J 196 -27.54 0.19 34.71
CA GLY J 196 -26.38 0.23 35.62
C GLY J 196 -25.38 -0.88 35.33
N LEU J 197 -25.69 -1.74 34.35
CA LEU J 197 -24.74 -2.82 33.97
C LEU J 197 -23.51 -2.19 33.30
N ASP J 198 -22.34 -2.76 33.53
CA ASP J 198 -21.08 -2.21 32.95
C ASP J 198 -20.88 -2.78 31.54
N PHE J 199 -21.40 -3.97 31.27
CA PHE J 199 -21.17 -4.60 29.98
C PHE J 199 -22.42 -5.33 29.51
N THR J 200 -22.52 -5.47 28.20
CA THR J 200 -23.40 -6.44 27.57
C THR J 200 -22.56 -7.23 26.58
N LYS J 201 -23.10 -8.34 26.07
CA LYS J 201 -22.28 -9.20 25.18
C LYS J 201 -23.14 -9.84 24.09
N ASP J 202 -22.55 -10.11 22.93
CA ASP J 202 -23.30 -10.84 21.87
C ASP J 202 -23.39 -12.30 22.30
N ASP J 203 -24.39 -13.03 21.82
CA ASP J 203 -24.48 -14.48 22.13
C ASP J 203 -23.28 -15.18 21.48
N GLU J 204 -22.85 -16.31 22.05
CA GLU J 204 -21.66 -16.99 21.56
C GLU J 204 -21.80 -17.39 20.09
N ASN J 205 -23.01 -17.72 19.64
CA ASN J 205 -23.23 -18.14 18.27
C ASN J 205 -23.65 -17.00 17.35
N VAL J 206 -23.65 -15.77 17.84
CA VAL J 206 -23.99 -14.61 17.04
C VAL J 206 -22.70 -14.04 16.47
N ASN J 207 -22.46 -14.32 15.19
CA ASN J 207 -21.27 -13.76 14.50
C ASN J 207 -21.78 -12.90 13.35
N SER J 208 -22.41 -13.52 12.34
CA SER J 208 -22.94 -12.80 11.19
C SER J 208 -23.91 -13.73 10.49
N GLN J 209 -25.19 -13.38 10.54
CA GLN J 209 -26.22 -14.32 9.99
C GLN J 209 -27.17 -13.54 9.09
N PRO J 210 -27.98 -14.20 8.22
CA PRO J 210 -28.97 -13.49 7.41
C PRO J 210 -29.89 -12.61 8.26
N PHE J 211 -30.23 -13.05 9.47
CA PHE J 211 -31.17 -12.28 10.34
C PHE J 211 -30.49 -11.02 10.87
N MET J 212 -29.18 -11.08 11.09
CA MET J 212 -28.47 -9.91 11.68
C MET J 212 -27.01 -9.91 11.20
N ARG J 213 -26.72 -9.14 10.16
CA ARG J 213 -25.35 -9.01 9.70
C ARG J 213 -24.52 -8.28 10.74
N TRP J 214 -23.20 -8.50 10.69
CA TRP J 214 -22.35 -8.06 11.80
C TRP J 214 -22.16 -6.55 11.81
N ARG J 215 -22.09 -5.90 10.64
CA ARG J 215 -21.84 -4.46 10.63
C ARG J 215 -23.04 -3.67 11.11
N ASP J 216 -24.25 -4.12 10.75
CA ASP J 216 -25.45 -3.48 11.28
C ASP J 216 -25.49 -3.59 12.79
N ARG J 217 -25.18 -4.77 13.33
CA ARG J 217 -25.15 -4.96 14.77
C ARG J 217 -24.10 -4.06 15.41
N PHE J 218 -22.92 -3.95 14.81
CA PHE J 218 -21.88 -3.11 15.38
C PHE J 218 -22.32 -1.66 15.44
N LEU J 219 -22.95 -1.16 14.37
CA LEU J 219 -23.40 0.22 14.36
C LEU J 219 -24.50 0.49 15.39
N PHE J 220 -25.51 -0.39 15.44
CA PHE J 220 -26.60 -0.17 16.38
C PHE J 220 -26.12 -0.30 17.83
N VAL J 221 -25.22 -1.25 18.09
CA VAL J 221 -24.67 -1.41 19.42
C VAL J 221 -23.83 -0.21 19.80
N ALA J 222 -23.10 0.37 18.84
CA ALA J 222 -22.33 1.58 19.13
C ALA J 222 -23.25 2.73 19.50
N GLU J 223 -24.34 2.90 18.77
CA GLU J 223 -25.31 3.94 19.13
C GLU J 223 -25.89 3.70 20.51
N ALA J 224 -26.22 2.45 20.83
CA ALA J 224 -26.78 2.14 22.14
C ALA J 224 -25.76 2.39 23.25
N ILE J 225 -24.51 2.00 23.03
CA ILE J 225 -23.45 2.22 24.03
C ILE J 225 -23.29 3.71 24.30
N TYR J 226 -23.27 4.52 23.23
CA TYR J 226 -23.07 5.94 23.43
C TYR J 226 -24.27 6.61 24.09
N LYS J 227 -25.49 6.17 23.75
CA LYS J 227 -26.67 6.69 24.42
C LYS J 227 -26.66 6.36 25.90
N SER J 228 -26.34 5.12 26.26
CA SER J 228 -26.30 4.74 27.66
C SER J 228 -25.20 5.48 28.41
N GLN J 229 -24.05 5.69 27.76
CA GLN J 229 -22.98 6.47 28.38
C GLN J 229 -23.43 7.89 28.66
N ALA J 230 -24.06 8.54 27.69
CA ALA J 230 -24.52 9.91 27.89
C ALA J 230 -25.56 9.97 29.00
N GLU J 231 -26.44 8.98 29.05
CA GLU J 231 -27.53 9.02 30.04
C GLU J 231 -27.00 8.81 31.46
N THR J 232 -26.16 7.80 31.66
CA THR J 232 -25.73 7.47 33.01
C THR J 232 -24.47 8.20 33.45
N GLY J 233 -23.62 8.61 32.50
CA GLY J 233 -22.36 9.24 32.85
C GLY J 233 -21.24 8.28 33.18
N GLU J 234 -21.49 6.98 33.13
CA GLU J 234 -20.47 5.98 33.35
C GLU J 234 -20.03 5.39 32.02
N ILE J 235 -18.78 4.95 31.95
CA ILE J 235 -18.28 4.32 30.73
C ILE J 235 -18.93 2.96 30.57
N LYS J 236 -19.47 2.73 29.37
CA LYS J 236 -20.18 1.46 29.12
C LYS J 236 -19.44 0.69 28.01
N GLY J 237 -19.87 -0.54 27.75
CA GLY J 237 -19.25 -1.38 26.75
C GLY J 237 -20.11 -2.57 26.40
N HIS J 238 -19.80 -3.17 25.26
CA HIS J 238 -20.49 -4.36 24.78
C HIS J 238 -19.49 -5.29 24.11
N TYR J 239 -19.48 -6.55 24.54
CA TYR J 239 -18.53 -7.55 23.96
C TYR J 239 -18.96 -7.86 22.52
N LEU J 240 -18.43 -7.12 21.54
CA LEU J 240 -18.78 -7.36 20.12
C LEU J 240 -18.06 -8.61 19.62
N ASN J 241 -18.81 -9.58 19.07
CA ASN J 241 -18.18 -10.86 18.65
C ASN J 241 -17.40 -10.66 17.35
N ALA J 242 -16.08 -10.82 17.39
CA ALA J 242 -15.27 -10.73 16.20
C ALA J 242 -14.97 -12.09 15.59
N THR J 243 -15.45 -13.17 16.21
CA THR J 243 -15.16 -14.52 15.74
C THR J 243 -15.70 -14.71 14.32
N ALA J 244 -14.83 -15.15 13.42
CA ALA J 244 -15.17 -15.18 12.00
C ALA J 244 -14.54 -16.40 11.35
N ALA J 245 -14.84 -16.59 10.06
CA ALA J 245 -14.31 -17.74 9.32
C ALA J 245 -12.82 -17.57 9.02
N THR J 246 -12.42 -16.39 8.54
CA THR J 246 -10.99 -16.19 8.16
C THR J 246 -10.38 -15.11 9.06
N ALA J 247 -9.06 -15.19 9.27
CA ALA J 247 -8.38 -14.19 10.12
C ALA J 247 -8.60 -12.80 9.54
N GLU J 248 -8.66 -12.71 8.21
CA GLU J 248 -8.86 -11.42 7.57
C GLU J 248 -10.21 -10.82 7.96
N GLU J 249 -11.26 -11.63 7.95
CA GLU J 249 -12.58 -11.16 8.34
C GLU J 249 -12.62 -10.78 9.82
N MET J 250 -11.96 -11.56 10.67
CA MET J 250 -11.90 -11.25 12.10
C MET J 250 -11.19 -9.93 12.35
N LEU J 251 -10.07 -9.71 11.66
CA LEU J 251 -9.37 -8.43 11.79
C LEU J 251 -10.19 -7.29 11.23
N LYS J 252 -10.98 -7.52 10.18
CA LYS J 252 -11.86 -6.48 9.66
C LYS J 252 -12.92 -6.09 10.69
N ARG J 253 -13.49 -7.08 11.39
CA ARG J 253 -14.47 -6.76 12.42
C ARG J 253 -13.84 -6.03 13.59
N ALA J 254 -12.63 -6.43 13.98
CA ALA J 254 -11.91 -5.69 15.01
C ALA J 254 -11.63 -4.26 14.56
N GLU J 255 -11.29 -4.09 13.28
CA GLU J 255 -11.03 -2.77 12.74
C GLU J 255 -12.28 -1.90 12.76
N CYS J 256 -13.44 -2.48 12.44
CA CYS J 256 -14.68 -1.73 12.54
C CYS J 256 -14.95 -1.29 13.98
N ALA J 257 -14.72 -2.20 14.94
CA ALA J 257 -14.90 -1.84 16.34
C ALA J 257 -13.96 -0.71 16.74
N LYS J 258 -12.72 -0.77 16.26
CA LYS J 258 -11.77 0.30 16.54
C LYS J 258 -12.21 1.62 15.92
N ASP J 259 -12.79 1.56 14.72
CA ASP J 259 -13.22 2.80 14.01
C ASP J 259 -14.46 3.40 14.68
N LEU J 260 -15.29 2.58 15.32
CA LEU J 260 -16.43 3.10 16.07
C LEU J 260 -16.03 3.70 17.42
N GLY J 261 -14.83 3.41 17.91
CA GLY J 261 -14.41 3.90 19.21
C GLY J 261 -14.96 3.13 20.38
N VAL J 262 -15.62 2.00 20.14
CA VAL J 262 -16.20 1.19 21.20
C VAL J 262 -15.09 0.53 22.00
N PRO J 263 -15.32 0.17 23.26
CA PRO J 263 -14.21 -0.27 24.11
C PRO J 263 -13.71 -1.71 23.92
N ILE J 264 -14.57 -2.68 23.62
CA ILE J 264 -14.23 -4.09 23.82
C ILE J 264 -14.83 -4.96 22.73
N ILE J 265 -14.15 -6.06 22.41
CA ILE J 265 -14.63 -7.09 21.50
C ILE J 265 -14.51 -8.45 22.19
N MET J 266 -14.98 -9.48 21.50
CA MET J 266 -15.08 -10.84 22.02
C MET J 266 -14.50 -11.82 21.01
N HIS J 267 -14.02 -12.96 21.51
CA HIS J 267 -13.48 -14.00 20.64
C HIS J 267 -13.70 -15.36 21.27
N ASP J 268 -13.91 -16.37 20.41
CA ASP J 268 -14.04 -17.77 20.80
C ASP J 268 -12.72 -18.45 20.48
N TYR J 269 -11.85 -18.57 21.49
CA TYR J 269 -10.48 -19.02 21.20
C TYR J 269 -10.37 -20.51 20.96
N LEU J 270 -11.23 -21.31 21.59
CA LEU J 270 -11.08 -22.79 21.45
C LEU J 270 -11.70 -23.25 20.12
N THR J 271 -12.56 -22.42 19.51
CA THR J 271 -13.16 -22.78 18.20
C THR J 271 -12.45 -21.99 17.08
N GLY J 272 -12.11 -20.72 17.33
CA GLY J 272 -11.36 -19.93 16.34
C GLY J 272 -9.93 -20.41 16.22
N GLY J 273 -9.32 -20.80 17.35
CA GLY J 273 -7.93 -21.32 17.33
C GLY J 273 -6.97 -20.36 18.02
N PHE J 274 -5.85 -20.90 18.53
CA PHE J 274 -4.85 -20.06 19.24
C PHE J 274 -4.20 -19.09 18.25
N THR J 275 -3.97 -19.56 17.02
CA THR J 275 -3.32 -18.69 15.99
C THR J 275 -4.18 -17.46 15.75
N ALA J 276 -5.49 -17.65 15.57
CA ALA J 276 -6.41 -16.51 15.37
C ALA J 276 -6.46 -15.65 16.64
N ASN J 277 -6.51 -16.29 17.81
CA ASN J 277 -6.59 -15.54 19.09
C ASN J 277 -5.33 -14.67 19.24
N THR J 278 -4.16 -15.24 19.00
CA THR J 278 -2.93 -14.48 19.18
C THR J 278 -2.87 -13.28 18.24
N SER J 279 -3.35 -13.46 17.01
CA SER J 279 -3.43 -12.32 16.09
C SER J 279 -4.36 -11.25 16.65
N LEU J 280 -5.53 -11.65 17.16
CA LEU J 280 -6.47 -10.68 17.69
C LEU J 280 -5.91 -9.98 18.93
N ALA J 281 -5.21 -10.71 19.79
CA ALA J 281 -4.64 -10.10 20.99
C ALA J 281 -3.54 -9.11 20.63
N HIS J 282 -2.70 -9.44 19.64
CA HIS J 282 -1.70 -8.48 19.19
C HIS J 282 -2.37 -7.23 18.62
N TYR J 283 -3.42 -7.42 17.83
CA TYR J 283 -4.15 -6.28 17.28
C TYR J 283 -4.74 -5.41 18.39
N CYS J 284 -5.33 -6.05 19.40
CA CYS J 284 -5.97 -5.31 20.48
C CYS J 284 -4.94 -4.53 21.29
N ARG J 285 -3.77 -5.11 21.52
CA ARG J 285 -2.70 -4.36 22.17
C ARG J 285 -2.27 -3.18 21.31
N ASP J 286 -2.15 -3.38 20.00
CA ASP J 286 -1.71 -2.30 19.12
C ASP J 286 -2.71 -1.15 19.07
N ASN J 287 -4.01 -1.44 19.15
CA ASN J 287 -5.02 -0.42 18.89
C ASN J 287 -5.81 -0.05 20.14
N GLY J 288 -5.41 -0.51 21.31
CA GLY J 288 -6.06 -0.15 22.55
C GLY J 288 -7.48 -0.66 22.71
N LEU J 289 -7.72 -1.92 22.37
CA LEU J 289 -9.03 -2.55 22.53
C LEU J 289 -8.95 -3.63 23.60
N LEU J 290 -10.03 -3.72 24.38
CA LEU J 290 -10.13 -4.82 25.38
C LEU J 290 -10.57 -6.08 24.63
N LEU J 291 -10.29 -7.26 25.18
CA LEU J 291 -10.58 -8.53 24.52
C LEU J 291 -11.20 -9.49 25.53
N HIS J 292 -12.49 -9.80 25.35
CA HIS J 292 -13.18 -10.80 26.15
C HIS J 292 -13.12 -12.14 25.43
N ILE J 293 -12.80 -13.19 26.19
CA ILE J 293 -12.60 -14.51 25.63
C ILE J 293 -13.68 -15.44 26.14
N HIS J 294 -14.37 -16.11 25.22
CA HIS J 294 -15.38 -17.10 25.55
C HIS J 294 -14.85 -18.49 25.22
N ARG J 295 -15.07 -19.43 26.13
CA ARG J 295 -14.51 -20.77 26.01
C ARG J 295 -15.54 -21.74 25.44
N ALA J 296 -15.92 -21.49 24.20
CA ALA J 296 -16.82 -22.41 23.50
C ALA J 296 -16.11 -23.73 23.21
N MET J 297 -16.85 -24.84 23.35
CA MET J 297 -16.29 -26.19 23.04
C MET J 297 -15.29 -26.64 24.11
N HIS J 298 -15.30 -26.02 25.29
CA HIS J 298 -14.30 -26.36 26.34
C HIS J 298 -14.65 -27.72 26.96
N ALA J 299 -15.94 -27.97 27.23
CA ALA J 299 -16.36 -29.22 27.90
C ALA J 299 -16.02 -30.43 27.04
N VAL J 300 -15.86 -30.24 25.74
CA VAL J 300 -15.46 -31.37 24.84
C VAL J 300 -14.05 -31.82 25.24
N ILE J 301 -13.28 -30.97 25.94
CA ILE J 301 -11.87 -31.32 26.27
C ILE J 301 -11.64 -31.36 27.79
N ASP J 302 -12.40 -30.59 28.58
CA ASP J 302 -12.08 -30.49 30.03
C ASP J 302 -13.21 -31.03 30.92
N ARG J 303 -14.11 -31.89 30.42
CA ARG J 303 -15.24 -32.32 31.29
C ARG J 303 -14.90 -33.64 31.99
N GLN J 304 -14.48 -34.66 31.22
CA GLN J 304 -14.24 -35.96 31.83
C GLN J 304 -12.98 -35.95 32.68
N ARG J 305 -13.08 -36.54 33.87
CA ARG J 305 -11.98 -36.55 34.82
C ARG J 305 -10.81 -37.42 34.36
N ASN J 306 -11.09 -38.45 33.54
CA ASN J 306 -10.01 -39.42 33.19
C ASN J 306 -9.31 -39.03 31.89
N HIS J 307 -9.99 -38.34 30.98
CA HIS J 307 -9.41 -38.03 29.68
C HIS J 307 -9.54 -36.55 29.39
N GLY J 308 -8.55 -36.01 28.68
CA GLY J 308 -8.61 -34.63 28.23
C GLY J 308 -7.58 -33.70 28.82
N ILE J 309 -7.84 -32.40 28.73
CA ILE J 309 -6.96 -31.38 29.28
C ILE J 309 -7.76 -30.57 30.29
N HIS J 310 -7.24 -30.45 31.51
CA HIS J 310 -7.94 -29.71 32.55
C HIS J 310 -8.04 -28.24 32.17
N PHE J 311 -9.17 -27.61 32.54
CA PHE J 311 -9.41 -26.20 32.15
C PHE J 311 -8.25 -25.29 32.58
N ARG J 312 -7.58 -25.62 33.69
CA ARG J 312 -6.51 -24.73 34.20
C ARG J 312 -5.42 -24.58 33.13
N VAL J 313 -5.11 -25.66 32.41
CA VAL J 313 -4.09 -25.60 31.32
C VAL J 313 -4.62 -24.71 30.19
N LEU J 314 -5.90 -24.84 29.86
CA LEU J 314 -6.52 -23.99 28.81
C LEU J 314 -6.52 -22.53 29.27
N ALA J 315 -6.75 -22.29 30.57
CA ALA J 315 -6.73 -20.91 31.11
C ALA J 315 -5.32 -20.33 31.01
N LYS J 316 -4.29 -21.14 31.30
CA LYS J 316 -2.88 -20.67 31.21
C LYS J 316 -2.52 -20.44 29.74
N ALA J 317 -3.00 -21.31 28.83
CA ALA J 317 -2.76 -21.09 27.41
C ALA J 317 -3.43 -19.82 26.93
N LEU J 318 -4.62 -19.51 27.48
CA LEU J 318 -5.34 -18.28 27.09
C LEU J 318 -4.56 -17.07 27.61
N ARG J 319 -4.10 -17.11 28.87
CA ARG J 319 -3.35 -16.00 29.43
C ARG J 319 -2.08 -15.75 28.63
N LEU J 320 -1.40 -16.81 28.21
CA LEU J 320 -0.23 -16.65 27.35
C LEU J 320 -0.61 -16.04 26.00
N SER J 321 -1.61 -16.62 25.34
CA SER J 321 -2.01 -16.14 24.03
C SER J 321 -2.55 -14.72 24.10
N GLY J 322 -3.34 -14.42 25.12
CA GLY J 322 -3.89 -13.09 25.27
C GLY J 322 -5.39 -13.06 25.46
N GLY J 323 -5.85 -12.43 26.54
CA GLY J 323 -7.24 -12.17 26.76
C GLY J 323 -7.46 -11.39 28.04
N ASP J 324 -8.24 -10.32 27.98
CA ASP J 324 -8.47 -9.51 29.17
C ASP J 324 -9.51 -10.16 30.08
N HIS J 325 -10.53 -10.77 29.52
CA HIS J 325 -11.52 -11.54 30.26
C HIS J 325 -11.51 -12.96 29.75
N LEU J 326 -11.90 -13.90 30.63
CA LEU J 326 -12.02 -15.31 30.21
C LEU J 326 -13.17 -15.95 30.98
N HIS J 327 -14.26 -16.27 30.29
CA HIS J 327 -15.39 -16.95 30.91
C HIS J 327 -14.89 -18.18 31.63
N SER J 328 -14.99 -18.18 32.96
CA SER J 328 -14.28 -19.16 33.76
C SER J 328 -15.17 -20.09 34.57
N GLY J 329 -16.47 -19.86 34.63
CA GLY J 329 -17.32 -20.74 35.41
C GLY J 329 -18.78 -20.44 35.19
N THR J 330 -19.63 -21.40 35.58
CA THR J 330 -21.10 -21.21 35.47
C THR J 330 -21.69 -21.21 36.88
N VAL J 331 -22.79 -20.48 37.10
CA VAL J 331 -23.38 -20.35 38.47
C VAL J 331 -24.78 -20.98 38.50
N VAL J 332 -25.02 -22.00 37.67
CA VAL J 332 -26.34 -22.71 37.71
C VAL J 332 -26.66 -23.05 39.16
N GLY J 333 -27.73 -22.46 39.72
CA GLY J 333 -28.02 -22.67 41.12
C GLY J 333 -26.98 -21.99 41.99
N LYS J 334 -25.75 -22.51 41.94
CA LYS J 334 -24.62 -21.89 42.68
C LYS J 334 -23.36 -22.07 41.82
N LEU J 335 -22.23 -21.46 42.21
CA LEU J 335 -20.98 -21.71 41.45
C LEU J 335 -20.74 -23.22 41.39
N GLU J 336 -20.72 -23.80 40.19
CA GLU J 336 -20.58 -25.27 40.04
C GLU J 336 -19.09 -25.66 40.08
N GLY J 337 -18.80 -26.94 40.37
CA GLY J 337 -17.41 -27.42 40.42
C GLY J 337 -16.81 -27.25 41.80
N GLU J 338 -15.79 -28.05 42.13
CA GLU J 338 -15.09 -27.91 43.44
C GLU J 338 -14.62 -26.46 43.60
N ARG J 339 -14.94 -25.84 44.74
CA ARG J 339 -14.54 -24.43 44.99
C ARG J 339 -13.02 -24.32 44.91
N GLU J 340 -12.29 -25.23 45.57
CA GLU J 340 -10.81 -25.14 45.62
C GLU J 340 -10.25 -25.16 44.19
N VAL J 341 -10.76 -26.06 43.34
CA VAL J 341 -10.28 -26.14 41.93
C VAL J 341 -10.55 -24.79 41.25
N THR J 342 -11.75 -24.26 41.41
CA THR J 342 -12.11 -22.95 40.80
C THR J 342 -11.14 -21.89 41.32
N LEU J 343 -10.98 -21.81 42.65
CA LEU J 343 -10.07 -20.81 43.27
C LEU J 343 -8.66 -21.00 42.69
N GLY J 344 -8.22 -22.25 42.55
CA GLY J 344 -6.88 -22.53 42.02
C GLY J 344 -6.70 -21.93 40.64
N PHE J 345 -7.61 -22.20 39.70
CA PHE J 345 -7.40 -21.71 38.31
C PHE J 345 -7.70 -20.21 38.25
N VAL J 346 -8.53 -19.70 39.17
CA VAL J 346 -8.76 -18.23 39.23
C VAL J 346 -7.47 -17.56 39.68
N ASP J 347 -6.83 -18.12 40.72
CA ASP J 347 -5.55 -17.56 41.15
C ASP J 347 -4.49 -17.73 40.06
N LEU J 348 -4.52 -18.87 39.36
CA LEU J 348 -3.54 -19.11 38.30
C LEU J 348 -3.70 -18.10 37.17
N MET J 349 -4.94 -17.71 36.87
CA MET J 349 -5.18 -16.76 35.80
C MET J 349 -5.18 -15.30 36.25
N ARG J 350 -5.09 -15.05 37.56
CA ARG J 350 -5.11 -13.69 38.09
C ARG J 350 -3.78 -13.25 38.67
N ASP J 351 -3.21 -14.02 39.59
CA ASP J 351 -2.05 -13.58 40.37
C ASP J 351 -0.78 -13.64 39.54
N ASP J 352 0.29 -13.05 40.09
CA ASP J 352 1.60 -13.05 39.38
C ASP J 352 2.44 -14.26 39.84
N TYR J 353 2.20 -14.74 41.05
CA TYR J 353 3.04 -15.85 41.58
C TYR J 353 2.15 -16.82 42.35
N ILE J 354 1.95 -18.02 41.81
CA ILE J 354 1.07 -19.04 42.46
C ILE J 354 1.95 -20.20 42.91
N GLU J 355 2.04 -20.42 44.22
CA GLU J 355 2.87 -21.53 44.77
C GLU J 355 2.15 -22.87 44.57
N LYS J 356 2.89 -23.98 44.52
CA LYS J 356 2.29 -25.32 44.32
C LYS J 356 1.29 -25.60 45.44
N ASP J 357 0.07 -26.01 45.09
CA ASP J 357 -0.97 -26.36 46.10
C ASP J 357 -1.82 -27.51 45.54
N ARG J 358 -1.49 -28.75 45.91
CA ARG J 358 -2.22 -29.92 45.33
C ARG J 358 -3.68 -29.92 45.79
N SER J 359 -3.96 -29.30 46.93
CA SER J 359 -5.37 -29.21 47.42
C SER J 359 -6.24 -28.46 46.40
N ARG J 360 -5.68 -27.43 45.77
CA ARG J 360 -6.47 -26.61 44.80
C ARG J 360 -6.11 -27.02 43.36
N GLY J 361 -5.27 -28.03 43.19
CA GLY J 361 -4.97 -28.55 41.85
C GLY J 361 -3.75 -27.88 41.22
N ILE J 362 -3.01 -27.10 42.00
CA ILE J 362 -1.76 -26.48 41.48
C ILE J 362 -0.63 -27.50 41.62
N TYR J 363 -0.19 -28.11 40.52
CA TYR J 363 0.84 -29.17 40.58
C TYR J 363 2.24 -28.53 40.52
N PHE J 364 2.32 -27.26 40.15
CA PHE J 364 3.63 -26.59 40.00
C PHE J 364 3.57 -25.12 40.40
N THR J 365 4.66 -24.58 40.95
CA THR J 365 4.72 -23.14 41.21
C THR J 365 4.81 -22.40 39.87
N GLN J 366 3.94 -21.42 39.68
CA GLN J 366 3.84 -20.69 38.42
C GLN J 366 4.25 -19.24 38.65
N ASP J 367 5.39 -18.86 38.09
CA ASP J 367 5.84 -17.48 38.08
C ASP J 367 5.44 -16.87 36.74
N TRP J 368 4.71 -15.76 36.79
CA TRP J 368 4.22 -15.11 35.60
C TRP J 368 5.08 -13.93 35.14
N VAL J 369 6.16 -13.64 35.87
CA VAL J 369 7.09 -12.54 35.64
C VAL J 369 6.39 -11.31 35.04
N SER J 370 5.39 -10.80 35.76
CA SER J 370 4.75 -9.53 35.46
C SER J 370 3.91 -9.55 34.19
N LEU J 371 3.51 -10.73 33.74
CA LEU J 371 2.53 -10.82 32.66
C LEU J 371 1.17 -10.33 33.17
N PRO J 372 0.44 -9.55 32.38
CA PRO J 372 -0.85 -9.04 32.85
C PRO J 372 -1.81 -10.17 33.17
N GLY J 373 -2.57 -9.99 34.25
CA GLY J 373 -3.54 -10.98 34.63
C GLY J 373 -4.81 -10.93 33.81
N THR J 374 -5.54 -12.04 33.83
CA THR J 374 -6.81 -12.17 33.12
C THR J 374 -7.95 -12.14 34.12
N MET J 375 -8.99 -11.38 33.81
CA MET J 375 -10.13 -11.26 34.72
C MET J 375 -11.09 -12.43 34.51
N PRO J 376 -11.35 -13.22 35.54
CA PRO J 376 -12.32 -14.31 35.38
C PRO J 376 -13.74 -13.79 35.28
N VAL J 377 -14.53 -14.43 34.40
CA VAL J 377 -15.95 -14.03 34.21
C VAL J 377 -16.85 -15.20 34.59
N ALA J 378 -17.60 -15.08 35.68
CA ALA J 378 -18.53 -16.10 36.11
C ALA J 378 -19.91 -15.77 35.55
N SER J 379 -20.44 -16.68 34.72
CA SER J 379 -21.74 -16.40 34.04
C SER J 379 -22.80 -17.39 34.48
N GLY J 380 -24.01 -17.27 33.92
CA GLY J 380 -25.10 -18.22 34.24
C GLY J 380 -26.24 -17.56 34.99
N GLY J 381 -26.94 -18.34 35.82
CA GLY J 381 -28.08 -17.82 36.55
C GLY J 381 -27.70 -17.14 37.85
N ILE J 382 -27.15 -15.92 37.74
CA ILE J 382 -26.75 -15.15 38.95
C ILE J 382 -27.99 -14.48 39.54
N HIS J 383 -28.68 -15.17 40.47
CA HIS J 383 -29.84 -14.57 41.08
C HIS J 383 -29.41 -13.57 42.15
N VAL J 384 -30.34 -12.67 42.50
CA VAL J 384 -29.98 -11.53 43.34
C VAL J 384 -29.50 -12.01 44.71
N TRP J 385 -30.21 -12.96 45.32
CA TRP J 385 -29.80 -13.45 46.63
C TRP J 385 -28.56 -14.33 46.58
N HIS J 386 -28.07 -14.69 45.40
CA HIS J 386 -26.83 -15.44 45.28
C HIS J 386 -25.62 -14.56 45.06
N MET J 387 -25.81 -13.25 44.93
CA MET J 387 -24.69 -12.33 44.77
C MET J 387 -23.70 -12.35 45.94
N PRO J 388 -24.12 -12.39 47.21
CA PRO J 388 -23.11 -12.39 48.29
C PRO J 388 -22.13 -13.55 48.21
N ALA J 389 -22.60 -14.74 47.85
CA ALA J 389 -21.71 -15.89 47.76
C ALA J 389 -20.64 -15.68 46.71
N LEU J 390 -21.04 -15.21 45.52
CA LEU J 390 -20.06 -15.02 44.46
C LEU J 390 -19.13 -13.85 44.75
N VAL J 391 -19.63 -12.80 45.40
CA VAL J 391 -18.76 -11.70 45.79
C VAL J 391 -17.72 -12.18 46.80
N GLU J 392 -18.13 -13.04 47.74
CA GLU J 392 -17.17 -13.59 48.68
C GLU J 392 -16.15 -14.49 47.99
N ILE J 393 -16.61 -15.33 47.07
CA ILE J 393 -15.69 -16.32 46.42
C ILE J 393 -14.71 -15.62 45.46
N PHE J 394 -15.19 -14.65 44.69
CA PHE J 394 -14.35 -14.06 43.65
C PHE J 394 -13.67 -12.77 44.08
N GLY J 395 -14.34 -11.95 44.90
CA GLY J 395 -13.80 -10.67 45.28
C GLY J 395 -14.17 -9.57 44.31
N ASP J 396 -13.29 -8.58 44.14
CA ASP J 396 -13.57 -7.47 43.25
C ASP J 396 -13.07 -7.70 41.83
N ASP J 397 -12.04 -8.51 41.66
CA ASP J 397 -11.42 -8.67 40.34
C ASP J 397 -12.08 -9.80 39.56
N ALA J 398 -13.37 -9.60 39.27
CA ALA J 398 -14.12 -10.56 38.46
C ALA J 398 -15.32 -9.86 37.87
N CYS J 399 -15.83 -10.45 36.80
CA CYS J 399 -17.05 -9.98 36.15
C CYS J 399 -18.14 -11.04 36.34
N LEU J 400 -19.24 -10.60 36.95
CA LEU J 400 -20.42 -11.48 37.12
C LEU J 400 -21.31 -11.27 35.91
N GLN J 401 -21.66 -12.35 35.21
CA GLN J 401 -22.40 -12.25 33.96
C GLN J 401 -23.79 -12.85 34.13
N PHE J 402 -24.81 -12.08 33.75
CA PHE J 402 -26.19 -12.56 33.78
C PHE J 402 -26.55 -13.13 32.40
N GLY J 403 -25.94 -14.28 32.11
CA GLY J 403 -26.14 -14.93 30.82
C GLY J 403 -27.55 -15.42 30.60
N GLY J 404 -28.36 -15.47 31.66
CA GLY J 404 -29.77 -15.75 31.48
C GLY J 404 -30.55 -14.63 30.84
N GLY J 405 -29.92 -13.48 30.61
CA GLY J 405 -30.62 -12.36 30.01
C GLY J 405 -31.50 -11.59 30.97
N THR J 406 -31.39 -11.92 32.27
CA THR J 406 -32.24 -11.32 33.32
C THR J 406 -33.70 -11.48 32.94
N LEU J 407 -34.42 -10.37 32.69
CA LEU J 407 -35.84 -10.40 32.25
C LEU J 407 -36.76 -10.93 33.36
N GLY J 408 -36.20 -11.43 34.46
CA GLY J 408 -37.01 -11.89 35.56
C GLY J 408 -37.62 -10.79 36.38
N HIS J 409 -37.14 -9.56 36.17
CA HIS J 409 -37.69 -8.40 36.91
C HIS J 409 -39.00 -7.96 36.24
N PRO J 410 -40.14 -7.94 36.96
CA PRO J 410 -41.44 -7.61 36.34
C PRO J 410 -41.50 -6.24 35.71
N TRP J 411 -40.62 -5.32 36.11
CA TRP J 411 -40.72 -3.96 35.60
C TRP J 411 -40.08 -3.80 34.22
N GLY J 412 -38.90 -4.37 34.03
CA GLY J 412 -38.25 -4.29 32.74
C GLY J 412 -36.77 -4.66 32.84
N ASN J 413 -36.08 -4.48 31.72
CA ASN J 413 -34.65 -4.80 31.67
C ASN J 413 -33.84 -3.80 32.48
N ALA J 414 -34.11 -2.50 32.29
CA ALA J 414 -33.35 -1.44 32.99
C ALA J 414 -33.48 -1.56 34.52
N PRO J 415 -34.70 -1.62 35.13
CA PRO J 415 -34.81 -1.78 36.59
C PRO J 415 -34.16 -3.09 37.09
N GLY J 416 -34.25 -4.17 36.30
CA GLY J 416 -33.59 -5.42 36.67
C GLY J 416 -32.09 -5.23 36.76
N ALA J 417 -31.51 -4.51 35.79
CA ALA J 417 -30.06 -4.21 35.81
C ALA J 417 -29.75 -3.38 37.06
N ALA J 418 -30.60 -2.39 37.36
CA ALA J 418 -30.39 -1.52 38.54
C ALA J 418 -30.42 -2.37 39.81
N ALA J 419 -31.42 -3.24 39.93
CA ALA J 419 -31.52 -4.13 41.12
C ALA J 419 -30.21 -4.89 41.28
N ASN J 420 -29.73 -5.50 40.19
CA ASN J 420 -28.46 -6.27 40.24
C ASN J 420 -27.34 -5.34 40.71
N ARG J 421 -27.24 -4.14 40.10
CA ARG J 421 -26.16 -3.24 40.49
C ARG J 421 -26.28 -2.84 41.96
N VAL J 422 -27.50 -2.57 42.42
CA VAL J 422 -27.71 -2.21 43.82
C VAL J 422 -27.30 -3.36 44.73
N ALA J 423 -27.67 -4.59 44.36
CA ALA J 423 -27.31 -5.74 45.17
C ALA J 423 -25.81 -5.92 45.23
N LEU J 424 -25.13 -5.81 44.09
CA LEU J 424 -23.68 -5.98 44.08
C LEU J 424 -23.00 -4.90 44.92
N GLU J 425 -23.43 -3.65 44.78
CA GLU J 425 -22.81 -2.58 45.55
C GLU J 425 -23.07 -2.74 47.04
N ALA J 426 -24.28 -3.17 47.42
CA ALA J 426 -24.57 -3.39 48.83
C ALA J 426 -23.73 -4.51 49.41
N CYS J 427 -23.58 -5.62 48.66
CA CYS J 427 -22.73 -6.71 49.12
C CYS J 427 -21.28 -6.26 49.27
N THR J 428 -20.78 -5.49 48.30
CA THR J 428 -19.42 -5.00 48.39
C THR J 428 -19.23 -4.10 49.60
N GLN J 429 -20.19 -3.20 49.84
CA GLN J 429 -20.09 -2.31 50.98
C GLN J 429 -20.11 -3.09 52.29
N ALA J 430 -20.97 -4.10 52.38
CA ALA J 430 -21.02 -4.93 53.58
C ALA J 430 -19.70 -5.67 53.79
N ARG J 431 -19.13 -6.21 52.72
CA ARG J 431 -17.86 -6.91 52.85
C ARG J 431 -16.75 -5.97 53.29
N ASN J 432 -16.76 -4.74 52.79
CA ASN J 432 -15.74 -3.78 53.18
C ASN J 432 -15.86 -3.38 54.64
N GLU J 433 -17.05 -3.50 55.23
CA GLU J 433 -17.25 -3.13 56.63
C GLU J 433 -16.81 -4.21 57.60
N GLY J 434 -16.39 -5.36 57.12
CA GLY J 434 -16.01 -6.47 57.98
C GLY J 434 -17.08 -7.51 58.17
N ARG J 435 -18.19 -7.44 57.44
CA ARG J 435 -19.24 -8.43 57.55
C ARG J 435 -18.79 -9.75 56.91
N ASP J 436 -19.37 -10.84 57.40
CA ASP J 436 -19.14 -12.17 56.85
C ASP J 436 -20.25 -12.47 55.86
N LEU J 437 -19.95 -12.37 54.57
CA LEU J 437 -21.00 -12.46 53.55
C LEU J 437 -21.66 -13.82 53.54
N ALA J 438 -20.88 -14.89 53.72
CA ALA J 438 -21.44 -16.24 53.70
C ALA J 438 -22.46 -16.46 54.81
N ARG J 439 -22.46 -15.62 55.85
CA ARG J 439 -23.40 -15.74 56.95
C ARG J 439 -24.46 -14.66 56.98
N GLU J 440 -24.20 -13.49 56.39
CA GLU J 440 -25.14 -12.37 56.46
C GLU J 440 -25.57 -11.87 55.08
N GLY J 441 -25.44 -12.72 54.05
CA GLY J 441 -25.83 -12.29 52.71
C GLY J 441 -27.31 -11.96 52.61
N GLY J 442 -28.16 -12.80 53.21
CA GLY J 442 -29.58 -12.52 53.21
C GLY J 442 -29.93 -11.24 53.94
N ASP J 443 -29.29 -11.01 55.09
CA ASP J 443 -29.53 -9.78 55.84
C ASP J 443 -29.12 -8.56 55.03
N VAL J 444 -27.96 -8.63 54.37
CA VAL J 444 -27.51 -7.51 53.56
C VAL J 444 -28.46 -7.26 52.39
N ILE J 445 -28.90 -8.34 51.74
CA ILE J 445 -29.82 -8.19 50.61
C ILE J 445 -31.13 -7.55 51.07
N ARG J 446 -31.65 -8.03 52.21
CA ARG J 446 -32.92 -7.47 52.74
C ARG J 446 -32.73 -5.99 53.06
N ALA J 447 -31.63 -5.65 53.74
CA ALA J 447 -31.40 -4.26 54.14
C ALA J 447 -31.30 -3.35 52.92
N ALA J 448 -30.65 -3.85 51.86
CA ALA J 448 -30.57 -3.06 50.61
C ALA J 448 -31.96 -2.94 50.00
N CYS J 449 -32.75 -4.02 50.06
CA CYS J 449 -34.09 -4.01 49.48
C CYS J 449 -35.02 -3.06 50.22
N LYS J 450 -34.73 -2.81 51.51
CA LYS J 450 -35.60 -1.94 52.33
C LYS J 450 -35.67 -0.53 51.71
N TRP J 451 -34.63 -0.10 51.00
CA TRP J 451 -34.60 1.29 50.46
C TRP J 451 -34.61 1.28 48.92
N SER J 452 -34.51 0.11 48.29
CA SER J 452 -34.44 0.07 46.83
C SER J 452 -35.75 -0.48 46.28
N PRO J 453 -36.61 0.36 45.70
CA PRO J 453 -37.82 -0.17 45.07
C PRO J 453 -37.53 -1.14 43.93
N GLU J 454 -36.45 -0.90 43.17
CA GLU J 454 -36.11 -1.79 42.08
C GLU J 454 -35.71 -3.16 42.60
N LEU J 455 -34.92 -3.20 43.67
CA LEU J 455 -34.55 -4.48 44.27
C LEU J 455 -35.73 -5.14 44.98
N ALA J 456 -36.70 -4.36 45.44
CA ALA J 456 -37.88 -4.94 46.08
C ALA J 456 -38.66 -5.81 45.10
N ALA J 457 -38.84 -5.33 43.87
CA ALA J 457 -39.50 -6.14 42.84
C ALA J 457 -38.62 -7.27 42.34
N ALA J 458 -37.33 -7.23 42.65
CA ALA J 458 -36.40 -8.30 42.22
C ALA J 458 -36.28 -9.35 43.32
N CYS J 459 -36.26 -8.93 44.58
CA CYS J 459 -36.10 -9.85 45.70
C CYS J 459 -37.32 -10.76 45.88
N GLU J 460 -38.47 -10.40 45.29
CA GLU J 460 -39.64 -11.24 45.37
C GLU J 460 -39.60 -12.35 44.33
N GLN K 45 -42.56 -0.07 37.27
CA GLN K 45 -41.95 1.29 37.32
C GLN K 45 -40.93 1.42 36.20
N VAL K 46 -40.54 2.65 35.86
CA VAL K 46 -39.62 2.87 34.70
C VAL K 46 -38.38 3.61 35.16
N TRP K 47 -37.19 3.03 34.94
CA TRP K 47 -35.92 3.73 35.28
C TRP K 47 -35.93 5.10 34.59
N THR K 48 -35.78 6.18 35.36
CA THR K 48 -35.86 7.55 34.76
C THR K 48 -34.60 7.85 33.97
N PRO K 49 -34.67 8.33 32.70
CA PRO K 49 -33.48 8.72 31.96
C PRO K 49 -33.21 10.21 32.09
N LEU K 50 -33.94 10.90 32.97
CA LEU K 50 -33.80 12.37 33.12
C LEU K 50 -33.07 12.69 34.42
N ASN K 51 -31.96 13.45 34.34
CA ASN K 51 -31.21 13.85 35.56
C ASN K 51 -30.96 12.63 36.45
N ASN K 52 -30.44 11.54 35.87
CA ASN K 52 -30.11 10.34 36.68
C ASN K 52 -28.65 9.96 36.42
N LYS K 53 -27.72 10.85 36.77
CA LYS K 53 -26.27 10.58 36.55
C LYS K 53 -25.73 9.73 37.70
N PHE K 54 -24.67 8.95 37.45
CA PHE K 54 -24.10 8.11 38.49
C PHE K 54 -22.57 8.20 38.42
N PHE K 55 -21.93 7.87 39.54
CA PHE K 55 -20.44 8.03 39.62
C PHE K 55 -19.77 6.73 40.04
N GLU K 56 -20.00 5.64 39.30
CA GLU K 56 -19.30 4.35 39.53
C GLU K 56 -19.58 3.73 40.91
N THR K 57 -18.52 3.38 41.66
CA THR K 57 -18.69 2.61 42.92
C THR K 57 -19.57 3.28 43.98
N PHE K 58 -20.47 2.51 44.60
CA PHE K 58 -21.32 2.95 45.70
C PHE K 58 -22.22 4.11 45.31
N SER K 59 -22.33 4.43 44.02
CA SER K 59 -23.19 5.51 43.58
C SER K 59 -24.65 5.13 43.55
N TYR K 60 -24.95 3.83 43.53
CA TYR K 60 -26.33 3.34 43.50
C TYR K 60 -26.88 3.05 44.89
N LEU K 61 -26.10 3.23 45.93
CA LEU K 61 -26.58 3.19 47.30
C LEU K 61 -27.04 4.57 47.73
N PRO K 62 -27.87 4.70 48.80
CA PRO K 62 -28.24 6.03 49.30
C PRO K 62 -26.98 6.81 49.72
N PRO K 63 -27.00 8.15 49.75
CA PRO K 63 -25.82 8.95 50.09
C PRO K 63 -25.21 8.43 51.41
N MET K 64 -23.90 8.20 51.43
CA MET K 64 -23.26 7.61 52.64
C MET K 64 -23.14 8.65 53.75
N THR K 65 -23.38 8.25 55.00
CA THR K 65 -23.24 9.15 56.14
C THR K 65 -21.77 9.25 56.54
N ASP K 66 -21.50 10.06 57.56
CA ASP K 66 -20.13 10.22 58.03
C ASP K 66 -19.57 8.92 58.57
N ALA K 67 -20.40 8.17 59.31
CA ALA K 67 -19.94 6.88 59.85
C ALA K 67 -19.64 5.89 58.73
N GLU K 68 -20.47 5.85 57.70
CA GLU K 68 -20.23 4.92 56.59
C GLU K 68 -18.97 5.29 55.82
N ILE K 69 -18.79 6.59 55.56
CA ILE K 69 -17.54 7.03 54.88
C ILE K 69 -16.36 6.62 55.77
N SER K 70 -16.46 6.88 57.07
CA SER K 70 -15.37 6.54 57.98
C SER K 70 -15.06 5.05 57.93
N ARG K 71 -16.08 4.20 57.90
CA ARG K 71 -15.83 2.77 57.83
C ARG K 71 -15.18 2.38 56.52
N GLN K 72 -15.58 3.00 55.41
CA GLN K 72 -14.95 2.71 54.13
C GLN K 72 -13.49 3.15 54.13
N VAL K 73 -13.19 4.31 54.70
CA VAL K 73 -11.81 4.77 54.77
C VAL K 73 -10.99 3.87 55.68
N ASP K 74 -11.59 3.40 56.77
CA ASP K 74 -10.91 2.43 57.64
C ASP K 74 -10.62 1.14 56.92
N TYR K 75 -11.54 0.70 56.05
CA TYR K 75 -11.28 -0.49 55.25
C TYR K 75 -10.10 -0.26 54.31
N ILE K 76 -10.05 0.91 53.68
CA ILE K 76 -8.94 1.23 52.79
C ILE K 76 -7.62 1.23 53.57
N VAL K 77 -7.62 1.85 54.74
CA VAL K 77 -6.40 1.96 55.54
C VAL K 77 -5.97 0.58 56.05
N SER K 78 -6.95 -0.26 56.41
CA SER K 78 -6.63 -1.61 56.95
C SER K 78 -5.85 -2.42 55.92
N ASN K 79 -6.22 -2.33 54.64
CA ASN K 79 -5.55 -3.10 53.61
C ASN K 79 -4.13 -2.62 53.36
N GLY K 80 -3.72 -1.50 53.95
CA GLY K 80 -2.42 -0.94 53.70
C GLY K 80 -2.39 0.12 52.63
N TRP K 81 -3.54 0.62 52.22
CA TRP K 81 -3.63 1.56 51.10
C TRP K 81 -3.77 2.99 51.62
N THR K 82 -3.50 3.94 50.73
CA THR K 82 -3.52 5.35 51.07
C THR K 82 -4.81 5.98 50.55
N PRO K 83 -5.62 6.61 51.40
CA PRO K 83 -6.80 7.33 50.91
C PRO K 83 -6.50 8.79 50.59
N CYS K 84 -7.14 9.28 49.53
CA CYS K 84 -7.05 10.68 49.14
C CYS K 84 -8.41 11.12 48.65
N LEU K 85 -8.50 12.43 48.36
CA LEU K 85 -9.81 13.01 47.97
C LEU K 85 -9.73 13.64 46.58
N GLU K 86 -10.72 13.32 45.74
CA GLU K 86 -10.81 13.96 44.40
C GLU K 86 -12.08 14.80 44.39
N PHE K 87 -12.09 15.90 43.63
CA PHE K 87 -13.26 16.75 43.53
C PHE K 87 -13.33 17.33 42.11
N ALA K 88 -14.56 17.58 41.68
CA ALA K 88 -14.78 18.19 40.37
C ALA K 88 -16.14 18.87 40.37
N GLY K 89 -16.21 20.04 39.75
CA GLY K 89 -17.47 20.71 39.55
C GLY K 89 -18.31 20.00 38.50
N ALA K 90 -19.54 20.49 38.34
CA ALA K 90 -20.48 19.82 37.45
C ALA K 90 -20.04 19.87 35.99
N GLU K 91 -19.24 20.87 35.63
CA GLU K 91 -18.79 21.00 34.25
C GLU K 91 -17.72 19.97 33.88
N SER K 92 -17.01 19.42 34.85
CA SER K 92 -15.95 18.45 34.57
C SER K 92 -16.10 17.20 35.43
N ALA K 93 -17.32 16.80 35.72
CA ALA K 93 -17.58 15.63 36.54
C ALA K 93 -17.94 14.40 35.73
N TYR K 94 -18.69 14.56 34.65
CA TYR K 94 -19.14 13.45 33.83
C TYR K 94 -18.20 13.23 32.66
N THR K 95 -18.14 11.99 32.18
CA THR K 95 -17.31 11.66 31.04
C THR K 95 -17.80 12.38 29.79
N SER K 96 -16.87 12.73 28.91
CA SER K 96 -17.19 13.48 27.72
C SER K 96 -16.18 13.17 26.63
N ASN K 97 -16.53 13.54 25.40
CA ASN K 97 -15.69 13.35 24.22
C ASN K 97 -15.25 14.68 23.64
N GLU K 98 -14.91 15.66 24.49
CA GLU K 98 -14.64 16.99 23.99
C GLU K 98 -13.33 17.05 23.22
N ASN K 99 -12.34 16.29 23.64
CA ASN K 99 -11.02 16.33 23.02
C ASN K 99 -10.83 15.30 21.92
N CYS K 100 -11.82 14.45 21.68
CA CYS K 100 -11.74 13.47 20.60
C CYS K 100 -11.64 14.14 19.23
N VAL K 101 -12.01 15.42 19.12
CA VAL K 101 -11.90 16.15 17.87
C VAL K 101 -10.45 16.32 17.43
N ARG K 102 -9.49 16.20 18.35
CA ARG K 102 -8.09 16.38 18.04
C ARG K 102 -7.38 15.09 17.66
N MET K 103 -8.10 13.98 17.60
CA MET K 103 -7.48 12.67 17.45
C MET K 103 -7.86 12.01 16.13
N GLN K 104 -6.95 11.16 15.69
CA GLN K 104 -7.21 10.40 14.45
C GLN K 104 -7.03 8.92 14.78
N ASN K 105 -7.03 8.07 13.76
CA ASN K 105 -6.84 6.63 13.90
C ASN K 105 -7.93 5.99 14.74
N THR K 106 -7.96 6.27 16.04
CA THR K 106 -8.97 5.71 16.92
C THR K 106 -9.08 6.58 18.17
N THR K 107 -10.22 6.45 18.85
CA THR K 107 -10.43 7.02 20.17
C THR K 107 -10.82 5.97 21.20
N CYS K 108 -10.54 4.71 20.92
CA CYS K 108 -10.94 3.62 21.80
C CYS K 108 -10.31 3.79 23.18
N LEU K 109 -11.13 3.65 24.22
CA LEU K 109 -10.67 3.72 25.64
C LEU K 109 -10.21 5.12 26.03
N TYR K 110 -10.50 6.15 25.22
CA TYR K 110 -10.21 7.52 25.62
C TYR K 110 -11.52 8.20 25.99
N TYR K 111 -11.55 8.77 27.19
CA TYR K 111 -12.69 9.55 27.66
C TYR K 111 -12.16 10.70 28.49
N ASP K 112 -12.81 11.84 28.38
CA ASP K 112 -12.44 13.01 29.15
C ASP K 112 -13.09 12.97 30.52
N ASN K 113 -12.54 13.76 31.43
CA ASN K 113 -12.99 13.89 32.81
C ASN K 113 -12.86 12.61 33.62
N ARG K 114 -12.09 11.63 33.14
CA ARG K 114 -11.77 10.49 33.99
C ARG K 114 -10.93 10.93 35.17
N TYR K 115 -10.01 11.87 34.94
CA TYR K 115 -9.24 12.48 36.01
C TYR K 115 -10.04 13.58 36.69
N TRP K 116 -10.10 13.53 38.02
CA TRP K 116 -10.57 14.65 38.81
C TRP K 116 -9.36 15.39 39.37
N THR K 117 -9.62 16.34 40.27
CA THR K 117 -8.52 17.14 40.86
C THR K 117 -8.24 16.65 42.27
N MET K 118 -6.96 16.42 42.60
CA MET K 118 -6.58 15.91 43.95
C MET K 118 -6.81 17.02 44.99
N TRP K 119 -7.27 16.63 46.18
CA TRP K 119 -7.54 17.62 47.25
C TRP K 119 -6.41 17.58 48.29
N CYS K 126 -3.74 11.61 55.40
CA CYS K 126 -4.06 10.28 54.90
C CYS K 126 -3.56 9.20 55.86
N THR K 127 -4.11 9.19 57.07
CA THR K 127 -3.71 8.24 58.10
C THR K 127 -4.84 7.38 58.63
N ASP K 128 -6.05 7.93 58.72
CA ASP K 128 -7.17 7.21 59.33
C ASP K 128 -8.48 7.80 58.81
N GLY K 129 -9.59 7.23 59.27
CA GLY K 129 -10.88 7.68 58.81
C GLY K 129 -11.23 9.09 59.27
N GLY K 130 -10.87 9.43 60.49
CA GLY K 130 -11.20 10.76 61.01
C GLY K 130 -10.55 11.88 60.23
N GLN K 131 -9.27 11.71 59.87
CA GLN K 131 -8.58 12.75 59.11
C GLN K 131 -9.19 12.92 57.72
N VAL K 132 -9.53 11.82 57.06
CA VAL K 132 -10.14 11.90 55.75
C VAL K 132 -11.53 12.53 55.84
N LEU K 133 -12.26 12.24 56.92
CA LEU K 133 -13.55 12.89 57.12
C LEU K 133 -13.40 14.38 57.32
N ARG K 134 -12.40 14.79 58.11
CA ARG K 134 -12.15 16.22 58.30
C ARG K 134 -11.80 16.89 56.97
N GLU K 135 -11.00 16.22 56.16
CA GLU K 135 -10.68 16.75 54.83
C GLU K 135 -11.90 16.78 53.93
N VAL K 136 -12.83 15.84 54.09
CA VAL K 136 -14.07 15.86 53.32
C VAL K 136 -14.90 17.09 53.68
N GLN K 137 -15.03 17.38 54.97
CA GLN K 137 -15.72 18.61 55.38
C GLN K 137 -15.00 19.86 54.88
N ALA K 138 -13.66 19.86 54.93
CA ALA K 138 -12.92 21.01 54.42
C ALA K 138 -13.16 21.22 52.93
N CYS K 139 -13.15 20.13 52.15
CA CYS K 139 -13.40 20.23 50.72
C CYS K 139 -14.84 20.68 50.46
N ARG K 140 -15.79 20.20 51.26
CA ARG K 140 -17.17 20.63 51.13
C ARG K 140 -17.30 22.13 51.34
N ARG K 141 -16.65 22.66 52.39
CA ARG K 141 -16.70 24.09 52.65
C ARG K 141 -16.03 24.87 51.54
N ALA K 142 -14.87 24.42 51.07
CA ALA K 142 -14.13 25.17 50.06
C ALA K 142 -14.83 25.14 48.70
N PHE K 143 -15.34 23.97 48.33
CA PHE K 143 -16.03 23.81 47.02
C PHE K 143 -17.41 23.18 47.25
N PRO K 144 -18.45 23.98 47.60
CA PRO K 144 -19.77 23.42 47.93
C PRO K 144 -20.51 22.86 46.70
N ASP K 145 -20.15 23.31 45.50
CA ASP K 145 -20.86 22.86 44.26
C ASP K 145 -20.02 21.80 43.53
N ALA K 146 -19.21 21.04 44.27
CA ALA K 146 -18.32 20.05 43.63
C ALA K 146 -18.56 18.65 44.17
N TYR K 147 -18.55 17.63 43.29
CA TYR K 147 -18.67 16.23 43.76
C TYR K 147 -17.33 15.84 44.39
N ILE K 148 -17.37 15.14 45.53
CA ILE K 148 -16.10 14.68 46.19
C ILE K 148 -16.01 13.16 46.04
N ARG K 149 -14.81 12.66 45.70
CA ARG K 149 -14.61 11.20 45.50
C ARG K 149 -13.42 10.72 46.34
N VAL K 150 -13.60 9.66 47.13
CA VAL K 150 -12.52 9.09 47.91
C VAL K 150 -11.80 8.06 47.05
N VAL K 151 -10.49 8.22 46.91
CA VAL K 151 -9.68 7.31 46.10
C VAL K 151 -8.71 6.57 47.01
N GLY K 152 -8.35 5.37 46.60
CA GLY K 152 -7.38 4.56 47.32
C GLY K 152 -6.21 4.21 46.41
N PHE K 153 -5.01 4.22 47.00
CA PHE K 153 -3.79 3.94 46.20
C PHE K 153 -2.94 2.88 46.91
N ASP K 154 -2.68 1.75 46.25
CA ASP K 154 -1.78 0.73 46.84
C ASP K 154 -0.35 1.28 46.77
N PRO K 155 0.35 1.49 47.91
CA PRO K 155 1.68 2.11 47.88
C PRO K 155 2.76 1.19 47.31
N VAL K 156 2.54 -0.11 47.32
CA VAL K 156 3.56 -1.08 46.82
C VAL K 156 3.42 -1.21 45.30
N ARG K 157 2.23 -1.56 44.83
CA ARG K 157 2.00 -1.75 43.37
C ARG K 157 1.95 -0.38 42.68
N GLN K 158 1.76 0.69 43.45
CA GLN K 158 1.64 2.06 42.87
C GLN K 158 0.51 2.08 41.85
N VAL K 159 -0.66 1.50 42.21
CA VAL K 159 -1.84 1.50 41.30
C VAL K 159 -3.04 2.02 42.08
N GLN K 160 -4.04 2.58 41.40
CA GLN K 160 -5.27 3.00 42.14
C GLN K 160 -6.10 1.74 42.42
N VAL K 161 -6.52 1.56 43.68
CA VAL K 161 -7.27 0.38 44.07
C VAL K 161 -8.69 0.69 44.52
N SER K 162 -8.99 1.97 44.74
CA SER K 162 -10.33 2.35 45.26
C SER K 162 -10.80 3.66 44.63
N GLY K 163 -12.11 3.87 44.58
CA GLY K 163 -12.67 5.12 44.01
C GLY K 163 -14.19 5.16 44.16
N PHE K 164 -14.68 5.82 45.22
CA PHE K 164 -16.15 5.92 45.45
C PHE K 164 -16.55 7.36 45.77
N LEU K 165 -17.68 7.81 45.23
CA LEU K 165 -18.18 9.19 45.48
C LEU K 165 -18.70 9.27 46.93
N VAL K 166 -18.42 10.39 47.60
CA VAL K 166 -18.86 10.55 49.03
C VAL K 166 -19.66 11.85 49.16
N ASN K 167 -19.78 12.63 48.09
CA ASN K 167 -20.48 13.93 48.18
C ASN K 167 -21.14 14.29 46.86
N ARG K 168 -22.41 14.71 46.89
CA ARG K 168 -23.11 15.18 45.67
C ARG K 168 -23.61 16.60 45.94
N PRO K 169 -23.17 17.64 45.19
CA PRO K 169 -23.55 19.02 45.50
C PRO K 169 -25.06 19.21 45.47
N ALA K 170 -25.64 19.70 46.56
CA ALA K 170 -27.11 19.94 46.61
C ALA K 170 -27.50 20.89 45.47
N SER K 171 -26.66 21.88 45.18
CA SER K 171 -26.98 22.87 44.12
C SER K 171 -27.20 22.16 42.79
N VAL K 172 -26.36 21.19 42.44
CA VAL K 172 -26.49 20.50 41.13
C VAL K 172 -27.64 19.49 41.21
N ARG K 173 -28.42 19.37 40.15
CA ARG K 173 -29.59 18.45 40.16
C ARG K 173 -29.50 17.51 38.94
N ASP K 174 -28.30 17.02 38.65
CA ASP K 174 -28.09 16.10 37.50
C ASP K 174 -28.26 14.66 37.97
N TYR K 175 -28.62 14.46 39.23
CA TYR K 175 -28.73 13.07 39.79
C TYR K 175 -30.09 12.91 40.49
N GLN K 176 -30.54 11.66 40.64
CA GLN K 176 -31.84 11.38 41.30
C GLN K 176 -31.57 10.86 42.72
N GLY K 177 -32.65 10.51 43.44
CA GLY K 177 -32.50 9.92 44.79
C GLY K 177 -32.94 8.47 44.77
N PRO K 178 -32.62 7.65 45.80
CA PRO K 178 -32.94 6.22 45.77
C PRO K 178 -34.39 5.91 45.38
N SER K 179 -35.34 6.79 45.76
CA SER K 179 -36.77 6.55 45.48
C SER K 179 -37.20 7.22 44.17
N THR K 180 -36.43 8.22 43.71
CA THR K 180 -36.83 8.97 42.48
C THR K 180 -36.12 8.39 41.26
N ARG K 181 -35.35 7.31 41.43
CA ARG K 181 -34.62 6.66 40.31
C ARG K 181 -35.62 5.96 39.39
N SER K 182 -36.79 5.58 39.92
CA SER K 182 -37.84 4.94 39.08
C SER K 182 -39.13 5.78 39.13
N VAL K 183 -39.80 5.94 37.98
CA VAL K 183 -41.03 6.77 37.91
C VAL K 183 -42.15 5.96 37.24
N LEU L 22 -34.70 -37.66 -29.47
CA LEU L 22 -34.13 -36.44 -28.92
C LEU L 22 -33.46 -36.71 -27.58
N THR L 23 -32.14 -36.56 -27.54
CA THR L 23 -31.41 -36.78 -26.30
C THR L 23 -31.62 -35.65 -25.29
N TYR L 24 -32.13 -34.51 -25.74
CA TYR L 24 -32.24 -33.32 -24.91
C TYR L 24 -33.67 -32.98 -24.51
N TYR L 25 -34.64 -33.75 -24.99
CA TYR L 25 -36.03 -33.64 -24.54
C TYR L 25 -36.34 -34.88 -23.71
N THR L 26 -36.51 -34.70 -22.41
CA THR L 26 -36.74 -35.81 -21.48
C THR L 26 -37.99 -35.49 -20.67
N PRO L 27 -39.17 -35.74 -21.22
CA PRO L 27 -40.42 -35.40 -20.51
C PRO L 27 -40.62 -36.19 -19.22
N ASP L 28 -39.89 -37.27 -19.00
CA ASP L 28 -40.00 -38.03 -17.77
C ASP L 28 -38.98 -37.59 -16.71
N TYR L 29 -38.16 -36.57 -17.02
CA TYR L 29 -37.15 -36.14 -16.08
C TYR L 29 -37.77 -35.35 -14.94
N GLN L 30 -37.31 -35.63 -13.72
CA GLN L 30 -37.74 -34.89 -12.55
C GLN L 30 -36.65 -33.93 -12.13
N PRO L 31 -36.86 -32.61 -12.20
CA PRO L 31 -35.79 -31.66 -11.88
C PRO L 31 -35.30 -31.83 -10.46
N LYS L 32 -33.98 -31.69 -10.29
CA LYS L 32 -33.36 -31.85 -8.99
C LYS L 32 -33.58 -30.61 -8.13
N ASP L 33 -33.27 -30.72 -6.84
CA ASP L 33 -33.46 -29.58 -5.90
C ASP L 33 -32.39 -28.52 -6.16
N THR L 34 -31.35 -28.86 -6.91
CA THR L 34 -30.28 -27.91 -7.19
C THR L 34 -30.25 -27.43 -8.63
N ASP L 35 -31.18 -27.88 -9.46
CA ASP L 35 -31.23 -27.44 -10.85
C ASP L 35 -31.68 -25.98 -10.95
N ILE L 36 -31.10 -25.26 -11.90
CA ILE L 36 -31.60 -23.95 -12.30
C ILE L 36 -32.61 -24.18 -13.41
N LEU L 37 -33.83 -23.68 -13.23
CA LEU L 37 -34.91 -23.93 -14.17
C LEU L 37 -35.28 -22.64 -14.90
N ALA L 38 -35.50 -22.75 -16.20
CA ALA L 38 -35.92 -21.64 -17.03
C ALA L 38 -37.22 -22.01 -17.73
N ALA L 39 -38.11 -21.04 -17.87
CA ALA L 39 -39.37 -21.23 -18.58
C ALA L 39 -39.34 -20.31 -19.79
N PHE L 40 -39.13 -20.90 -20.96
CA PHE L 40 -39.05 -20.16 -22.21
C PHE L 40 -40.39 -20.19 -22.92
N ARG L 41 -40.86 -19.02 -23.34
CA ARG L 41 -42.00 -18.91 -24.24
C ARG L 41 -41.47 -18.79 -25.65
N MET L 42 -41.68 -19.87 -26.43
CA MET L 42 -41.07 -19.90 -27.78
C MET L 42 -42.10 -20.13 -28.88
N THR L 43 -41.91 -19.48 -30.02
CA THR L 43 -42.75 -19.68 -31.20
C THR L 43 -41.88 -20.26 -32.30
N PRO L 44 -41.92 -21.57 -32.54
CA PRO L 44 -41.06 -22.16 -33.58
C PRO L 44 -41.56 -21.83 -34.97
N GLN L 45 -40.64 -21.93 -35.93
CA GLN L 45 -40.99 -21.73 -37.32
C GLN L 45 -41.95 -22.84 -37.77
N PRO L 46 -42.85 -22.55 -38.72
CA PRO L 46 -43.79 -23.58 -39.17
C PRO L 46 -43.05 -24.79 -39.74
N GLY L 47 -43.56 -25.97 -39.39
CA GLY L 47 -42.93 -27.22 -39.73
C GLY L 47 -42.02 -27.77 -38.65
N VAL L 48 -41.59 -26.94 -37.70
CA VAL L 48 -40.74 -27.39 -36.60
C VAL L 48 -41.65 -27.80 -35.46
N PRO L 49 -41.64 -29.07 -35.03
CA PRO L 49 -42.46 -29.47 -33.89
C PRO L 49 -41.95 -28.81 -32.61
N PRO L 50 -42.84 -28.56 -31.65
CA PRO L 50 -42.39 -27.94 -30.40
C PRO L 50 -41.34 -28.74 -29.65
N GLU L 51 -41.41 -30.06 -29.74
CA GLU L 51 -40.44 -30.93 -29.01
C GLU L 51 -39.03 -30.71 -29.57
N GLU L 52 -38.92 -30.57 -30.90
CA GLU L 52 -37.63 -30.30 -31.52
C GLU L 52 -37.07 -28.94 -31.11
N ALA L 53 -37.93 -27.93 -31.04
CA ALA L 53 -37.47 -26.60 -30.65
C ALA L 53 -37.02 -26.56 -29.20
N GLY L 54 -37.78 -27.18 -28.30
CA GLY L 54 -37.36 -27.28 -26.92
C GLY L 54 -36.06 -28.04 -26.77
N ALA L 55 -35.89 -29.10 -27.57
CA ALA L 55 -34.63 -29.87 -27.52
C ALA L 55 -33.47 -28.95 -27.91
N ALA L 56 -33.66 -28.10 -28.94
CA ALA L 56 -32.58 -27.21 -29.40
C ALA L 56 -32.21 -26.21 -28.30
N VAL L 57 -33.21 -25.58 -27.67
CA VAL L 57 -32.94 -24.60 -26.58
C VAL L 57 -32.19 -25.33 -25.46
N ALA L 58 -32.63 -26.54 -25.12
CA ALA L 58 -31.96 -27.34 -24.05
C ALA L 58 -30.51 -27.60 -24.45
N ALA L 59 -30.26 -27.96 -25.71
CA ALA L 59 -28.89 -28.26 -26.18
C ALA L 59 -28.05 -26.98 -26.17
N ARG L 79 -24.30 -35.05 -18.54
CA ARG L 79 -24.07 -34.69 -17.12
C ARG L 79 -24.15 -33.17 -16.96
N TYR L 80 -23.62 -32.43 -17.93
CA TYR L 80 -23.65 -30.94 -17.88
C TYR L 80 -24.55 -30.42 -18.99
N LYS L 81 -25.43 -31.29 -19.51
CA LYS L 81 -26.28 -30.88 -20.65
C LYS L 81 -27.60 -30.32 -20.12
N GLY L 82 -28.05 -29.19 -20.67
CA GLY L 82 -29.38 -28.68 -20.30
C GLY L 82 -30.43 -29.54 -20.97
N ARG L 83 -31.56 -29.78 -20.31
CA ARG L 83 -32.53 -30.69 -20.89
C ARG L 83 -33.93 -30.10 -20.77
N CYS L 84 -34.73 -30.31 -21.81
CA CYS L 84 -36.13 -29.90 -21.80
C CYS L 84 -36.95 -31.02 -21.15
N TYR L 85 -37.53 -30.73 -20.00
CA TYR L 85 -38.26 -31.79 -19.25
C TYR L 85 -39.78 -31.59 -19.35
N ASP L 86 -40.21 -30.39 -19.80
CA ASP L 86 -41.67 -30.10 -19.82
C ASP L 86 -41.99 -29.09 -20.92
N ILE L 87 -42.99 -29.39 -21.74
CA ILE L 87 -43.48 -28.47 -22.75
C ILE L 87 -44.99 -28.38 -22.64
N GLU L 88 -45.49 -27.16 -22.48
CA GLU L 88 -46.96 -26.95 -22.43
C GLU L 88 -47.33 -25.93 -23.51
N PRO L 89 -48.40 -26.14 -24.31
CA PRO L 89 -48.82 -25.14 -25.29
C PRO L 89 -49.56 -23.98 -24.60
N VAL L 90 -49.46 -22.77 -25.17
CA VAL L 90 -50.14 -21.58 -24.58
C VAL L 90 -51.57 -21.53 -25.12
N PRO L 91 -52.60 -21.81 -24.30
CA PRO L 91 -53.98 -21.84 -24.77
C PRO L 91 -54.45 -20.42 -25.10
N GLY L 92 -54.73 -20.14 -26.38
CA GLY L 92 -55.19 -18.80 -26.79
C GLY L 92 -54.12 -18.04 -27.54
N GLU L 93 -53.05 -18.73 -27.96
CA GLU L 93 -51.96 -18.06 -28.72
C GLU L 93 -51.66 -18.89 -29.98
N GLU L 94 -50.96 -18.30 -30.95
CA GLU L 94 -50.69 -19.00 -32.23
C GLU L 94 -49.34 -19.74 -32.16
N ASN L 95 -49.36 -21.08 -32.14
CA ASN L 95 -48.11 -21.87 -32.13
C ASN L 95 -47.16 -21.34 -31.06
N GLN L 96 -47.66 -21.04 -29.87
CA GLN L 96 -46.78 -20.58 -28.76
C GLN L 96 -46.72 -21.67 -27.70
N TYR L 97 -45.52 -21.99 -27.21
CA TYR L 97 -45.37 -23.06 -26.20
C TYR L 97 -44.44 -22.61 -25.08
N ILE L 98 -44.61 -23.16 -23.88
CA ILE L 98 -43.71 -22.86 -22.77
C ILE L 98 -42.78 -24.06 -22.59
N ALA L 99 -41.48 -23.82 -22.75
CA ALA L 99 -40.49 -24.93 -22.62
C ALA L 99 -39.74 -24.79 -21.30
N TYR L 100 -39.75 -25.85 -20.49
CA TYR L 100 -39.08 -25.81 -19.17
C TYR L 100 -37.71 -26.49 -19.29
N ILE L 101 -36.64 -25.76 -18.99
CA ILE L 101 -35.26 -26.31 -19.15
C ILE L 101 -34.62 -26.47 -17.77
N ALA L 102 -33.89 -27.58 -17.56
CA ALA L 102 -33.21 -27.83 -16.29
C ALA L 102 -31.70 -27.81 -16.54
N TYR L 103 -31.01 -26.94 -15.82
CA TYR L 103 -29.57 -26.84 -15.92
C TYR L 103 -28.92 -27.34 -14.64
N PRO L 104 -27.89 -28.18 -14.73
CA PRO L 104 -27.19 -28.62 -13.52
C PRO L 104 -26.51 -27.46 -12.81
N LEU L 105 -26.44 -27.58 -11.48
CA LEU L 105 -25.85 -26.51 -10.68
C LEU L 105 -24.37 -26.30 -10.98
N ASP L 106 -23.68 -27.36 -11.43
CA ASP L 106 -22.21 -27.27 -11.67
C ASP L 106 -21.89 -26.41 -12.90
N LEU L 107 -22.91 -25.98 -13.65
CA LEU L 107 -22.67 -25.25 -14.87
C LEU L 107 -22.26 -23.80 -14.63
N PHE L 108 -22.58 -23.24 -13.47
CA PHE L 108 -22.47 -21.82 -13.24
C PHE L 108 -21.40 -21.49 -12.21
N GLU L 109 -20.90 -20.26 -12.30
CA GLU L 109 -19.89 -19.77 -11.34
C GLU L 109 -20.62 -19.21 -10.12
N GLU L 110 -20.14 -19.54 -8.91
CA GLU L 110 -20.77 -19.11 -7.68
C GLU L 110 -20.83 -17.59 -7.62
N GLY L 111 -22.01 -17.07 -7.27
CA GLY L 111 -22.19 -15.65 -7.06
C GLY L 111 -21.94 -14.77 -8.27
N SER L 112 -22.25 -15.27 -9.46
CA SER L 112 -21.97 -14.54 -10.70
C SER L 112 -23.24 -14.45 -11.54
N VAL L 113 -23.91 -13.31 -11.48
CA VAL L 113 -25.07 -13.07 -12.35
C VAL L 113 -24.62 -12.99 -13.81
N THR L 114 -23.43 -12.43 -14.05
CA THR L 114 -22.89 -12.37 -15.40
C THR L 114 -22.82 -13.75 -16.04
N ASN L 115 -22.26 -14.71 -15.31
CA ASN L 115 -22.13 -16.09 -15.85
C ASN L 115 -23.53 -16.69 -16.05
N LEU L 116 -24.42 -16.49 -15.09
CA LEU L 116 -25.76 -17.05 -15.22
C LEU L 116 -26.43 -16.58 -16.50
N PHE L 117 -26.35 -15.27 -16.78
CA PHE L 117 -26.94 -14.76 -18.00
C PHE L 117 -26.18 -15.21 -19.23
N THR L 118 -24.86 -15.36 -19.14
CA THR L 118 -24.10 -15.88 -20.27
C THR L 118 -24.52 -17.32 -20.59
N SER L 119 -24.75 -18.13 -19.56
CA SER L 119 -25.10 -19.52 -19.81
C SER L 119 -26.52 -19.66 -20.32
N ILE L 120 -27.47 -18.96 -19.69
CA ILE L 120 -28.89 -19.20 -20.01
C ILE L 120 -29.27 -18.54 -21.32
N VAL L 121 -28.93 -17.25 -21.46
CA VAL L 121 -29.40 -16.49 -22.66
C VAL L 121 -28.22 -15.95 -23.47
N GLY L 122 -27.06 -16.60 -23.38
CA GLY L 122 -25.88 -16.16 -24.18
C GLY L 122 -26.16 -16.18 -25.67
N ASN L 123 -26.28 -17.37 -26.26
CA ASN L 123 -26.62 -17.44 -27.68
C ASN L 123 -27.75 -18.46 -27.83
N VAL L 124 -28.97 -18.00 -27.55
CA VAL L 124 -30.17 -18.81 -27.82
C VAL L 124 -31.26 -18.02 -28.50
N PHE L 125 -31.16 -16.69 -28.46
CA PHE L 125 -32.19 -15.83 -29.10
C PHE L 125 -31.87 -15.69 -30.59
N GLY L 126 -30.71 -16.17 -31.04
CA GLY L 126 -30.32 -16.16 -32.43
C GLY L 126 -30.56 -17.44 -33.18
N PHE L 127 -31.34 -18.37 -32.63
CA PHE L 127 -31.64 -19.61 -33.33
C PHE L 127 -32.65 -19.36 -34.45
N LYS L 128 -32.30 -19.80 -35.66
CA LYS L 128 -33.18 -19.59 -36.83
C LYS L 128 -34.45 -20.43 -36.69
N ALA L 129 -34.38 -21.56 -35.98
CA ALA L 129 -35.54 -22.44 -35.87
C ALA L 129 -36.66 -21.84 -35.04
N LEU L 130 -36.42 -20.72 -34.37
CA LEU L 130 -37.41 -20.08 -33.52
C LEU L 130 -37.80 -18.74 -34.13
N ARG L 131 -39.09 -18.59 -34.43
CA ARG L 131 -39.59 -17.29 -34.89
C ARG L 131 -39.44 -16.25 -33.79
N ALA L 132 -39.81 -16.60 -32.56
CA ALA L 132 -39.65 -15.71 -31.42
C ALA L 132 -39.34 -16.54 -30.19
N LEU L 133 -38.61 -15.94 -29.25
CA LEU L 133 -38.24 -16.61 -28.01
C LEU L 133 -38.25 -15.59 -26.88
N ARG L 134 -38.84 -15.98 -25.74
CA ARG L 134 -38.93 -15.06 -24.59
C ARG L 134 -38.71 -15.81 -23.28
N LEU L 135 -37.65 -15.47 -22.54
CA LEU L 135 -37.45 -16.05 -21.22
C LEU L 135 -38.44 -15.42 -20.24
N GLU L 136 -39.27 -16.25 -19.63
CA GLU L 136 -40.34 -15.78 -18.76
C GLU L 136 -39.96 -15.82 -17.29
N ASP L 137 -39.31 -16.88 -16.83
CA ASP L 137 -39.02 -17.03 -15.42
C ASP L 137 -37.75 -17.84 -15.23
N LEU L 138 -37.17 -17.74 -14.05
CA LEU L 138 -36.05 -18.55 -13.62
C LEU L 138 -36.34 -19.12 -12.24
N ARG L 139 -35.82 -20.31 -11.98
CA ARG L 139 -35.84 -20.90 -10.66
C ARG L 139 -34.41 -20.97 -10.16
N ILE L 140 -34.07 -20.14 -9.19
CA ILE L 140 -32.75 -20.14 -8.58
C ILE L 140 -32.80 -21.07 -7.36
N PRO L 141 -32.12 -22.22 -7.39
CA PRO L 141 -32.16 -23.10 -6.24
C PRO L 141 -31.49 -22.46 -5.04
N PRO L 142 -31.93 -22.74 -3.79
CA PRO L 142 -31.25 -22.20 -2.60
C PRO L 142 -29.74 -22.39 -2.65
N ALA L 143 -29.28 -23.56 -3.09
CA ALA L 143 -27.83 -23.85 -3.14
C ALA L 143 -27.12 -22.72 -3.92
N TYR L 144 -27.68 -22.30 -5.05
CA TYR L 144 -27.09 -21.16 -5.81
C TYR L 144 -27.33 -19.86 -5.07
N VAL L 145 -28.52 -19.65 -4.50
CA VAL L 145 -28.80 -18.37 -3.87
C VAL L 145 -27.80 -18.11 -2.75
N LYS L 146 -27.43 -19.14 -2.01
CA LYS L 146 -26.52 -18.96 -0.88
C LYS L 146 -25.13 -18.49 -1.31
N THR L 147 -24.77 -18.64 -2.59
CA THR L 147 -23.47 -18.17 -3.04
C THR L 147 -23.45 -16.67 -3.35
N PHE L 148 -24.59 -16.01 -3.30
CA PHE L 148 -24.69 -14.58 -3.57
C PHE L 148 -24.79 -13.80 -2.27
N GLN L 149 -24.18 -12.62 -2.24
CA GLN L 149 -24.37 -11.73 -1.10
C GLN L 149 -25.78 -11.16 -1.06
N GLY L 150 -26.32 -10.78 -2.21
CA GLY L 150 -27.62 -10.17 -2.26
C GLY L 150 -27.58 -8.68 -2.03
N PRO L 151 -28.73 -8.08 -1.76
CA PRO L 151 -28.75 -6.64 -1.53
C PRO L 151 -27.94 -6.29 -0.30
N PRO L 152 -27.31 -5.11 -0.30
CA PRO L 152 -26.44 -4.75 0.83
C PRO L 152 -27.15 -4.71 2.16
N HIS L 153 -28.37 -4.18 2.19
CA HIS L 153 -29.05 -4.03 3.50
C HIS L 153 -30.39 -4.74 3.43
N GLY L 154 -31.19 -4.42 2.41
CA GLY L 154 -32.54 -5.00 2.32
C GLY L 154 -33.57 -4.02 2.83
N ILE L 155 -34.84 -4.42 2.89
CA ILE L 155 -35.92 -3.53 3.28
C ILE L 155 -35.91 -3.29 4.79
N GLN L 156 -35.82 -4.35 5.59
CA GLN L 156 -35.94 -4.18 7.03
C GLN L 156 -34.76 -3.41 7.59
N VAL L 157 -33.55 -3.72 7.13
CA VAL L 157 -32.35 -2.99 7.60
C VAL L 157 -32.46 -1.53 7.13
N GLU L 158 -32.97 -1.30 5.92
CA GLU L 158 -33.15 0.10 5.45
C GLU L 158 -34.09 0.83 6.42
N ARG L 159 -35.25 0.25 6.71
CA ARG L 159 -36.23 0.88 7.63
C ARG L 159 -35.56 1.17 8.99
N ASP L 160 -34.80 0.21 9.51
CA ASP L 160 -34.18 0.41 10.82
C ASP L 160 -33.15 1.54 10.76
N LYS L 161 -32.37 1.60 9.68
CA LYS L 161 -31.31 2.64 9.56
C LYS L 161 -31.96 4.02 9.41
N LEU L 162 -33.03 4.11 8.61
CA LEU L 162 -33.71 5.38 8.39
C LEU L 162 -34.74 5.70 9.46
N ASN L 163 -35.08 4.73 10.31
CA ASN L 163 -36.02 4.97 11.44
C ASN L 163 -37.39 5.40 10.90
N LYS L 164 -37.82 4.84 9.77
CA LYS L 164 -39.12 5.14 9.18
C LYS L 164 -39.92 3.85 9.07
N TYR L 165 -41.10 3.84 9.70
CA TYR L 165 -41.91 2.64 9.78
C TYR L 165 -43.34 2.94 9.42
N GLY L 166 -44.04 1.93 8.91
CA GLY L 166 -45.47 1.99 8.76
C GLY L 166 -45.97 2.80 7.59
N ARG L 167 -45.10 3.17 6.66
CA ARG L 167 -45.52 4.00 5.54
C ARG L 167 -44.53 3.82 4.40
N GLY L 168 -45.01 4.11 3.19
CA GLY L 168 -44.12 4.12 2.05
C GLY L 168 -43.16 5.29 2.07
N LEU L 169 -42.08 5.16 1.34
CA LEU L 169 -41.11 6.22 1.22
C LEU L 169 -41.42 7.10 0.01
N LEU L 170 -40.95 8.33 0.06
CA LEU L 170 -41.24 9.32 -0.97
C LEU L 170 -39.94 9.86 -1.56
N GLY L 171 -39.94 10.05 -2.88
CA GLY L 171 -38.77 10.57 -3.55
C GLY L 171 -39.16 11.46 -4.71
N CYS L 172 -38.21 12.31 -5.11
CA CYS L 172 -38.41 13.21 -6.23
C CYS L 172 -37.16 13.18 -7.12
N THR L 173 -37.38 13.38 -8.43
CA THR L 173 -36.24 13.47 -9.37
C THR L 173 -36.00 14.95 -9.64
N ILE L 174 -34.83 15.47 -9.26
CA ILE L 174 -34.56 16.93 -9.41
C ILE L 174 -34.73 17.33 -10.87
N LYS L 175 -35.57 18.33 -11.14
CA LYS L 175 -35.85 18.77 -12.53
C LYS L 175 -35.60 20.28 -12.64
N PRO L 176 -34.86 20.79 -13.64
CA PRO L 176 -34.78 20.17 -14.97
C PRO L 176 -33.82 18.98 -15.04
N LYS L 177 -33.99 18.11 -16.04
CA LYS L 177 -33.15 16.90 -16.16
C LYS L 177 -31.66 17.30 -16.22
N LEU L 178 -31.30 18.24 -17.10
CA LEU L 178 -29.88 18.59 -17.30
C LEU L 178 -29.70 20.11 -17.42
N GLY L 179 -28.46 20.58 -17.41
CA GLY L 179 -28.17 22.02 -17.56
C GLY L 179 -28.01 22.72 -16.22
N LEU L 180 -28.57 22.15 -15.15
CA LEU L 180 -28.53 22.82 -13.82
C LEU L 180 -27.11 22.77 -13.25
N SER L 181 -26.65 23.84 -12.61
CA SER L 181 -25.31 23.84 -11.96
C SER L 181 -25.40 23.04 -10.65
N ALA L 182 -24.26 22.56 -10.16
CA ALA L 182 -24.22 21.79 -8.89
C ALA L 182 -24.87 22.60 -7.77
N LYS L 183 -24.59 23.90 -7.70
CA LYS L 183 -25.19 24.78 -6.66
C LYS L 183 -26.72 24.75 -6.80
N ASN L 184 -27.24 24.98 -8.00
CA ASN L 184 -28.69 25.02 -8.20
C ASN L 184 -29.30 23.64 -7.99
N TYR L 185 -28.55 22.60 -8.37
CA TYR L 185 -29.04 21.21 -8.12
C TYR L 185 -29.18 21.02 -6.61
N GLY L 186 -28.17 21.42 -5.84
CA GLY L 186 -28.25 21.30 -4.40
C GLY L 186 -29.38 22.12 -3.81
N ARG L 187 -29.61 23.30 -4.36
CA ARG L 187 -30.71 24.18 -3.86
C ARG L 187 -32.04 23.46 -4.08
N ALA L 188 -32.24 22.88 -5.27
CA ALA L 188 -33.47 22.16 -5.55
C ALA L 188 -33.62 20.95 -4.62
N VAL L 189 -32.52 20.25 -4.37
CA VAL L 189 -32.56 19.09 -3.46
C VAL L 189 -33.00 19.54 -2.07
N TYR L 190 -32.39 20.61 -1.56
CA TYR L 190 -32.73 21.08 -0.22
C TYR L 190 -34.18 21.53 -0.14
N GLU L 191 -34.64 22.24 -1.17
CA GLU L 191 -36.02 22.73 -1.16
C GLU L 191 -37.01 21.57 -1.16
N CYS L 192 -36.74 20.53 -1.96
CA CYS L 192 -37.68 19.38 -2.05
C CYS L 192 -37.62 18.55 -0.76
N LEU L 193 -36.42 18.37 -0.19
CA LEU L 193 -36.29 17.49 1.00
C LEU L 193 -36.91 18.16 2.23
N ARG L 194 -36.73 19.48 2.39
CA ARG L 194 -37.23 20.19 3.60
C ARG L 194 -38.76 20.11 3.66
N GLY L 195 -39.42 19.90 2.52
CA GLY L 195 -40.89 19.84 2.48
C GLY L 195 -41.44 18.62 3.19
N GLY L 196 -40.66 17.54 3.25
CA GLY L 196 -41.12 16.30 3.89
C GLY L 196 -40.79 15.05 3.09
N LEU L 197 -40.18 15.24 1.91
CA LEU L 197 -39.78 14.07 1.08
C LEU L 197 -38.64 13.34 1.78
N ASP L 198 -38.60 12.01 1.66
CA ASP L 198 -37.55 11.20 2.34
C ASP L 198 -36.32 11.13 1.43
N PHE L 199 -36.50 11.23 0.11
CA PHE L 199 -35.39 11.08 -0.80
C PHE L 199 -35.51 12.05 -1.96
N THR L 200 -34.37 12.37 -2.55
CA THR L 200 -34.29 12.96 -3.87
C THR L 200 -33.29 12.13 -4.66
N LYS L 201 -33.25 12.33 -5.98
CA LYS L 201 -32.36 11.48 -6.80
C LYS L 201 -31.77 12.27 -7.98
N ASP L 202 -30.58 11.89 -8.44
CA ASP L 202 -30.00 12.54 -9.64
C ASP L 202 -30.77 11.99 -10.86
N ASP L 203 -30.80 12.75 -11.95
CA ASP L 203 -31.46 12.23 -13.18
C ASP L 203 -30.64 11.03 -13.69
N GLU L 204 -31.28 10.11 -14.41
CA GLU L 204 -30.60 8.89 -14.84
C GLU L 204 -29.39 9.20 -15.71
N ASN L 205 -29.42 10.28 -16.49
CA ASN L 205 -28.34 10.63 -17.38
C ASN L 205 -27.36 11.62 -16.76
N VAL L 206 -27.53 11.96 -15.49
CA VAL L 206 -26.63 12.87 -14.79
C VAL L 206 -25.58 12.03 -14.10
N ASN L 207 -24.38 12.00 -14.70
CA ASN L 207 -23.24 11.27 -14.07
C ASN L 207 -22.14 12.30 -13.80
N SER L 208 -21.56 12.87 -14.86
CA SER L 208 -20.50 13.87 -14.74
C SER L 208 -20.37 14.56 -16.08
N GLN L 209 -20.76 15.84 -16.12
CA GLN L 209 -20.78 16.55 -17.42
C GLN L 209 -20.08 17.90 -17.29
N PRO L 210 -19.68 18.58 -18.39
CA PRO L 210 -19.09 19.91 -18.29
C PRO L 210 -19.96 20.88 -17.47
N PHE L 211 -21.29 20.75 -17.58
CA PHE L 211 -22.21 21.69 -16.89
C PHE L 211 -22.20 21.42 -15.38
N MET L 212 -21.99 20.16 -14.99
CA MET L 212 -22.05 19.81 -13.54
C MET L 212 -21.15 18.60 -13.28
N ARG L 213 -19.91 18.85 -12.83
CA ARG L 213 -19.03 17.76 -12.47
C ARG L 213 -19.57 17.03 -11.25
N TRP L 214 -19.15 15.77 -11.09
CA TRP L 214 -19.80 14.92 -10.09
C TRP L 214 -19.40 15.29 -8.67
N ARG L 215 -18.16 15.72 -8.44
CA ARG L 215 -17.75 16.01 -7.07
C ARG L 215 -18.38 17.29 -6.55
N ASP L 216 -18.53 18.30 -7.40
CA ASP L 216 -19.26 19.50 -7.00
C ASP L 216 -20.69 19.16 -6.63
N ARG L 217 -21.35 18.34 -7.43
CA ARG L 217 -22.71 17.92 -7.13
C ARG L 217 -22.77 17.15 -5.82
N PHE L 218 -21.82 16.25 -5.58
CA PHE L 218 -21.82 15.49 -4.34
C PHE L 218 -21.69 16.40 -3.14
N LEU L 219 -20.79 17.39 -3.21
CA LEU L 219 -20.60 18.30 -2.08
C LEU L 219 -21.84 19.16 -1.83
N PHE L 220 -22.41 19.75 -2.89
CA PHE L 220 -23.56 20.61 -2.69
C PHE L 220 -24.78 19.81 -2.22
N VAL L 221 -24.95 18.59 -2.74
CA VAL L 221 -26.04 17.74 -2.29
C VAL L 221 -25.84 17.33 -0.85
N ALA L 222 -24.61 17.09 -0.43
CA ALA L 222 -24.35 16.77 0.98
C ALA L 222 -24.72 17.94 1.87
N GLU L 223 -24.35 19.15 1.48
CA GLU L 223 -24.75 20.32 2.26
C GLU L 223 -26.26 20.46 2.33
N ALA L 224 -26.95 20.23 1.20
CA ALA L 224 -28.40 20.33 1.18
C ALA L 224 -29.05 19.26 2.06
N ILE L 225 -28.54 18.03 1.99
CA ILE L 225 -29.07 16.93 2.81
C ILE L 225 -28.93 17.27 4.28
N TYR L 226 -27.76 17.78 4.68
CA TYR L 226 -27.55 18.07 6.09
C TYR L 226 -28.39 19.25 6.56
N LYS L 227 -28.56 20.27 5.70
CA LYS L 227 -29.42 21.38 6.06
C LYS L 227 -30.86 20.93 6.25
N SER L 228 -31.37 20.10 5.33
CA SER L 228 -32.74 19.63 5.45
C SER L 228 -32.92 18.73 6.67
N GLN L 229 -31.91 17.90 6.97
CA GLN L 229 -31.96 17.08 8.18
C GLN L 229 -32.04 17.95 9.43
N ALA L 230 -31.19 18.97 9.52
CA ALA L 230 -31.22 19.83 10.69
C ALA L 230 -32.55 20.55 10.81
N GLU L 231 -33.11 20.98 9.68
CA GLU L 231 -34.34 21.76 9.73
C GLU L 231 -35.53 20.89 10.14
N THR L 232 -35.68 19.71 9.53
CA THR L 232 -36.87 18.91 9.79
C THR L 232 -36.70 17.94 10.95
N GLY L 233 -35.47 17.53 11.25
CA GLY L 233 -35.25 16.54 12.29
C GLY L 233 -35.42 15.10 11.85
N GLU L 234 -35.75 14.87 10.59
CA GLU L 234 -35.85 13.53 10.04
C GLU L 234 -34.63 13.22 9.20
N ILE L 235 -34.27 11.94 9.14
CA ILE L 235 -33.13 11.53 8.32
C ILE L 235 -33.49 11.66 6.85
N LYS L 236 -32.62 12.33 6.11
CA LYS L 236 -32.90 12.57 4.68
C LYS L 236 -31.82 11.87 3.84
N GLY L 237 -32.00 11.86 2.52
CA GLY L 237 -31.07 11.22 1.62
C GLY L 237 -31.28 11.65 0.19
N HIS L 238 -30.28 11.40 -0.63
CA HIS L 238 -30.33 11.70 -2.06
C HIS L 238 -29.60 10.61 -2.82
N TYR L 239 -30.28 10.04 -3.83
CA TYR L 239 -29.67 8.95 -4.64
C TYR L 239 -28.56 9.55 -5.51
N LEU L 240 -27.32 9.55 -5.01
CA LEU L 240 -26.17 10.09 -5.77
C LEU L 240 -25.78 9.10 -6.86
N ASN L 241 -25.72 9.55 -8.13
CA ASN L 241 -25.43 8.61 -9.24
C ASN L 241 -23.94 8.26 -9.27
N ALA L 242 -23.60 7.00 -9.02
CA ALA L 242 -22.22 6.56 -9.09
C ALA L 242 -21.88 5.93 -10.43
N THR L 243 -22.85 5.84 -11.35
CA THR L 243 -22.63 5.20 -12.63
C THR L 243 -21.53 5.92 -13.41
N ALA L 244 -20.53 5.18 -13.85
CA ALA L 244 -19.34 5.79 -14.43
C ALA L 244 -18.81 4.92 -15.56
N ALA L 245 -17.76 5.41 -16.23
CA ALA L 245 -17.18 4.68 -17.37
C ALA L 245 -16.40 3.46 -16.88
N THR L 246 -15.56 3.62 -15.86
CA THR L 246 -14.70 2.50 -15.38
C THR L 246 -15.09 2.13 -13.95
N ALA L 247 -14.89 0.86 -13.58
CA ALA L 247 -15.24 0.42 -12.21
C ALA L 247 -14.45 1.25 -11.20
N GLU L 248 -13.21 1.63 -11.57
CA GLU L 248 -12.40 2.43 -10.66
C GLU L 248 -13.06 3.78 -10.38
N GLU L 249 -13.56 4.43 -11.41
CA GLU L 249 -14.24 5.71 -11.24
C GLU L 249 -15.52 5.56 -10.43
N MET L 250 -16.27 4.49 -10.67
CA MET L 250 -17.50 4.23 -9.92
C MET L 250 -17.20 4.01 -8.44
N LEU L 251 -16.16 3.23 -8.15
CA LEU L 251 -15.77 3.04 -6.75
C LEU L 251 -15.24 4.32 -6.13
N LYS L 252 -14.59 5.18 -6.91
CA LYS L 252 -14.16 6.46 -6.38
C LYS L 252 -15.35 7.33 -6.00
N ARG L 253 -16.39 7.35 -6.82
CA ARG L 253 -17.59 8.12 -6.49
C ARG L 253 -18.29 7.55 -5.27
N ALA L 254 -18.37 6.22 -5.17
CA ALA L 254 -18.91 5.61 -3.96
C ALA L 254 -18.09 5.97 -2.74
N GLU L 255 -16.77 6.02 -2.90
CA GLU L 255 -15.87 6.38 -1.80
C GLU L 255 -16.10 7.82 -1.36
N CYS L 256 -16.30 8.73 -2.32
CA CYS L 256 -16.61 10.11 -1.96
C CYS L 256 -17.93 10.19 -1.19
N ALA L 257 -18.95 9.44 -1.63
CA ALA L 257 -20.21 9.42 -0.90
C ALA L 257 -20.02 8.90 0.52
N LYS L 258 -19.20 7.85 0.66
CA LYS L 258 -18.91 7.32 1.99
C LYS L 258 -18.18 8.34 2.85
N ASP L 259 -17.27 9.11 2.25
CA ASP L 259 -16.48 10.10 3.02
C ASP L 259 -17.35 11.29 3.43
N LEU L 260 -18.39 11.60 2.65
CA LEU L 260 -19.31 12.66 3.05
C LEU L 260 -20.30 12.22 4.12
N GLY L 261 -20.44 10.92 4.37
CA GLY L 261 -21.39 10.42 5.34
C GLY L 261 -22.82 10.38 4.86
N VAL L 262 -23.07 10.62 3.58
CA VAL L 262 -24.41 10.62 3.02
C VAL L 262 -24.94 9.20 3.00
N PRO L 263 -26.26 8.99 3.01
CA PRO L 263 -26.79 7.64 3.20
C PRO L 263 -26.78 6.71 1.98
N ILE L 264 -27.00 7.21 0.76
CA ILE L 264 -27.39 6.34 -0.34
C ILE L 264 -26.79 6.81 -1.66
N ILE L 265 -26.52 5.86 -2.55
CA ILE L 265 -26.07 6.13 -3.92
C ILE L 265 -26.98 5.37 -4.89
N MET L 266 -26.73 5.58 -6.18
CA MET L 266 -27.55 5.06 -7.26
C MET L 266 -26.66 4.41 -8.31
N HIS L 267 -27.21 3.45 -9.04
CA HIS L 267 -26.49 2.77 -10.11
C HIS L 267 -27.45 2.34 -11.21
N ASP L 268 -26.95 2.36 -12.44
CA ASP L 268 -27.68 1.88 -13.63
C ASP L 268 -27.12 0.50 -13.97
N TYR L 269 -27.79 -0.55 -13.51
CA TYR L 269 -27.19 -1.88 -13.61
C TYR L 269 -27.28 -2.48 -15.01
N LEU L 270 -28.32 -2.12 -15.78
CA LEU L 270 -28.48 -2.76 -17.11
C LEU L 270 -27.56 -2.07 -18.13
N THR L 271 -27.07 -0.86 -17.82
CA THR L 271 -26.13 -0.16 -18.73
C THR L 271 -24.71 -0.27 -18.19
N GLY L 272 -24.54 -0.17 -16.86
CA GLY L 272 -23.21 -0.34 -16.25
C GLY L 272 -22.75 -1.79 -16.31
N GLY L 273 -23.68 -2.73 -16.13
CA GLY L 273 -23.35 -4.17 -16.21
C GLY L 273 -23.46 -4.85 -14.86
N PHE L 274 -23.71 -6.17 -14.86
CA PHE L 274 -23.85 -6.93 -13.60
C PHE L 274 -22.51 -6.95 -12.85
N THR L 275 -21.40 -7.05 -13.59
CA THR L 275 -20.06 -7.10 -12.96
C THR L 275 -19.82 -5.81 -12.16
N ALA L 276 -20.12 -4.65 -12.77
CA ALA L 276 -19.97 -3.36 -12.07
C ALA L 276 -20.96 -3.29 -10.90
N ASN L 277 -22.19 -3.74 -11.11
CA ASN L 277 -23.23 -3.68 -10.04
C ASN L 277 -22.77 -4.53 -8.86
N THR L 278 -22.30 -5.75 -9.11
CA THR L 278 -21.91 -6.63 -8.02
C THR L 278 -20.76 -6.04 -7.23
N SER L 279 -19.81 -5.39 -7.91
CA SER L 279 -18.74 -4.70 -7.20
C SER L 279 -19.29 -3.59 -6.31
N LEU L 280 -20.23 -2.80 -6.85
CA LEU L 280 -20.80 -1.71 -6.07
C LEU L 280 -21.60 -2.24 -4.87
N ALA L 281 -22.34 -3.33 -5.06
CA ALA L 281 -23.12 -3.89 -3.97
C ALA L 281 -22.21 -4.44 -2.87
N HIS L 282 -21.12 -5.11 -3.25
CA HIS L 282 -20.17 -5.56 -2.25
C HIS L 282 -19.57 -4.38 -1.49
N TYR L 283 -19.21 -3.32 -2.21
CA TYR L 283 -18.68 -2.13 -1.56
C TYR L 283 -19.69 -1.53 -0.59
N CYS L 284 -20.95 -1.44 -1.01
CA CYS L 284 -21.98 -0.84 -0.17
C CYS L 284 -22.22 -1.66 1.08
N ARG L 285 -22.20 -2.98 0.96
CA ARG L 285 -22.30 -3.83 2.15
C ARG L 285 -21.09 -3.60 3.06
N ASP L 286 -19.89 -3.49 2.49
CA ASP L 286 -18.70 -3.30 3.31
C ASP L 286 -18.71 -1.97 4.05
N ASN L 287 -19.26 -0.91 3.44
CA ASN L 287 -19.11 0.43 4.00
C ASN L 287 -20.42 1.00 4.52
N GLY L 288 -21.48 0.21 4.58
CA GLY L 288 -22.75 0.66 5.12
C GLY L 288 -23.46 1.72 4.31
N LEU L 289 -23.51 1.56 3.00
CA LEU L 289 -24.22 2.48 2.11
C LEU L 289 -25.42 1.78 1.50
N LEU L 290 -26.51 2.55 1.35
CA LEU L 290 -27.70 2.02 0.66
C LEU L 290 -27.44 2.13 -0.85
N LEU L 291 -28.12 1.33 -1.65
CA LEU L 291 -27.90 1.28 -3.10
C LEU L 291 -29.24 1.27 -3.81
N HIS L 292 -29.55 2.36 -4.52
CA HIS L 292 -30.73 2.44 -5.36
C HIS L 292 -30.36 2.06 -6.79
N ILE L 293 -31.20 1.23 -7.41
CA ILE L 293 -30.92 0.69 -8.73
C ILE L 293 -31.94 1.22 -9.71
N HIS L 294 -31.47 1.81 -10.80
CA HIS L 294 -32.31 2.28 -11.88
C HIS L 294 -32.16 1.37 -13.08
N ARG L 295 -33.29 1.03 -13.70
CA ARG L 295 -33.30 0.07 -14.80
C ARG L 295 -33.32 0.77 -16.15
N ALA L 296 -32.24 1.48 -16.43
CA ALA L 296 -32.09 2.12 -17.74
C ALA L 296 -31.91 1.06 -18.83
N MET L 297 -32.52 1.29 -19.99
CA MET L 297 -32.36 0.37 -21.16
C MET L 297 -33.13 -0.94 -20.93
N HIS L 298 -34.07 -0.97 -19.99
CA HIS L 298 -34.81 -2.23 -19.68
C HIS L 298 -35.80 -2.54 -20.81
N ALA L 299 -36.51 -1.52 -21.31
CA ALA L 299 -37.55 -1.74 -22.35
C ALA L 299 -36.93 -2.30 -23.62
N VAL L 300 -35.63 -2.09 -23.82
CA VAL L 300 -34.94 -2.66 -25.02
C VAL L 300 -34.96 -4.19 -24.89
N ILE L 301 -35.17 -4.74 -23.69
CA ILE L 301 -35.11 -6.21 -23.50
C ILE L 301 -36.44 -6.77 -22.98
N ASP L 302 -37.23 -5.98 -22.25
CA ASP L 302 -38.45 -6.55 -21.61
C ASP L 302 -39.75 -5.92 -22.12
N ARG L 303 -39.76 -5.31 -23.31
CA ARG L 303 -41.01 -4.64 -23.74
C ARG L 303 -41.85 -5.57 -24.61
N GLN L 304 -41.26 -6.15 -25.67
CA GLN L 304 -42.03 -6.98 -26.59
C GLN L 304 -42.41 -8.30 -25.94
N ARG L 305 -43.67 -8.69 -26.11
CA ARG L 305 -44.20 -9.90 -25.51
C ARG L 305 -43.61 -11.17 -26.11
N ASN L 306 -43.18 -11.12 -27.39
CA ASN L 306 -42.73 -12.36 -28.07
C ASN L 306 -41.23 -12.57 -27.94
N HIS L 307 -40.45 -11.50 -27.80
CA HIS L 307 -39.00 -11.63 -27.78
C HIS L 307 -38.43 -10.91 -26.57
N GLY L 308 -37.34 -11.45 -26.02
CA GLY L 308 -36.63 -10.79 -24.94
C GLY L 308 -36.64 -11.52 -23.62
N ILE L 309 -36.34 -10.80 -22.54
CA ILE L 309 -36.33 -11.35 -21.19
C ILE L 309 -37.34 -10.55 -20.37
N HIS L 310 -38.26 -11.25 -19.71
CA HIS L 310 -39.27 -10.57 -18.91
C HIS L 310 -38.62 -9.86 -17.73
N PHE L 311 -39.18 -8.70 -17.36
CA PHE L 311 -38.57 -7.88 -16.28
C PHE L 311 -38.41 -8.70 -15.00
N ARG L 312 -39.29 -9.67 -14.75
CA ARG L 312 -39.21 -10.43 -13.47
C ARG L 312 -37.85 -11.12 -13.38
N VAL L 313 -37.32 -11.63 -14.49
CA VAL L 313 -35.99 -12.30 -14.50
C VAL L 313 -34.92 -11.24 -14.21
N LEU L 314 -35.05 -10.06 -14.80
CA LEU L 314 -34.09 -8.95 -14.55
C LEU L 314 -34.17 -8.53 -13.08
N ALA L 315 -35.39 -8.52 -12.50
CA ALA L 315 -35.57 -8.16 -11.08
C ALA L 315 -34.90 -9.21 -10.19
N LYS L 316 -35.02 -10.50 -10.54
CA LYS L 316 -34.38 -11.58 -9.74
C LYS L 316 -32.86 -11.50 -9.90
N ALA L 317 -32.38 -11.17 -11.11
CA ALA L 317 -30.94 -11.00 -11.30
C ALA L 317 -30.42 -9.82 -10.50
N LEU L 318 -31.23 -8.76 -10.38
CA LEU L 318 -30.82 -7.57 -9.60
C LEU L 318 -30.77 -7.96 -8.11
N ARG L 319 -31.81 -8.67 -7.63
CA ARG L 319 -31.82 -9.06 -6.22
C ARG L 319 -30.64 -9.95 -5.89
N LEU L 320 -30.28 -10.85 -6.80
CA LEU L 320 -29.08 -11.66 -6.59
C LEU L 320 -27.82 -10.80 -6.59
N SER L 321 -27.66 -9.96 -7.61
CA SER L 321 -26.47 -9.14 -7.70
C SER L 321 -26.38 -8.15 -6.55
N GLY L 322 -27.50 -7.55 -6.18
CA GLY L 322 -27.51 -6.60 -5.09
C GLY L 322 -28.14 -5.27 -5.41
N GLY L 323 -29.14 -4.87 -4.63
CA GLY L 323 -29.73 -3.56 -4.72
C GLY L 323 -30.81 -3.37 -3.67
N ASP L 324 -30.75 -2.26 -2.94
CA ASP L 324 -31.74 -2.02 -1.90
C ASP L 324 -33.06 -1.52 -2.48
N HIS L 325 -32.99 -0.69 -3.50
CA HIS L 325 -34.16 -0.24 -4.24
C HIS L 325 -34.02 -0.64 -5.69
N LEU L 326 -35.15 -0.83 -6.36
CA LEU L 326 -35.13 -1.14 -7.81
C LEU L 326 -36.35 -0.50 -8.47
N HIS L 327 -36.14 0.52 -9.29
CA HIS L 327 -37.21 1.16 -10.01
C HIS L 327 -38.01 0.10 -10.77
N SER L 328 -39.26 -0.10 -10.37
CA SER L 328 -40.01 -1.28 -10.79
C SER L 328 -41.24 -0.99 -11.62
N GLY L 329 -41.65 0.26 -11.76
CA GLY L 329 -42.83 0.54 -12.55
C GLY L 329 -43.03 2.02 -12.76
N THR L 330 -43.88 2.35 -13.75
CA THR L 330 -44.20 3.78 -14.03
C THR L 330 -45.69 4.00 -13.74
N VAL L 331 -46.07 5.21 -13.33
CA VAL L 331 -47.48 5.48 -12.94
C VAL L 331 -48.10 6.52 -13.90
N VAL L 332 -47.65 6.55 -15.14
CA VAL L 332 -48.26 7.48 -16.15
C VAL L 332 -49.77 7.33 -16.08
N GLY L 333 -50.49 8.38 -15.67
CA GLY L 333 -51.93 8.26 -15.50
C GLY L 333 -52.24 7.38 -14.31
N LYS L 334 -51.93 6.08 -14.44
CA LYS L 334 -52.10 5.12 -13.32
C LYS L 334 -50.96 4.10 -13.41
N LEU L 335 -50.82 3.22 -12.42
CA LEU L 335 -49.78 2.16 -12.52
C LEU L 335 -50.00 1.41 -13.85
N GLU L 336 -49.01 1.45 -14.74
CA GLU L 336 -49.17 0.82 -16.08
C GLU L 336 -48.83 -0.68 -16.00
N GLY L 337 -49.29 -1.47 -16.98
CA GLY L 337 -49.01 -2.91 -17.00
C GLY L 337 -50.04 -3.70 -16.23
N GLU L 338 -50.21 -4.99 -16.57
CA GLU L 338 -51.16 -5.86 -15.82
C GLU L 338 -50.83 -5.79 -14.33
N ARG L 339 -51.84 -5.53 -13.49
CA ARG L 339 -51.62 -5.44 -12.02
C ARG L 339 -51.05 -6.76 -11.52
N GLU L 340 -51.62 -7.89 -11.92
CA GLU L 340 -51.18 -9.21 -11.40
C GLU L 340 -49.69 -9.42 -11.73
N VAL L 341 -49.27 -9.08 -12.95
CA VAL L 341 -47.84 -9.24 -13.34
C VAL L 341 -46.99 -8.36 -12.41
N THR L 342 -47.40 -7.10 -12.22
CA THR L 342 -46.65 -6.18 -11.34
C THR L 342 -46.59 -6.79 -9.93
N LEU L 343 -47.74 -7.19 -9.40
CA LEU L 343 -47.80 -7.79 -8.04
C LEU L 343 -46.87 -9.01 -7.99
N GLY L 344 -46.88 -9.83 -9.05
CA GLY L 344 -46.03 -11.03 -9.09
C GLY L 344 -44.56 -10.67 -8.93
N PHE L 345 -44.05 -9.74 -9.73
CA PHE L 345 -42.59 -9.44 -9.68
C PHE L 345 -42.29 -8.61 -8.42
N VAL L 346 -43.28 -7.88 -7.91
CA VAL L 346 -43.07 -7.14 -6.63
C VAL L 346 -42.93 -8.18 -5.52
N ASP L 347 -43.81 -9.18 -5.50
CA ASP L 347 -43.67 -10.24 -4.50
C ASP L 347 -42.38 -11.02 -4.70
N LEU L 348 -42.00 -11.25 -5.97
CA LEU L 348 -40.77 -11.98 -6.24
C LEU L 348 -39.55 -11.22 -5.74
N MET L 349 -39.57 -9.90 -5.84
CA MET L 349 -38.45 -9.09 -5.39
C MET L 349 -38.54 -8.67 -3.93
N ARG L 350 -39.65 -8.95 -3.25
CA ARG L 350 -39.84 -8.56 -1.86
C ARG L 350 -39.85 -9.73 -0.90
N ASP L 351 -40.70 -10.73 -1.14
CA ASP L 351 -40.95 -11.79 -0.16
C ASP L 351 -39.78 -12.77 -0.11
N ASP L 352 -39.82 -13.66 0.89
CA ASP L 352 -38.76 -14.68 1.04
C ASP L 352 -39.18 -15.97 0.34
N TYR L 353 -40.49 -16.21 0.22
CA TYR L 353 -40.97 -17.49 -0.38
C TYR L 353 -42.18 -17.20 -1.26
N ILE L 354 -42.01 -17.34 -2.57
CA ILE L 354 -43.11 -17.06 -3.53
C ILE L 354 -43.52 -18.37 -4.20
N GLU L 355 -44.76 -18.83 -3.95
CA GLU L 355 -45.25 -20.10 -4.54
C GLU L 355 -45.60 -19.89 -6.01
N LYS L 356 -45.56 -20.95 -6.82
CA LYS L 356 -45.88 -20.85 -8.27
C LYS L 356 -47.30 -20.29 -8.45
N ASP L 357 -47.45 -19.26 -9.27
CA ASP L 357 -48.79 -18.67 -9.57
C ASP L 357 -48.81 -18.20 -11.02
N ARG L 358 -49.33 -19.02 -11.94
CA ARG L 358 -49.29 -18.66 -13.38
C ARG L 358 -50.17 -17.44 -13.65
N SER L 359 -51.17 -17.21 -12.80
CA SER L 359 -52.05 -16.02 -12.96
C SER L 359 -51.21 -14.73 -12.86
N ARG L 360 -50.22 -14.72 -11.97
CA ARG L 360 -49.38 -13.50 -11.76
C ARG L 360 -48.05 -13.65 -12.49
N GLY L 361 -47.85 -14.74 -13.22
CA GLY L 361 -46.63 -14.91 -14.04
C GLY L 361 -45.52 -15.62 -13.29
N ILE L 362 -45.82 -16.19 -12.12
CA ILE L 362 -44.81 -16.97 -11.38
C ILE L 362 -44.82 -18.40 -11.93
N TYR L 363 -43.80 -18.77 -12.72
CA TYR L 363 -43.76 -20.11 -13.36
C TYR L 363 -43.13 -21.13 -12.41
N PHE L 364 -42.47 -20.66 -11.35
CA PHE L 364 -41.77 -21.57 -10.42
C PHE L 364 -41.82 -21.06 -8.98
N THR L 365 -41.85 -21.98 -8.00
CA THR L 365 -41.75 -21.57 -6.61
C THR L 365 -40.33 -21.08 -6.35
N GLN L 366 -40.20 -19.90 -5.77
CA GLN L 366 -38.91 -19.27 -5.54
C GLN L 366 -38.66 -19.17 -4.05
N ASP L 367 -37.69 -19.94 -3.55
CA ASP L 367 -37.23 -19.84 -2.18
C ASP L 367 -35.98 -18.96 -2.17
N TRP L 368 -36.00 -17.91 -1.35
CA TRP L 368 -34.91 -16.96 -1.29
C TRP L 368 -33.96 -17.21 -0.14
N VAL L 369 -34.22 -18.25 0.67
CA VAL L 369 -33.46 -18.64 1.86
C VAL L 369 -32.85 -17.43 2.57
N SER L 370 -33.70 -16.49 2.99
CA SER L 370 -33.35 -15.39 3.86
C SER L 370 -32.45 -14.35 3.19
N LEU L 371 -32.43 -14.32 1.86
CA LEU L 371 -31.77 -13.23 1.16
C LEU L 371 -32.55 -11.93 1.39
N PRO L 372 -31.87 -10.81 1.63
CA PRO L 372 -32.60 -9.56 1.88
C PRO L 372 -33.46 -9.18 0.68
N GLY L 373 -34.65 -8.66 0.98
CA GLY L 373 -35.54 -8.23 -0.08
C GLY L 373 -35.17 -6.88 -0.65
N THR L 374 -35.68 -6.62 -1.85
CA THR L 374 -35.45 -5.37 -2.56
C THR L 374 -36.73 -4.54 -2.54
N MET L 375 -36.60 -3.26 -2.25
CA MET L 375 -37.76 -2.38 -2.17
C MET L 375 -38.15 -1.89 -3.56
N PRO L 376 -39.36 -2.17 -4.03
CA PRO L 376 -39.77 -1.65 -5.34
C PRO L 376 -40.01 -0.16 -5.29
N VAL L 377 -39.59 0.52 -6.37
CA VAL L 377 -39.77 1.99 -6.48
C VAL L 377 -40.66 2.30 -7.68
N ALA L 378 -41.89 2.78 -7.43
CA ALA L 378 -42.81 3.16 -8.48
C ALA L 378 -42.65 4.65 -8.75
N SER L 379 -42.27 4.99 -9.99
CA SER L 379 -41.98 6.41 -10.32
C SER L 379 -42.95 6.92 -11.38
N GLY L 380 -42.79 8.18 -11.79
CA GLY L 380 -43.64 8.75 -12.85
C GLY L 380 -44.55 9.85 -12.34
N GLY L 381 -45.70 10.03 -12.97
CA GLY L 381 -46.63 11.08 -12.60
C GLY L 381 -47.55 10.70 -11.46
N ILE L 382 -47.00 10.67 -10.24
CA ILE L 382 -47.81 10.31 -9.04
C ILE L 382 -48.60 11.55 -8.60
N HIS L 383 -49.81 11.72 -9.11
CA HIS L 383 -50.62 12.85 -8.71
C HIS L 383 -51.23 12.59 -7.33
N VAL L 384 -51.65 13.68 -6.67
CA VAL L 384 -52.06 13.58 -5.28
C VAL L 384 -53.27 12.67 -5.13
N TRP L 385 -54.27 12.83 -5.99
CA TRP L 385 -55.46 12.00 -5.90
C TRP L 385 -55.22 10.56 -6.36
N HIS L 386 -54.06 10.25 -6.92
CA HIS L 386 -53.73 8.88 -7.29
C HIS L 386 -52.94 8.15 -6.21
N MET L 387 -52.58 8.83 -5.13
CA MET L 387 -51.88 8.18 -4.04
C MET L 387 -52.64 7.03 -3.39
N PRO L 388 -53.96 7.11 -3.14
CA PRO L 388 -54.63 5.95 -2.52
C PRO L 388 -54.51 4.67 -3.31
N ALA L 389 -54.60 4.74 -4.64
CA ALA L 389 -54.50 3.54 -5.45
C ALA L 389 -53.14 2.87 -5.30
N LEU L 390 -52.07 3.67 -5.37
CA LEU L 390 -50.73 3.09 -5.25
C LEU L 390 -50.44 2.61 -3.84
N VAL L 391 -50.97 3.30 -2.83
CA VAL L 391 -50.79 2.82 -1.46
C VAL L 391 -51.51 1.48 -1.27
N GLU L 392 -52.69 1.34 -1.86
CA GLU L 392 -53.39 0.05 -1.79
C GLU L 392 -52.62 -1.04 -2.53
N ILE L 393 -52.12 -0.73 -3.72
CA ILE L 393 -51.46 -1.78 -4.56
C ILE L 393 -50.11 -2.19 -3.96
N PHE L 394 -49.32 -1.24 -3.47
CA PHE L 394 -47.97 -1.56 -3.02
C PHE L 394 -47.86 -1.80 -1.53
N GLY L 395 -48.63 -1.07 -0.72
CA GLY L 395 -48.51 -1.19 0.72
C GLY L 395 -47.49 -0.24 1.29
N ASP L 396 -46.84 -0.64 2.38
CA ASP L 396 -45.85 0.21 3.02
C ASP L 396 -44.43 0.00 2.50
N ASP L 397 -44.13 -1.19 2.01
CA ASP L 397 -42.76 -1.52 1.61
C ASP L 397 -42.51 -1.16 0.15
N ALA L 398 -42.61 0.15 -0.13
CA ALA L 398 -42.32 0.65 -1.46
C ALA L 398 -41.99 2.13 -1.36
N CYS L 399 -41.30 2.62 -2.38
CA CYS L 399 -40.99 4.03 -2.51
C CYS L 399 -41.74 4.59 -3.71
N LEU L 400 -42.55 5.61 -3.44
CA LEU L 400 -43.29 6.32 -4.52
C LEU L 400 -42.40 7.47 -4.97
N GLN L 401 -42.11 7.55 -6.26
CA GLN L 401 -41.18 8.53 -6.78
C GLN L 401 -41.91 9.54 -7.67
N PHE L 402 -41.71 10.83 -7.38
CA PHE L 402 -42.29 11.89 -8.20
C PHE L 402 -41.26 12.32 -9.26
N GLY L 403 -41.05 11.41 -10.21
CA GLY L 403 -40.09 11.64 -11.28
C GLY L 403 -40.43 12.79 -12.19
N GLY L 404 -41.67 13.28 -12.12
CA GLY L 404 -42.02 14.49 -12.84
C GLY L 404 -41.42 15.74 -12.25
N GLY L 405 -40.75 15.64 -11.10
CA GLY L 405 -40.17 16.81 -10.48
C GLY L 405 -41.16 17.67 -9.73
N THR L 406 -42.39 17.16 -9.58
CA THR L 406 -43.48 17.92 -8.93
C THR L 406 -43.63 19.27 -9.62
N LEU L 407 -43.38 20.38 -8.90
CA LEU L 407 -43.44 21.75 -9.47
C LEU L 407 -44.87 22.15 -9.86
N GLY L 408 -45.82 21.21 -9.80
CA GLY L 408 -47.20 21.54 -10.09
C GLY L 408 -47.89 22.30 -9.00
N HIS L 409 -47.27 22.36 -7.83
CA HIS L 409 -47.85 23.12 -6.69
C HIS L 409 -47.56 24.61 -6.89
N PRO L 410 -48.57 25.49 -6.96
CA PRO L 410 -48.34 26.92 -7.23
C PRO L 410 -47.46 27.62 -6.21
N TRP L 411 -47.34 27.07 -5.00
CA TRP L 411 -46.60 27.77 -3.96
C TRP L 411 -45.09 27.54 -4.08
N GLY L 412 -44.67 26.31 -4.32
CA GLY L 412 -43.26 26.04 -4.47
C GLY L 412 -42.97 24.55 -4.37
N ASN L 413 -41.68 24.23 -4.37
CA ASN L 413 -41.24 22.84 -4.25
C ASN L 413 -41.52 22.29 -2.87
N ALA L 414 -41.13 23.04 -1.83
CA ALA L 414 -41.29 22.58 -0.43
C ALA L 414 -42.77 22.32 -0.08
N PRO L 415 -43.73 23.27 -0.30
CA PRO L 415 -45.14 22.98 0.00
C PRO L 415 -45.69 21.81 -0.84
N GLY L 416 -45.24 21.68 -2.09
CA GLY L 416 -45.67 20.54 -2.92
C GLY L 416 -45.22 19.23 -2.29
N ALA L 417 -43.98 19.19 -1.79
CA ALA L 417 -43.48 17.98 -1.10
C ALA L 417 -44.34 17.72 0.14
N ALA L 418 -44.65 18.78 0.89
CA ALA L 418 -45.48 18.64 2.12
C ALA L 418 -46.85 18.08 1.74
N ALA L 419 -47.49 18.64 0.71
CA ALA L 419 -48.80 18.16 0.27
C ALA L 419 -48.71 16.65 0.00
N ASN L 420 -47.70 16.24 -0.76
CA ASN L 420 -47.52 14.80 -1.08
C ASN L 420 -47.37 14.02 0.23
N ARG L 421 -46.52 14.49 1.14
CA ARG L 421 -46.33 13.76 2.39
C ARG L 421 -47.62 13.69 3.19
N VAL L 422 -48.38 14.79 3.23
CA VAL L 422 -49.65 14.79 3.94
C VAL L 422 -50.62 13.81 3.32
N ALA L 423 -50.68 13.78 1.99
CA ALA L 423 -51.58 12.85 1.30
C ALA L 423 -51.20 11.41 1.58
N LEU L 424 -49.90 11.10 1.51
CA LEU L 424 -49.48 9.73 1.77
C LEU L 424 -49.79 9.31 3.20
N GLU L 425 -49.51 10.19 4.17
CA GLU L 425 -49.78 9.85 5.56
C GLU L 425 -51.27 9.69 5.81
N ALA L 426 -52.10 10.55 5.21
CA ALA L 426 -53.54 10.42 5.38
C ALA L 426 -54.07 9.13 4.78
N CYS L 427 -53.57 8.75 3.60
CA CYS L 427 -53.98 7.49 2.99
C CYS L 427 -53.56 6.31 3.86
N THR L 428 -52.33 6.35 4.38
CA THR L 428 -51.88 5.27 5.24
C THR L 428 -52.72 5.16 6.50
N GLN L 429 -53.04 6.30 7.12
CA GLN L 429 -53.86 6.28 8.32
C GLN L 429 -55.24 5.73 8.03
N ALA L 430 -55.84 6.12 6.90
CA ALA L 430 -57.15 5.60 6.52
C ALA L 430 -57.09 4.09 6.29
N ARG L 431 -56.04 3.61 5.62
CA ARG L 431 -55.92 2.18 5.39
C ARG L 431 -55.76 1.41 6.69
N ASN L 432 -55.01 1.98 7.65
CA ASN L 432 -54.84 1.32 8.93
C ASN L 432 -56.13 1.25 9.73
N GLU L 433 -57.08 2.16 9.47
CA GLU L 433 -58.35 2.16 10.20
C GLU L 433 -59.34 1.15 9.66
N GLY L 434 -59.04 0.46 8.57
CA GLY L 434 -59.95 -0.47 7.96
C GLY L 434 -60.71 0.07 6.77
N ARG L 435 -60.37 1.27 6.30
CA ARG L 435 -61.02 1.83 5.14
C ARG L 435 -60.60 1.10 3.86
N ASP L 436 -61.49 1.11 2.87
CA ASP L 436 -61.21 0.54 1.56
C ASP L 436 -60.72 1.66 0.66
N LEU L 437 -59.40 1.71 0.42
CA LEU L 437 -58.82 2.85 -0.28
C LEU L 437 -59.34 2.96 -1.72
N ALA L 438 -59.49 1.83 -2.40
CA ALA L 438 -59.96 1.85 -3.78
C ALA L 438 -61.36 2.44 -3.91
N ARG L 439 -62.12 2.52 -2.82
CA ARG L 439 -63.46 3.09 -2.85
C ARG L 439 -63.58 4.43 -2.16
N GLU L 440 -62.68 4.75 -1.22
CA GLU L 440 -62.79 5.99 -0.45
C GLU L 440 -61.55 6.86 -0.57
N GLY L 441 -60.75 6.67 -1.62
CA GLY L 441 -59.55 7.48 -1.78
C GLY L 441 -59.84 8.95 -1.93
N GLY L 442 -60.85 9.29 -2.73
CA GLY L 442 -61.23 10.68 -2.88
C GLY L 442 -61.73 11.29 -1.59
N ASP L 443 -62.54 10.54 -0.84
CA ASP L 443 -63.02 11.04 0.44
C ASP L 443 -61.87 11.29 1.41
N VAL L 444 -60.91 10.36 1.46
CA VAL L 444 -59.76 10.54 2.35
C VAL L 444 -58.93 11.74 1.93
N ILE L 445 -58.72 11.90 0.61
CA ILE L 445 -57.94 13.04 0.12
C ILE L 445 -58.63 14.35 0.47
N ARG L 446 -59.94 14.40 0.27
CA ARG L 446 -60.71 15.63 0.58
C ARG L 446 -60.61 15.92 2.08
N ALA L 447 -60.81 14.90 2.91
CA ALA L 447 -60.79 15.11 4.36
C ALA L 447 -59.43 15.62 4.81
N ALA L 448 -58.36 15.09 4.22
CA ALA L 448 -57.00 15.58 4.55
C ALA L 448 -56.85 17.02 4.06
N CYS L 449 -57.40 17.32 2.89
CA CYS L 449 -57.30 18.67 2.33
C CYS L 449 -58.06 19.69 3.16
N LYS L 450 -59.09 19.24 3.88
CA LYS L 450 -59.92 20.16 4.69
C LYS L 450 -59.06 20.87 5.74
N TRP L 451 -57.98 20.24 6.19
CA TRP L 451 -57.15 20.83 7.28
C TRP L 451 -55.74 21.18 6.78
N SER L 452 -55.39 20.81 5.55
CA SER L 452 -54.04 21.05 5.06
C SER L 452 -54.07 22.16 4.02
N PRO L 453 -53.62 23.37 4.35
CA PRO L 453 -53.53 24.42 3.33
C PRO L 453 -52.61 24.05 2.17
N GLU L 454 -51.53 23.33 2.44
CA GLU L 454 -50.61 22.94 1.39
C GLU L 454 -51.28 21.96 0.42
N LEU L 455 -52.03 21.00 0.96
CA LEU L 455 -52.75 20.07 0.10
C LEU L 455 -53.93 20.74 -0.60
N ALA L 456 -54.48 21.80 -0.02
CA ALA L 456 -55.56 22.51 -0.68
C ALA L 456 -55.12 23.13 -2.00
N ALA L 457 -53.92 23.73 -2.01
CA ALA L 457 -53.38 24.26 -3.26
C ALA L 457 -52.90 23.17 -4.20
N ALA L 458 -52.76 21.94 -3.69
CA ALA L 458 -52.31 20.81 -4.53
C ALA L 458 -53.53 20.08 -5.10
N CYS L 459 -54.59 19.94 -4.31
CA CYS L 459 -55.78 19.21 -4.74
C CYS L 459 -56.53 19.94 -5.84
N GLU L 460 -56.27 21.24 -6.03
CA GLU L 460 -56.92 21.98 -7.10
C GLU L 460 -56.19 21.77 -8.42
N GLN M 45 -47.83 30.47 -0.43
CA GLN M 45 -47.38 30.40 0.98
C GLN M 45 -45.98 29.77 1.03
N VAL M 46 -45.27 29.94 2.15
CA VAL M 46 -43.87 29.44 2.23
C VAL M 46 -43.73 28.48 3.41
N TRP M 47 -43.29 27.25 3.15
CA TRP M 47 -43.04 26.28 4.25
C TRP M 47 -42.09 26.94 5.27
N THR M 48 -42.50 27.03 6.53
CA THR M 48 -41.67 27.72 7.54
C THR M 48 -40.46 26.87 7.93
N PRO M 49 -39.22 27.38 7.93
CA PRO M 49 -38.07 26.61 8.38
C PRO M 49 -37.76 26.88 9.86
N LEU M 50 -38.65 27.59 10.54
CA LEU M 50 -38.41 27.97 11.96
C LEU M 50 -39.30 27.13 12.88
N ASN M 51 -38.71 26.43 13.85
CA ASN M 51 -39.49 25.62 14.82
C ASN M 51 -40.51 24.76 14.07
N ASN M 52 -40.06 24.01 13.06
CA ASN M 52 -40.98 23.11 12.31
C ASN M 52 -40.36 21.71 12.30
N LYS M 53 -40.18 21.11 13.49
CA LYS M 53 -39.59 19.75 13.57
C LYS M 53 -40.67 18.70 13.34
N PHE M 54 -40.28 17.51 12.85
CA PHE M 54 -41.24 16.45 12.59
C PHE M 54 -40.69 15.12 13.08
N PHE M 55 -41.58 14.17 13.32
CA PHE M 55 -41.15 12.87 13.92
C PHE M 55 -41.62 11.69 13.06
N GLU M 56 -41.26 11.67 11.78
CA GLU M 56 -41.55 10.51 10.88
C GLU M 56 -43.05 10.24 10.69
N THR M 57 -43.48 8.99 10.90
CA THR M 57 -44.88 8.58 10.57
C THR M 57 -45.97 9.39 11.27
N PHE M 58 -47.01 9.78 10.52
CA PHE M 58 -48.19 10.47 11.03
C PHE M 58 -47.85 11.79 11.69
N SER M 59 -46.62 12.29 11.54
CA SER M 59 -46.24 13.56 12.14
C SER M 59 -46.77 14.75 11.36
N TYR M 60 -47.14 14.56 10.09
CA TYR M 60 -47.65 15.63 9.25
C TYR M 60 -49.17 15.72 9.29
N LEU M 61 -49.84 14.85 10.00
CA LEU M 61 -51.27 14.96 10.26
C LEU M 61 -51.50 15.79 11.52
N PRO M 62 -52.72 16.35 11.74
CA PRO M 62 -52.99 17.05 13.00
C PRO M 62 -52.81 16.10 14.20
N PRO M 63 -52.53 16.60 15.42
CA PRO M 63 -52.29 15.75 16.58
C PRO M 63 -53.43 14.72 16.70
N MET M 64 -53.09 13.44 16.88
CA MET M 64 -54.13 12.38 16.91
C MET M 64 -54.88 12.40 18.24
N THR M 65 -56.20 12.19 18.21
CA THR M 65 -56.99 12.15 19.43
C THR M 65 -56.88 10.76 20.06
N ASP M 66 -57.54 10.59 21.21
CA ASP M 66 -57.51 9.30 21.89
C ASP M 66 -58.13 8.20 21.05
N ALA M 67 -59.24 8.51 20.37
CA ALA M 67 -59.88 7.51 19.51
C ALA M 67 -58.99 7.13 18.34
N GLU M 68 -58.30 8.10 17.74
CA GLU M 68 -57.42 7.79 16.62
C GLU M 68 -56.23 6.95 17.05
N ILE M 69 -55.64 7.31 18.20
CA ILE M 69 -54.51 6.50 18.74
C ILE M 69 -55.05 5.08 18.98
N SER M 70 -56.23 4.98 19.60
CA SER M 70 -56.80 3.67 19.90
C SER M 70 -56.98 2.86 18.63
N ARG M 71 -57.48 3.48 17.55
CA ARG M 71 -57.67 2.75 16.31
C ARG M 71 -56.33 2.31 15.72
N GLN M 72 -55.31 3.15 15.81
CA GLN M 72 -53.98 2.75 15.32
C GLN M 72 -53.43 1.58 16.13
N VAL M 73 -53.59 1.61 17.45
CA VAL M 73 -53.12 0.51 18.28
C VAL M 73 -53.90 -0.76 17.98
N ASP M 74 -55.20 -0.63 17.74
CA ASP M 74 -56.00 -1.79 17.35
C ASP M 74 -55.54 -2.36 16.02
N TYR M 75 -55.14 -1.49 15.08
CA TYR M 75 -54.59 -1.99 13.82
C TYR M 75 -53.30 -2.75 14.07
N ILE M 76 -52.43 -2.23 14.94
CA ILE M 76 -51.19 -2.93 15.26
C ILE M 76 -51.48 -4.30 15.89
N VAL M 77 -52.43 -4.33 16.82
CA VAL M 77 -52.76 -5.57 17.51
C VAL M 77 -53.39 -6.58 16.56
N SER M 78 -54.22 -6.07 15.64
CA SER M 78 -54.93 -6.97 14.69
C SER M 78 -53.93 -7.74 13.84
N ASN M 79 -52.85 -7.09 13.40
CA ASN M 79 -51.86 -7.75 12.57
C ASN M 79 -51.07 -8.81 13.32
N GLY M 80 -51.23 -8.90 14.64
CA GLY M 80 -50.46 -9.82 15.43
C GLY M 80 -49.22 -9.23 16.06
N TRP M 81 -49.09 -7.91 16.05
CA TRP M 81 -47.89 -7.24 16.52
C TRP M 81 -48.07 -6.71 17.94
N THR M 82 -46.95 -6.42 18.58
CA THR M 82 -46.95 -5.96 19.96
C THR M 82 -46.74 -4.45 20.00
N PRO M 83 -47.63 -3.68 20.62
CA PRO M 83 -47.39 -2.24 20.77
C PRO M 83 -46.68 -1.91 22.07
N CYS M 84 -45.79 -0.92 22.00
CA CYS M 84 -45.07 -0.41 23.17
C CYS M 84 -44.96 1.10 23.02
N LEU M 85 -44.43 1.71 24.08
CA LEU M 85 -44.34 3.20 24.10
C LEU M 85 -42.90 3.66 24.25
N GLU M 86 -42.50 4.63 23.42
CA GLU M 86 -41.16 5.23 23.54
C GLU M 86 -41.35 6.69 23.94
N PHE M 87 -40.42 7.27 24.68
CA PHE M 87 -40.49 8.66 25.09
C PHE M 87 -39.09 9.25 25.13
N ALA M 88 -39.01 10.54 24.87
CA ALA M 88 -37.74 11.26 24.94
C ALA M 88 -38.01 12.73 25.17
N GLY M 89 -37.20 13.36 26.01
CA GLY M 89 -37.26 14.79 26.19
C GLY M 89 -36.72 15.52 24.98
N ALA M 90 -36.85 16.85 25.02
CA ALA M 90 -36.48 17.66 23.86
C ALA M 90 -34.99 17.60 23.57
N GLU M 91 -34.17 17.31 24.58
CA GLU M 91 -32.73 17.26 24.37
C GLU M 91 -32.28 16.00 23.64
N SER M 92 -33.08 14.94 23.65
CA SER M 92 -32.71 13.69 22.98
C SER M 92 -33.83 13.18 22.09
N ALA M 93 -34.58 14.09 21.48
CA ALA M 93 -35.69 13.71 20.60
C ALA M 93 -35.33 13.77 19.13
N TYR M 94 -34.54 14.75 18.71
CA TYR M 94 -34.18 14.93 17.32
C TYR M 94 -32.85 14.26 17.01
N THR M 95 -32.67 13.86 15.76
CA THR M 95 -31.43 13.25 15.33
C THR M 95 -30.28 14.23 15.43
N SER M 96 -29.10 13.70 15.73
CA SER M 96 -27.92 14.54 15.95
C SER M 96 -26.66 13.75 15.60
N ASN M 97 -25.56 14.47 15.44
CA ASN M 97 -24.26 13.90 15.13
C ASN M 97 -23.27 14.12 16.28
N GLU M 98 -23.74 13.98 17.52
CA GLU M 98 -22.89 14.32 18.64
C GLU M 98 -21.74 13.33 18.83
N ASN M 99 -21.99 12.06 18.55
CA ASN M 99 -20.99 11.02 18.76
C ASN M 99 -20.16 10.71 17.53
N CYS M 100 -20.44 11.36 16.40
CA CYS M 100 -19.63 11.17 15.20
C CYS M 100 -18.20 11.62 15.38
N VAL M 101 -17.93 12.45 16.40
CA VAL M 101 -16.57 12.89 16.69
C VAL M 101 -15.67 11.74 17.12
N ARG M 102 -16.24 10.63 17.58
CA ARG M 102 -15.47 9.48 18.04
C ARG M 102 -15.19 8.47 16.95
N MET M 103 -15.62 8.72 15.72
CA MET M 103 -15.58 7.72 14.67
C MET M 103 -14.64 8.12 13.54
N GLN M 104 -14.13 7.08 12.89
CA GLN M 104 -13.24 7.32 11.73
C GLN M 104 -13.83 6.55 10.55
N ASN M 105 -13.09 6.47 9.46
CA ASN M 105 -13.48 5.74 8.26
C ASN M 105 -14.75 6.31 7.64
N THR M 106 -15.88 6.15 8.31
CA THR M 106 -17.14 6.66 7.80
C THR M 106 -18.14 6.80 8.94
N THR M 107 -19.16 7.64 8.71
CA THR M 107 -20.30 7.74 9.61
C THR M 107 -21.61 7.49 8.87
N CYS M 108 -21.55 6.84 7.72
CA CYS M 108 -22.74 6.60 6.91
C CYS M 108 -23.77 5.79 7.68
N LEU M 109 -25.03 6.26 7.65
CA LEU M 109 -26.17 5.55 8.30
C LEU M 109 -26.05 5.55 9.83
N TYR M 110 -25.18 6.37 10.41
CA TYR M 110 -25.14 6.52 11.85
C TYR M 110 -25.74 7.86 12.23
N TYR M 111 -26.73 7.83 13.11
CA TYR M 111 -27.34 9.04 13.64
C TYR M 111 -27.68 8.79 15.10
N ASP M 112 -27.51 9.83 15.92
CA ASP M 112 -27.83 9.74 17.33
C ASP M 112 -29.32 10.01 17.54
N ASN M 113 -29.81 9.59 18.70
CA ASN M 113 -31.19 9.75 19.14
C ASN M 113 -32.18 8.99 18.28
N ARG M 114 -31.73 8.05 17.46
CA ARG M 114 -32.67 7.15 16.79
C ARG M 114 -33.38 6.29 17.81
N TYR M 115 -32.67 5.85 18.84
CA TYR M 115 -33.27 5.13 19.96
C TYR M 115 -33.91 6.11 20.94
N TRP M 116 -35.14 5.85 21.31
CA TRP M 116 -35.77 6.51 22.44
C TRP M 116 -35.74 5.55 23.62
N THR M 117 -36.43 5.94 24.70
CA THR M 117 -36.45 5.10 25.93
C THR M 117 -37.77 4.35 26.01
N MET M 118 -37.72 3.04 26.27
CA MET M 118 -38.95 2.22 26.36
C MET M 118 -39.74 2.59 27.62
N TRP M 119 -41.06 2.61 27.52
CA TRP M 119 -41.92 2.97 28.69
C TRP M 119 -42.52 1.70 29.30
N CYS M 126 -49.59 -4.45 26.95
CA CYS M 126 -49.53 -4.53 25.49
C CYS M 126 -50.50 -5.59 24.96
N THR M 127 -51.79 -5.37 25.19
CA THR M 127 -52.82 -6.30 24.79
C THR M 127 -53.86 -5.70 23.86
N ASP M 128 -54.22 -4.43 24.03
CA ASP M 128 -55.28 -3.81 23.26
C ASP M 128 -55.09 -2.29 23.26
N GLY M 129 -56.00 -1.61 22.57
CA GLY M 129 -55.88 -0.17 22.46
C GLY M 129 -56.09 0.56 23.79
N GLY M 130 -57.03 0.08 24.59
CA GLY M 130 -57.30 0.75 25.87
C GLY M 130 -56.12 0.74 26.81
N GLN M 131 -55.43 -0.40 26.90
CA GLN M 131 -54.28 -0.47 27.80
C GLN M 131 -53.15 0.45 27.33
N VAL M 132 -52.90 0.50 26.03
CA VAL M 132 -51.86 1.38 25.51
C VAL M 132 -52.25 2.83 25.71
N LEU M 133 -53.53 3.15 25.60
CA LEU M 133 -53.98 4.51 25.87
C LEU M 133 -53.78 4.87 27.34
N ARG M 134 -54.10 3.94 28.24
CA ARG M 134 -53.86 4.20 29.67
C ARG M 134 -52.38 4.41 29.93
N GLU M 135 -51.52 3.62 29.30
CA GLU M 135 -50.09 3.82 29.44
C GLU M 135 -49.63 5.14 28.84
N VAL M 136 -50.30 5.60 27.78
CA VAL M 136 -49.98 6.90 27.19
C VAL M 136 -50.28 8.02 28.18
N GLN M 137 -51.45 7.96 28.83
CA GLN M 137 -51.76 8.93 29.88
C GLN M 137 -50.79 8.84 31.04
N ALA M 138 -50.41 7.63 31.45
CA ALA M 138 -49.45 7.49 32.53
C ALA M 138 -48.10 8.11 32.17
N CYS M 139 -47.63 7.87 30.94
CA CYS M 139 -46.37 8.45 30.50
C CYS M 139 -46.47 9.98 30.42
N ARG M 140 -47.62 10.49 29.97
CA ARG M 140 -47.84 11.92 29.92
C ARG M 140 -47.74 12.53 31.32
N ARG M 141 -48.38 11.90 32.30
CA ARG M 141 -48.31 12.42 33.66
C ARG M 141 -46.89 12.34 34.21
N ALA M 142 -46.20 11.23 33.98
CA ALA M 142 -44.86 11.06 34.54
C ALA M 142 -43.84 11.98 33.89
N PHE M 143 -43.93 12.10 32.56
CA PHE M 143 -42.98 12.96 31.80
C PHE M 143 -43.78 13.93 30.91
N PRO M 144 -44.25 15.07 31.45
CA PRO M 144 -45.08 16.00 30.68
C PRO M 144 -44.32 16.73 29.56
N ASP M 145 -42.99 16.84 29.69
CA ASP M 145 -42.18 17.59 28.69
C ASP M 145 -41.49 16.61 27.73
N ALA M 146 -42.08 15.44 27.51
CA ALA M 146 -41.43 14.42 26.67
C ALA M 146 -42.33 14.01 25.50
N TYR M 147 -41.75 13.82 24.30
CA TYR M 147 -42.54 13.31 23.15
C TYR M 147 -42.79 11.82 23.38
N ILE M 148 -44.01 11.35 23.11
CA ILE M 148 -44.32 9.89 23.26
C ILE M 148 -44.49 9.29 21.87
N ARG M 149 -43.92 8.09 21.65
CA ARG M 149 -44.01 7.43 20.32
C ARG M 149 -44.50 6.00 20.50
N VAL M 150 -45.52 5.60 19.74
CA VAL M 150 -46.04 4.24 19.78
C VAL M 150 -45.25 3.40 18.78
N VAL M 151 -44.67 2.31 19.25
CA VAL M 151 -43.88 1.43 18.39
C VAL M 151 -44.57 0.07 18.30
N GLY M 152 -44.35 -0.59 17.18
CA GLY M 152 -44.89 -1.92 16.95
C GLY M 152 -43.78 -2.91 16.68
N PHE M 153 -43.93 -4.12 17.22
CA PHE M 153 -42.87 -5.16 17.05
C PHE M 153 -43.51 -6.46 16.56
N ASP M 154 -43.07 -6.96 15.40
CA ASP M 154 -43.56 -8.28 14.92
C ASP M 154 -42.91 -9.35 15.80
N PRO M 155 -43.69 -10.16 16.56
CA PRO M 155 -43.11 -11.14 17.49
C PRO M 155 -42.44 -12.32 16.78
N VAL M 156 -42.83 -12.60 15.54
CA VAL M 156 -42.27 -13.76 14.80
C VAL M 156 -40.93 -13.34 14.16
N ARG M 157 -40.95 -12.29 13.35
CA ARG M 157 -39.73 -11.83 12.65
C ARG M 157 -38.80 -11.13 13.65
N GLN M 158 -39.33 -10.74 14.81
CA GLN M 158 -38.52 -10.01 15.82
C GLN M 158 -37.93 -8.75 15.19
N VAL M 159 -38.75 -7.99 14.46
CA VAL M 159 -38.30 -6.72 13.83
C VAL M 159 -39.28 -5.62 14.21
N GLN M 160 -38.84 -4.35 14.21
CA GLN M 160 -39.82 -3.25 14.48
C GLN M 160 -40.63 -3.02 13.20
N VAL M 161 -41.96 -2.99 13.32
CA VAL M 161 -42.83 -2.82 12.16
C VAL M 161 -43.62 -1.52 12.18
N SER M 162 -43.62 -0.84 13.32
CA SER M 162 -44.44 0.40 13.46
C SER M 162 -43.71 1.44 14.31
N GLY M 163 -44.03 2.72 14.12
CA GLY M 163 -43.40 3.80 14.89
C GLY M 163 -44.00 5.15 14.56
N PHE M 164 -44.98 5.60 15.35
CA PHE M 164 -45.65 6.92 15.09
C PHE M 164 -45.74 7.74 16.38
N LEU M 165 -45.50 9.04 16.30
CA LEU M 165 -45.57 9.94 17.48
C LEU M 165 -47.05 10.11 17.87
N VAL M 166 -47.33 10.12 19.18
CA VAL M 166 -48.75 10.26 19.65
C VAL M 166 -48.83 11.43 20.64
N ASN M 167 -47.70 12.05 20.97
CA ASN M 167 -47.71 13.14 21.98
C ASN M 167 -46.61 14.17 21.70
N ARG M 168 -46.95 15.46 21.73
CA ARG M 168 -45.94 16.54 21.56
C ARG M 168 -46.02 17.44 22.79
N PRO M 169 -44.96 17.58 23.61
CA PRO M 169 -45.04 18.36 24.85
C PRO M 169 -45.46 19.81 24.58
N ALA M 170 -46.53 20.27 25.21
CA ALA M 170 -46.98 21.67 25.04
C ALA M 170 -45.85 22.62 25.41
N SER M 171 -45.09 22.29 26.45
CA SER M 171 -43.98 23.17 26.92
C SER M 171 -42.99 23.41 25.78
N VAL M 172 -42.63 22.37 25.04
CA VAL M 172 -41.61 22.53 23.95
C VAL M 172 -42.29 23.18 22.74
N ARG M 173 -41.58 24.08 22.06
CA ARG M 173 -42.16 24.81 20.91
C ARG M 173 -41.24 24.65 19.70
N ASP M 174 -40.70 23.45 19.50
CA ASP M 174 -39.79 23.18 18.36
C ASP M 174 -40.60 22.71 17.16
N TYR M 175 -41.92 22.69 17.28
CA TYR M 175 -42.78 22.16 16.18
C TYR M 175 -43.89 23.17 15.87
N GLN M 176 -44.45 23.10 14.66
CA GLN M 176 -45.54 24.02 14.26
C GLN M 176 -46.88 23.28 14.31
N GLY M 177 -47.97 23.96 13.92
CA GLY M 177 -49.30 23.32 13.86
C GLY M 177 -49.76 23.19 12.42
N PRO M 178 -50.78 22.39 12.10
CA PRO M 178 -51.18 22.16 10.71
C PRO M 178 -51.35 23.45 9.89
N SER M 179 -51.81 24.54 10.54
CA SER M 179 -52.06 25.81 9.82
C SER M 179 -50.82 26.73 9.89
N THR M 180 -49.94 26.50 10.86
CA THR M 180 -48.76 27.40 11.04
C THR M 180 -47.53 26.82 10.33
N ARG M 181 -47.71 25.70 9.62
CA ARG M 181 -46.58 25.05 8.89
C ARG M 181 -46.22 25.91 7.67
N SER M 182 -47.16 26.71 7.17
CA SER M 182 -46.87 27.62 6.02
C SER M 182 -47.12 29.07 6.43
N VAL M 183 -46.25 29.99 6.01
CA VAL M 183 -46.37 31.43 6.39
C VAL M 183 -46.29 32.29 5.13
N LEU N 22 7.56 24.50 -53.58
CA LEU N 22 7.51 24.30 -52.15
C LEU N 22 6.42 23.30 -51.78
N THR N 23 6.84 22.15 -51.25
CA THR N 23 5.87 21.13 -50.84
C THR N 23 5.14 21.52 -49.56
N TYR N 24 5.65 22.49 -48.82
CA TYR N 24 5.13 22.84 -47.50
C TYR N 24 4.37 24.16 -47.48
N TYR N 25 4.33 24.87 -48.60
CA TYR N 25 3.51 26.07 -48.74
C TYR N 25 2.37 25.72 -49.69
N THR N 26 1.15 25.64 -49.17
CA THR N 26 -0.03 25.25 -49.92
C THR N 26 -1.10 26.31 -49.74
N PRO N 27 -1.02 27.42 -50.48
CA PRO N 27 -2.00 28.51 -50.29
C PRO N 27 -3.42 28.12 -50.64
N ASP N 28 -3.64 27.02 -51.35
CA ASP N 28 -4.99 26.57 -51.67
C ASP N 28 -5.53 25.57 -50.64
N TYR N 29 -4.76 25.27 -49.60
CA TYR N 29 -5.20 24.30 -48.61
C TYR N 29 -6.27 24.90 -47.70
N GLN N 30 -7.31 24.11 -47.43
CA GLN N 30 -8.36 24.51 -46.52
C GLN N 30 -8.17 23.78 -45.20
N PRO N 31 -7.89 24.47 -44.09
CA PRO N 31 -7.62 23.76 -42.83
C PRO N 31 -8.82 22.94 -42.39
N LYS N 32 -8.52 21.76 -41.84
CA LYS N 32 -9.55 20.85 -41.38
C LYS N 32 -10.14 21.32 -40.06
N ASP N 33 -11.26 20.71 -39.65
CA ASP N 33 -11.92 21.08 -38.38
C ASP N 33 -11.10 20.57 -37.19
N THR N 34 -10.15 19.67 -37.44
CA THR N 34 -9.35 19.10 -36.38
C THR N 34 -7.90 19.57 -36.40
N ASP N 35 -7.53 20.43 -37.33
CA ASP N 35 -6.17 20.94 -37.39
C ASP N 35 -5.88 21.90 -36.23
N ILE N 36 -4.66 21.85 -35.73
CA ILE N 36 -4.15 22.86 -34.81
C ILE N 36 -3.50 23.94 -35.66
N LEU N 37 -3.94 25.18 -35.49
CA LEU N 37 -3.48 26.28 -36.33
C LEU N 37 -2.63 27.24 -35.51
N ALA N 38 -1.53 27.69 -36.09
CA ALA N 38 -0.64 28.66 -35.46
C ALA N 38 -0.49 29.86 -36.39
N ALA N 39 -0.43 31.05 -35.81
CA ALA N 39 -0.21 32.27 -36.57
C ALA N 39 1.12 32.85 -36.12
N PHE N 40 2.13 32.70 -36.97
CA PHE N 40 3.48 33.18 -36.68
C PHE N 40 3.70 34.54 -37.31
N ARG N 41 4.21 35.48 -36.51
CA ARG N 41 4.69 36.75 -37.04
C ARG N 41 6.19 36.63 -37.23
N MET N 42 6.60 36.60 -38.51
CA MET N 42 8.03 36.33 -38.80
C MET N 42 8.66 37.43 -39.66
N THR N 43 9.92 37.74 -39.38
CA THR N 43 10.69 38.69 -40.18
C THR N 43 11.85 37.93 -40.80
N PRO N 44 11.76 37.55 -42.08
CA PRO N 44 12.86 36.79 -42.70
C PRO N 44 14.05 37.67 -43.00
N GLN N 45 15.20 37.01 -43.13
CA GLN N 45 16.42 37.71 -43.50
C GLN N 45 16.27 38.27 -44.91
N PRO N 46 16.94 39.40 -45.21
CA PRO N 46 16.82 39.98 -46.55
C PRO N 46 17.30 39.00 -47.62
N GLY N 47 16.55 38.95 -48.72
CA GLY N 47 16.78 38.01 -49.78
C GLY N 47 15.94 36.74 -49.67
N VAL N 48 15.39 36.44 -48.50
CA VAL N 48 14.55 35.27 -48.30
C VAL N 48 13.11 35.69 -48.57
N PRO N 49 12.44 35.12 -49.57
CA PRO N 49 11.04 35.47 -49.80
C PRO N 49 10.17 34.97 -48.66
N PRO N 50 9.05 35.65 -48.38
CA PRO N 50 8.19 35.19 -47.28
C PRO N 50 7.65 33.78 -47.47
N GLU N 51 7.41 33.39 -48.72
CA GLU N 51 6.85 32.04 -48.98
C GLU N 51 7.86 30.97 -48.57
N GLU N 52 9.15 31.21 -48.83
CA GLU N 52 10.19 30.27 -48.43
C GLU N 52 10.29 30.17 -46.91
N ALA N 53 10.19 31.30 -46.21
CA ALA N 53 10.29 31.28 -44.76
C ALA N 53 9.10 30.56 -44.13
N GLY N 54 7.89 30.83 -44.62
CA GLY N 54 6.73 30.10 -44.13
C GLY N 54 6.84 28.62 -44.41
N ALA N 55 7.37 28.26 -45.58
CA ALA N 55 7.56 26.83 -45.90
C ALA N 55 8.50 26.20 -44.86
N ALA N 56 9.56 26.91 -44.49
CA ALA N 56 10.55 26.36 -43.51
C ALA N 56 9.88 26.13 -42.15
N VAL N 57 9.13 27.13 -41.66
CA VAL N 57 8.42 27.00 -40.36
C VAL N 57 7.46 25.80 -40.45
N ALA N 58 6.73 25.69 -41.56
CA ALA N 58 5.79 24.57 -41.74
C ALA N 58 6.55 23.24 -41.70
N ALA N 59 7.71 23.17 -42.35
CA ALA N 59 8.51 21.92 -42.39
C ALA N 59 9.05 21.62 -40.99
N ARG N 79 1.38 13.61 -44.76
CA ARG N 79 0.22 13.21 -43.93
C ARG N 79 0.39 13.80 -42.53
N TYR N 80 1.63 13.81 -42.01
CA TYR N 80 1.91 14.36 -40.66
C TYR N 80 2.77 15.62 -40.81
N LYS N 81 2.77 16.21 -42.00
CA LYS N 81 3.64 17.38 -42.24
C LYS N 81 2.87 18.66 -41.93
N GLY N 82 3.49 19.60 -41.22
CA GLY N 82 2.84 20.91 -41.01
C GLY N 82 2.92 21.70 -42.31
N ARG N 83 1.91 22.49 -42.64
CA ARG N 83 1.93 23.16 -43.92
C ARG N 83 1.51 24.61 -43.74
N CYS N 84 2.16 25.49 -44.50
CA CYS N 84 1.81 26.91 -44.52
C CYS N 84 0.70 27.10 -45.55
N TYR N 85 -0.49 27.48 -45.09
CA TYR N 85 -1.65 27.59 -46.02
C TYR N 85 -1.99 29.06 -46.29
N ASP N 86 -1.45 29.98 -45.48
CA ASP N 86 -1.82 31.41 -45.64
C ASP N 86 -0.67 32.32 -45.17
N ILE N 87 -0.31 33.29 -45.99
CA ILE N 87 0.69 34.29 -45.61
C ILE N 87 0.12 35.66 -45.93
N GLU N 88 0.10 36.53 -44.91
CA GLU N 88 -0.37 37.92 -45.13
C GLU N 88 0.73 38.86 -44.66
N PRO N 89 1.09 39.94 -45.41
CA PRO N 89 2.08 40.90 -44.94
C PRO N 89 1.48 41.83 -43.87
N VAL N 90 2.32 42.30 -42.93
CA VAL N 90 1.84 43.22 -41.86
C VAL N 90 1.89 44.65 -42.40
N PRO N 91 0.73 45.30 -42.68
CA PRO N 91 0.73 46.65 -43.25
C PRO N 91 1.21 47.66 -42.21
N GLY N 92 2.36 48.30 -42.45
CA GLY N 92 2.90 49.29 -41.50
C GLY N 92 4.10 48.77 -40.74
N GLU N 93 4.67 47.65 -41.19
CA GLU N 93 5.87 47.07 -40.53
C GLU N 93 6.93 46.77 -41.60
N GLU N 94 8.19 46.57 -41.18
CA GLU N 94 9.28 46.35 -42.15
C GLU N 94 9.48 44.85 -42.41
N ASN N 95 9.14 44.38 -43.62
CA ASN N 95 9.35 42.96 -43.98
C ASN N 95 8.80 42.05 -42.87
N GLN N 96 7.60 42.35 -42.37
CA GLN N 96 6.96 41.47 -41.35
C GLN N 96 5.75 40.78 -41.98
N TYR N 97 5.62 39.48 -41.77
CA TYR N 97 4.49 38.73 -42.38
C TYR N 97 3.86 37.80 -41.34
N ILE N 98 2.57 37.49 -41.50
CA ILE N 98 1.91 36.54 -40.61
C ILE N 98 1.77 35.23 -41.38
N ALA N 99 2.37 34.16 -40.85
CA ALA N 99 2.32 32.85 -41.52
C ALA N 99 1.37 31.92 -40.76
N TYR N 100 0.38 31.37 -41.46
CA TYR N 100 -0.62 30.48 -40.82
C TYR N 100 -0.23 29.02 -41.08
N ILE N 101 0.01 28.25 -40.01
CA ILE N 101 0.46 26.83 -40.18
C ILE N 101 -0.65 25.89 -39.70
N ALA N 102 -0.86 24.79 -40.43
CA ALA N 102 -1.87 23.80 -40.05
C ALA N 102 -1.17 22.50 -39.69
N TYR N 103 -1.41 22.03 -38.47
CA TYR N 103 -0.84 20.78 -38.01
C TYR N 103 -1.93 19.73 -37.87
N PRO N 104 -1.70 18.51 -38.36
CA PRO N 104 -2.70 17.45 -38.17
C PRO N 104 -2.88 17.10 -36.71
N LEU N 105 -4.10 16.69 -36.36
CA LEU N 105 -4.42 16.37 -34.97
C LEU N 105 -3.62 15.18 -34.46
N ASP N 106 -3.23 14.27 -35.36
CA ASP N 106 -2.52 13.02 -34.95
C ASP N 106 -1.09 13.31 -34.48
N LEU N 107 -0.62 14.56 -34.61
CA LEU N 107 0.75 14.88 -34.27
C LEU N 107 0.99 14.98 -32.77
N PHE N 108 -0.06 15.21 -31.98
CA PHE N 108 0.09 15.58 -30.59
C PHE N 108 -0.45 14.51 -29.67
N GLU N 109 0.08 14.52 -28.43
CA GLU N 109 -0.38 13.57 -27.40
C GLU N 109 -1.61 14.15 -26.72
N GLU N 110 -2.64 13.34 -26.49
CA GLU N 110 -3.87 13.79 -25.88
C GLU N 110 -3.61 14.38 -24.50
N GLY N 111 -4.18 15.56 -24.26
CA GLY N 111 -4.11 16.20 -22.95
C GLY N 111 -2.72 16.55 -22.48
N SER N 112 -1.83 16.92 -23.40
CA SER N 112 -0.43 17.20 -23.05
C SER N 112 -0.05 18.57 -23.62
N VAL N 113 -0.05 19.58 -22.75
CA VAL N 113 0.44 20.91 -23.14
C VAL N 113 1.94 20.85 -23.41
N THR N 114 2.66 20.03 -22.65
CA THR N 114 4.10 19.86 -22.87
C THR N 114 4.39 19.44 -24.30
N ASN N 115 3.67 18.42 -24.78
CA ASN N 115 3.90 17.92 -26.16
C ASN N 115 3.50 19.02 -27.17
N LEU N 116 2.38 19.69 -26.93
CA LEU N 116 1.95 20.72 -27.86
C LEU N 116 3.04 21.79 -28.03
N PHE N 117 3.60 22.25 -26.92
CA PHE N 117 4.67 23.24 -27.01
C PHE N 117 5.94 22.66 -27.60
N THR N 118 6.24 21.40 -27.33
CA THR N 118 7.39 20.76 -27.95
C THR N 118 7.24 20.70 -29.47
N SER N 119 6.03 20.38 -29.94
CA SER N 119 5.82 20.25 -31.38
C SER N 119 5.82 21.60 -32.06
N ILE N 120 5.09 22.57 -31.51
CA ILE N 120 4.89 23.83 -32.22
C ILE N 120 6.13 24.71 -32.15
N VAL N 121 6.65 24.90 -30.94
CA VAL N 121 7.78 25.87 -30.77
C VAL N 121 9.02 25.18 -30.21
N GLY N 122 9.17 23.88 -30.43
CA GLY N 122 10.36 23.14 -29.96
C GLY N 122 11.65 23.72 -30.54
N ASN N 123 11.88 23.53 -31.83
CA ASN N 123 13.06 24.12 -32.46
C ASN N 123 12.61 24.81 -33.74
N VAL N 124 12.07 26.02 -33.59
CA VAL N 124 11.76 26.86 -34.74
C VAL N 124 12.22 28.29 -34.55
N PHE N 125 12.51 28.68 -33.31
CA PHE N 125 12.99 30.07 -33.03
C PHE N 125 14.49 30.15 -33.29
N GLY N 126 15.15 29.02 -33.54
CA GLY N 126 16.57 28.98 -33.86
C GLY N 126 16.88 28.91 -35.34
N PHE N 127 15.92 29.15 -36.22
CA PHE N 127 16.19 29.13 -37.65
C PHE N 127 16.96 30.38 -38.06
N LYS N 128 18.08 30.17 -38.76
CA LYS N 128 18.94 31.31 -39.19
C LYS N 128 18.21 32.12 -40.26
N ALA N 129 17.32 31.49 -41.04
CA ALA N 129 16.65 32.20 -42.12
C ALA N 129 15.67 33.25 -41.63
N LEU N 130 15.38 33.29 -40.34
CA LEU N 130 14.43 34.22 -39.77
C LEU N 130 15.17 35.20 -38.87
N ARG N 131 15.07 36.49 -39.19
CA ARG N 131 15.63 37.51 -38.31
C ARG N 131 14.91 37.51 -36.97
N ALA N 132 13.58 37.44 -36.99
CA ALA N 132 12.79 37.37 -35.78
C ALA N 132 11.55 36.52 -36.05
N LEU N 133 11.06 35.87 -35.00
CA LEU N 133 9.89 35.01 -35.10
C LEU N 133 9.07 35.14 -33.82
N ARG N 134 7.75 35.28 -33.97
CA ARG N 134 6.87 35.44 -32.80
C ARG N 134 5.55 34.68 -33.00
N LEU N 135 5.28 33.68 -32.15
CA LEU N 135 4.01 33.00 -32.18
C LEU N 135 2.94 33.90 -31.58
N GLU N 136 1.92 34.22 -32.38
CA GLU N 136 0.90 35.17 -31.97
C GLU N 136 -0.35 34.49 -31.43
N ASP N 137 -0.80 33.41 -32.05
CA ASP N 137 -2.05 32.78 -31.66
C ASP N 137 -2.00 31.30 -31.98
N LEU N 138 -2.89 30.55 -31.33
CA LEU N 138 -3.11 29.15 -31.62
C LEU N 138 -4.61 28.89 -31.77
N ARG N 139 -4.95 27.94 -32.61
CA ARG N 139 -6.32 27.45 -32.73
C ARG N 139 -6.34 26.02 -32.23
N ILE N 140 -6.93 25.79 -31.07
CA ILE N 140 -7.08 24.46 -30.50
C ILE N 140 -8.42 23.90 -30.96
N PRO N 141 -8.44 22.88 -31.82
CA PRO N 141 -9.72 22.34 -32.26
C PRO N 141 -10.46 21.70 -31.11
N PRO N 142 -11.82 21.71 -31.08
CA PRO N 142 -12.57 21.04 -30.01
C PRO N 142 -12.09 19.61 -29.78
N ALA N 143 -11.81 18.86 -30.84
CA ALA N 143 -11.36 17.46 -30.70
C ALA N 143 -10.18 17.39 -29.74
N TYR N 144 -9.21 18.31 -29.88
CA TYR N 144 -8.07 18.35 -28.93
C TYR N 144 -8.53 18.88 -27.58
N VAL N 145 -9.38 19.91 -27.55
CA VAL N 145 -9.77 20.49 -26.27
C VAL N 145 -10.41 19.43 -25.39
N LYS N 146 -11.22 18.55 -25.98
CA LYS N 146 -11.92 17.55 -25.19
C LYS N 146 -10.98 16.56 -24.52
N THR N 147 -9.73 16.45 -24.96
CA THR N 147 -8.78 15.54 -24.31
C THR N 147 -8.16 16.14 -23.05
N PHE N 148 -8.42 17.40 -22.76
CA PHE N 148 -7.86 18.07 -21.58
C PHE N 148 -8.92 18.16 -20.49
N GLN N 149 -8.49 18.03 -19.24
CA GLN N 149 -9.39 18.27 -18.12
C GLN N 149 -9.75 19.74 -17.99
N GLY N 150 -8.78 20.62 -18.18
CA GLY N 150 -9.00 22.04 -18.01
C GLY N 150 -8.85 22.48 -16.57
N PRO N 151 -9.33 23.69 -16.27
CA PRO N 151 -9.23 24.18 -14.90
C PRO N 151 -10.02 23.30 -13.96
N PRO N 152 -9.55 23.15 -12.72
CA PRO N 152 -10.24 22.25 -11.78
C PRO N 152 -11.68 22.61 -11.52
N HIS N 153 -11.98 23.90 -11.38
CA HIS N 153 -13.36 24.28 -11.02
C HIS N 153 -13.89 25.25 -12.06
N GLY N 154 -13.13 26.32 -12.32
CA GLY N 154 -13.60 27.35 -13.26
C GLY N 154 -14.17 28.53 -12.50
N ILE N 155 -14.72 29.51 -13.21
CA ILE N 155 -15.22 30.73 -12.58
C ILE N 155 -16.55 30.48 -11.88
N GLN N 156 -17.49 29.83 -12.55
CA GLN N 156 -18.83 29.68 -11.97
C GLN N 156 -18.79 28.77 -10.76
N VAL N 157 -18.06 27.66 -10.85
CA VAL N 157 -17.94 26.74 -9.69
C VAL N 157 -17.22 27.47 -8.56
N GLU N 158 -16.22 28.29 -8.89
CA GLU N 158 -15.51 29.06 -7.83
C GLU N 158 -16.53 29.96 -7.11
N ARG N 159 -17.31 30.73 -7.88
CA ARG N 159 -18.31 31.65 -7.28
C ARG N 159 -19.29 30.85 -6.40
N ASP N 160 -19.75 29.69 -6.89
CA ASP N 160 -20.70 28.92 -6.10
C ASP N 160 -20.08 28.40 -4.81
N LYS N 161 -18.82 27.95 -4.88
CA LYS N 161 -18.14 27.41 -3.68
C LYS N 161 -17.90 28.53 -2.67
N LEU N 162 -17.48 29.70 -3.15
CA LEU N 162 -17.19 30.83 -2.26
C LEU N 162 -18.43 31.64 -1.92
N ASN N 163 -19.54 31.41 -2.62
CA ASN N 163 -20.83 32.09 -2.31
C ASN N 163 -20.67 33.61 -2.48
N LYS N 164 -19.88 34.05 -3.47
CA LYS N 164 -19.69 35.46 -3.76
C LYS N 164 -20.14 35.74 -5.19
N TYR N 165 -21.09 36.66 -5.33
CA TYR N 165 -21.70 36.94 -6.62
C TYR N 165 -21.75 38.44 -6.87
N GLY N 166 -21.73 38.81 -8.15
CA GLY N 166 -22.02 40.17 -8.54
C GLY N 166 -20.92 41.17 -8.32
N ARG N 167 -19.71 40.72 -8.04
CA ARG N 167 -18.62 41.65 -7.77
C ARG N 167 -17.29 40.95 -8.02
N GLY N 168 -16.27 41.75 -8.28
CA GLY N 168 -14.94 41.20 -8.39
C GLY N 168 -14.39 40.75 -7.05
N LEU N 169 -13.40 39.88 -7.10
CA LEU N 169 -12.74 39.42 -5.90
C LEU N 169 -11.53 40.28 -5.59
N LEU N 170 -11.14 40.29 -4.32
CA LEU N 170 -10.06 41.15 -3.84
C LEU N 170 -8.99 40.30 -3.18
N GLY N 171 -7.73 40.66 -3.42
CA GLY N 171 -6.62 39.93 -2.84
C GLY N 171 -5.47 40.87 -2.52
N CYS N 172 -4.61 40.40 -1.61
CA CYS N 172 -3.43 41.16 -1.21
C CYS N 172 -2.23 40.22 -1.17
N THR N 173 -1.05 40.78 -1.47
CA THR N 173 0.20 39.99 -1.37
C THR N 173 0.87 40.36 -0.04
N ILE N 174 1.01 39.41 0.88
CA ILE N 174 1.56 39.72 2.22
C ILE N 174 2.95 40.35 2.07
N LYS N 175 3.15 41.54 2.65
CA LYS N 175 4.44 42.25 2.51
C LYS N 175 4.96 42.60 3.91
N PRO N 176 6.24 42.34 4.27
CA PRO N 176 7.35 42.33 3.30
C PRO N 176 7.44 41.04 2.48
N LYS N 177 8.11 41.11 1.32
CA LYS N 177 8.21 39.93 0.43
C LYS N 177 8.83 38.75 1.19
N LEU N 178 9.97 38.96 1.85
CA LEU N 178 10.68 37.83 2.52
C LEU N 178 11.19 38.26 3.90
N GLY N 179 11.69 37.30 4.69
CA GLY N 179 12.24 37.59 6.02
C GLY N 179 11.22 37.40 7.13
N LEU N 180 9.93 37.47 6.80
CA LEU N 180 8.88 37.39 7.84
C LEU N 180 8.78 35.95 8.37
N SER N 181 8.59 35.78 9.68
CA SER N 181 8.40 34.43 10.27
C SER N 181 7.00 33.93 9.95
N ALA N 182 6.79 32.62 9.99
CA ALA N 182 5.46 32.02 9.71
C ALA N 182 4.40 32.65 10.62
N LYS N 183 4.73 32.85 11.90
CA LYS N 183 3.77 33.48 12.85
C LYS N 183 3.41 34.88 12.34
N ASN N 184 4.41 35.71 12.03
CA ASN N 184 4.14 37.08 11.59
C ASN N 184 3.44 37.09 10.23
N TYR N 185 3.79 36.12 9.38
CA TYR N 185 3.10 36.00 8.07
C TYR N 185 1.61 35.72 8.34
N GLY N 186 1.32 34.78 9.24
CA GLY N 186 -0.07 34.49 9.57
C GLY N 186 -0.79 35.68 10.18
N ARG N 187 -0.07 36.44 11.01
CA ARG N 187 -0.68 37.65 11.65
C ARG N 187 -1.07 38.64 10.55
N ALA N 188 -0.16 38.87 9.59
CA ALA N 188 -0.47 39.78 8.49
C ALA N 188 -1.64 39.27 7.66
N VAL N 189 -1.69 37.97 7.41
CA VAL N 189 -2.79 37.38 6.66
C VAL N 189 -4.12 37.63 7.37
N TYR N 190 -4.16 37.36 8.68
CA TYR N 190 -5.38 37.54 9.44
C TYR N 190 -5.81 39.00 9.46
N GLU N 191 -4.85 39.90 9.64
CA GLU N 191 -5.19 41.32 9.69
C GLU N 191 -5.76 41.81 8.37
N CYS N 192 -5.17 41.36 7.25
CA CYS N 192 -5.65 41.81 5.92
C CYS N 192 -7.00 41.17 5.60
N LEU N 193 -7.19 39.89 5.96
CA LEU N 193 -8.45 39.19 5.58
C LEU N 193 -9.62 39.72 6.41
N ARG N 194 -9.41 40.00 7.69
CA ARG N 194 -10.52 40.44 8.59
C ARG N 194 -11.08 41.79 8.11
N GLY N 195 -10.28 42.56 7.36
CA GLY N 195 -10.72 43.88 6.88
C GLY N 195 -11.84 43.78 5.84
N GLY N 196 -11.89 42.67 5.10
CA GLY N 196 -12.92 42.49 4.05
C GLY N 196 -12.35 41.93 2.77
N LEU N 197 -11.03 41.70 2.73
CA LEU N 197 -10.40 41.09 1.53
C LEU N 197 -10.86 39.64 1.41
N ASP N 198 -11.04 39.15 0.18
CA ASP N 198 -11.51 37.75 -0.04
C ASP N 198 -10.31 36.81 -0.04
N PHE N 199 -9.13 37.31 -0.43
CA PHE N 199 -7.97 36.45 -0.54
C PHE N 199 -6.72 37.17 -0.07
N THR N 200 -5.74 36.38 0.36
CA THR N 200 -4.36 36.82 0.49
C THR N 200 -3.51 35.78 -0.23
N LYS N 201 -2.24 36.11 -0.46
CA LYS N 201 -1.39 35.18 -1.24
C LYS N 201 0.06 35.20 -0.74
N ASP N 202 0.77 34.08 -0.90
CA ASP N 202 2.21 34.06 -0.53
C ASP N 202 2.96 34.83 -1.63
N ASP N 203 4.13 35.37 -1.31
CA ASP N 203 4.94 36.05 -2.36
C ASP N 203 5.40 34.99 -3.37
N GLU N 204 5.65 35.39 -4.61
CA GLU N 204 5.98 34.43 -5.66
C GLU N 204 7.24 33.64 -5.32
N ASN N 205 8.18 34.23 -4.61
CA ASN N 205 9.43 33.57 -4.27
C ASN N 205 9.40 32.91 -2.89
N VAL N 206 8.25 32.91 -2.24
CA VAL N 206 8.09 32.27 -0.93
C VAL N 206 7.60 30.86 -1.17
N ASN N 207 8.52 29.89 -1.05
CA ASN N 207 8.15 28.46 -1.17
C ASN N 207 8.48 27.78 0.15
N SER N 208 9.77 27.70 0.49
CA SER N 208 10.21 27.07 1.73
C SER N 208 11.65 27.50 1.96
N GLN N 209 11.86 28.32 3.00
CA GLN N 209 13.20 28.89 3.21
C GLN N 209 13.61 28.71 4.67
N PRO N 210 14.91 28.84 5.05
CA PRO N 210 15.31 28.77 6.46
C PRO N 210 14.50 29.73 7.34
N PHE N 211 14.15 30.91 6.82
CA PHE N 211 13.44 31.93 7.63
C PHE N 211 11.99 31.49 7.87
N MET N 212 11.40 30.76 6.91
CA MET N 212 9.98 30.36 7.05
C MET N 212 9.75 29.05 6.29
N ARG N 213 9.78 27.92 7.00
CA ARG N 213 9.48 26.64 6.39
C ARG N 213 8.02 26.60 5.98
N TRP N 214 7.72 25.73 5.01
CA TRP N 214 6.41 25.79 4.37
C TRP N 214 5.30 25.25 5.28
N ARG N 215 5.58 24.23 6.09
CA ARG N 215 4.51 23.66 6.91
C ARG N 215 4.13 24.58 8.06
N ASP N 216 5.10 25.27 8.65
CA ASP N 216 4.77 26.28 9.66
C ASP N 216 3.89 27.37 9.06
N ARG N 217 4.23 27.84 7.87
CA ARG N 217 3.43 28.86 7.21
C ARG N 217 2.03 28.34 6.91
N PHE N 218 1.91 27.10 6.45
CA PHE N 218 0.59 26.55 6.15
C PHE N 218 -0.26 26.50 7.41
N LEU N 219 0.30 26.06 8.53
CA LEU N 219 -0.46 25.97 9.78
C LEU N 219 -0.89 27.35 10.28
N PHE N 220 0.04 28.30 10.31
CA PHE N 220 -0.31 29.62 10.82
C PHE N 220 -1.31 30.33 9.91
N VAL N 221 -1.17 30.16 8.59
CA VAL N 221 -2.11 30.74 7.65
C VAL N 221 -3.48 30.08 7.80
N ALA N 222 -3.52 28.79 8.07
CA ALA N 222 -4.81 28.13 8.31
C ALA N 222 -5.49 28.69 9.54
N GLU N 223 -4.73 28.88 10.62
CA GLU N 223 -5.31 29.49 11.82
C GLU N 223 -5.83 30.90 11.52
N ALA N 224 -5.05 31.68 10.77
CA ALA N 224 -5.48 33.04 10.44
C ALA N 224 -6.73 33.04 9.57
N ILE N 225 -6.79 32.15 8.58
CA ILE N 225 -7.95 32.06 7.71
C ILE N 225 -9.19 31.72 8.52
N TYR N 226 -9.07 30.76 9.43
CA TYR N 226 -10.24 30.36 10.21
C TYR N 226 -10.66 31.45 11.20
N LYS N 227 -9.70 32.16 11.79
CA LYS N 227 -10.05 33.27 12.67
C LYS N 227 -10.79 34.36 11.90
N SER N 228 -10.29 34.72 10.72
CA SER N 228 -10.94 35.76 9.94
C SER N 228 -12.32 35.33 9.47
N GLN N 229 -12.47 34.05 9.11
CA GLN N 229 -13.78 33.54 8.74
C GLN N 229 -14.76 33.65 9.89
N ALA N 230 -14.35 33.23 11.09
CA ALA N 230 -15.24 33.30 12.24
C ALA N 230 -15.60 34.74 12.56
N GLU N 231 -14.64 35.66 12.42
CA GLU N 231 -14.90 37.04 12.78
C GLU N 231 -15.85 37.71 11.80
N THR N 232 -15.60 37.56 10.50
CA THR N 232 -16.40 38.29 9.51
C THR N 232 -17.64 37.52 9.06
N GLY N 233 -17.62 36.20 9.13
CA GLY N 233 -18.73 35.41 8.64
C GLY N 233 -18.70 35.13 7.15
N GLU N 234 -17.71 35.63 6.44
CA GLU N 234 -17.54 35.36 5.02
C GLU N 234 -16.44 34.32 4.82
N ILE N 235 -16.56 33.55 3.75
CA ILE N 235 -15.55 32.54 3.43
C ILE N 235 -14.28 33.25 2.97
N LYS N 236 -13.17 32.86 3.59
CA LYS N 236 -11.88 33.52 3.27
C LYS N 236 -10.92 32.48 2.68
N GLY N 237 -9.78 32.93 2.19
CA GLY N 237 -8.80 32.05 1.59
C GLY N 237 -7.45 32.72 1.46
N HIS N 238 -6.43 31.90 1.26
CA HIS N 238 -5.06 32.37 1.06
C HIS N 238 -4.38 31.49 0.03
N TYR N 239 -3.80 32.12 -1.00
CA TYR N 239 -3.10 31.35 -2.07
C TYR N 239 -1.81 30.76 -1.50
N LEU N 240 -1.89 29.52 -0.99
CA LEU N 240 -0.69 28.85 -0.41
C LEU N 240 0.21 28.37 -1.54
N ASN N 241 1.49 28.76 -1.53
CA ASN N 241 2.40 28.41 -2.65
C ASN N 241 2.82 26.94 -2.55
N ALA N 242 2.40 26.12 -3.52
CA ALA N 242 2.80 24.73 -3.55
C ALA N 242 4.01 24.49 -4.45
N THR N 243 4.52 25.53 -5.10
CA THR N 243 5.63 25.38 -6.03
C THR N 243 6.86 24.83 -5.32
N ALA N 244 7.41 23.75 -5.85
CA ALA N 244 8.46 23.02 -5.14
C ALA N 244 9.46 22.48 -6.14
N ALA N 245 10.52 21.86 -5.61
CA ALA N 245 11.60 21.31 -6.47
C ALA N 245 11.12 20.05 -7.20
N THR N 246 10.47 19.13 -6.49
CA THR N 246 10.05 17.84 -7.11
C THR N 246 8.52 17.74 -7.09
N ALA N 247 7.96 17.02 -8.06
CA ALA N 247 6.49 16.87 -8.13
C ALA N 247 6.01 16.23 -6.82
N GLU N 248 6.81 15.33 -6.25
CA GLU N 248 6.42 14.69 -5.00
C GLU N 248 6.25 15.71 -3.88
N GLU N 249 7.21 16.63 -3.76
CA GLU N 249 7.12 17.67 -2.74
C GLU N 249 5.93 18.59 -2.99
N MET N 250 5.67 18.94 -4.24
CA MET N 250 4.53 19.79 -4.58
C MET N 250 3.21 19.12 -4.22
N LEU N 251 3.09 17.82 -4.54
CA LEU N 251 1.89 17.09 -4.16
C LEU N 251 1.77 16.94 -2.65
N LYS N 252 2.89 16.83 -1.94
CA LYS N 252 2.84 16.79 -0.48
C LYS N 252 2.32 18.10 0.09
N ARG N 253 2.74 19.23 -0.45
CA ARG N 253 2.24 20.52 0.01
C ARG N 253 0.75 20.68 -0.31
N ALA N 254 0.34 20.25 -1.50
CA ALA N 254 -1.09 20.25 -1.83
C ALA N 254 -1.87 19.37 -0.87
N GLU N 255 -1.29 18.22 -0.50
CA GLU N 255 -1.93 17.30 0.43
C GLU N 255 -2.09 17.93 1.80
N CYS N 256 -1.06 18.65 2.26
CA CYS N 256 -1.18 19.36 3.53
C CYS N 256 -2.29 20.41 3.48
N ALA N 257 -2.37 21.16 2.38
CA ALA N 257 -3.44 22.13 2.24
C ALA N 257 -4.81 21.46 2.27
N LYS N 258 -4.92 20.30 1.60
CA LYS N 258 -6.17 19.55 1.63
C LYS N 258 -6.51 19.07 3.03
N ASP N 259 -5.49 18.65 3.79
CA ASP N 259 -5.71 18.13 5.17
C ASP N 259 -6.10 19.27 6.13
N LEU N 260 -5.64 20.49 5.87
CA LEU N 260 -6.06 21.62 6.68
C LEU N 260 -7.47 22.11 6.34
N GLY N 261 -8.03 21.71 5.21
CA GLY N 261 -9.34 22.18 4.81
C GLY N 261 -9.37 23.56 4.21
N VAL N 262 -8.21 24.16 3.95
CA VAL N 262 -8.11 25.50 3.39
C VAL N 262 -8.59 25.47 1.94
N PRO N 263 -9.06 26.58 1.39
CA PRO N 263 -9.70 26.53 0.08
C PRO N 263 -8.80 26.46 -1.15
N ILE N 264 -7.64 27.10 -1.16
CA ILE N 264 -6.94 27.39 -2.41
C ILE N 264 -5.42 27.31 -2.23
N ILE N 265 -4.73 26.92 -3.30
CA ILE N 265 -3.28 26.91 -3.37
C ILE N 265 -2.83 27.68 -4.62
N MET N 266 -1.52 27.81 -4.78
CA MET N 266 -0.91 28.60 -5.83
C MET N 266 0.20 27.79 -6.50
N HIS N 267 0.47 28.11 -7.77
CA HIS N 267 1.54 27.44 -8.51
C HIS N 267 2.15 28.40 -9.52
N ASP N 268 3.45 28.23 -9.76
CA ASP N 268 4.19 28.97 -10.78
C ASP N 268 4.37 28.04 -11.98
N TYR N 269 3.50 28.17 -12.97
CA TYR N 269 3.48 27.16 -14.04
C TYR N 269 4.60 27.34 -15.05
N LEU N 270 5.05 28.57 -15.27
CA LEU N 270 6.10 28.79 -16.32
C LEU N 270 7.48 28.43 -15.76
N THR N 271 7.62 28.35 -14.44
CA THR N 271 8.91 27.96 -13.82
C THR N 271 8.84 26.51 -13.35
N GLY N 272 7.69 26.11 -12.78
CA GLY N 272 7.51 24.70 -12.37
C GLY N 272 7.38 23.78 -13.56
N GLY N 273 6.71 24.24 -14.62
CA GLY N 273 6.56 23.44 -15.85
C GLY N 273 5.13 22.99 -16.06
N PHE N 274 4.76 22.74 -17.32
CA PHE N 274 3.37 22.31 -17.65
C PHE N 274 3.10 20.93 -17.05
N THR N 275 4.11 20.04 -17.06
CA THR N 275 3.94 18.68 -16.52
C THR N 275 3.58 18.75 -15.04
N ALA N 276 4.30 19.57 -14.27
CA ALA N 276 4.00 19.75 -12.83
C ALA N 276 2.63 20.41 -12.67
N ASN N 277 2.33 21.42 -13.49
CA ASN N 277 1.03 22.14 -13.39
C ASN N 277 -0.10 21.15 -13.65
N THR N 278 -0.01 20.34 -14.71
CA THR N 278 -1.09 19.43 -15.04
C THR N 278 -1.31 18.43 -13.92
N SER N 279 -0.24 17.94 -13.29
CA SER N 279 -0.40 17.07 -12.14
C SER N 279 -1.14 17.78 -11.01
N LEU N 280 -0.76 19.03 -10.73
CA LEU N 280 -1.41 19.77 -9.66
C LEU N 280 -2.88 20.04 -9.97
N ALA N 281 -3.19 20.35 -11.23
CA ALA N 281 -4.57 20.61 -11.60
C ALA N 281 -5.42 19.35 -11.50
N HIS N 282 -4.88 18.21 -11.91
CA HIS N 282 -5.61 16.96 -11.73
C HIS N 282 -5.84 16.67 -10.25
N TYR N 283 -4.83 16.89 -9.42
CA TYR N 283 -4.99 16.70 -7.98
C TYR N 283 -6.06 17.62 -7.41
N CYS N 284 -6.05 18.88 -7.82
CA CYS N 284 -7.01 19.85 -7.30
C CYS N 284 -8.43 19.50 -7.71
N ARG N 285 -8.62 19.02 -8.94
CA ARG N 285 -9.93 18.54 -9.35
C ARG N 285 -10.35 17.33 -8.51
N ASP N 286 -9.41 16.41 -8.25
CA ASP N 286 -9.74 15.22 -7.48
C ASP N 286 -10.12 15.55 -6.04
N ASN N 287 -9.50 16.56 -5.44
CA ASN N 287 -9.66 16.79 -4.01
C ASN N 287 -10.42 18.07 -3.69
N GLY N 288 -11.00 18.72 -4.69
CA GLY N 288 -11.79 19.91 -4.47
C GLY N 288 -11.02 21.12 -3.97
N LEU N 289 -9.87 21.40 -4.55
CA LEU N 289 -9.07 22.58 -4.21
C LEU N 289 -9.05 23.55 -5.38
N LEU N 290 -9.08 24.84 -5.04
CA LEU N 290 -8.95 25.88 -6.08
C LEU N 290 -7.45 26.02 -6.39
N LEU N 291 -7.10 26.52 -7.56
CA LEU N 291 -5.72 26.63 -8.01
C LEU N 291 -5.47 28.00 -8.63
N HIS N 292 -4.68 28.82 -7.95
CA HIS N 292 -4.26 30.11 -8.49
C HIS N 292 -2.92 29.95 -9.19
N ILE N 293 -2.79 30.55 -10.37
CA ILE N 293 -1.61 30.39 -11.20
C ILE N 293 -0.92 31.73 -11.33
N HIS N 294 0.37 31.75 -11.02
CA HIS N 294 1.20 32.93 -11.18
C HIS N 294 2.15 32.72 -12.34
N ARG N 295 2.29 33.76 -13.17
CA ARG N 295 3.07 33.67 -14.39
C ARG N 295 4.48 34.24 -14.19
N ALA N 296 5.24 33.58 -13.33
CA ALA N 296 6.63 33.97 -13.14
C ALA N 296 7.45 33.66 -14.39
N MET N 297 8.39 34.56 -14.72
CA MET N 297 9.30 34.34 -15.89
C MET N 297 8.55 34.50 -17.22
N HIS N 298 7.38 35.14 -17.20
CA HIS N 298 6.58 35.29 -18.46
C HIS N 298 7.23 36.31 -19.38
N ALA N 299 7.70 37.44 -18.82
CA ALA N 299 8.28 38.52 -19.65
C ALA N 299 9.51 38.04 -20.40
N VAL N 300 10.16 36.99 -19.88
CA VAL N 300 11.35 36.42 -20.60
C VAL N 300 10.88 35.86 -21.94
N ILE N 301 9.58 35.58 -22.11
CA ILE N 301 9.09 34.95 -23.36
C ILE N 301 8.06 35.84 -24.09
N ASP N 302 7.32 36.68 -23.36
CA ASP N 302 6.22 37.43 -24.01
C ASP N 302 6.42 38.95 -23.99
N ARG N 303 7.65 39.45 -23.82
CA ARG N 303 7.80 40.92 -23.70
C ARG N 303 8.13 41.53 -25.06
N GLN N 304 9.15 41.02 -25.76
CA GLN N 304 9.56 41.62 -27.02
C GLN N 304 8.55 41.34 -28.11
N ARG N 305 8.22 42.39 -28.87
CA ARG N 305 7.22 42.29 -29.93
C ARG N 305 7.68 41.43 -31.10
N ASN N 306 8.99 41.34 -31.34
CA ASN N 306 9.49 40.63 -32.55
C ASN N 306 9.79 39.16 -32.28
N HIS N 307 10.15 38.82 -31.05
CA HIS N 307 10.56 37.46 -30.74
C HIS N 307 9.79 36.94 -29.54
N GLY N 308 9.50 35.63 -29.55
CA GLY N 308 8.89 34.99 -28.40
C GLY N 308 7.50 34.44 -28.64
N ILE N 309 6.77 34.19 -27.56
CA ILE N 309 5.40 33.69 -27.62
C ILE N 309 4.51 34.70 -26.92
N HIS N 310 3.45 35.14 -27.60
CA HIS N 310 2.55 36.12 -27.02
C HIS N 310 1.84 35.53 -25.81
N PHE N 311 1.59 36.38 -24.80
CA PHE N 311 0.96 35.88 -23.54
C PHE N 311 -0.35 35.15 -23.82
N ARG N 312 -1.08 35.54 -24.87
CA ARG N 312 -2.40 34.91 -25.12
C ARG N 312 -2.22 33.40 -25.34
N VAL N 313 -1.14 33.00 -26.00
CA VAL N 313 -0.86 31.55 -26.23
C VAL N 313 -0.56 30.89 -24.88
N LEU N 314 0.21 31.58 -24.04
CA LEU N 314 0.54 31.05 -22.69
C LEU N 314 -0.75 30.96 -21.85
N ALA N 315 -1.65 31.93 -22.00
CA ALA N 315 -2.94 31.91 -21.28
C ALA N 315 -3.78 30.73 -21.75
N LYS N 316 -3.79 30.45 -23.05
CA LYS N 316 -4.57 29.30 -23.60
C LYS N 316 -3.92 27.99 -23.14
N ALA N 317 -2.59 27.93 -23.10
CA ALA N 317 -1.91 26.74 -22.59
C ALA N 317 -2.22 26.52 -21.12
N LEU N 318 -2.34 27.61 -20.36
CA LEU N 318 -2.67 27.50 -18.92
C LEU N 318 -4.11 26.99 -18.78
N ARG N 319 -5.04 27.56 -19.56
CA ARG N 319 -6.43 27.12 -19.46
C ARG N 319 -6.56 25.65 -19.84
N LEU N 320 -5.81 25.20 -20.83
CA LEU N 320 -5.82 23.78 -21.16
C LEU N 320 -5.23 22.94 -20.03
N SER N 321 -4.05 23.33 -19.55
CA SER N 321 -3.39 22.57 -18.50
C SER N 321 -4.19 22.60 -17.20
N GLY N 322 -4.75 23.74 -16.86
CA GLY N 322 -5.55 23.86 -15.66
C GLY N 322 -5.14 24.99 -14.73
N GLY N 323 -6.09 25.86 -14.41
CA GLY N 323 -5.89 26.89 -13.42
C GLY N 323 -7.16 27.70 -13.21
N ASP N 324 -7.56 27.89 -11.96
CA ASP N 324 -8.78 28.64 -11.69
C ASP N 324 -8.55 30.14 -11.81
N HIS N 325 -7.39 30.61 -11.36
CA HIS N 325 -6.99 32.00 -11.52
C HIS N 325 -5.69 32.04 -12.31
N LEU N 326 -5.49 33.15 -13.02
CA LEU N 326 -4.22 33.34 -13.76
C LEU N 326 -3.85 34.82 -13.73
N HIS N 327 -2.79 35.18 -13.01
CA HIS N 327 -2.31 36.55 -12.97
C HIS N 327 -2.12 37.04 -14.40
N SER N 328 -2.93 38.02 -14.81
CA SER N 328 -3.04 38.36 -16.22
C SER N 328 -2.60 39.77 -16.58
N GLY N 329 -2.31 40.62 -15.61
CA GLY N 329 -1.91 41.96 -15.94
C GLY N 329 -1.43 42.73 -14.73
N THR N 330 -0.72 43.84 -14.99
CA THR N 330 -0.24 44.71 -13.88
C THR N 330 -0.92 46.07 -14.02
N VAL N 331 -1.14 46.77 -12.89
CA VAL N 331 -1.89 48.06 -12.92
C VAL N 331 -0.97 49.20 -12.47
N VAL N 332 0.34 49.09 -12.71
CA VAL N 332 1.28 50.19 -12.37
C VAL N 332 0.70 51.49 -12.91
N GLY N 333 0.33 52.44 -12.04
CA GLY N 333 -0.30 53.65 -12.49
C GLY N 333 -1.70 53.35 -13.00
N LYS N 334 -1.78 52.63 -14.12
CA LYS N 334 -3.08 52.18 -14.68
C LYS N 334 -2.87 50.81 -15.31
N LEU N 335 -3.95 50.14 -15.75
CA LEU N 335 -3.75 48.84 -16.44
C LEU N 335 -2.77 49.06 -17.60
N GLU N 336 -1.64 48.37 -17.58
CA GLU N 336 -0.60 48.58 -18.63
C GLU N 336 -0.89 47.72 -19.85
N GLY N 337 -0.32 48.07 -21.01
CA GLY N 337 -0.54 47.29 -22.24
C GLY N 337 -1.76 47.77 -23.01
N GLU N 338 -1.80 47.53 -24.33
CA GLU N 338 -2.99 47.91 -25.14
C GLU N 338 -4.23 47.31 -24.50
N ARG N 339 -5.27 48.13 -24.28
CA ARG N 339 -6.53 47.64 -23.67
C ARG N 339 -7.12 46.53 -24.54
N GLU N 340 -7.18 46.72 -25.85
CA GLU N 340 -7.81 45.73 -26.75
C GLU N 340 -7.10 44.38 -26.62
N VAL N 341 -5.77 44.39 -26.59
CA VAL N 341 -4.98 43.13 -26.45
C VAL N 341 -5.36 42.48 -25.12
N THR N 342 -5.39 43.26 -24.04
CA THR N 342 -5.76 42.72 -22.71
C THR N 342 -7.17 42.13 -22.79
N LEU N 343 -8.12 42.91 -23.32
CA LEU N 343 -9.53 42.44 -23.43
C LEU N 343 -9.54 41.15 -24.25
N GLY N 344 -8.77 41.10 -25.33
CA GLY N 344 -8.73 39.90 -26.19
C GLY N 344 -8.34 38.66 -25.40
N PHE N 345 -7.22 38.71 -24.67
CA PHE N 345 -6.74 37.50 -23.97
C PHE N 345 -7.61 37.24 -22.73
N VAL N 346 -8.24 38.29 -22.19
CA VAL N 346 -9.17 38.09 -21.05
C VAL N 346 -10.40 37.34 -21.59
N ASP N 347 -10.92 37.77 -22.74
CA ASP N 347 -12.03 37.03 -23.34
C ASP N 347 -11.62 35.63 -23.74
N LEU N 348 -10.39 35.48 -24.25
CA LEU N 348 -9.91 34.16 -24.65
C LEU N 348 -9.81 33.23 -23.46
N MET N 349 -9.43 33.75 -22.30
CA MET N 349 -9.30 32.92 -21.10
C MET N 349 -10.58 32.83 -20.29
N ARG N 350 -11.62 33.59 -20.64
CA ARG N 350 -12.87 33.59 -19.89
C ARG N 350 -14.03 32.97 -20.64
N ASP N 351 -14.31 33.42 -21.86
CA ASP N 351 -15.51 33.05 -22.57
C ASP N 351 -15.42 31.63 -23.12
N ASP N 352 -16.56 31.12 -23.61
CA ASP N 352 -16.59 29.75 -24.18
C ASP N 352 -16.38 29.82 -25.70
N TYR N 353 -16.74 30.95 -26.32
CA TYR N 353 -16.63 31.05 -27.80
C TYR N 353 -16.13 32.44 -28.17
N ILE N 354 -14.90 32.53 -28.67
CA ILE N 354 -14.31 33.84 -29.03
C ILE N 354 -14.12 33.89 -30.55
N GLU N 355 -14.84 34.78 -31.23
CA GLU N 355 -14.75 34.90 -32.71
C GLU N 355 -13.44 35.62 -33.09
N LYS N 356 -12.94 35.37 -34.30
CA LYS N 356 -11.68 36.03 -34.77
C LYS N 356 -11.83 37.55 -34.71
N ASP N 357 -10.88 38.24 -34.09
CA ASP N 357 -10.91 39.73 -34.04
C ASP N 357 -9.47 40.24 -34.08
N ARG N 358 -8.97 40.62 -35.26
CA ARG N 358 -7.55 41.04 -35.38
C ARG N 358 -7.31 42.34 -34.63
N SER N 359 -8.35 43.13 -34.42
CA SER N 359 -8.20 44.40 -33.65
C SER N 359 -7.74 44.08 -32.21
N ARG N 360 -8.25 42.99 -31.64
CA ARG N 360 -7.90 42.63 -30.23
C ARG N 360 -6.83 41.53 -30.22
N GLY N 361 -6.35 41.12 -31.39
CA GLY N 361 -5.25 40.13 -31.46
C GLY N 361 -5.75 38.70 -31.55
N ILE N 362 -7.05 38.51 -31.77
CA ILE N 362 -7.60 37.15 -31.96
C ILE N 362 -7.41 36.76 -33.43
N TYR N 363 -6.45 35.88 -33.72
CA TYR N 363 -6.16 35.50 -35.13
C TYR N 363 -7.06 34.35 -35.56
N PHE N 364 -7.72 33.69 -34.61
CA PHE N 364 -8.56 32.51 -34.94
C PHE N 364 -9.79 32.43 -34.04
N THR N 365 -10.90 31.90 -34.55
CA THR N 365 -12.06 31.65 -33.71
C THR N 365 -11.75 30.48 -32.79
N GLN N 366 -11.96 30.68 -31.49
CA GLN N 366 -11.62 29.68 -30.48
C GLN N 366 -12.90 29.16 -29.84
N ASP N 367 -13.22 27.90 -30.10
CA ASP N 367 -14.31 27.21 -29.44
C ASP N 367 -13.73 26.39 -28.29
N TRP N 368 -14.25 26.61 -27.09
CA TRP N 368 -13.74 25.95 -25.89
C TRP N 368 -14.57 24.75 -25.49
N VAL N 369 -15.63 24.43 -26.24
CA VAL N 369 -16.57 23.34 -25.99
C VAL N 369 -16.75 23.07 -24.49
N SER N 370 -17.21 24.08 -23.76
CA SER N 370 -17.63 23.98 -22.38
C SER N 370 -16.51 23.69 -21.41
N LEU N 371 -15.26 23.97 -21.80
CA LEU N 371 -14.17 23.92 -20.85
C LEU N 371 -14.33 25.05 -19.83
N PRO N 372 -14.08 24.79 -18.55
CA PRO N 372 -14.24 25.85 -17.54
C PRO N 372 -13.33 27.03 -17.82
N GLY N 373 -13.86 28.23 -17.59
CA GLY N 373 -13.07 29.43 -17.80
C GLY N 373 -12.12 29.71 -16.66
N THR N 374 -11.11 30.53 -16.95
CA THR N 374 -10.11 30.94 -15.98
C THR N 374 -10.35 32.38 -15.59
N MET N 375 -10.27 32.67 -14.30
CA MET N 375 -10.53 34.02 -13.81
C MET N 375 -9.25 34.85 -13.93
N PRO N 376 -9.26 35.95 -14.67
CA PRO N 376 -8.07 36.80 -14.74
C PRO N 376 -7.84 37.55 -13.44
N VAL N 377 -6.57 37.65 -13.06
CA VAL N 377 -6.19 38.37 -11.81
C VAL N 377 -5.30 39.56 -12.17
N ALA N 378 -5.81 40.79 -12.00
CA ALA N 378 -5.04 42.00 -12.26
C ALA N 378 -4.41 42.46 -10.95
N SER N 379 -3.06 42.50 -10.94
CA SER N 379 -2.35 42.84 -9.68
C SER N 379 -1.56 44.13 -9.83
N GLY N 380 -0.85 44.53 -8.78
CA GLY N 380 -0.02 45.75 -8.85
C GLY N 380 -0.51 46.85 -7.94
N GLY N 381 -0.26 48.10 -8.31
CA GLY N 381 -0.66 49.24 -7.52
C GLY N 381 -2.09 49.68 -7.75
N ILE N 382 -3.04 48.90 -7.23
CA ILE N 382 -4.48 49.24 -7.40
C ILE N 382 -4.85 50.30 -6.36
N HIS N 383 -4.73 51.58 -6.71
CA HIS N 383 -5.10 52.63 -5.79
C HIS N 383 -6.62 52.79 -5.76
N VAL N 384 -7.12 53.41 -4.68
CA VAL N 384 -8.55 53.44 -4.44
C VAL N 384 -9.28 54.17 -5.56
N TRP N 385 -8.76 55.33 -5.97
CA TRP N 385 -9.41 56.08 -7.04
C TRP N 385 -9.24 55.45 -8.42
N HIS N 386 -8.43 54.40 -8.55
CA HIS N 386 -8.29 53.70 -9.81
C HIS N 386 -9.20 52.48 -9.89
N MET N 387 -9.92 52.16 -8.83
CA MET N 387 -10.86 51.04 -8.87
C MET N 387 -11.96 51.17 -9.92
N PRO N 388 -12.58 52.34 -10.14
CA PRO N 388 -13.64 52.39 -11.18
C PRO N 388 -13.17 51.99 -12.56
N ALA N 389 -11.95 52.39 -12.94
CA ALA N 389 -11.44 52.05 -14.26
C ALA N 389 -11.31 50.54 -14.43
N LEU N 390 -10.73 49.87 -13.43
CA LEU N 390 -10.54 48.43 -13.54
C LEU N 390 -11.86 47.68 -13.44
N VAL N 391 -12.80 48.18 -12.64
CA VAL N 391 -14.12 47.55 -12.59
C VAL N 391 -14.81 47.66 -13.93
N GLU N 392 -14.69 48.81 -14.59
CA GLU N 392 -15.27 48.96 -15.92
C GLU N 392 -14.59 48.04 -16.94
N ILE N 393 -13.26 47.96 -16.89
CA ILE N 393 -12.51 47.17 -17.92
C ILE N 393 -12.73 45.66 -17.72
N PHE N 394 -12.73 45.18 -16.48
CA PHE N 394 -12.78 43.74 -16.24
C PHE N 394 -14.17 43.23 -15.95
N GLY N 395 -14.99 44.02 -15.25
CA GLY N 395 -16.31 43.55 -14.86
C GLY N 395 -16.30 42.83 -13.52
N ASP N 396 -17.19 41.86 -13.36
CA ASP N 396 -17.27 41.14 -12.10
C ASP N 396 -16.40 39.89 -12.06
N ASP N 397 -16.11 39.29 -13.21
CA ASP N 397 -15.39 38.02 -13.25
C ASP N 397 -13.88 38.25 -13.31
N ALA N 398 -13.36 38.87 -12.25
CA ALA N 398 -11.93 39.09 -12.14
C ALA N 398 -11.58 39.31 -10.68
N CYS N 399 -10.31 39.08 -10.36
CA CYS N 399 -9.76 39.35 -9.04
C CYS N 399 -8.77 40.49 -9.14
N LEU N 400 -9.04 41.54 -8.35
CA LEU N 400 -8.13 42.70 -8.27
C LEU N 400 -7.17 42.42 -7.12
N GLN N 401 -5.87 42.46 -7.38
CA GLN N 401 -4.87 42.09 -6.40
C GLN N 401 -4.06 43.32 -5.98
N PHE N 402 -3.96 43.54 -4.67
CA PHE N 402 -3.15 44.63 -4.13
C PHE N 402 -1.76 44.08 -3.80
N GLY N 403 -1.01 43.78 -4.86
CA GLY N 403 0.32 43.22 -4.73
C GLY N 403 1.31 44.15 -4.08
N GLY N 404 0.97 45.44 -3.97
CA GLY N 404 1.79 46.36 -3.21
C GLY N 404 1.73 46.14 -1.71
N GLY N 405 0.86 45.23 -1.24
CA GLY N 405 0.74 45.00 0.18
C GLY N 405 -0.06 46.04 0.92
N THR N 406 -0.71 46.94 0.15
CA THR N 406 -1.48 48.06 0.74
C THR N 406 -0.58 48.84 1.70
N LEU N 407 -0.92 48.84 3.00
CA LEU N 407 -0.10 49.53 4.04
C LEU N 407 -0.11 51.05 3.86
N GLY N 408 -0.68 51.56 2.77
CA GLY N 408 -0.76 52.99 2.59
C GLY N 408 -1.81 53.66 3.43
N HIS N 409 -2.68 52.85 4.04
CA HIS N 409 -3.75 53.40 4.92
C HIS N 409 -3.13 53.72 6.29
N PRO N 410 -3.19 54.97 6.77
CA PRO N 410 -2.53 55.35 8.04
C PRO N 410 -3.04 54.57 9.25
N TRP N 411 -4.25 54.00 9.17
CA TRP N 411 -4.81 53.34 10.35
C TRP N 411 -4.27 51.93 10.53
N GLY N 412 -4.19 51.15 9.46
CA GLY N 412 -3.67 49.81 9.57
C GLY N 412 -4.02 48.99 8.33
N ASN N 413 -3.67 47.70 8.42
CA ASN N 413 -3.96 46.78 7.32
C ASN N 413 -5.45 46.52 7.19
N ALA N 414 -6.11 46.21 8.31
CA ALA N 414 -7.56 45.88 8.30
C ALA N 414 -8.40 47.05 7.76
N PRO N 415 -8.30 48.31 8.27
CA PRO N 415 -9.07 49.42 7.71
C PRO N 415 -8.74 49.68 6.23
N GLY N 416 -7.49 49.49 5.83
CA GLY N 416 -7.12 49.65 4.41
C GLY N 416 -7.85 48.63 3.56
N ALA N 417 -7.93 47.38 4.03
CA ALA N 417 -8.68 46.34 3.31
C ALA N 417 -10.15 46.75 3.23
N ALA N 418 -10.71 47.25 4.33
CA ALA N 418 -12.12 47.68 4.38
C ALA N 418 -12.35 48.80 3.35
N ALA N 419 -11.46 49.81 3.35
CA ALA N 419 -11.58 50.92 2.40
C ALA N 419 -11.65 50.36 0.98
N ASN N 420 -10.72 49.46 0.65
CA ASN N 420 -10.70 48.84 -0.70
C ASN N 420 -12.04 48.14 -0.95
N ARG N 421 -12.50 47.33 0.01
CA ARG N 421 -13.75 46.62 -0.19
C ARG N 421 -14.93 47.59 -0.37
N VAL N 422 -14.95 48.66 0.42
CA VAL N 422 -16.00 49.66 0.29
C VAL N 422 -15.96 50.32 -1.07
N ALA N 423 -14.75 50.66 -1.54
CA ALA N 423 -14.62 51.28 -2.85
C ALA N 423 -15.09 50.36 -3.96
N LEU N 424 -14.69 49.08 -3.90
CA LEU N 424 -15.09 48.15 -4.93
C LEU N 424 -16.61 47.96 -4.93
N GLU N 425 -17.21 47.82 -3.75
CA GLU N 425 -18.66 47.63 -3.70
C GLU N 425 -19.40 48.86 -4.17
N ALA N 426 -18.90 50.06 -3.83
CA ALA N 426 -19.54 51.28 -4.29
C ALA N 426 -19.46 51.42 -5.80
N CYS N 427 -18.30 51.09 -6.39
CA CYS N 427 -18.16 51.14 -7.84
C CYS N 427 -19.09 50.14 -8.51
N THR N 428 -19.18 48.92 -7.96
CA THR N 428 -20.07 47.93 -8.53
C THR N 428 -21.52 48.37 -8.46
N GLN N 429 -21.93 48.94 -7.32
CA GLN N 429 -23.30 49.41 -7.18
C GLN N 429 -23.60 50.53 -8.17
N ALA N 430 -22.65 51.46 -8.35
CA ALA N 430 -22.84 52.54 -9.31
C ALA N 430 -22.95 51.99 -10.73
N ARG N 431 -22.11 51.02 -11.08
CA ARG N 431 -22.19 50.44 -12.42
C ARG N 431 -23.51 49.73 -12.64
N ASN N 432 -24.02 49.05 -11.61
CA ASN N 432 -25.30 48.36 -11.75
C ASN N 432 -26.47 49.33 -11.92
N GLU N 433 -26.32 50.58 -11.46
CA GLU N 433 -27.39 51.56 -11.58
C GLU N 433 -27.45 52.22 -12.95
N GLY N 434 -26.49 51.93 -13.83
CA GLY N 434 -26.44 52.56 -15.13
C GLY N 434 -25.46 53.70 -15.24
N ARG N 435 -24.65 53.93 -14.21
CA ARG N 435 -23.65 54.99 -14.25
C ARG N 435 -22.51 54.62 -15.21
N ASP N 436 -21.87 55.65 -15.77
CA ASP N 436 -20.71 55.48 -16.62
C ASP N 436 -19.46 55.65 -15.76
N LEU N 437 -18.82 54.52 -15.42
CA LEU N 437 -17.73 54.56 -14.45
C LEU N 437 -16.55 55.39 -14.96
N ALA N 438 -16.23 55.27 -16.25
CA ALA N 438 -15.10 56.00 -16.80
C ALA N 438 -15.28 57.52 -16.70
N ARG N 439 -16.51 57.99 -16.51
CA ARG N 439 -16.78 59.42 -16.38
C ARG N 439 -17.15 59.86 -14.97
N GLU N 440 -17.66 58.95 -14.13
CA GLU N 440 -18.12 59.33 -12.80
C GLU N 440 -17.42 58.55 -11.70
N GLY N 441 -16.24 57.99 -11.98
CA GLY N 441 -15.53 57.23 -10.96
C GLY N 441 -15.15 58.06 -9.76
N GLY N 442 -14.65 59.27 -10.00
CA GLY N 442 -14.31 60.16 -8.89
C GLY N 442 -15.52 60.55 -8.07
N ASP N 443 -16.64 60.84 -8.73
CA ASP N 443 -17.86 61.18 -8.01
C ASP N 443 -18.33 60.01 -7.14
N VAL N 444 -18.28 58.79 -7.69
CA VAL N 444 -18.70 57.62 -6.93
C VAL N 444 -17.78 57.39 -5.74
N ILE N 445 -16.47 57.55 -5.96
CA ILE N 445 -15.51 57.37 -4.87
C ILE N 445 -15.75 58.39 -3.77
N ARG N 446 -15.96 59.64 -4.15
CA ARG N 446 -16.21 60.72 -3.16
C ARG N 446 -17.50 60.40 -2.39
N ALA N 447 -18.56 60.02 -3.10
CA ALA N 447 -19.83 59.76 -2.44
C ALA N 447 -19.71 58.61 -1.46
N ALA N 448 -18.94 57.58 -1.82
CA ALA N 448 -18.71 56.46 -0.89
C ALA N 448 -17.88 56.96 0.31
N CYS N 449 -16.91 57.83 0.05
CA CYS N 449 -16.05 58.34 1.11
C CYS N 449 -16.83 59.21 2.08
N LYS N 450 -17.92 59.82 1.62
CA LYS N 450 -18.71 60.74 2.47
C LYS N 450 -19.24 59.98 3.70
N TRP N 451 -19.47 58.67 3.58
CA TRP N 451 -20.08 57.90 4.70
C TRP N 451 -19.09 56.86 5.25
N SER N 452 -17.93 56.67 4.62
CA SER N 452 -17.00 55.65 5.06
C SER N 452 -15.79 56.31 5.72
N PRO N 453 -15.68 56.27 7.05
CA PRO N 453 -14.47 56.80 7.70
C PRO N 453 -13.21 56.09 7.25
N GLU N 454 -13.27 54.78 7.00
CA GLU N 454 -12.10 54.05 6.57
C GLU N 454 -11.64 54.51 5.19
N LEU N 455 -12.59 54.72 4.27
CA LEU N 455 -12.25 55.23 2.95
C LEU N 455 -11.82 56.69 2.99
N ALA N 456 -12.28 57.45 3.99
CA ALA N 456 -11.86 58.83 4.12
C ALA N 456 -10.36 58.95 4.37
N ALA N 457 -9.84 58.08 5.25
CA ALA N 457 -8.40 58.06 5.48
C ALA N 457 -7.63 57.44 4.33
N ALA N 458 -8.33 56.75 3.43
CA ALA N 458 -7.67 56.12 2.26
C ALA N 458 -7.69 57.08 1.07
N CYS N 459 -8.79 57.82 0.89
CA CYS N 459 -8.94 58.73 -0.23
C CYS N 459 -8.00 59.92 -0.14
N GLU N 460 -7.45 60.20 1.04
CA GLU N 460 -6.49 61.29 1.19
C GLU N 460 -5.10 60.84 0.79
N GLN O 45 -7.82 54.67 13.58
CA GLN O 45 -9.01 53.91 14.09
C GLN O 45 -8.75 52.42 13.94
N VAL O 46 -9.51 51.58 14.66
CA VAL O 46 -9.25 50.12 14.63
C VAL O 46 -10.52 49.38 14.17
N TRP O 47 -10.42 48.59 13.10
CA TRP O 47 -11.58 47.77 12.65
C TRP O 47 -12.06 46.92 13.84
N THR O 48 -13.34 47.05 14.21
CA THR O 48 -13.84 46.33 15.40
C THR O 48 -14.02 44.84 15.09
N PRO O 49 -13.50 43.90 15.91
CA PRO O 49 -13.72 42.47 15.68
C PRO O 49 -14.93 41.97 16.49
N LEU O 50 -15.68 42.88 17.10
CA LEU O 50 -16.82 42.48 17.96
C LEU O 50 -18.15 42.79 17.25
N ASN O 51 -19.00 41.78 17.09
CA ASN O 51 -20.34 41.98 16.46
C ASN O 51 -20.17 42.76 15.14
N ASN O 52 -19.26 42.30 14.27
CA ASN O 52 -19.07 42.97 12.96
C ASN O 52 -19.18 41.90 11.86
N LYS O 53 -20.36 41.26 11.75
CA LYS O 53 -20.56 40.21 10.71
C LYS O 53 -20.92 40.86 9.38
N PHE O 54 -20.62 40.19 8.26
CA PHE O 54 -20.93 40.73 6.95
C PHE O 54 -21.50 39.64 6.07
N PHE O 55 -22.23 40.05 5.03
CA PHE O 55 -22.93 39.06 4.17
C PHE O 55 -22.56 39.25 2.69
N GLU O 56 -21.27 39.20 2.37
CA GLU O 56 -20.80 39.24 0.96
C GLU O 56 -21.17 40.53 0.22
N THR O 57 -21.78 40.43 -0.96
CA THR O 57 -22.01 41.61 -1.84
C THR O 57 -22.81 42.74 -1.19
N PHE O 58 -22.36 43.99 -1.38
CA PHE O 58 -23.05 45.20 -0.92
C PHE O 58 -23.25 45.23 0.58
N SER O 59 -22.61 44.32 1.33
CA SER O 59 -22.75 44.30 2.78
C SER O 59 -21.92 45.39 3.46
N TYR O 60 -20.92 45.94 2.77
CA TYR O 60 -20.07 46.98 3.32
C TYR O 60 -20.56 48.38 2.98
N LEU O 61 -21.63 48.50 2.23
CA LEU O 61 -22.30 49.78 2.01
C LEU O 61 -23.33 50.02 3.10
N PRO O 62 -23.80 51.27 3.33
CA PRO O 62 -24.89 51.49 4.29
C PRO O 62 -26.14 50.72 3.87
N PRO O 63 -27.06 50.38 4.80
CA PRO O 63 -28.26 49.60 4.46
C PRO O 63 -28.97 50.22 3.25
N MET O 64 -29.31 49.42 2.25
CA MET O 64 -29.90 49.97 1.01
C MET O 64 -31.37 50.36 1.24
N THR O 65 -31.81 51.48 0.67
CA THR O 65 -33.19 51.91 0.80
C THR O 65 -34.05 51.17 -0.22
N ASP O 66 -35.35 51.46 -0.20
CA ASP O 66 -36.26 50.81 -1.13
C ASP O 66 -35.94 51.16 -2.58
N ALA O 67 -35.60 52.43 -2.83
CA ALA O 67 -35.24 52.83 -4.19
C ALA O 67 -33.96 52.14 -4.66
N GLU O 68 -32.97 52.00 -3.77
CA GLU O 68 -31.73 51.34 -4.17
C GLU O 68 -31.93 49.86 -4.45
N ILE O 69 -32.73 49.21 -3.59
CA ILE O 69 -33.05 47.77 -3.83
C ILE O 69 -33.77 47.69 -5.18
N SER O 70 -34.74 48.58 -5.41
CA SER O 70 -35.48 48.56 -6.66
C SER O 70 -34.57 48.71 -7.86
N ARG O 71 -33.59 49.62 -7.78
CA ARG O 71 -32.66 49.81 -8.89
C ARG O 71 -31.80 48.57 -9.10
N GLN O 72 -31.37 47.93 -8.02
CA GLN O 72 -30.59 46.69 -8.17
C GLN O 72 -31.42 45.59 -8.80
N VAL O 73 -32.68 45.45 -8.40
CA VAL O 73 -33.55 44.44 -8.99
C VAL O 73 -33.82 44.76 -10.46
N ASP O 74 -33.98 46.03 -10.79
CA ASP O 74 -34.13 46.42 -12.19
C ASP O 74 -32.89 46.10 -12.99
N TYR O 75 -31.71 46.25 -12.41
CA TYR O 75 -30.49 45.85 -13.10
C TYR O 75 -30.47 44.35 -13.34
N ILE O 76 -30.89 43.56 -12.35
CA ILE O 76 -30.95 42.11 -12.53
C ILE O 76 -31.92 41.75 -13.64
N VAL O 77 -33.10 42.38 -13.65
CA VAL O 77 -34.12 42.08 -14.64
C VAL O 77 -33.66 42.50 -16.03
N SER O 78 -32.97 43.64 -16.11
CA SER O 78 -32.52 44.17 -17.42
C SER O 78 -31.60 43.16 -18.11
N ASN O 79 -30.70 42.52 -17.35
CA ASN O 79 -29.77 41.57 -17.93
C ASN O 79 -30.47 40.31 -18.43
N GLY O 80 -31.74 40.13 -18.13
CA GLY O 80 -32.45 38.92 -18.50
C GLY O 80 -32.50 37.88 -17.40
N TRP O 81 -32.14 38.23 -16.17
CA TRP O 81 -32.03 37.29 -15.08
C TRP O 81 -33.28 37.33 -14.20
N THR O 82 -33.46 36.28 -13.41
CA THR O 82 -34.62 36.14 -12.55
C THR O 82 -34.25 36.48 -11.12
N PRO O 83 -34.93 37.44 -10.47
CA PRO O 83 -34.66 37.71 -9.06
C PRO O 83 -35.56 36.89 -8.14
N CYS O 84 -34.99 36.46 -7.02
CA CYS O 84 -35.72 35.74 -5.98
C CYS O 84 -35.21 36.21 -4.63
N LEU O 85 -35.86 35.73 -3.58
CA LEU O 85 -35.53 36.18 -2.21
C LEU O 85 -35.10 35.01 -1.34
N GLU O 86 -33.99 35.18 -0.61
CA GLU O 86 -33.54 34.17 0.35
C GLU O 86 -33.63 34.78 1.74
N PHE O 87 -33.89 33.98 2.76
CA PHE O 87 -33.97 34.46 4.14
C PHE O 87 -33.43 33.39 5.08
N ALA O 88 -32.87 33.85 6.19
CA ALA O 88 -32.38 32.95 7.22
C ALA O 88 -32.33 33.68 8.55
N GLY O 89 -32.71 32.98 9.61
CA GLY O 89 -32.56 33.52 10.94
C GLY O 89 -31.12 33.55 11.37
N ALA O 90 -30.89 34.15 12.55
CA ALA O 90 -29.52 34.36 13.01
C ALA O 90 -28.80 33.05 13.29
N GLU O 91 -29.53 31.99 13.58
CA GLU O 91 -28.90 30.71 13.88
C GLU O 91 -28.37 30.00 12.63
N SER O 92 -28.87 30.35 11.44
CA SER O 92 -28.42 29.71 10.22
C SER O 92 -28.07 30.73 9.15
N ALA O 93 -27.53 31.88 9.56
CA ALA O 93 -27.17 32.94 8.62
C ALA O 93 -25.68 32.96 8.30
N TYR O 94 -24.83 32.69 9.28
CA TYR O 94 -23.39 32.75 9.10
C TYR O 94 -22.85 31.36 8.77
N THR O 95 -21.71 31.34 8.06
CA THR O 95 -21.07 30.09 7.72
C THR O 95 -20.58 29.37 8.97
N SER O 96 -20.60 28.04 8.93
CA SER O 96 -20.23 27.23 10.08
C SER O 96 -19.69 25.89 9.61
N ASN O 97 -19.05 25.18 10.53
CA ASN O 97 -18.47 23.87 10.28
C ASN O 97 -19.16 22.80 11.12
N GLU O 98 -20.48 22.90 11.26
CA GLU O 98 -21.17 22.01 12.18
C GLU O 98 -21.21 20.56 11.66
N ASN O 99 -21.32 20.39 10.36
CA ASN O 99 -21.44 19.06 9.76
C ASN O 99 -20.10 18.48 9.33
N CYS O 100 -19.01 19.21 9.48
CA CYS O 100 -17.70 18.68 9.14
C CYS O 100 -17.31 17.50 10.02
N VAL O 101 -17.98 17.33 11.17
CA VAL O 101 -17.71 16.20 12.04
C VAL O 101 -18.08 14.87 11.39
N ARG O 102 -18.93 14.88 10.38
CA ARG O 102 -19.38 13.67 9.71
C ARG O 102 -18.51 13.29 8.53
N MET O 103 -17.46 14.04 8.24
CA MET O 103 -16.71 13.87 7.01
C MET O 103 -15.28 13.42 7.26
N GLN O 104 -14.75 12.73 6.27
CA GLN O 104 -13.35 12.27 6.37
C GLN O 104 -12.63 12.77 5.12
N ASN O 105 -11.40 12.32 4.91
CA ASN O 105 -10.58 12.67 3.75
C ASN O 105 -10.29 14.17 3.70
N THR O 106 -11.30 14.99 3.46
CA THR O 106 -11.11 16.43 3.41
C THR O 106 -12.45 17.13 3.61
N THR O 107 -12.38 18.40 4.00
CA THR O 107 -13.54 19.27 4.06
C THR O 107 -13.32 20.54 3.23
N CYS O 108 -12.40 20.49 2.29
CA CYS O 108 -12.08 21.67 1.47
C CYS O 108 -13.31 22.14 0.70
N LEU O 109 -13.57 23.45 0.76
CA LEU O 109 -14.69 24.08 0.00
C LEU O 109 -16.07 23.64 0.53
N TYR O 110 -16.12 23.02 1.70
CA TYR O 110 -17.41 22.72 2.31
C TYR O 110 -17.65 23.66 3.47
N TYR O 111 -18.78 24.35 3.45
CA TYR O 111 -19.19 25.22 4.54
C TYR O 111 -20.69 25.12 4.68
N ASP O 112 -21.15 25.16 5.93
CA ASP O 112 -22.57 25.11 6.22
C ASP O 112 -23.18 26.51 6.10
N ASN O 113 -24.50 26.54 5.96
CA ASN O 113 -25.29 27.76 5.85
C ASN O 113 -25.00 28.57 4.60
N ARG O 114 -24.31 27.99 3.62
CA ARG O 114 -24.19 28.67 2.33
C ARG O 114 -25.56 28.77 1.67
N TYR O 115 -26.39 27.74 1.81
CA TYR O 115 -27.77 27.78 1.35
C TYR O 115 -28.65 28.49 2.36
N TRP O 116 -29.44 29.43 1.90
CA TRP O 116 -30.52 29.99 2.68
C TRP O 116 -31.83 29.36 2.20
N THR O 117 -32.95 29.88 2.71
CA THR O 117 -34.28 29.32 2.33
C THR O 117 -34.94 30.23 1.31
N MET O 118 -35.46 29.65 0.22
CA MET O 118 -36.13 30.45 -0.84
C MET O 118 -37.44 31.02 -0.32
N TRP O 119 -37.78 32.24 -0.72
CA TRP O 119 -39.03 32.89 -0.25
C TRP O 119 -40.07 32.84 -1.37
N CYS O 126 -41.54 37.53 -9.69
CA CYS O 126 -40.20 37.77 -10.22
C CYS O 126 -40.26 38.38 -11.62
N THR O 127 -40.84 39.58 -11.71
CA THR O 127 -41.01 40.26 -12.98
C THR O 127 -40.34 41.63 -13.03
N ASP O 128 -40.32 42.37 -11.92
CA ASP O 128 -39.81 43.73 -11.91
C ASP O 128 -39.40 44.10 -10.49
N GLY O 129 -38.90 45.33 -10.34
CA GLY O 129 -38.43 45.77 -9.04
C GLY O 129 -39.55 45.93 -8.02
N GLY O 130 -40.71 46.43 -8.46
CA GLY O 130 -41.81 46.64 -7.53
C GLY O 130 -42.31 45.36 -6.91
N GLN O 131 -42.44 44.30 -7.70
CA GLN O 131 -42.90 43.03 -7.15
C GLN O 131 -41.91 42.44 -6.15
N VAL O 132 -40.62 42.52 -6.46
CA VAL O 132 -39.61 42.01 -5.53
C VAL O 132 -39.59 42.85 -4.26
N LEU O 133 -39.82 44.16 -4.37
CA LEU O 133 -39.91 45.00 -3.19
C LEU O 133 -41.11 44.61 -2.33
N ARG O 134 -42.26 44.37 -2.98
CA ARG O 134 -43.44 43.93 -2.22
C ARG O 134 -43.16 42.61 -1.51
N GLU O 135 -42.49 41.68 -2.20
CA GLU O 135 -42.11 40.43 -1.56
C GLU O 135 -41.12 40.63 -0.44
N VAL O 136 -40.25 41.63 -0.55
CA VAL O 136 -39.31 41.94 0.53
C VAL O 136 -40.07 42.40 1.77
N GLN O 137 -41.04 43.29 1.59
CA GLN O 137 -41.88 43.70 2.73
C GLN O 137 -42.68 42.53 3.29
N ALA O 138 -43.19 41.65 2.44
CA ALA O 138 -43.93 40.50 2.92
C ALA O 138 -43.03 39.58 3.75
N CYS O 139 -41.80 39.34 3.28
CA CYS O 139 -40.86 38.51 4.02
C CYS O 139 -40.48 39.17 5.34
N ARG O 140 -40.31 40.50 5.33
CA ARG O 140 -40.01 41.22 6.55
C ARG O 140 -41.12 41.04 7.58
N ARG O 141 -42.38 41.18 7.14
CA ARG O 141 -43.48 41.00 8.07
C ARG O 141 -43.56 39.57 8.58
N ALA O 142 -43.38 38.59 7.70
CA ALA O 142 -43.52 37.19 8.10
C ALA O 142 -42.38 36.75 9.01
N PHE O 143 -41.15 37.17 8.67
CA PHE O 143 -39.96 36.78 9.47
C PHE O 143 -39.18 38.05 9.83
N PRO O 144 -39.56 38.77 10.91
CA PRO O 144 -38.90 40.04 11.26
C PRO O 144 -37.47 39.86 11.78
N ASP O 145 -37.14 38.67 12.29
CA ASP O 145 -35.79 38.43 12.88
C ASP O 145 -34.91 37.66 11.88
N ALA O 146 -35.16 37.82 10.58
CA ALA O 146 -34.41 37.05 9.58
C ALA O 146 -33.71 37.98 8.58
N TYR O 147 -32.47 37.64 8.18
CA TYR O 147 -31.78 38.43 7.14
C TYR O 147 -32.40 38.06 5.79
N ILE O 148 -32.64 39.06 4.94
CA ILE O 148 -33.21 38.78 3.58
C ILE O 148 -32.13 39.02 2.54
N ARG O 149 -32.01 38.12 1.55
CA ARG O 149 -30.97 38.25 0.50
C ARG O 149 -31.62 38.14 -0.88
N VAL O 150 -31.33 39.09 -1.77
CA VAL O 150 -31.84 39.05 -3.14
C VAL O 150 -30.87 38.25 -3.99
N VAL O 151 -31.36 37.23 -4.66
CA VAL O 151 -30.53 36.39 -5.51
C VAL O 151 -30.96 36.54 -6.96
N GLY O 152 -30.01 36.35 -7.86
CA GLY O 152 -30.28 36.41 -9.28
C GLY O 152 -29.90 35.10 -9.95
N PHE O 153 -30.72 34.68 -10.91
CA PHE O 153 -30.47 33.38 -11.60
C PHE O 153 -30.51 33.59 -13.12
N ASP O 154 -29.43 33.27 -13.82
CA ASP O 154 -29.44 33.34 -15.31
C ASP O 154 -30.29 32.18 -15.81
N PRO O 155 -31.42 32.42 -16.52
CA PRO O 155 -32.31 31.33 -16.94
C PRO O 155 -31.72 30.45 -18.04
N VAL O 156 -30.76 30.98 -18.79
CA VAL O 156 -30.16 30.22 -19.93
C VAL O 156 -29.06 29.30 -19.38
N ARG O 157 -28.08 29.88 -18.69
CA ARG O 157 -26.94 29.09 -18.15
C ARG O 157 -27.41 28.28 -16.94
N GLN O 158 -28.55 28.65 -16.36
CA GLN O 158 -29.07 27.96 -15.15
C GLN O 158 -28.01 28.02 -14.05
N VAL O 159 -27.43 29.20 -13.83
CA VAL O 159 -26.41 29.39 -12.75
C VAL O 159 -26.81 30.59 -11.91
N GLN O 160 -26.39 30.66 -10.64
CA GLN O 160 -26.69 31.88 -9.84
C GLN O 160 -25.73 32.98 -10.28
N VAL O 161 -26.25 34.18 -10.58
CA VAL O 161 -25.42 35.27 -11.05
C VAL O 161 -25.40 36.46 -10.10
N SER O 162 -26.29 36.45 -9.11
CA SER O 162 -26.39 37.61 -8.17
C SER O 162 -26.71 37.15 -6.77
N GLY O 163 -26.34 37.94 -5.75
CA GLY O 163 -26.61 37.59 -4.35
C GLY O 163 -26.18 38.70 -3.41
N PHE O 164 -27.11 39.57 -3.02
CA PHE O 164 -26.79 40.71 -2.11
C PHE O 164 -27.83 40.80 -0.98
N LEU O 165 -27.37 41.08 0.25
CA LEU O 165 -28.28 41.21 1.41
C LEU O 165 -29.07 42.52 1.28
N VAL O 166 -30.35 42.49 1.62
CA VAL O 166 -31.21 43.71 1.50
C VAL O 166 -31.89 43.99 2.84
N ASN O 167 -31.69 43.12 3.84
CA ASN O 167 -32.37 43.31 5.14
C ASN O 167 -31.53 42.74 6.29
N ARG O 168 -31.37 43.52 7.37
CA ARG O 168 -30.65 43.03 8.58
C ARG O 168 -31.61 43.16 9.76
N PRO O 169 -31.98 42.07 10.46
CA PRO O 169 -32.99 42.15 11.53
C PRO O 169 -32.53 43.11 12.64
N ALA O 170 -33.35 44.11 12.96
CA ALA O 170 -33.02 45.06 14.03
C ALA O 170 -32.78 44.30 15.34
N SER O 171 -33.58 43.26 15.58
CA SER O 171 -33.47 42.47 16.84
C SER O 171 -32.04 41.91 16.98
N VAL O 172 -31.48 41.38 15.90
CA VAL O 172 -30.13 40.75 15.98
C VAL O 172 -29.08 41.87 15.99
N ARG O 173 -28.01 41.71 16.80
CA ARG O 173 -26.97 42.76 16.92
C ARG O 173 -25.61 42.13 16.64
N ASP O 174 -25.52 41.25 15.64
CA ASP O 174 -24.24 40.58 15.30
C ASP O 174 -23.50 41.41 14.26
N TYR O 175 -24.04 42.57 13.89
CA TYR O 175 -23.42 43.39 12.82
C TYR O 175 -23.26 44.84 13.32
N GLN O 176 -22.33 45.59 12.72
CA GLN O 176 -22.10 47.00 13.11
C GLN O 176 -22.74 47.94 12.08
N GLY O 177 -22.56 49.26 12.26
CA GLY O 177 -23.08 50.24 11.29
C GLY O 177 -21.92 50.92 10.58
N PRO O 178 -22.15 51.63 9.45
CA PRO O 178 -21.04 52.21 8.69
C PRO O 178 -20.05 53.01 9.55
N SER O 179 -20.54 53.68 10.60
CA SER O 179 -19.66 54.53 11.46
C SER O 179 -19.14 53.73 12.66
N THR O 180 -19.79 52.63 13.02
CA THR O 180 -19.38 51.85 14.22
C THR O 180 -18.47 50.69 13.81
N ARG O 181 -18.13 50.60 12.52
CA ARG O 181 -17.24 49.50 12.02
C ARG O 181 -15.81 49.75 12.51
N SER O 182 -15.47 51.01 12.81
CA SER O 182 -14.11 51.33 13.34
C SER O 182 -14.23 51.99 14.72
N VAL O 183 -13.37 51.63 15.66
CA VAL O 183 -13.43 52.18 17.04
C VAL O 183 -12.04 52.70 17.44
N LEU P 22 57.29 14.13 6.84
CA LEU P 22 55.90 13.78 7.09
C LEU P 22 54.99 14.32 6.00
N THR P 23 54.37 13.41 5.25
CA THR P 23 53.46 13.82 4.19
C THR P 23 52.13 14.34 4.74
N TYR P 24 51.84 14.07 6.00
CA TYR P 24 50.54 14.38 6.59
C TYR P 24 50.59 15.53 7.58
N TYR P 25 51.77 16.08 7.86
CA TYR P 25 51.91 17.29 8.66
C TYR P 25 52.35 18.40 7.71
N THR P 26 51.46 19.36 7.47
CA THR P 26 51.69 20.46 6.54
C THR P 26 51.42 21.77 7.25
N PRO P 27 52.38 22.26 8.04
CA PRO P 27 52.14 23.50 8.80
C PRO P 27 51.93 24.73 7.93
N ASP P 28 52.27 24.69 6.65
CA ASP P 28 52.02 25.81 5.75
C ASP P 28 50.69 25.71 5.04
N TYR P 29 49.90 24.68 5.31
CA TYR P 29 48.62 24.51 4.62
C TYR P 29 47.58 25.49 5.16
N GLN P 30 46.83 26.08 4.24
CA GLN P 30 45.75 26.97 4.59
C GLN P 30 44.42 26.25 4.41
N PRO P 31 43.66 26.00 5.47
CA PRO P 31 42.42 25.22 5.31
C PRO P 31 41.44 25.91 4.37
N LYS P 32 40.75 25.09 3.56
CA LYS P 32 39.80 25.59 2.60
C LYS P 32 38.50 26.00 3.27
N ASP P 33 37.64 26.70 2.54
CA ASP P 33 36.35 27.15 3.10
C ASP P 33 35.39 25.96 3.25
N THR P 34 35.72 24.83 2.62
CA THR P 34 34.86 23.66 2.67
C THR P 34 35.44 22.53 3.50
N ASP P 35 36.62 22.71 4.09
CA ASP P 35 37.22 21.67 4.92
C ASP P 35 36.46 21.51 6.23
N ILE P 36 36.38 20.27 6.70
CA ILE P 36 35.93 19.98 8.05
C ILE P 36 37.16 19.97 8.94
N LEU P 37 37.15 20.77 9.99
CA LEU P 37 38.32 20.94 10.85
C LEU P 37 38.04 20.34 12.22
N ALA P 38 39.02 19.63 12.75
CA ALA P 38 38.95 19.05 14.08
C ALA P 38 40.12 19.55 14.90
N ALA P 39 39.88 19.80 16.18
CA ALA P 39 40.93 20.21 17.11
C ALA P 39 41.07 19.12 18.16
N PHE P 40 42.15 18.34 18.04
CA PHE P 40 42.40 17.22 18.93
C PHE P 40 43.36 17.65 20.03
N ARG P 41 43.01 17.36 21.28
CA ARG P 41 43.93 17.50 22.40
C ARG P 41 44.56 16.14 22.64
N MET P 42 45.85 16.04 22.32
CA MET P 42 46.51 14.71 22.40
C MET P 42 47.75 14.73 23.29
N THR P 43 47.97 13.65 24.03
CA THR P 43 49.17 13.47 24.84
C THR P 43 49.94 12.28 24.29
N PRO P 44 51.00 12.51 23.51
CA PRO P 44 51.74 11.38 22.93
C PRO P 44 52.59 10.68 23.97
N GLN P 45 52.93 9.43 23.66
CA GLN P 45 53.82 8.66 24.52
C GLN P 45 55.20 9.32 24.53
N PRO P 46 55.93 9.18 25.64
CA PRO P 46 57.27 9.80 25.70
C PRO P 46 58.18 9.25 24.61
N GLY P 47 58.94 10.16 24.00
CA GLY P 47 59.77 9.84 22.87
C GLY P 47 59.13 10.12 21.53
N VAL P 48 57.81 10.24 21.48
CA VAL P 48 57.09 10.53 20.24
C VAL P 48 56.97 12.05 20.12
N PRO P 49 57.56 12.67 19.10
CA PRO P 49 57.40 14.11 18.94
C PRO P 49 55.97 14.47 18.61
N PRO P 50 55.50 15.67 19.00
CA PRO P 50 54.12 16.04 18.69
C PRO P 50 53.80 16.06 17.21
N GLU P 51 54.78 16.41 16.38
CA GLU P 51 54.54 16.48 14.91
C GLU P 51 54.24 15.09 14.37
N GLU P 52 54.94 14.06 14.87
CA GLU P 52 54.68 12.70 14.44
C GLU P 52 53.30 12.23 14.87
N ALA P 53 52.88 12.57 16.08
CA ALA P 53 51.56 12.15 16.56
C ALA P 53 50.44 12.84 15.78
N GLY P 54 50.58 14.14 15.52
CA GLY P 54 49.60 14.81 14.69
C GLY P 54 49.55 14.24 13.29
N ALA P 55 50.72 13.89 12.75
CA ALA P 55 50.75 13.27 11.40
C ALA P 55 49.94 11.96 11.43
N ALA P 56 50.09 11.17 12.49
CA ALA P 56 49.39 9.87 12.59
C ALA P 56 47.87 10.09 12.64
N VAL P 57 47.40 11.02 13.48
CA VAL P 57 45.94 11.32 13.57
C VAL P 57 45.46 11.78 12.20
N ALA P 58 46.22 12.64 11.53
CA ALA P 58 45.83 13.13 10.19
C ALA P 58 45.73 11.95 9.22
N ALA P 59 46.69 11.02 9.28
CA ALA P 59 46.69 9.85 8.36
C ALA P 59 45.50 8.95 8.69
N ARG P 79 44.74 13.82 -1.93
CA ARG P 79 43.51 14.54 -2.35
C ARG P 79 42.40 14.28 -1.32
N TYR P 80 42.32 13.05 -0.80
CA TYR P 80 41.30 12.70 0.22
C TYR P 80 41.99 12.41 1.55
N LYS P 81 43.21 12.89 1.70
CA LYS P 81 43.99 12.58 2.93
C LYS P 81 43.74 13.68 3.96
N GLY P 82 43.51 13.30 5.22
CA GLY P 82 43.40 14.31 6.28
C GLY P 82 44.80 14.81 6.60
N ARG P 83 44.96 16.09 6.91
CA ARG P 83 46.31 16.60 7.13
C ARG P 83 46.33 17.46 8.37
N CYS P 84 47.44 17.36 9.11
CA CYS P 84 47.66 18.20 10.28
C CYS P 84 48.31 19.50 9.81
N TYR P 85 47.59 20.61 9.96
CA TYR P 85 48.11 21.91 9.44
C TYR P 85 48.59 22.81 10.58
N ASP P 86 48.22 22.47 11.82
CA ASP P 86 48.58 23.36 12.96
C ASP P 86 48.71 22.55 14.26
N ILE P 87 49.81 22.75 14.99
CA ILE P 87 50.01 22.13 16.29
C ILE P 87 50.43 23.21 17.27
N GLU P 88 49.69 23.32 18.37
CA GLU P 88 50.04 24.30 19.42
C GLU P 88 50.19 23.54 20.74
N PRO P 89 51.24 23.77 21.57
CA PRO P 89 51.33 23.12 22.87
C PRO P 89 50.36 23.76 23.88
N VAL P 90 49.87 22.97 24.85
CA VAL P 90 48.94 23.50 25.88
C VAL P 90 49.79 24.09 27.03
N PRO P 91 49.83 25.44 27.20
CA PRO P 91 50.66 26.05 28.23
C PRO P 91 50.08 25.76 29.61
N GLY P 92 50.80 25.00 30.43
CA GLY P 92 50.33 24.66 31.78
C GLY P 92 49.90 23.21 31.91
N GLU P 93 50.23 22.39 30.90
CA GLU P 93 49.88 20.95 30.93
C GLU P 93 51.12 20.12 30.62
N GLU P 94 51.09 18.81 30.93
CA GLU P 94 52.28 17.96 30.73
C GLU P 94 52.23 17.29 29.35
N ASN P 95 53.14 17.69 28.44
CA ASN P 95 53.21 17.07 27.09
C ASN P 95 51.81 16.99 26.47
N GLN P 96 51.04 18.07 26.56
CA GLN P 96 49.70 18.11 25.92
C GLN P 96 49.74 19.10 24.75
N TYR P 97 49.20 18.70 23.60
CA TYR P 97 49.23 19.58 22.41
C TYR P 97 47.87 19.58 21.73
N ILE P 98 47.54 20.67 21.04
CA ILE P 98 46.30 20.73 20.27
C ILE P 98 46.66 20.56 18.80
N ALA P 99 46.12 19.51 18.18
CA ALA P 99 46.42 19.22 16.75
C ALA P 99 45.21 19.58 15.89
N TYR P 100 45.42 20.43 14.89
CA TYR P 100 44.30 20.87 14.01
C TYR P 100 44.34 20.05 12.72
N ILE P 101 43.25 19.32 12.43
CA ILE P 101 43.22 18.43 11.23
C ILE P 101 42.22 18.98 10.21
N ALA P 102 42.57 18.94 8.92
CA ALA P 102 41.69 19.41 7.87
C ALA P 102 41.28 18.22 7.01
N TYR P 103 39.97 18.00 6.90
CA TYR P 103 39.44 16.92 6.08
C TYR P 103 38.72 17.50 4.87
N PRO P 104 38.97 16.96 3.67
CA PRO P 104 38.25 17.45 2.49
C PRO P 104 36.75 17.15 2.59
N LEU P 105 35.96 18.03 2.00
CA LEU P 105 34.51 17.90 2.06
C LEU P 105 34.02 16.63 1.37
N ASP P 106 34.76 16.14 0.37
CA ASP P 106 34.33 14.96 -0.41
C ASP P 106 34.41 13.67 0.40
N LEU P 107 34.96 13.73 1.61
CA LEU P 107 35.16 12.52 2.40
C LEU P 107 33.88 12.01 3.05
N PHE P 108 32.87 12.87 3.20
CA PHE P 108 31.72 12.56 4.03
C PHE P 108 30.45 12.45 3.20
N GLU P 109 29.49 11.71 3.76
CA GLU P 109 28.17 11.55 3.10
C GLU P 109 27.29 12.72 3.50
N GLU P 110 26.57 13.31 2.55
CA GLU P 110 25.72 14.45 2.80
C GLU P 110 24.67 14.13 3.85
N GLY P 111 24.54 15.02 4.84
CA GLY P 111 23.50 14.89 5.85
C GLY P 111 23.59 13.66 6.72
N SER P 112 24.80 13.19 7.01
CA SER P 112 24.99 11.95 7.77
C SER P 112 25.94 12.23 8.93
N VAL P 113 25.37 12.41 10.12
CA VAL P 113 26.18 12.52 11.33
C VAL P 113 26.89 11.21 11.62
N THR P 114 26.24 10.09 11.33
CA THR P 114 26.85 8.77 11.51
C THR P 114 28.16 8.68 10.75
N ASN P 115 28.14 9.06 9.48
CA ASN P 115 29.38 8.98 8.65
C ASN P 115 30.43 9.96 9.20
N LEU P 116 30.01 11.17 9.57
CA LEU P 116 30.97 12.14 10.08
C LEU P 116 31.70 11.58 11.29
N PHE P 117 30.97 10.98 12.23
CA PHE P 117 31.62 10.40 13.40
C PHE P 117 32.43 9.17 13.05
N THR P 118 31.98 8.38 12.07
CA THR P 118 32.78 7.25 11.63
C THR P 118 34.11 7.70 11.04
N SER P 119 34.09 8.78 10.26
CA SER P 119 35.32 9.24 9.62
C SER P 119 36.26 9.89 10.62
N ILE P 120 35.74 10.78 11.47
CA ILE P 120 36.61 11.57 12.32
C ILE P 120 37.14 10.75 13.49
N VAL P 121 36.23 10.08 14.20
CA VAL P 121 36.66 9.37 15.45
C VAL P 121 36.39 7.87 15.36
N GLY P 122 36.33 7.31 14.15
CA GLY P 122 36.11 5.86 13.98
C GLY P 122 37.18 5.04 14.67
N ASN P 123 38.41 5.04 14.16
CA ASN P 123 39.49 4.33 14.83
C ASN P 123 40.68 5.27 14.91
N VAL P 124 40.65 6.17 15.90
CA VAL P 124 41.80 7.01 16.20
C VAL P 124 42.10 7.07 17.69
N PHE P 125 41.14 6.67 18.52
CA PHE P 125 41.34 6.68 19.99
C PHE P 125 42.08 5.41 20.42
N GLY P 126 42.26 4.45 19.50
CA GLY P 126 43.00 3.23 19.76
C GLY P 126 44.44 3.24 19.31
N PHE P 127 45.00 4.40 18.97
CA PHE P 127 46.39 4.47 18.57
C PHE P 127 47.30 4.31 19.79
N LYS P 128 48.25 3.38 19.69
CA LYS P 128 49.18 3.11 20.82
C LYS P 128 50.13 4.30 21.01
N ALA P 129 50.42 5.05 19.93
CA ALA P 129 51.36 6.15 20.04
C ALA P 129 50.84 7.30 20.87
N LEU P 130 49.57 7.30 21.24
CA LEU P 130 48.96 8.37 22.00
C LEU P 130 48.59 7.86 23.38
N ARG P 131 49.15 8.48 24.42
CA ARG P 131 48.74 8.15 25.77
C ARG P 131 47.28 8.51 26.00
N ALA P 132 46.86 9.69 25.55
CA ALA P 132 45.48 10.12 25.66
C ALA P 132 45.15 10.99 24.46
N LEU P 133 43.87 10.96 24.06
CA LEU P 133 43.39 11.74 22.92
C LEU P 133 41.99 12.24 23.22
N ARG P 134 41.75 13.52 22.92
CA ARG P 134 40.43 14.12 23.20
C ARG P 134 40.01 15.08 22.07
N LEU P 135 38.92 14.77 21.37
CA LEU P 135 38.39 15.68 20.37
C LEU P 135 37.71 16.85 21.08
N GLU P 136 38.19 18.06 20.81
CA GLU P 136 37.70 19.24 21.51
C GLU P 136 36.66 20.00 20.73
N ASP P 137 36.84 20.16 19.42
CA ASP P 137 35.94 20.97 18.63
C ASP P 137 35.92 20.46 17.20
N LEU P 138 34.87 20.85 16.47
CA LEU P 138 34.74 20.60 15.05
C LEU P 138 34.35 21.90 14.35
N ARG P 139 34.81 22.05 13.12
CA ARG P 139 34.36 23.14 12.25
C ARG P 139 33.57 22.53 11.11
N ILE P 140 32.26 22.72 11.11
CA ILE P 140 31.39 22.25 10.05
C ILE P 140 31.26 23.36 9.02
N PRO P 141 31.82 23.20 7.81
CA PRO P 141 31.70 24.26 6.82
C PRO P 141 30.25 24.45 6.40
N PRO P 142 29.80 25.68 6.04
CA PRO P 142 28.42 25.88 5.56
C PRO P 142 28.03 24.87 4.47
N ALA P 143 28.93 24.58 3.55
CA ALA P 143 28.62 23.63 2.44
C ALA P 143 28.10 22.32 3.03
N TYR P 144 28.74 21.81 4.08
CA TYR P 144 28.24 20.59 4.75
C TYR P 144 26.96 20.89 5.53
N VAL P 145 26.91 22.03 6.24
CA VAL P 145 25.73 22.31 7.05
C VAL P 145 24.48 22.31 6.20
N LYS P 146 24.57 22.85 4.98
CA LYS P 146 23.39 22.95 4.13
C LYS P 146 22.84 21.59 3.72
N THR P 147 23.63 20.52 3.84
CA THR P 147 23.12 19.19 3.50
C THR P 147 22.29 18.57 4.61
N PHE P 148 22.23 19.19 5.78
CA PHE P 148 21.47 18.67 6.91
C PHE P 148 20.16 19.42 7.05
N GLN P 149 19.11 18.70 7.45
CA GLN P 149 17.85 19.36 7.77
C GLN P 149 17.95 20.19 9.04
N GLY P 150 18.63 19.67 10.05
CA GLY P 150 18.73 20.35 11.33
C GLY P 150 17.55 20.06 12.23
N PRO P 151 17.39 20.86 13.28
CA PRO P 151 16.28 20.64 14.20
C PRO P 151 14.97 20.83 13.48
N PRO P 152 13.93 20.08 13.87
CA PRO P 152 12.65 20.16 13.16
C PRO P 152 12.03 21.55 13.16
N HIS P 153 12.10 22.25 14.29
CA HIS P 153 11.42 23.56 14.35
C HIS P 153 12.44 24.62 14.75
N GLY P 154 13.16 24.38 15.84
CA GLY P 154 14.10 25.38 16.35
C GLY P 154 13.50 26.16 17.50
N ILE P 155 14.20 27.18 18.00
CA ILE P 155 13.74 27.92 19.16
C ILE P 155 12.61 28.88 18.78
N GLN P 156 12.80 29.65 17.71
CA GLN P 156 11.80 30.68 17.39
C GLN P 156 10.48 30.05 16.96
N VAL P 157 10.55 29.00 16.13
CA VAL P 157 9.31 28.30 15.70
C VAL P 157 8.65 27.66 16.93
N GLU P 158 9.47 27.12 17.86
CA GLU P 158 8.89 26.53 19.09
C GLU P 158 8.11 27.62 19.84
N ARG P 159 8.74 28.78 20.07
CA ARG P 159 8.09 29.88 20.81
C ARG P 159 6.79 30.28 20.10
N ASP P 160 6.82 30.39 18.76
CA ASP P 160 5.62 30.80 18.04
C ASP P 160 4.51 29.76 18.17
N LYS P 161 4.88 28.47 18.10
CA LYS P 161 3.86 27.39 18.18
C LYS P 161 3.27 27.36 19.59
N LEU P 162 4.11 27.51 20.62
CA LEU P 162 3.63 27.46 22.00
C LEU P 162 3.11 28.80 22.49
N ASN P 163 3.35 29.88 21.74
CA ASN P 163 2.83 31.23 22.10
C ASN P 163 3.38 31.67 23.46
N LYS P 164 4.63 31.34 23.75
CA LYS P 164 5.28 31.74 25.00
C LYS P 164 6.51 32.56 24.66
N TYR P 165 6.56 33.79 25.18
CA TYR P 165 7.62 34.72 24.85
C TYR P 165 8.17 35.37 26.11
N GLY P 166 9.43 35.77 26.03
CA GLY P 166 10.02 36.61 27.06
C GLY P 166 10.40 35.93 28.35
N ARG P 167 10.42 34.61 28.37
CA ARG P 167 10.72 33.90 29.61
C ARG P 167 11.22 32.50 29.27
N GLY P 168 11.96 31.92 30.20
CA GLY P 168 12.36 30.54 30.05
C GLY P 168 11.20 29.59 30.23
N LEU P 169 11.35 28.39 29.70
CA LEU P 169 10.35 27.36 29.85
C LEU P 169 10.65 26.51 31.08
N LEU P 170 9.61 25.87 31.61
CA LEU P 170 9.70 25.10 32.83
C LEU P 170 9.24 23.67 32.59
N GLY P 171 9.94 22.72 33.19
CA GLY P 171 9.59 21.32 33.04
C GLY P 171 9.87 20.55 34.32
N CYS P 172 9.20 19.40 34.43
CA CYS P 172 9.37 18.52 35.57
C CYS P 172 9.51 17.08 35.08
N THR P 173 10.29 16.29 35.82
CA THR P 173 10.41 14.84 35.50
C THR P 173 9.48 14.08 36.45
N ILE P 174 8.45 13.40 35.92
CA ILE P 174 7.46 12.72 36.79
C ILE P 174 8.19 11.73 37.70
N LYS P 175 7.98 11.84 39.02
CA LYS P 175 8.69 10.97 39.99
C LYS P 175 7.64 10.32 40.90
N PRO P 176 7.66 8.98 41.13
CA PRO P 176 8.90 8.19 41.14
C PRO P 176 9.39 7.82 39.73
N LYS P 177 10.68 7.49 39.61
CA LYS P 177 11.26 7.17 38.29
C LYS P 177 10.50 6.02 37.65
N LEU P 178 10.30 4.92 38.37
CA LEU P 178 9.65 3.72 37.76
C LEU P 178 8.63 3.10 38.73
N GLY P 179 7.85 2.13 38.26
CA GLY P 179 6.87 1.45 39.11
C GLY P 179 5.48 2.05 39.01
N LEU P 180 5.38 3.31 38.60
CA LEU P 180 4.07 4.00 38.56
C LEU P 180 3.23 3.46 37.40
N SER P 181 1.92 3.28 37.62
CA SER P 181 1.02 2.82 36.53
C SER P 181 0.75 3.99 35.57
N ALA P 182 0.34 3.69 34.34
CA ALA P 182 0.05 4.74 33.34
C ALA P 182 -0.98 5.73 33.90
N LYS P 183 -2.00 5.22 34.59
CA LYS P 183 -3.04 6.10 35.19
C LYS P 183 -2.38 7.05 36.19
N ASN P 184 -1.58 6.51 37.12
CA ASN P 184 -0.95 7.35 38.13
C ASN P 184 0.09 8.29 37.52
N TYR P 185 0.76 7.81 36.47
CA TYR P 185 1.71 8.68 35.74
C TYR P 185 0.93 9.87 35.15
N GLY P 186 -0.20 9.59 34.50
CA GLY P 186 -1.01 10.68 33.96
C GLY P 186 -1.53 11.62 35.02
N ARG P 187 -1.89 11.06 36.18
CA ARG P 187 -2.40 11.91 37.30
C ARG P 187 -1.28 12.86 37.73
N ALA P 188 -0.06 12.34 37.90
CA ALA P 188 1.06 13.19 38.28
C ALA P 188 1.34 14.25 37.22
N VAL P 189 1.25 13.87 35.95
CA VAL P 189 1.47 14.83 34.86
C VAL P 189 0.45 15.96 34.94
N TYR P 190 -0.83 15.61 35.11
CA TYR P 190 -1.87 16.62 35.17
C TYR P 190 -1.70 17.53 36.37
N GLU P 191 -1.35 16.95 37.52
CA GLU P 191 -1.18 17.76 38.72
C GLU P 191 -0.04 18.74 38.57
N CYS P 192 1.07 18.29 37.97
CA CYS P 192 2.25 19.19 37.82
C CYS P 192 1.97 20.25 36.75
N LEU P 193 1.29 19.88 35.66
CA LEU P 193 1.09 20.84 34.55
C LEU P 193 0.07 21.92 34.96
N ARG P 194 -0.98 21.54 35.69
CA ARG P 194 -2.05 22.51 36.07
C ARG P 194 -1.49 23.61 36.96
N GLY P 195 -0.37 23.33 37.64
CA GLY P 195 0.24 24.32 38.56
C GLY P 195 0.81 25.52 37.82
N GLY P 196 1.24 25.33 36.57
CA GLY P 196 1.82 26.43 35.77
C GLY P 196 3.06 25.98 35.01
N LEU P 197 3.47 24.73 35.17
CA LEU P 197 4.63 24.20 34.41
C LEU P 197 4.27 24.11 32.93
N ASP P 198 5.22 24.37 32.05
CA ASP P 198 4.96 24.34 30.58
C ASP P 198 5.13 22.91 30.07
N PHE P 199 5.97 22.11 30.73
CA PHE P 199 6.25 20.77 30.24
C PHE P 199 6.38 19.80 31.40
N THR P 200 6.11 18.53 31.10
CA THR P 200 6.52 17.41 31.93
C THR P 200 7.23 16.42 31.01
N LYS P 201 7.91 15.44 31.59
CA LYS P 201 8.70 14.51 30.74
C LYS P 201 8.69 13.09 31.33
N ASP P 202 8.80 12.08 30.46
CA ASP P 202 8.92 10.69 30.98
C ASP P 202 10.34 10.53 31.53
N ASP P 203 10.55 9.60 32.46
CA ASP P 203 11.91 9.34 32.96
C ASP P 203 12.75 8.76 31.80
N GLU P 204 14.07 8.96 31.84
CA GLU P 204 14.92 8.54 30.74
C GLU P 204 14.82 7.04 30.48
N ASN P 205 14.60 6.25 31.52
CA ASN P 205 14.53 4.80 31.38
C ASN P 205 13.11 4.29 31.22
N VAL P 206 12.13 5.18 31.10
CA VAL P 206 10.75 4.80 30.90
C VAL P 206 10.48 4.79 29.40
N ASN P 207 10.45 3.58 28.83
CA ASN P 207 10.12 3.43 27.40
C ASN P 207 8.85 2.59 27.30
N SER P 208 8.92 1.32 27.70
CA SER P 208 7.78 0.41 27.65
C SER P 208 8.12 -0.78 28.53
N GLN P 209 7.41 -0.91 29.66
CA GLN P 209 7.78 -1.97 30.63
C GLN P 209 6.51 -2.72 31.04
N PRO P 210 6.62 -3.93 31.65
CA PRO P 210 5.42 -4.64 32.15
C PRO P 210 4.58 -3.75 33.07
N PHE P 211 5.22 -2.89 33.87
CA PHE P 211 4.47 -2.06 34.85
C PHE P 211 3.69 -0.96 34.12
N MET P 212 4.22 -0.48 32.98
CA MET P 212 3.55 0.64 32.26
C MET P 212 3.88 0.53 30.77
N ARG P 213 2.98 -0.06 30.00
CA ARG P 213 3.16 -0.11 28.56
C ARG P 213 3.06 1.28 27.97
N TRP P 214 3.66 1.45 26.79
CA TRP P 214 3.85 2.80 26.27
C TRP P 214 2.55 3.41 25.76
N ARG P 215 1.65 2.61 25.17
CA ARG P 215 0.42 3.18 24.62
C ARG P 215 -0.54 3.61 25.71
N ASP P 216 -0.62 2.85 26.80
CA ASP P 216 -1.43 3.29 27.94
C ASP P 216 -0.91 4.62 28.48
N ARG P 217 0.41 4.74 28.63
CA ARG P 217 1.00 5.99 29.11
C ARG P 217 0.70 7.13 28.15
N PHE P 218 0.80 6.89 26.85
CA PHE P 218 0.54 7.95 25.87
C PHE P 218 -0.90 8.42 25.99
N LEU P 219 -1.85 7.51 26.11
CA LEU P 219 -3.26 7.89 26.22
C LEU P 219 -3.55 8.66 27.50
N PHE P 220 -3.06 8.16 28.64
CA PHE P 220 -3.34 8.85 29.89
C PHE P 220 -2.66 10.21 29.95
N VAL P 221 -1.44 10.31 29.41
CA VAL P 221 -0.75 11.58 29.37
C VAL P 221 -1.46 12.55 28.45
N ALA P 222 -2.03 12.06 27.34
CA ALA P 222 -2.80 12.93 26.46
C ALA P 222 -4.02 13.48 27.17
N GLU P 223 -4.72 12.63 27.91
CA GLU P 223 -5.87 13.11 28.68
C GLU P 223 -5.44 14.15 29.71
N ALA P 224 -4.33 13.90 30.39
CA ALA P 224 -3.85 14.85 31.39
C ALA P 224 -3.45 16.17 30.76
N ILE P 225 -2.76 16.13 29.62
CA ILE P 225 -2.34 17.34 28.93
C ILE P 225 -3.56 18.15 28.54
N TYR P 226 -4.59 17.50 27.99
CA TYR P 226 -5.76 18.24 27.55
C TYR P 226 -6.55 18.80 28.73
N LYS P 227 -6.63 18.05 29.83
CA LYS P 227 -7.29 18.57 31.02
C LYS P 227 -6.57 19.81 31.56
N SER P 228 -5.24 19.75 31.65
CA SER P 228 -4.49 20.89 32.15
C SER P 228 -4.60 22.09 31.22
N GLN P 229 -4.61 21.84 29.90
CA GLN P 229 -4.80 22.92 28.94
C GLN P 229 -6.15 23.59 29.13
N ALA P 230 -7.22 22.80 29.25
CA ALA P 230 -8.54 23.38 29.44
C ALA P 230 -8.61 24.16 30.75
N GLU P 231 -7.98 23.65 31.80
CA GLU P 231 -8.08 24.31 33.10
C GLU P 231 -7.32 25.63 33.12
N THR P 232 -6.08 25.64 32.63
CA THR P 232 -5.26 26.84 32.74
C THR P 232 -5.41 27.79 31.56
N GLY P 233 -5.77 27.28 30.38
CA GLY P 233 -5.85 28.10 29.20
C GLY P 233 -4.53 28.31 28.49
N GLU P 234 -3.44 27.74 28.98
CA GLU P 234 -2.15 27.81 28.33
C GLU P 234 -1.86 26.48 27.64
N ILE P 235 -1.08 26.55 26.56
CA ILE P 235 -0.70 25.34 25.84
C ILE P 235 0.28 24.55 26.69
N LYS P 236 -0.02 23.27 26.85
CA LYS P 236 0.83 22.40 27.71
C LYS P 236 1.44 21.29 26.85
N GLY P 237 2.35 20.52 27.43
CA GLY P 237 3.02 19.45 26.72
C GLY P 237 3.73 18.50 27.67
N HIS P 238 4.04 17.33 27.15
CA HIS P 238 4.76 16.30 27.90
C HIS P 238 5.73 15.60 26.96
N TYR P 239 7.00 15.53 27.36
CA TYR P 239 8.04 14.85 26.54
C TYR P 239 7.78 13.35 26.54
N LEU P 240 7.00 12.85 25.57
CA LEU P 240 6.70 11.40 25.49
C LEU P 240 7.92 10.66 24.94
N ASN P 241 8.41 9.64 25.66
CA ASN P 241 9.65 8.93 25.25
C ASN P 241 9.35 8.00 24.06
N ALA P 242 9.92 8.30 22.89
CA ALA P 242 9.76 7.43 21.74
C ALA P 242 10.91 6.45 21.58
N THR P 243 11.91 6.51 22.45
CA THR P 243 13.08 5.66 22.34
C THR P 243 12.69 4.19 22.41
N ALA P 244 13.11 3.42 21.42
CA ALA P 244 12.63 2.05 21.29
C ALA P 244 13.74 1.16 20.76
N ALA P 245 13.45 -0.14 20.68
CA ALA P 245 14.45 -1.12 20.21
C ALA P 245 14.69 -0.98 18.70
N THR P 246 13.62 -0.89 17.91
CA THR P 246 13.77 -0.83 16.43
C THR P 246 13.24 0.51 15.92
N ALA P 247 13.79 0.97 14.79
CA ALA P 247 13.35 2.26 14.21
C ALA P 247 11.85 2.17 13.92
N GLU P 248 11.38 1.00 13.53
CA GLU P 248 9.96 0.84 13.23
C GLU P 248 9.10 1.11 14.46
N GLU P 249 9.50 0.56 15.60
CA GLU P 249 8.77 0.79 16.84
C GLU P 249 8.83 2.26 17.26
N MET P 250 9.98 2.90 17.10
CA MET P 250 10.13 4.31 17.43
C MET P 250 9.23 5.18 16.57
N LEU P 251 9.19 4.89 15.27
CA LEU P 251 8.29 5.62 14.38
C LEU P 251 6.84 5.34 14.70
N LYS P 252 6.50 4.13 15.15
CA LYS P 252 5.14 3.85 15.56
C LYS P 252 4.74 4.67 16.78
N ARG P 253 5.64 4.81 17.76
CA ARG P 253 5.34 5.63 18.92
C ARG P 253 5.21 7.11 18.54
N ALA P 254 6.07 7.59 17.65
CA ALA P 254 5.92 8.95 17.14
C ALA P 254 4.59 9.13 16.43
N GLU P 255 4.18 8.10 15.68
CA GLU P 255 2.91 8.15 14.97
C GLU P 255 1.73 8.21 15.92
N CYS P 256 1.80 7.45 17.02
CA CYS P 256 0.76 7.53 18.04
C CYS P 256 0.68 8.92 18.65
N ALA P 257 1.84 9.51 18.95
CA ALA P 257 1.86 10.86 19.48
C ALA P 257 1.25 11.85 18.50
N LYS P 258 1.56 11.68 17.20
CA LYS P 258 0.97 12.54 16.19
C LYS P 258 -0.54 12.36 16.10
N ASP P 259 -1.01 11.12 16.26
CA ASP P 259 -2.47 10.82 16.16
C ASP P 259 -3.21 11.37 17.39
N LEU P 260 -2.55 11.45 18.54
CA LEU P 260 -3.17 12.07 19.70
C LEU P 260 -3.20 13.59 19.64
N GLY P 261 -2.42 14.21 18.75
CA GLY P 261 -2.36 15.65 18.68
C GLY P 261 -1.50 16.31 19.73
N VAL P 262 -0.76 15.54 20.51
CA VAL P 262 0.09 16.06 21.57
C VAL P 262 1.26 16.80 20.94
N PRO P 263 1.88 17.75 21.64
CA PRO P 263 2.87 18.61 20.99
C PRO P 263 4.27 18.03 20.79
N ILE P 264 4.79 17.22 21.69
CA ILE P 264 6.23 16.96 21.75
C ILE P 264 6.52 15.52 22.17
N ILE P 265 7.65 15.00 21.67
CA ILE P 265 8.16 13.69 22.05
C ILE P 265 9.63 13.84 22.46
N MET P 266 10.22 12.73 22.90
CA MET P 266 11.57 12.70 23.46
C MET P 266 12.35 11.56 22.83
N HIS P 267 13.68 11.71 22.78
CA HIS P 267 14.54 10.66 22.24
C HIS P 267 15.88 10.68 22.96
N ASP P 268 16.48 9.50 23.10
CA ASP P 268 17.82 9.32 23.65
C ASP P 268 18.77 9.09 22.47
N TYR P 269 19.43 10.14 22.03
CA TYR P 269 20.19 10.03 20.77
C TYR P 269 21.51 9.30 20.92
N LEU P 270 22.14 9.39 22.09
CA LEU P 270 23.48 8.75 22.25
C LEU P 270 23.33 7.25 22.49
N THR P 271 22.14 6.80 22.89
CA THR P 271 21.90 5.35 23.10
C THR P 271 21.10 4.79 21.92
N GLY P 272 20.12 5.55 21.41
CA GLY P 272 19.36 5.11 20.22
C GLY P 272 20.21 5.16 18.97
N GLY P 273 21.08 6.17 18.86
CA GLY P 273 21.98 6.29 17.69
C GLY P 273 21.62 7.47 16.81
N PHE P 274 22.60 7.99 16.07
CA PHE P 274 22.37 9.17 15.19
C PHE P 274 21.41 8.78 14.06
N THR P 275 21.56 7.55 13.55
CA THR P 275 20.68 7.08 12.43
C THR P 275 19.23 7.11 12.88
N ALA P 276 18.93 6.58 14.07
CA ALA P 276 17.55 6.60 14.60
C ALA P 276 17.12 8.04 14.86
N ASN P 277 18.01 8.86 15.43
CA ASN P 277 17.68 10.28 15.74
C ASN P 277 17.33 11.01 14.44
N THR P 278 18.15 10.86 13.41
CA THR P 278 17.90 11.58 12.16
C THR P 278 16.57 11.17 11.55
N SER P 279 16.23 9.89 11.63
CA SER P 279 14.91 9.46 11.16
C SER P 279 13.80 10.14 11.96
N LEU P 280 13.94 10.19 13.28
CA LEU P 280 12.92 10.81 14.11
C LEU P 280 12.81 12.30 13.84
N ALA P 281 13.94 12.98 13.63
CA ALA P 281 13.91 14.40 13.35
C ALA P 281 13.26 14.70 12.01
N HIS P 282 13.54 13.87 10.99
CA HIS P 282 12.86 14.04 9.71
C HIS P 282 11.36 13.83 9.86
N TYR P 283 10.97 12.80 10.62
CA TYR P 283 9.55 12.56 10.86
C TYR P 283 8.89 13.74 11.56
N CYS P 284 9.57 14.28 12.58
CA CYS P 284 9.00 15.38 13.35
C CYS P 284 8.85 16.63 12.50
N ARG P 285 9.82 16.90 11.62
CA ARG P 285 9.66 18.00 10.68
C ARG P 285 8.49 17.75 9.74
N ASP P 286 8.33 16.52 9.25
CA ASP P 286 7.24 16.21 8.33
C ASP P 286 5.87 16.35 8.98
N ASN P 287 5.75 16.03 10.26
CA ASN P 287 4.43 15.94 10.88
C ASN P 287 4.19 17.02 11.94
N GLY P 288 5.07 18.00 12.03
CA GLY P 288 4.89 19.10 12.96
C GLY P 288 4.95 18.73 14.43
N LEU P 289 5.92 17.92 14.83
CA LEU P 289 6.12 17.55 16.22
C LEU P 289 7.42 18.14 16.73
N LEU P 290 7.39 18.56 17.99
CA LEU P 290 8.64 19.05 18.64
C LEU P 290 9.42 17.81 19.09
N LEU P 291 10.73 17.94 19.27
CA LEU P 291 11.60 16.82 19.61
C LEU P 291 12.56 17.24 20.72
N HIS P 292 12.38 16.67 21.91
CA HIS P 292 13.30 16.88 23.02
C HIS P 292 14.33 15.75 23.03
N ILE P 293 15.59 16.12 23.22
CA ILE P 293 16.70 15.18 23.15
C ILE P 293 17.34 15.07 24.51
N HIS P 294 17.46 13.84 25.00
CA HIS P 294 18.14 13.54 26.25
C HIS P 294 19.47 12.87 25.96
N ARG P 295 20.51 13.30 26.67
CA ARG P 295 21.86 12.83 26.42
C ARG P 295 22.26 11.72 27.40
N ALA P 296 21.55 10.60 27.29
CA ALA P 296 21.90 9.44 28.10
C ALA P 296 23.24 8.86 27.65
N MET P 297 24.05 8.42 28.62
CA MET P 297 25.37 7.77 28.31
C MET P 297 26.40 8.81 27.82
N HIS P 298 26.16 10.09 28.07
CA HIS P 298 27.08 11.14 27.57
C HIS P 298 28.38 11.13 28.39
N ALA P 299 28.27 10.99 29.72
CA ALA P 299 29.46 11.04 30.60
C ALA P 299 30.42 9.92 30.27
N VAL P 300 29.93 8.84 29.67
CA VAL P 300 30.83 7.72 29.26
C VAL P 300 31.79 8.23 28.19
N ILE P 301 31.46 9.34 27.52
CA ILE P 301 32.32 9.84 26.40
C ILE P 301 32.86 11.25 26.68
N ASP P 302 32.15 12.07 27.47
CA ASP P 302 32.58 13.48 27.62
C ASP P 302 32.96 13.85 29.06
N ARG P 303 33.31 12.88 29.92
CA ARG P 303 33.59 13.25 31.33
C ARG P 303 35.08 13.47 31.54
N GLN P 304 35.93 12.51 31.14
CA GLN P 304 37.35 12.64 31.39
C GLN P 304 37.99 13.70 30.51
N ARG P 305 38.82 14.54 31.11
CA ARG P 305 39.45 15.65 30.40
C ARG P 305 40.48 15.18 29.38
N ASN P 306 41.09 14.01 29.59
CA ASN P 306 42.20 13.57 28.70
C ASN P 306 41.71 12.71 27.55
N HIS P 307 40.61 11.99 27.73
CA HIS P 307 40.15 11.05 26.71
C HIS P 307 38.68 11.29 26.41
N GLY P 308 38.31 11.08 25.15
CA GLY P 308 36.90 11.15 24.77
C GLY P 308 36.56 12.26 23.79
N ILE P 309 35.28 12.59 23.72
CA ILE P 309 34.79 13.66 22.86
C ILE P 309 34.09 14.68 23.74
N HIS P 310 34.49 15.95 23.62
CA HIS P 310 33.89 17.00 24.44
C HIS P 310 32.42 17.16 24.09
N PHE P 311 31.60 17.46 25.11
CA PHE P 311 30.13 17.57 24.89
C PHE P 311 29.80 18.56 23.76
N ARG P 312 30.63 19.59 23.57
CA ARG P 312 30.30 20.61 22.55
C ARG P 312 30.22 19.96 21.17
N VAL P 313 31.07 18.97 20.90
CA VAL P 313 31.04 18.24 19.59
C VAL P 313 29.75 17.44 19.52
N LEU P 314 29.36 16.80 20.62
CA LEU P 314 28.10 16.01 20.67
C LEU P 314 26.91 16.96 20.49
N ALA P 315 26.98 18.16 21.07
CA ALA P 315 25.90 19.16 20.91
C ALA P 315 25.80 19.60 19.45
N LYS P 316 26.93 19.80 18.78
CA LYS P 316 26.93 20.21 17.35
C LYS P 316 26.42 19.04 16.50
N ALA P 317 26.79 17.81 16.84
CA ALA P 317 26.27 16.65 16.12
C ALA P 317 24.77 16.52 16.30
N LEU P 318 24.28 16.86 17.50
CA LEU P 318 22.81 16.80 17.76
C LEU P 318 22.12 17.89 16.94
N ARG P 319 22.66 19.11 16.93
CA ARG P 319 22.04 20.19 16.18
C ARG P 319 22.00 19.85 14.69
N LEU P 320 23.05 19.23 14.18
CA LEU P 320 23.03 18.79 12.78
C LEU P 320 21.98 17.71 12.56
N SER P 321 22.00 16.67 13.40
CA SER P 321 21.07 15.57 13.24
C SER P 321 19.63 16.02 13.45
N GLY P 322 19.40 16.86 14.44
CA GLY P 322 18.07 17.37 14.70
C GLY P 322 17.61 17.20 16.14
N GLY P 323 17.21 18.30 16.76
CA GLY P 323 16.59 18.27 18.06
C GLY P 323 16.18 19.67 18.50
N ASP P 324 14.94 19.82 18.96
CA ASP P 324 14.48 21.14 19.38
C ASP P 324 15.00 21.50 20.76
N HIS P 325 15.07 20.53 21.67
CA HIS P 325 15.66 20.70 22.97
C HIS P 325 16.80 19.72 23.13
N LEU P 326 17.78 20.09 23.96
CA LEU P 326 18.91 19.17 24.26
C LEU P 326 19.34 19.37 25.71
N HIS P 327 19.08 18.38 26.56
CA HIS P 327 19.51 18.44 27.95
C HIS P 327 21.00 18.76 27.99
N SER P 328 21.34 19.94 28.51
CA SER P 328 22.68 20.48 28.33
C SER P 328 23.47 20.67 29.62
N GLY P 329 22.86 20.50 30.79
CA GLY P 329 23.61 20.69 32.01
C GLY P 329 22.82 20.27 33.22
N THR P 330 23.52 20.08 34.34
CA THR P 330 22.86 19.72 35.62
C THR P 330 23.07 20.86 36.61
N VAL P 331 22.13 21.07 37.54
CA VAL P 331 22.22 22.22 38.48
C VAL P 331 22.35 21.70 39.92
N VAL P 332 22.95 20.53 40.11
CA VAL P 332 23.19 20.00 41.49
C VAL P 332 23.82 21.12 42.33
N GLY P 333 23.10 21.60 43.36
CA GLY P 333 23.60 22.71 44.13
C GLY P 333 23.55 23.99 43.30
N LYS P 334 24.40 24.04 42.26
CA LYS P 334 24.40 25.18 41.32
C LYS P 334 24.73 24.63 39.93
N LEU P 335 24.64 25.46 38.88
CA LEU P 335 25.04 24.97 37.54
C LEU P 335 26.47 24.42 37.64
N GLU P 336 26.66 23.14 37.35
CA GLU P 336 28.00 22.50 37.50
C GLU P 336 28.83 22.73 36.23
N GLY P 337 30.16 22.59 36.34
CA GLY P 337 31.05 22.78 35.19
C GLY P 337 31.48 24.23 35.03
N GLU P 338 32.63 24.47 34.37
CA GLU P 338 33.09 25.86 34.13
C GLU P 338 31.97 26.63 33.43
N ARG P 339 31.63 27.82 33.95
CA ARG P 339 30.55 28.64 33.34
C ARG P 339 30.91 28.97 31.89
N GLU P 340 32.15 29.38 31.64
CA GLU P 340 32.55 29.80 30.27
C GLU P 340 32.35 28.64 29.29
N VAL P 341 32.75 27.43 29.69
CA VAL P 341 32.57 26.23 28.81
C VAL P 341 31.07 26.04 28.55
N THR P 342 30.26 26.10 29.59
CA THR P 342 28.79 25.95 29.42
C THR P 342 28.29 27.03 28.47
N LEU P 343 28.64 28.30 28.73
CA LEU P 343 28.20 29.42 27.87
C LEU P 343 28.65 29.15 26.44
N GLY P 344 29.88 28.67 26.26
CA GLY P 344 30.41 28.39 24.92
C GLY P 344 29.54 27.41 24.17
N PHE P 345 29.23 26.26 24.76
CA PHE P 345 28.45 25.23 24.02
C PHE P 345 26.98 25.65 23.95
N VAL P 346 26.52 26.48 24.89
CA VAL P 346 25.13 27.00 24.81
C VAL P 346 25.07 27.95 23.60
N ASP P 347 26.07 28.84 23.48
CA ASP P 347 26.09 29.71 22.31
C ASP P 347 26.27 28.91 21.02
N LEU P 348 27.10 27.86 21.07
CA LEU P 348 27.32 27.04 19.89
C LEU P 348 26.03 26.34 19.45
N MET P 349 25.21 25.93 20.40
CA MET P 349 23.96 25.25 20.08
C MET P 349 22.78 26.20 19.89
N ARG P 350 22.94 27.49 20.17
CA ARG P 350 21.86 28.45 20.06
C ARG P 350 22.04 29.45 18.93
N ASP P 351 23.18 30.13 18.87
CA ASP P 351 23.37 31.24 17.96
C ASP P 351 23.59 30.77 16.53
N ASP P 352 23.56 31.72 15.59
CA ASP P 352 23.76 31.38 14.16
C ASP P 352 25.25 31.55 13.80
N TYR P 353 25.96 32.42 14.51
CA TYR P 353 27.38 32.69 14.16
C TYR P 353 28.20 32.83 15.44
N ILE P 354 29.07 31.86 15.71
CA ILE P 354 29.89 31.87 16.96
C ILE P 354 31.35 32.05 16.55
N GLU P 355 31.95 33.18 16.94
CA GLU P 355 33.38 33.47 16.60
C GLU P 355 34.30 32.63 17.50
N LYS P 356 35.52 32.36 17.04
CA LYS P 356 36.49 31.55 17.83
C LYS P 356 36.74 32.23 19.17
N ASP P 357 36.63 31.49 20.28
CA ASP P 357 36.91 32.04 21.63
C ASP P 357 37.52 30.93 22.48
N ARG P 358 38.85 30.88 22.59
CA ARG P 358 39.51 29.77 23.33
C ARG P 358 39.18 29.85 24.81
N SER P 359 38.85 31.04 25.31
CA SER P 359 38.47 31.20 26.74
C SER P 359 37.23 30.35 27.05
N ARG P 360 36.29 30.28 26.09
CA ARG P 360 35.03 29.53 26.33
C ARG P 360 35.10 28.15 25.64
N GLY P 361 36.24 27.83 25.03
CA GLY P 361 36.42 26.49 24.43
C GLY P 361 36.02 26.45 22.96
N ILE P 362 35.78 27.61 22.35
CA ILE P 362 35.45 27.64 20.90
C ILE P 362 36.78 27.66 20.13
N TYR P 363 37.15 26.54 19.51
CA TYR P 363 38.46 26.45 18.81
C TYR P 363 38.31 26.94 17.36
N PHE P 364 37.07 27.09 16.88
CA PHE P 364 36.85 27.50 15.48
C PHE P 364 35.60 28.38 15.34
N THR P 365 35.61 29.31 14.40
CA THR P 365 34.41 30.08 14.11
C THR P 365 33.39 29.17 13.43
N GLN P 366 32.17 29.14 13.96
CA GLN P 366 31.12 28.25 13.48
C GLN P 366 30.01 29.08 12.85
N ASP P 367 29.86 28.96 11.54
CA ASP P 367 28.74 29.56 10.82
C ASP P 367 27.69 28.49 10.62
N TRP P 368 26.47 28.77 11.06
CA TRP P 368 25.38 27.80 10.99
C TRP P 368 24.46 28.03 9.79
N VAL P 369 24.75 29.04 8.97
CA VAL P 369 23.98 29.43 7.80
C VAL P 369 22.48 29.17 7.98
N SER P 370 21.90 29.79 9.01
CA SER P 370 20.46 29.83 9.23
C SER P 370 19.85 28.49 9.59
N LEU P 371 20.67 27.55 10.08
CA LEU P 371 20.14 26.33 10.65
C LEU P 371 19.41 26.67 11.96
N PRO P 372 18.25 26.06 12.20
CA PRO P 372 17.51 26.37 13.43
C PRO P 372 18.32 26.03 14.67
N GLY P 373 18.22 26.90 15.68
CA GLY P 373 18.92 26.66 16.91
C GLY P 373 18.24 25.65 17.81
N THR P 374 19.01 25.10 18.73
CA THR P 374 18.53 24.12 19.70
C THR P 374 18.43 24.79 21.06
N MET P 375 17.32 24.53 21.76
CA MET P 375 17.12 25.14 23.07
C MET P 375 17.81 24.32 24.14
N PRO P 376 18.73 24.89 24.90
CA PRO P 376 19.37 24.13 25.98
C PRO P 376 18.42 23.91 27.14
N VAL P 377 18.50 22.71 27.72
CA VAL P 377 17.63 22.35 28.88
C VAL P 377 18.52 22.06 30.09
N ALA P 378 18.48 22.93 31.11
CA ALA P 378 19.23 22.73 32.33
C ALA P 378 18.33 22.03 33.35
N SER P 379 18.76 20.83 33.77
CA SER P 379 17.90 20.02 34.67
C SER P 379 18.58 19.81 36.02
N GLY P 380 17.94 19.09 36.93
CA GLY P 380 18.54 18.78 38.24
C GLY P 380 17.80 19.43 39.39
N GLY P 381 18.51 19.74 40.47
CA GLY P 381 17.89 20.33 41.63
C GLY P 381 17.76 21.84 41.56
N ILE P 382 16.80 22.31 40.74
CA ILE P 382 16.58 23.77 40.59
C ILE P 382 15.74 24.26 41.78
N HIS P 383 16.41 24.70 42.86
CA HIS P 383 15.68 25.20 44.00
C HIS P 383 15.20 26.63 43.72
N VAL P 384 14.20 27.07 44.49
CA VAL P 384 13.52 28.32 44.18
C VAL P 384 14.49 29.50 44.28
N TRP P 385 15.30 29.53 45.34
CA TRP P 385 16.24 30.64 45.49
C TRP P 385 17.42 30.56 44.52
N HIS P 386 17.57 29.47 43.78
CA HIS P 386 18.61 29.37 42.76
C HIS P 386 18.13 29.77 41.38
N MET P 387 16.84 30.07 41.23
CA MET P 387 16.33 30.53 39.94
C MET P 387 16.98 31.80 39.41
N PRO P 388 17.25 32.84 40.22
CA PRO P 388 17.88 34.04 39.63
C PRO P 388 19.21 33.78 38.96
N ALA P 389 20.04 32.90 39.54
CA ALA P 389 21.34 32.61 38.95
C ALA P 389 21.19 31.98 37.57
N LEU P 390 20.30 30.99 37.46
CA LEU P 390 20.14 30.32 36.18
C LEU P 390 19.45 31.22 35.15
N VAL P 391 18.53 32.08 35.59
CA VAL P 391 17.92 33.03 34.66
C VAL P 391 18.97 34.00 34.14
N GLU P 392 19.88 34.45 35.01
CA GLU P 392 20.95 35.32 34.54
C GLU P 392 21.90 34.60 33.59
N ILE P 393 22.25 33.35 33.90
CA ILE P 393 23.25 32.61 33.07
C ILE P 393 22.66 32.22 31.71
N PHE P 394 21.41 31.77 31.67
CA PHE P 394 20.85 31.25 30.44
C PHE P 394 20.01 32.26 29.67
N GLY P 395 19.29 33.13 30.37
CA GLY P 395 18.42 34.07 29.70
C GLY P 395 17.03 33.50 29.49
N ASP P 396 16.36 33.91 28.41
CA ASP P 396 15.02 33.45 28.13
C ASP P 396 14.98 32.20 27.27
N ASP P 397 15.99 31.98 26.44
CA ASP P 397 15.96 30.88 25.48
C ASP P 397 16.54 29.60 26.10
N ALA P 398 15.88 29.12 27.14
CA ALA P 398 16.28 27.88 27.79
C ALA P 398 15.09 27.32 28.55
N CYS P 399 15.16 26.02 28.81
CA CYS P 399 14.17 25.32 29.62
C CYS P 399 14.83 24.87 30.91
N LEU P 400 14.26 25.32 32.03
CA LEU P 400 14.74 24.90 33.37
C LEU P 400 13.92 23.67 33.75
N GLN P 401 14.58 22.56 34.09
CA GLN P 401 13.90 21.30 34.34
C GLN P 401 14.06 20.93 35.81
N PHE P 402 12.93 20.63 36.46
CA PHE P 402 12.94 20.17 37.85
C PHE P 402 12.95 18.64 37.86
N GLY P 403 14.10 18.09 37.46
CA GLY P 403 14.27 16.65 37.37
C GLY P 403 14.20 15.95 38.71
N GLY P 404 14.29 16.70 39.81
CA GLY P 404 14.04 16.12 41.11
C GLY P 404 12.60 15.77 41.37
N GLY P 405 11.69 16.12 40.47
CA GLY P 405 10.29 15.83 40.67
C GLY P 405 9.59 16.77 41.62
N THR P 406 10.29 17.85 42.00
CA THR P 406 9.77 18.83 42.99
C THR P 406 9.35 18.08 44.26
N LEU P 407 8.05 18.11 44.58
CA LEU P 407 7.49 17.38 45.76
C LEU P 407 8.00 17.97 47.08
N GLY P 408 8.94 18.92 47.03
CA GLY P 408 9.42 19.55 48.24
C GLY P 408 8.46 20.55 48.81
N HIS P 409 7.44 20.92 48.03
CA HIS P 409 6.42 21.89 48.51
C HIS P 409 5.42 21.14 49.41
N PRO P 410 5.25 21.54 50.69
CA PRO P 410 4.36 20.80 51.62
C PRO P 410 2.92 20.72 51.16
N TRP P 411 2.48 21.61 50.28
CA TRP P 411 1.07 21.63 49.91
C TRP P 411 0.74 20.59 48.84
N GLY P 412 1.58 20.47 47.81
CA GLY P 412 1.34 19.49 46.78
C GLY P 412 2.18 19.78 45.54
N ASN P 413 1.91 18.98 44.50
CA ASN P 413 2.63 19.14 43.24
C ASN P 413 2.22 20.43 42.54
N ALA P 414 0.91 20.67 42.43
CA ALA P 414 0.39 21.87 41.72
C ALA P 414 0.88 23.16 42.36
N PRO P 415 0.73 23.42 43.69
CA PRO P 415 1.25 24.65 44.30
C PRO P 415 2.78 24.77 44.15
N GLY P 416 3.51 23.66 44.22
CA GLY P 416 4.96 23.69 44.00
C GLY P 416 5.29 24.18 42.61
N ALA P 417 4.54 23.69 41.61
CA ALA P 417 4.73 24.15 40.21
C ALA P 417 4.43 25.65 40.14
N ALA P 418 3.36 26.09 40.80
CA ALA P 418 2.97 27.52 40.80
C ALA P 418 4.09 28.35 41.41
N ALA P 419 4.60 27.91 42.58
CA ALA P 419 5.70 28.64 43.25
C ALA P 419 6.85 28.81 42.26
N ASN P 420 7.24 27.72 41.60
CA ASN P 420 8.36 27.77 40.62
C ASN P 420 8.00 28.79 39.52
N ARG P 421 6.78 28.70 38.97
CA ARG P 421 6.41 29.62 37.91
C ARG P 421 6.43 31.07 38.40
N VAL P 422 5.93 31.31 39.61
CA VAL P 422 5.94 32.65 40.17
C VAL P 422 7.36 33.15 40.34
N ALA P 423 8.25 32.28 40.84
CA ALA P 423 9.65 32.68 41.02
C ALA P 423 10.30 33.02 39.70
N LEU P 424 10.09 32.18 38.68
CA LEU P 424 10.70 32.43 37.38
C LEU P 424 10.18 33.74 36.79
N GLU P 425 8.87 33.97 36.86
CA GLU P 425 8.31 35.20 36.30
C GLU P 425 8.80 36.42 37.06
N ALA P 426 8.91 36.33 38.39
CA ALA P 426 9.42 37.46 39.16
C ALA P 426 10.86 37.77 38.82
N CYS P 427 11.70 36.73 38.67
CA CYS P 427 13.09 36.94 38.29
C CYS P 427 13.18 37.56 36.91
N THR P 428 12.37 37.09 35.96
CA THR P 428 12.39 37.66 34.62
C THR P 428 11.97 39.11 34.64
N GLN P 429 10.92 39.44 35.40
CA GLN P 429 10.46 40.82 35.48
C GLN P 429 11.54 41.71 36.09
N ALA P 430 12.21 41.23 37.14
CA ALA P 430 13.28 42.01 37.75
C ALA P 430 14.43 42.23 36.77
N ARG P 431 14.80 41.19 36.02
CA ARG P 431 15.87 41.34 35.05
C ARG P 431 15.49 42.33 33.95
N ASN P 432 14.24 42.32 33.53
CA ASN P 432 13.80 43.26 32.50
C ASN P 432 13.81 44.71 32.99
N GLU P 433 13.71 44.93 34.30
CA GLU P 433 13.71 46.28 34.86
C GLU P 433 15.10 46.87 35.00
N GLY P 434 16.15 46.10 34.72
CA GLY P 434 17.51 46.56 34.89
C GLY P 434 18.17 46.12 36.16
N ARG P 435 17.55 45.24 36.93
CA ARG P 435 18.14 44.72 38.16
C ARG P 435 19.29 43.77 37.84
N ASP P 436 20.24 43.69 38.77
CA ASP P 436 21.36 42.76 38.67
C ASP P 436 20.99 41.51 39.45
N LEU P 437 20.64 40.44 38.73
CA LEU P 437 20.10 39.26 39.38
C LEU P 437 21.12 38.60 40.30
N ALA P 438 22.39 38.56 39.87
CA ALA P 438 23.43 37.92 40.68
C ALA P 438 23.61 38.61 42.03
N ARG P 439 23.15 39.85 42.16
CA ARG P 439 23.27 40.59 43.42
C ARG P 439 21.96 40.77 44.16
N GLU P 440 20.83 40.72 43.48
CA GLU P 440 19.54 40.97 44.11
C GLU P 440 18.56 39.81 43.95
N GLY P 441 19.07 38.60 43.69
CA GLY P 441 18.18 37.46 43.53
C GLY P 441 17.38 37.15 44.78
N GLY P 442 18.05 37.20 45.94
CA GLY P 442 17.34 36.96 47.20
C GLY P 442 16.27 38.01 47.46
N ASP P 443 16.60 39.28 47.20
CA ASP P 443 15.62 40.35 47.39
C ASP P 443 14.41 40.15 46.48
N VAL P 444 14.66 39.79 45.22
CA VAL P 444 13.56 39.58 44.28
C VAL P 444 12.71 38.40 44.73
N ILE P 445 13.36 37.31 45.16
CA ILE P 445 12.61 36.14 45.62
C ILE P 445 11.75 36.49 46.83
N ARG P 446 12.33 37.22 47.78
CA ARG P 446 11.58 37.61 49.00
C ARG P 446 10.39 38.49 48.60
N ALA P 447 10.63 39.48 47.73
CA ALA P 447 9.55 40.39 47.34
C ALA P 447 8.42 39.64 46.65
N ALA P 448 8.77 38.65 45.83
CA ALA P 448 7.73 37.83 45.17
C ALA P 448 7.00 36.99 46.24
N CYS P 449 7.75 36.48 47.22
CA CYS P 449 7.15 35.66 48.27
C CYS P 449 6.21 36.46 49.15
N LYS P 450 6.44 37.78 49.24
CA LYS P 450 5.60 38.64 50.11
C LYS P 450 4.13 38.57 49.67
N TRP P 451 3.87 38.33 48.39
CA TRP P 451 2.47 38.35 47.87
C TRP P 451 2.04 36.96 47.39
N SER P 452 2.96 35.98 47.36
CA SER P 452 2.60 34.67 46.83
C SER P 452 2.53 33.67 47.98
N PRO P 453 1.33 33.26 48.41
CA PRO P 453 1.25 32.21 49.44
C PRO P 453 1.89 30.91 49.01
N GLU P 454 1.80 30.55 47.73
CA GLU P 454 2.41 29.32 47.26
C GLU P 454 3.92 29.37 47.36
N LEU P 455 4.51 30.52 46.98
CA LEU P 455 5.95 30.68 47.12
C LEU P 455 6.38 30.81 48.58
N ALA P 456 5.49 31.28 49.45
CA ALA P 456 5.83 31.38 50.87
C ALA P 456 6.09 30.00 51.47
N ALA P 457 5.26 29.03 51.12
CA ALA P 457 5.49 27.66 51.58
C ALA P 457 6.65 27.00 50.87
N ALA P 458 7.11 27.58 49.77
CA ALA P 458 8.25 27.01 49.01
C ALA P 458 9.55 27.65 49.49
N CYS P 459 9.53 28.95 49.78
CA CYS P 459 10.73 29.66 50.20
C CYS P 459 11.22 29.22 51.58
N GLU P 460 10.37 28.56 52.36
CA GLU P 460 10.78 28.06 53.67
C GLU P 460 11.50 26.72 53.53
N GLN Q 45 -2.56 24.12 51.28
CA GLN Q 45 -3.58 24.80 50.42
C GLN Q 45 -3.69 24.06 49.10
N VAL Q 46 -4.78 24.29 48.37
CA VAL Q 46 -5.02 23.53 47.10
C VAL Q 46 -5.16 24.51 45.93
N TRP Q 47 -4.33 24.37 44.89
CA TRP Q 47 -4.46 25.22 43.68
C TRP Q 47 -5.90 25.09 43.17
N THR Q 48 -6.61 26.21 43.04
CA THR Q 48 -8.05 26.14 42.62
C THR Q 48 -8.14 25.83 41.13
N PRO Q 49 -8.96 24.84 40.68
CA PRO Q 49 -9.14 24.57 39.26
C PRO Q 49 -10.38 25.30 38.73
N LEU Q 50 -10.97 26.18 39.53
CA LEU Q 50 -12.22 26.88 39.12
C LEU Q 50 -11.91 28.34 38.79
N ASN Q 51 -12.27 28.79 37.59
CA ASN Q 51 -12.06 30.21 37.19
C ASN Q 51 -10.62 30.63 37.51
N ASN Q 52 -9.63 29.84 37.09
CA ASN Q 52 -8.21 30.19 37.32
C ASN Q 52 -7.48 30.15 35.98
N LYS Q 53 -7.89 31.01 35.03
CA LYS Q 53 -7.25 31.04 33.69
C LYS Q 53 -5.98 31.90 33.75
N PHE Q 54 -5.01 31.63 32.86
CA PHE Q 54 -3.77 32.40 32.85
C PHE Q 54 -3.40 32.71 31.41
N PHE Q 55 -2.57 33.76 31.24
CA PHE Q 55 -2.23 34.22 29.87
C PHE Q 55 -0.71 34.28 29.67
N GLU Q 56 -0.02 33.16 29.89
CA GLU Q 56 1.44 33.07 29.61
C GLU Q 56 2.30 34.03 30.44
N THR Q 57 3.17 34.81 29.79
CA THR Q 57 4.17 35.64 30.51
C THR Q 57 3.58 36.64 31.52
N PHE Q 58 4.18 36.72 32.71
CA PHE Q 58 3.82 37.68 33.75
C PHE Q 58 2.38 37.54 34.20
N SER Q 59 1.69 36.47 33.81
CA SER Q 59 0.31 36.27 34.22
C SER Q 59 0.19 35.76 35.65
N TYR Q 60 1.26 35.20 36.21
CA TYR Q 60 1.26 34.69 37.57
C TYR Q 60 1.74 35.72 38.59
N LEU Q 61 2.12 36.90 38.16
CA LEU Q 61 2.40 38.01 39.05
C LEU Q 61 1.12 38.79 39.32
N PRO Q 62 1.04 39.62 40.39
CA PRO Q 62 -0.13 40.47 40.59
C PRO Q 62 -0.32 41.42 39.40
N PRO Q 63 -1.54 41.93 39.13
CA PRO Q 63 -1.79 42.80 37.98
C PRO Q 63 -0.75 43.94 37.95
N MET Q 64 -0.13 44.18 36.81
CA MET Q 64 0.96 45.19 36.74
C MET Q 64 0.37 46.60 36.75
N THR Q 65 1.01 47.53 37.46
CA THR Q 65 0.56 48.91 37.50
C THR Q 65 1.05 49.65 36.25
N ASP Q 66 0.69 50.93 36.16
CA ASP Q 66 1.11 51.72 35.00
C ASP Q 66 2.62 51.87 34.95
N ALA Q 67 3.25 52.08 36.11
CA ALA Q 67 4.71 52.20 36.15
C ALA Q 67 5.39 50.90 35.73
N GLU Q 68 4.86 49.76 36.18
CA GLU Q 68 5.47 48.49 35.81
C GLU Q 68 5.32 48.20 34.32
N ILE Q 69 4.13 48.49 33.78
CA ILE Q 69 3.92 48.31 32.32
C ILE Q 69 4.92 49.23 31.61
N SER Q 70 5.03 50.48 32.06
CA SER Q 70 5.93 51.42 31.42
C SER Q 70 7.37 50.92 31.44
N ARG Q 71 7.80 50.35 32.56
CA ARG Q 71 9.16 49.82 32.64
C ARG Q 71 9.35 48.63 31.70
N GLN Q 72 8.34 47.77 31.58
CA GLN Q 72 8.45 46.66 30.64
C GLN Q 72 8.51 47.14 29.20
N VAL Q 73 7.72 48.15 28.86
CA VAL Q 73 7.75 48.69 27.50
C VAL Q 73 9.09 49.38 27.24
N ASP Q 74 9.64 50.06 28.24
CA ASP Q 74 10.97 50.65 28.10
C ASP Q 74 12.02 49.59 27.90
N TYR Q 75 11.89 48.44 28.56
CA TYR Q 75 12.82 47.34 28.33
C TYR Q 75 12.72 46.84 26.90
N ILE Q 76 11.50 46.71 26.39
CA ILE Q 76 11.31 46.28 25.01
C ILE Q 76 11.94 47.28 24.04
N VAL Q 77 11.71 48.57 24.28
CA VAL Q 77 12.23 49.61 23.39
C VAL Q 77 13.76 49.66 23.46
N SER Q 78 14.32 49.46 24.66
CA SER Q 78 15.79 49.53 24.85
C SER Q 78 16.47 48.49 23.97
N ASN Q 79 15.91 47.27 23.89
CA ASN Q 79 16.53 46.21 23.11
C ASN Q 79 16.48 46.50 21.61
N GLY Q 80 15.76 47.52 21.19
CA GLY Q 80 15.60 47.80 19.77
C GLY Q 80 14.34 47.23 19.17
N TRP Q 81 13.40 46.76 19.99
CA TRP Q 81 12.21 46.08 19.51
C TRP Q 81 11.02 47.03 19.49
N THR Q 82 9.99 46.63 18.73
CA THR Q 82 8.80 47.44 18.56
C THR Q 82 7.68 46.92 19.43
N PRO Q 83 7.09 47.74 20.31
CA PRO Q 83 5.93 47.28 21.08
C PRO Q 83 4.61 47.59 20.38
N CYS Q 84 3.67 46.67 20.52
CA CYS Q 84 2.32 46.84 20.00
C CYS Q 84 1.35 46.25 21.00
N LEU Q 85 0.05 46.43 20.71
CA LEU Q 85 -1.00 45.99 21.65
C LEU Q 85 -1.94 44.99 20.99
N GLU Q 86 -2.20 43.89 21.70
CA GLU Q 86 -3.19 42.89 21.22
C GLU Q 86 -4.35 42.89 22.20
N PHE Q 87 -5.56 42.61 21.72
CA PHE Q 87 -6.74 42.55 22.58
C PHE Q 87 -7.68 41.47 22.06
N ALA Q 88 -8.42 40.88 23.00
CA ALA Q 88 -9.42 39.88 22.64
C ALA Q 88 -10.46 39.81 23.75
N GLY Q 89 -11.72 39.66 23.35
CA GLY Q 89 -12.78 39.43 24.31
C GLY Q 89 -12.70 38.04 24.89
N ALA Q 90 -13.58 37.79 25.87
CA ALA Q 90 -13.53 36.52 26.60
C ALA Q 90 -13.85 35.34 25.71
N GLU Q 91 -14.60 35.55 24.63
CA GLU Q 91 -14.96 34.45 23.75
C GLU Q 91 -13.80 33.99 22.87
N SER Q 92 -12.80 34.83 22.65
CA SER Q 92 -11.67 34.45 21.80
C SER Q 92 -10.33 34.75 22.49
N ALA Q 93 -10.29 34.59 23.81
CA ALA Q 93 -9.07 34.85 24.56
C ALA Q 93 -8.30 33.58 24.91
N TYR Q 94 -8.99 32.50 25.22
CA TYR Q 94 -8.36 31.25 25.62
C TYR Q 94 -8.19 30.33 24.41
N THR Q 95 -7.19 29.45 24.49
CA THR Q 95 -6.96 28.49 23.43
C THR Q 95 -8.11 27.51 23.32
N SER Q 96 -8.38 27.06 22.11
CA SER Q 96 -9.51 26.18 21.85
C SER Q 96 -9.21 25.31 20.64
N ASN Q 97 -10.01 24.26 20.48
CA ASN Q 97 -9.90 23.32 19.37
C ASN Q 97 -11.14 23.37 18.49
N GLU Q 98 -11.67 24.57 18.24
CA GLU Q 98 -12.94 24.67 17.53
C GLU Q 98 -12.79 24.30 16.06
N ASN Q 99 -11.66 24.63 15.45
CA ASN Q 99 -11.46 24.38 14.02
C ASN Q 99 -10.78 23.05 13.73
N CYS Q 100 -10.40 22.29 14.75
CA CYS Q 100 -9.79 20.99 14.54
C CYS Q 100 -10.75 20.02 13.86
N VAL Q 101 -12.05 20.30 13.88
CA VAL Q 101 -13.04 19.46 13.22
C VAL Q 101 -12.86 19.46 11.71
N ARG Q 102 -12.19 20.46 11.15
CA ARG Q 102 -11.99 20.57 9.71
C ARG Q 102 -10.71 19.90 9.23
N MET Q 103 -9.94 19.29 10.12
CA MET Q 103 -8.60 18.82 9.79
C MET Q 103 -8.50 17.31 9.86
N GLN Q 104 -7.57 16.80 9.07
CA GLN Q 104 -7.32 15.34 9.09
C GLN Q 104 -5.83 15.16 9.35
N ASN Q 105 -5.35 13.92 9.22
CA ASN Q 105 -3.94 13.57 9.40
C ASN Q 105 -3.47 13.86 10.81
N THR Q 106 -3.37 15.12 11.19
CA THR Q 106 -2.93 15.48 12.53
C THR Q 106 -3.40 16.90 12.84
N THR Q 107 -3.44 17.21 14.14
CA THR Q 107 -3.66 18.57 14.63
C THR Q 107 -2.54 19.01 15.55
N CYS Q 108 -1.38 18.37 15.48
CA CYS Q 108 -0.28 18.69 16.37
C CYS Q 108 0.16 20.14 16.20
N LEU Q 109 0.32 20.83 17.33
CA LEU Q 109 0.81 22.25 17.33
C LEU Q 109 -0.21 23.22 16.72
N TYR Q 110 -1.46 22.78 16.51
CA TYR Q 110 -2.49 23.71 16.07
C TYR Q 110 -3.42 24.01 17.23
N TYR Q 111 -3.60 25.29 17.53
CA TYR Q 111 -4.53 25.73 18.55
C TYR Q 111 -5.17 27.02 18.07
N ASP Q 112 -6.45 27.18 18.39
CA ASP Q 112 -7.17 28.38 18.04
C ASP Q 112 -6.95 29.47 19.08
N ASN Q 113 -7.23 30.71 18.69
CA ASN Q 113 -7.10 31.89 19.53
C ASN Q 113 -5.67 32.19 19.95
N ARG Q 114 -4.68 31.57 19.30
CA ARG Q 114 -3.30 32.00 19.53
C ARG Q 114 -3.10 33.42 19.03
N TYR Q 115 -3.73 33.76 17.91
CA TYR Q 115 -3.73 35.13 17.40
C TYR Q 115 -4.78 35.96 18.12
N TRP Q 116 -4.38 37.13 18.60
CA TRP Q 116 -5.32 38.14 19.05
C TRP Q 116 -5.44 39.19 17.95
N THR Q 117 -6.14 40.28 18.27
CA THR Q 117 -6.35 41.36 17.27
C THR Q 117 -5.41 42.52 17.57
N MET Q 118 -4.70 43.02 16.55
CA MET Q 118 -3.75 44.15 16.75
C MET Q 118 -4.52 45.43 17.05
N TRP Q 119 -3.98 46.27 17.93
CA TRP Q 119 -4.66 47.53 18.32
C TRP Q 119 -3.97 48.71 17.62
N CYS Q 126 4.29 53.58 18.77
CA CYS Q 126 5.26 52.57 19.19
C CYS Q 126 6.66 53.16 19.28
N THR Q 127 6.84 54.13 20.16
CA THR Q 127 8.12 54.82 20.34
C THR Q 127 8.69 54.72 21.74
N ASP Q 128 7.84 54.72 22.77
CA ASP Q 128 8.31 54.76 24.15
C ASP Q 128 7.21 54.21 25.06
N GLY Q 129 7.51 54.16 26.36
CA GLY Q 129 6.56 53.61 27.30
C GLY Q 129 5.31 54.45 27.46
N GLY Q 130 5.45 55.78 27.43
CA GLY Q 130 4.30 56.65 27.62
C GLY Q 130 3.27 56.50 26.51
N GLN Q 131 3.72 56.40 25.26
CA GLN Q 131 2.78 56.24 24.16
C GLN Q 131 2.04 54.91 24.24
N VAL Q 132 2.74 53.84 24.58
CA VAL Q 132 2.10 52.54 24.70
C VAL Q 132 1.13 52.54 25.87
N LEU Q 133 1.46 53.25 26.95
CA LEU Q 133 0.52 53.37 28.06
C LEU Q 133 -0.73 54.13 27.65
N ARG Q 134 -0.56 55.22 26.89
CA ARG Q 134 -1.72 55.96 26.41
C ARG Q 134 -2.59 55.08 25.52
N GLU Q 135 -1.96 54.29 24.66
CA GLU Q 135 -2.71 53.35 23.83
C GLU Q 135 -3.38 52.28 24.66
N VAL Q 136 -2.78 51.87 25.77
CA VAL Q 136 -3.41 50.90 26.66
C VAL Q 136 -4.69 51.48 27.27
N GLN Q 137 -4.63 52.72 27.74
CA GLN Q 137 -5.84 53.38 28.23
C GLN Q 137 -6.88 53.54 27.13
N ALA Q 138 -6.45 53.89 25.92
CA ALA Q 138 -7.40 54.02 24.81
C ALA Q 138 -8.09 52.69 24.51
N CYS Q 139 -7.31 51.60 24.49
CA CYS Q 139 -7.89 50.29 24.24
C CYS Q 139 -8.83 49.88 25.38
N ARG Q 140 -8.46 50.22 26.62
CA ARG Q 140 -9.33 49.94 27.75
C ARG Q 140 -10.67 50.65 27.61
N ARG Q 141 -10.64 51.93 27.23
CA ARG Q 141 -11.88 52.66 27.05
C ARG Q 141 -12.70 52.10 25.90
N ALA Q 142 -12.06 51.78 24.78
CA ALA Q 142 -12.78 51.31 23.61
C ALA Q 142 -13.36 49.92 23.82
N PHE Q 143 -12.57 49.03 24.44
CA PHE Q 143 -13.01 47.64 24.69
C PHE Q 143 -12.81 47.31 26.17
N PRO Q 144 -13.76 47.68 27.06
CA PRO Q 144 -13.59 47.46 28.51
C PRO Q 144 -13.66 45.98 28.91
N ASP Q 145 -14.29 45.14 28.10
CA ASP Q 145 -14.46 43.70 28.46
C ASP Q 145 -13.45 42.85 27.69
N ALA Q 146 -12.29 43.42 27.34
CA ALA Q 146 -11.30 42.68 26.54
C ALA Q 146 -9.95 42.61 27.25
N TYR Q 147 -9.27 41.45 27.17
CA TYR Q 147 -7.91 41.34 27.74
C TYR Q 147 -6.95 42.07 26.80
N ILE Q 148 -6.02 42.84 27.36
CA ILE Q 148 -5.01 43.55 26.51
C ILE Q 148 -3.65 42.89 26.71
N ARG Q 149 -2.91 42.68 25.61
CA ARG Q 149 -1.58 42.02 25.68
C ARG Q 149 -0.54 42.88 24.96
N VAL Q 150 0.59 43.15 25.62
CA VAL Q 150 1.68 43.90 24.99
C VAL Q 150 2.59 42.92 24.28
N VAL Q 151 2.82 43.14 23.00
CA VAL Q 151 3.67 42.27 22.20
C VAL Q 151 4.91 43.04 21.76
N GLY Q 152 5.99 42.31 21.56
CA GLY Q 152 7.23 42.89 21.09
C GLY Q 152 7.66 42.22 19.79
N PHE Q 153 8.20 43.02 18.87
CA PHE Q 153 8.62 42.47 17.55
C PHE Q 153 10.05 42.93 17.23
N ASP Q 154 10.96 41.99 17.03
CA ASP Q 154 12.34 42.35 16.61
C ASP Q 154 12.27 42.81 15.15
N PRO Q 155 12.62 44.08 14.83
CA PRO Q 155 12.48 44.58 13.46
C PRO Q 155 13.49 43.97 12.48
N VAL Q 156 14.60 43.46 12.98
CA VAL Q 156 15.66 42.89 12.09
C VAL Q 156 15.30 41.44 11.76
N ARG Q 157 15.10 40.61 12.79
CA ARG Q 157 14.79 39.17 12.57
C ARG Q 157 13.34 39.04 12.09
N GLN Q 158 12.53 40.07 12.28
CA GLN Q 158 11.09 40.03 11.90
C GLN Q 158 10.42 38.84 12.61
N VAL Q 159 10.68 38.70 13.92
CA VAL Q 159 10.05 37.60 14.72
C VAL Q 159 9.42 38.22 15.97
N GLN Q 160 8.40 37.58 16.55
CA GLN Q 160 7.85 38.12 17.82
C GLN Q 160 8.80 37.74 18.95
N VAL Q 161 9.19 38.71 19.78
CA VAL Q 161 10.13 38.47 20.86
C VAL Q 161 9.53 38.67 22.24
N SER Q 162 8.34 39.25 22.30
CA SER Q 162 7.72 39.56 23.63
C SER Q 162 6.21 39.37 23.56
N GLY Q 163 5.58 39.09 24.71
CA GLY Q 163 4.12 38.91 24.76
C GLY Q 163 3.64 38.71 26.20
N PHE Q 164 3.19 39.78 26.85
CA PHE Q 164 2.70 39.70 28.25
C PHE Q 164 1.36 40.43 28.41
N LEU Q 165 0.44 39.84 29.18
CA LEU Q 165 -0.89 40.46 29.41
C LEU Q 165 -0.73 41.67 30.33
N VAL Q 166 -1.45 42.75 30.05
CA VAL Q 166 -1.33 43.99 30.87
C VAL Q 166 -2.72 44.41 31.36
N ASN Q 167 -3.77 43.70 30.95
CA ASN Q 167 -5.15 44.09 31.34
C ASN Q 167 -6.06 42.87 31.45
N ARG Q 168 -6.84 42.77 32.54
CA ARG Q 168 -7.83 41.67 32.69
C ARG Q 168 -9.19 42.32 32.92
N PRO Q 169 -10.21 42.11 32.04
CA PRO Q 169 -11.48 42.81 32.18
C PRO Q 169 -12.15 42.50 33.53
N ALA Q 170 -12.47 43.53 34.30
CA ALA Q 170 -13.13 43.35 35.61
C ALA Q 170 -14.44 42.56 35.40
N SER Q 171 -15.16 42.86 34.31
CA SER Q 171 -16.45 42.19 34.04
C SER Q 171 -16.26 40.66 33.98
N VAL Q 172 -15.21 40.20 33.30
CA VAL Q 172 -14.99 38.73 33.16
C VAL Q 172 -14.42 38.18 34.46
N ARG Q 173 -14.86 36.99 34.88
CA ARG Q 173 -14.40 36.40 36.16
C ARG Q 173 -13.86 34.99 35.89
N ASP Q 174 -13.12 34.82 34.80
CA ASP Q 174 -12.55 33.49 34.45
C ASP Q 174 -11.16 33.35 35.07
N TYR Q 175 -10.74 34.34 35.85
CA TYR Q 175 -9.36 34.32 36.43
C TYR Q 175 -9.44 34.58 37.95
N GLN Q 176 -8.42 34.15 38.69
CA GLN Q 176 -8.39 34.37 40.16
C GLN Q 176 -7.44 35.51 40.49
N GLY Q 177 -7.25 35.79 41.79
CA GLY Q 177 -6.29 36.83 42.22
C GLY Q 177 -5.12 36.19 42.94
N PRO Q 178 -3.98 36.90 43.15
CA PRO Q 178 -2.79 36.28 43.75
C PRO Q 178 -3.09 35.48 45.03
N SER Q 179 -4.07 35.94 45.83
CA SER Q 179 -4.39 35.26 47.12
C SER Q 179 -5.50 34.23 46.93
N THR Q 180 -6.30 34.34 45.87
CA THR Q 180 -7.44 33.42 45.67
C THR Q 180 -7.05 32.27 44.74
N ARG Q 181 -5.78 32.21 44.34
CA ARG Q 181 -5.28 31.12 43.45
C ARG Q 181 -5.22 29.80 44.24
N SER Q 182 -5.10 29.89 45.56
CA SER Q 182 -5.09 28.65 46.40
C SER Q 182 -6.24 28.70 47.42
N VAL Q 183 -6.92 27.57 47.63
CA VAL Q 183 -8.08 27.53 48.56
C VAL Q 183 -7.90 26.37 49.55
#